data_4XTN
#
_entry.id   4XTN
#
_cell.length_a   81.690
_cell.length_b   107.000
_cell.length_c   240.800
_cell.angle_alpha   90.00
_cell.angle_beta   90.11
_cell.angle_gamma   90.00
#
_symmetry.space_group_name_H-M   'P 1 21 1'
#
loop_
_entity.id
_entity.type
_entity.pdbx_description
1 polymer 'Sodium pumping rhodopsin'
2 non-polymer 'SODIUM ION'
3 non-polymer EICOSANE
4 non-polymer '[(Z)-octadec-9-enyl] (2R)-2,3-bis(oxidanyl)propanoate'
5 water water
#
_entity_poly.entity_id   1
_entity_poly.type   'polypeptide(L)'
_entity_poly.pdbx_seq_one_letter_code
;MTQELGNANFENFIGATEGFSEIAYQFTSHILTLGYAVMLAGLLYFILTIKNVDKKFQMSNILSAVVMVSAFLLLYAQAQ
NWTSSFTFNEEVGRYFLDPSGDLFNNGYRYLNWLIDVPMLLFQILFVVSLTTSKFSSVRNQFWFSGAMMIITGYIGQFYE
VSNLTAFLVWGAISSAFFFHILWVMKKVINEGKEGISPAGQKILSNIWILFLISWTLYPGAYLMPYLTGVDGFLYSEDGV
MARQLVYTIADVSS(LYR)VIYGVLLGNLAITLSKNKELVEANSLEHHHHHH
;
_entity_poly.pdbx_strand_id   A,B,C,D,E,F,G,H,I,J
#
# COMPACT_ATOMS: atom_id res chain seq x y z
N GLN A 3 -18.31 7.00 -8.88
CA GLN A 3 -19.29 6.35 -9.81
C GLN A 3 -20.61 6.04 -9.10
N GLU A 4 -21.31 5.03 -9.59
CA GLU A 4 -22.59 4.61 -9.00
C GLU A 4 -22.63 4.83 -7.49
N LEU A 5 -23.46 5.78 -7.06
CA LEU A 5 -23.61 6.07 -5.64
C LEU A 5 -24.96 5.57 -5.11
N GLY A 6 -25.94 5.45 -5.99
CA GLY A 6 -27.26 4.92 -5.62
C GLY A 6 -28.06 5.88 -4.78
N ASN A 7 -28.74 5.35 -3.78
CA ASN A 7 -29.59 6.15 -2.90
C ASN A 7 -28.77 6.81 -1.80
N ALA A 8 -27.96 7.79 -2.17
CA ALA A 8 -27.05 8.44 -1.25
C ALA A 8 -27.37 9.92 -1.16
N ASN A 9 -26.92 10.55 -0.07
CA ASN A 9 -27.14 11.98 0.12
C ASN A 9 -26.29 12.77 -0.87
N PHE A 10 -26.73 14.00 -1.16
CA PHE A 10 -26.12 14.76 -2.23
C PHE A 10 -24.72 15.25 -1.88
N GLU A 11 -24.41 15.26 -0.59
CA GLU A 11 -23.06 15.59 -0.15
C GLU A 11 -22.04 14.69 -0.87
N ASN A 12 -22.42 13.45 -1.13
CA ASN A 12 -21.52 12.50 -1.79
C ASN A 12 -21.34 12.76 -3.29
N PHE A 13 -22.41 13.22 -3.94
CA PHE A 13 -22.36 13.53 -5.38
C PHE A 13 -21.50 14.76 -5.62
N ILE A 14 -21.62 15.75 -4.75
CA ILE A 14 -20.75 16.90 -4.82
C ILE A 14 -19.31 16.45 -4.54
N GLY A 15 -19.15 15.59 -3.54
CA GLY A 15 -17.81 15.13 -3.15
C GLY A 15 -17.12 14.26 -4.19
N ALA A 16 -17.92 13.53 -4.97
CA ALA A 16 -17.38 12.57 -5.93
C ALA A 16 -17.14 13.21 -7.29
N THR A 17 -17.65 14.42 -7.49
CA THR A 17 -17.53 15.07 -8.78
C THR A 17 -16.66 16.34 -8.70
N GLU A 18 -17.14 17.34 -7.97
CA GLU A 18 -16.38 18.58 -7.84
C GLU A 18 -15.39 18.53 -6.69
N GLY A 19 -15.69 17.72 -5.68
CA GLY A 19 -14.93 17.75 -4.44
C GLY A 19 -15.19 19.04 -3.69
N PHE A 20 -14.68 19.13 -2.46
CA PHE A 20 -14.91 20.31 -1.62
C PHE A 20 -13.66 21.16 -1.48
N SER A 21 -13.84 22.48 -1.53
CA SER A 21 -12.75 23.41 -1.27
C SER A 21 -12.30 23.26 0.18
N GLU A 22 -11.13 23.81 0.50
CA GLU A 22 -10.65 23.81 1.88
C GLU A 22 -11.69 24.44 2.82
N ILE A 23 -12.24 25.59 2.43
CA ILE A 23 -13.20 26.30 3.27
C ILE A 23 -14.45 25.47 3.56
N ALA A 24 -15.04 24.91 2.51
CA ALA A 24 -16.25 24.11 2.64
C ALA A 24 -16.03 22.87 3.51
N TYR A 25 -14.91 22.18 3.28
CA TYR A 25 -14.61 20.96 4.02
C TYR A 25 -14.31 21.26 5.48
N GLN A 26 -13.47 22.27 5.72
CA GLN A 26 -13.11 22.66 7.09
C GLN A 26 -14.33 23.21 7.86
N PHE A 27 -15.12 24.07 7.23
CA PHE A 27 -16.27 24.65 7.93
C PHE A 27 -17.19 23.55 8.41
N THR A 28 -17.54 22.63 7.50
CA THR A 28 -18.50 21.59 7.83
C THR A 28 -18.01 20.76 9.00
N SER A 29 -16.71 20.47 9.02
CA SER A 29 -16.10 19.75 10.12
C SER A 29 -16.10 20.57 11.41
N HIS A 30 -15.82 21.86 11.29
CA HIS A 30 -15.83 22.75 12.47
C HIS A 30 -17.23 22.92 13.05
N ILE A 31 -18.23 23.09 12.19
CA ILE A 31 -19.57 23.35 12.66
C ILE A 31 -20.15 22.10 13.33
N LEU A 32 -19.81 20.92 12.82
CA LEU A 32 -20.26 19.67 13.44
C LEU A 32 -19.58 19.49 14.79
N THR A 33 -18.31 19.88 14.85
CA THR A 33 -17.53 19.78 16.09
C THR A 33 -18.05 20.76 17.14
N LEU A 34 -18.32 21.98 16.71
CA LEU A 34 -19.00 22.94 17.57
C LEU A 34 -20.28 22.32 18.10
N GLY A 35 -21.02 21.66 17.21
CA GLY A 35 -22.27 21.01 17.57
C GLY A 35 -22.17 20.09 18.77
N TYR A 36 -21.23 19.14 18.74
CA TYR A 36 -21.15 18.16 19.82
C TYR A 36 -20.56 18.76 21.09
N ALA A 37 -19.74 19.79 20.95
CA ALA A 37 -19.15 20.45 22.11
C ALA A 37 -20.23 21.17 22.91
N VAL A 38 -21.15 21.81 22.21
CA VAL A 38 -22.25 22.49 22.85
C VAL A 38 -23.14 21.51 23.62
N MET A 39 -23.37 20.34 23.04
CA MET A 39 -24.22 19.34 23.68
C MET A 39 -23.60 18.82 24.97
N LEU A 40 -22.31 18.49 24.95
CA LEU A 40 -21.66 17.94 26.14
C LEU A 40 -21.61 18.99 27.25
N ALA A 41 -21.30 20.23 26.87
CA ALA A 41 -21.30 21.32 27.81
C ALA A 41 -22.72 21.51 28.36
N GLY A 42 -23.71 21.42 27.48
CA GLY A 42 -25.10 21.54 27.86
C GLY A 42 -25.53 20.45 28.84
N LEU A 43 -25.06 19.24 28.60
CA LEU A 43 -25.32 18.15 29.53
C LEU A 43 -24.87 18.56 30.94
N LEU A 44 -23.65 19.09 31.03
CA LEU A 44 -23.12 19.52 32.31
C LEU A 44 -24.02 20.58 32.94
N TYR A 45 -24.40 21.57 32.14
CA TYR A 45 -25.21 22.66 32.65
C TYR A 45 -26.51 22.15 33.27
N PHE A 46 -27.19 21.28 32.54
CA PHE A 46 -28.46 20.76 32.98
C PHE A 46 -28.33 19.90 34.23
N ILE A 47 -27.22 19.18 34.36
CA ILE A 47 -27.00 18.37 35.55
C ILE A 47 -26.72 19.25 36.76
N LEU A 48 -25.93 20.30 36.56
CA LEU A 48 -25.50 21.16 37.69
C LEU A 48 -26.61 22.08 38.20
N THR A 49 -27.66 22.27 37.42
CA THR A 49 -28.74 23.16 37.82
C THR A 49 -30.02 22.41 38.19
N ILE A 50 -29.93 21.09 38.33
CA ILE A 50 -31.09 20.28 38.73
C ILE A 50 -31.79 20.91 39.93
N LYS A 51 -31.01 21.26 40.95
CA LYS A 51 -31.56 21.69 42.24
C LYS A 51 -31.92 23.17 42.30
N ASN A 52 -31.94 23.84 41.16
CA ASN A 52 -32.34 25.24 41.11
C ASN A 52 -33.86 25.39 40.98
N VAL A 53 -34.54 24.27 40.80
CA VAL A 53 -36.01 24.26 40.74
C VAL A 53 -36.59 23.26 41.74
N ASP A 54 -37.87 23.39 42.02
CA ASP A 54 -38.53 22.49 42.95
C ASP A 54 -38.49 21.05 42.45
N LYS A 55 -38.61 20.11 43.38
CA LYS A 55 -38.54 18.69 43.07
C LYS A 55 -39.32 18.31 41.82
N LYS A 56 -40.58 18.73 41.76
CA LYS A 56 -41.47 18.26 40.71
C LYS A 56 -41.08 18.75 39.30
N PHE A 57 -40.28 19.79 39.21
CA PHE A 57 -39.84 20.29 37.91
C PHE A 57 -38.53 19.63 37.47
N GLN A 58 -37.94 18.83 38.35
CA GLN A 58 -36.57 18.35 38.11
C GLN A 58 -36.51 17.34 36.98
N MET A 59 -37.61 16.60 36.76
CA MET A 59 -37.67 15.68 35.65
C MET A 59 -37.32 16.38 34.34
N SER A 60 -37.73 17.64 34.20
CA SER A 60 -37.43 18.39 32.98
C SER A 60 -35.91 18.58 32.77
N ASN A 61 -35.19 18.92 33.83
CA ASN A 61 -33.73 18.96 33.76
C ASN A 61 -33.15 17.63 33.37
N ILE A 62 -33.71 16.57 33.94
CA ILE A 62 -33.22 15.24 33.70
C ILE A 62 -33.39 14.87 32.24
N LEU A 63 -34.55 15.15 31.68
CA LEU A 63 -34.81 14.84 30.28
C LEU A 63 -34.00 15.74 29.34
N SER A 64 -33.67 16.95 29.78
CA SER A 64 -32.77 17.79 29.01
C SER A 64 -31.39 17.12 28.92
N ALA A 65 -30.94 16.56 30.04
CA ALA A 65 -29.66 15.88 30.10
C ALA A 65 -29.68 14.67 29.19
N VAL A 66 -30.76 13.90 29.28
CA VAL A 66 -30.94 12.75 28.44
C VAL A 66 -30.76 13.15 26.98
N VAL A 67 -31.38 14.24 26.58
CA VAL A 67 -31.29 14.70 25.20
C VAL A 67 -29.89 15.17 24.84
N MET A 68 -29.19 15.79 25.79
CA MET A 68 -27.81 16.20 25.56
C MET A 68 -26.92 14.99 25.26
N VAL A 69 -27.13 13.89 25.97
CA VAL A 69 -26.32 12.68 25.81
C VAL A 69 -26.48 12.14 24.40
N SER A 70 -27.73 11.98 23.99
CA SER A 70 -28.04 11.54 22.65
C SER A 70 -27.40 12.44 21.61
N ALA A 71 -27.63 13.74 21.73
CA ALA A 71 -27.17 14.69 20.74
C ALA A 71 -25.65 14.71 20.65
N PHE A 72 -24.98 14.63 21.79
CA PHE A 72 -23.53 14.65 21.81
C PHE A 72 -22.97 13.44 21.07
N LEU A 73 -23.46 12.27 21.43
CA LEU A 73 -23.01 11.03 20.83
C LEU A 73 -23.18 11.08 19.33
N LEU A 74 -24.34 11.54 18.88
CA LEU A 74 -24.64 11.55 17.46
C LEU A 74 -23.79 12.56 16.70
N LEU A 75 -23.75 13.79 17.20
CA LEU A 75 -22.99 14.82 16.50
C LEU A 75 -21.50 14.45 16.52
N TYR A 76 -21.06 13.78 17.57
CA TYR A 76 -19.66 13.34 17.61
C TYR A 76 -19.38 12.31 16.52
N ALA A 77 -20.27 11.35 16.36
CA ALA A 77 -20.13 10.35 15.31
C ALA A 77 -20.28 10.98 13.92
N GLN A 78 -21.20 11.92 13.78
CA GLN A 78 -21.42 12.53 12.48
C GLN A 78 -20.24 13.40 12.07
N ALA A 79 -19.57 14.00 13.06
CA ALA A 79 -18.33 14.75 12.82
C ALA A 79 -17.21 13.84 12.31
N GLN A 80 -17.06 12.67 12.91
CA GLN A 80 -16.01 11.73 12.50
C GLN A 80 -16.31 11.17 11.10
N ASN A 81 -17.60 10.96 10.83
CA ASN A 81 -18.04 10.48 9.53
C ASN A 81 -17.74 11.46 8.40
N TRP A 82 -17.96 12.75 8.64
CA TRP A 82 -17.64 13.76 7.65
C TRP A 82 -16.16 13.69 7.27
N THR A 83 -15.29 13.75 8.27
CA THR A 83 -13.85 13.76 8.02
C THR A 83 -13.34 12.42 7.44
N SER A 84 -14.04 11.32 7.68
CA SER A 84 -13.63 10.03 7.10
C SER A 84 -14.10 9.88 5.66
N SER A 85 -15.19 10.56 5.31
CA SER A 85 -15.81 10.38 4.02
C SER A 85 -15.16 11.18 2.91
N PHE A 86 -14.42 12.23 3.26
CA PHE A 86 -13.82 13.11 2.24
C PHE A 86 -12.35 13.37 2.56
N THR A 87 -11.51 13.17 1.55
CA THR A 87 -10.05 13.13 1.72
C THR A 87 -9.35 14.02 0.71
N PHE A 88 -8.30 14.70 1.16
CA PHE A 88 -7.60 15.69 0.36
C PHE A 88 -6.88 15.07 -0.83
N ASN A 89 -7.10 15.62 -2.01
CA ASN A 89 -6.31 15.25 -3.18
C ASN A 89 -5.27 16.34 -3.41
N GLU A 90 -4.02 15.98 -3.27
CA GLU A 90 -2.92 16.94 -3.26
C GLU A 90 -2.79 17.64 -4.62
N GLU A 91 -3.02 16.89 -5.69
CA GLU A 91 -2.81 17.41 -7.03
C GLU A 91 -3.87 18.42 -7.46
N VAL A 92 -5.02 18.39 -6.79
CA VAL A 92 -6.12 19.28 -7.13
C VAL A 92 -6.35 20.36 -6.07
N GLY A 93 -6.04 20.03 -4.82
CA GLY A 93 -6.29 20.96 -3.72
C GLY A 93 -7.74 20.95 -3.24
N ARG A 94 -8.40 19.81 -3.37
CA ARG A 94 -9.76 19.67 -2.88
C ARG A 94 -9.94 18.31 -2.25
N TYR A 95 -10.96 18.20 -1.41
CA TYR A 95 -11.30 16.96 -0.74
C TYR A 95 -12.35 16.23 -1.56
N PHE A 96 -12.09 14.96 -1.85
CA PHE A 96 -13.01 14.17 -2.65
C PHE A 96 -13.56 13.00 -1.86
N LEU A 97 -14.64 12.41 -2.36
CA LEU A 97 -15.23 11.24 -1.72
C LEU A 97 -14.19 10.13 -1.54
N ASP A 98 -14.13 9.58 -0.33
CA ASP A 98 -13.20 8.51 -0.02
C ASP A 98 -13.98 7.24 0.35
N PRO A 99 -14.21 6.35 -0.64
CA PRO A 99 -14.99 5.12 -0.46
C PRO A 99 -14.76 4.42 0.88
N SER A 100 -13.51 4.17 1.22
CA SER A 100 -13.15 3.40 2.40
C SER A 100 -13.66 4.08 3.68
N GLY A 101 -14.10 5.32 3.56
CA GLY A 101 -14.64 6.06 4.70
C GLY A 101 -16.13 5.90 4.86
N ASP A 102 -16.78 5.25 3.91
CA ASP A 102 -18.24 5.14 3.89
C ASP A 102 -18.81 6.41 3.27
N LEU A 103 -19.95 6.30 2.60
CA LEU A 103 -20.66 7.49 2.16
C LEU A 103 -21.13 8.30 3.37
N PHE A 104 -21.28 9.60 3.18
CA PHE A 104 -21.83 10.45 4.22
C PHE A 104 -23.36 10.37 4.14
N ASN A 105 -24.00 10.23 5.30
CA ASN A 105 -25.46 10.14 5.38
C ASN A 105 -26.02 10.85 6.60
N ASN A 106 -27.00 11.71 6.38
CA ASN A 106 -27.60 12.49 7.44
C ASN A 106 -28.56 11.65 8.27
N GLY A 107 -28.81 10.42 7.81
CA GLY A 107 -29.77 9.54 8.45
C GLY A 107 -29.42 9.19 9.88
N TYR A 108 -28.15 9.27 10.23
CA TYR A 108 -27.73 9.08 11.61
C TYR A 108 -28.58 9.99 12.50
N ARG A 109 -28.68 11.26 12.11
CA ARG A 109 -29.46 12.26 12.85
C ARG A 109 -30.90 11.85 13.05
N TYR A 110 -31.51 11.39 11.96
CA TYR A 110 -32.94 11.10 11.94
C TYR A 110 -33.33 10.06 12.99
N LEU A 111 -32.68 8.90 12.97
CA LEU A 111 -33.02 7.83 13.90
C LEU A 111 -32.76 8.22 15.35
N ASN A 112 -31.75 9.05 15.59
CA ASN A 112 -31.54 9.60 16.93
C ASN A 112 -32.64 10.57 17.36
N TRP A 113 -33.37 11.15 16.40
CA TRP A 113 -34.50 12.00 16.74
C TRP A 113 -35.60 11.21 17.43
N LEU A 114 -35.55 9.88 17.30
CA LEU A 114 -36.50 9.03 18.01
C LEU A 114 -36.29 9.12 19.50
N ILE A 115 -35.12 9.59 19.91
CA ILE A 115 -34.87 9.90 21.31
C ILE A 115 -35.24 11.36 21.55
N ASP A 116 -34.60 12.25 20.80
CA ASP A 116 -34.71 13.68 21.06
C ASP A 116 -36.14 14.19 21.01
N VAL A 117 -36.84 13.94 19.90
CA VAL A 117 -38.14 14.55 19.68
C VAL A 117 -39.15 14.14 20.76
N PRO A 118 -39.29 12.82 21.01
CA PRO A 118 -40.21 12.42 22.07
C PRO A 118 -39.89 13.04 23.43
N MET A 119 -38.61 13.18 23.75
CA MET A 119 -38.21 13.68 25.05
C MET A 119 -38.42 15.19 25.18
N LEU A 120 -38.12 15.93 24.11
CA LEU A 120 -38.26 17.37 24.12
C LEU A 120 -39.73 17.75 24.25
N LEU A 121 -40.58 17.02 23.54
CA LEU A 121 -42.02 17.24 23.60
C LEU A 121 -42.54 16.87 24.98
N PHE A 122 -42.01 15.78 25.53
CA PHE A 122 -42.47 15.24 26.79
C PHE A 122 -42.14 16.16 27.96
N GLN A 123 -40.93 16.73 27.95
CA GLN A 123 -40.43 17.41 29.14
C GLN A 123 -41.23 18.66 29.54
N ILE A 124 -41.81 19.35 28.58
CA ILE A 124 -42.59 20.53 28.90
C ILE A 124 -43.80 20.14 29.75
N LEU A 125 -44.22 18.88 29.65
CA LEU A 125 -45.36 18.40 30.40
C LEU A 125 -45.06 18.22 31.88
N PHE A 126 -43.78 18.32 32.25
CA PHE A 126 -43.38 18.26 33.65
C PHE A 126 -43.16 19.65 34.24
N VAL A 127 -43.37 20.68 33.42
CA VAL A 127 -43.19 22.06 33.87
C VAL A 127 -44.50 22.84 33.88
N VAL A 128 -45.22 22.82 32.76
CA VAL A 128 -46.49 23.52 32.67
C VAL A 128 -47.64 22.67 33.19
N SER A 129 -48.73 23.33 33.54
CA SER A 129 -49.96 22.64 33.90
C SER A 129 -50.94 22.72 32.75
N LEU A 130 -51.55 21.59 32.43
CA LEU A 130 -52.59 21.56 31.41
C LEU A 130 -53.92 21.95 32.06
N THR A 131 -54.88 22.37 31.25
CA THR A 131 -56.21 22.70 31.75
C THR A 131 -57.22 21.78 31.06
N THR A 132 -57.53 22.10 29.81
CA THR A 132 -58.46 21.30 29.02
C THR A 132 -57.84 19.93 28.70
N SER A 133 -56.63 19.96 28.15
CA SER A 133 -56.00 18.76 27.60
C SER A 133 -55.45 17.80 28.66
N LYS A 134 -55.35 16.53 28.28
CA LYS A 134 -54.93 15.50 29.22
C LYS A 134 -53.46 15.07 29.01
N PHE A 135 -52.73 14.96 30.11
CA PHE A 135 -51.29 14.63 30.10
C PHE A 135 -50.95 13.42 29.20
N SER A 136 -51.55 12.28 29.48
CA SER A 136 -51.25 11.07 28.73
C SER A 136 -51.62 11.22 27.26
N SER A 137 -52.64 12.01 27.00
CA SER A 137 -53.16 12.13 25.65
C SER A 137 -52.23 13.00 24.81
N VAL A 138 -51.75 14.08 25.41
CA VAL A 138 -50.78 14.94 24.74
C VAL A 138 -49.49 14.14 24.52
N ARG A 139 -49.07 13.41 25.54
CA ARG A 139 -47.89 12.57 25.43
C ARG A 139 -47.98 11.61 24.24
N ASN A 140 -49.05 10.83 24.20
CA ASN A 140 -49.24 9.85 23.11
C ASN A 140 -49.31 10.51 21.74
N GLN A 141 -50.02 11.63 21.66
CA GLN A 141 -50.10 12.36 20.41
C GLN A 141 -48.72 12.83 19.98
N PHE A 142 -47.95 13.34 20.94
CA PHE A 142 -46.61 13.83 20.66
C PHE A 142 -45.70 12.71 20.16
N TRP A 143 -45.78 11.56 20.83
CA TRP A 143 -44.88 10.45 20.52
C TRP A 143 -45.26 9.74 19.23
N PHE A 144 -46.55 9.57 18.98
CA PHE A 144 -46.96 8.92 17.73
C PHE A 144 -46.57 9.78 16.54
N SER A 145 -46.93 11.06 16.59
CA SER A 145 -46.68 11.98 15.49
C SER A 145 -45.19 12.22 15.28
N GLY A 146 -44.45 12.32 16.39
CA GLY A 146 -43.00 12.48 16.33
C GLY A 146 -42.33 11.32 15.61
N ALA A 147 -42.69 10.09 15.98
CA ALA A 147 -42.14 8.90 15.37
C ALA A 147 -42.47 8.80 13.87
N MET A 148 -43.72 9.07 13.53
CA MET A 148 -44.17 9.01 12.15
C MET A 148 -43.45 10.07 11.31
N MET A 149 -43.37 11.28 11.85
CA MET A 149 -42.68 12.38 11.19
C MET A 149 -41.25 11.94 10.85
N ILE A 150 -40.53 11.49 11.88
CA ILE A 150 -39.14 11.10 11.73
C ILE A 150 -38.98 9.96 10.73
N ILE A 151 -39.69 8.87 10.95
CA ILE A 151 -39.57 7.69 10.11
C ILE A 151 -39.85 7.96 8.64
N THR A 152 -40.86 8.78 8.36
CA THR A 152 -41.20 9.07 6.98
C THR A 152 -40.18 10.01 6.35
N GLY A 153 -39.59 10.87 7.18
CA GLY A 153 -38.56 11.79 6.71
C GLY A 153 -37.28 11.02 6.47
N TYR A 154 -37.05 10.02 7.30
CA TYR A 154 -35.86 9.18 7.21
C TYR A 154 -35.83 8.45 5.88
N ILE A 155 -36.97 7.85 5.53
CA ILE A 155 -37.11 7.16 4.27
C ILE A 155 -36.86 8.11 3.11
N GLY A 156 -37.49 9.28 3.17
CA GLY A 156 -37.43 10.24 2.06
C GLY A 156 -36.04 10.73 1.73
N GLN A 157 -35.26 11.04 2.76
CA GLN A 157 -33.94 11.64 2.55
C GLN A 157 -32.97 10.72 1.80
N PHE A 158 -33.21 9.42 1.85
CA PHE A 158 -32.38 8.47 1.09
C PHE A 158 -32.53 8.69 -0.41
N TYR A 159 -33.62 9.33 -0.82
CA TYR A 159 -33.91 9.50 -2.23
C TYR A 159 -33.71 10.94 -2.71
N GLU A 160 -33.06 11.77 -1.89
CA GLU A 160 -32.95 13.18 -2.21
C GLU A 160 -32.27 13.45 -3.55
N VAL A 161 -31.54 12.46 -4.05
CA VAL A 161 -30.89 12.59 -5.36
C VAL A 161 -31.44 11.55 -6.33
N SER A 162 -31.60 10.33 -5.87
CA SER A 162 -31.95 9.21 -6.73
C SER A 162 -33.41 9.22 -7.20
N ASN A 163 -34.27 9.98 -6.52
CA ASN A 163 -35.70 9.99 -6.85
C ASN A 163 -36.46 11.13 -6.17
N LEU A 164 -36.49 12.28 -6.83
CA LEU A 164 -37.09 13.49 -6.27
C LEU A 164 -38.52 13.31 -5.84
N THR A 165 -39.26 12.49 -6.56
CA THR A 165 -40.68 12.33 -6.30
C THR A 165 -40.91 11.71 -4.93
N ALA A 166 -40.24 10.58 -4.67
CA ALA A 166 -40.34 9.92 -3.39
C ALA A 166 -39.81 10.84 -2.30
N PHE A 167 -38.76 11.59 -2.62
CA PHE A 167 -38.18 12.56 -1.71
C PHE A 167 -39.25 13.54 -1.23
N LEU A 168 -40.01 14.08 -2.19
CA LEU A 168 -40.98 15.14 -1.91
C LEU A 168 -42.25 14.58 -1.30
N VAL A 169 -42.62 13.36 -1.69
CA VAL A 169 -43.83 12.73 -1.18
C VAL A 169 -43.67 12.36 0.28
N TRP A 170 -42.57 11.69 0.61
CA TRP A 170 -42.30 11.30 1.98
C TRP A 170 -42.14 12.51 2.90
N GLY A 171 -41.63 13.60 2.33
CA GLY A 171 -41.41 14.81 3.10
C GLY A 171 -42.71 15.54 3.36
N ALA A 172 -43.62 15.44 2.39
CA ALA A 172 -44.94 16.05 2.52
C ALA A 172 -45.72 15.30 3.59
N ILE A 173 -45.72 13.97 3.48
CA ILE A 173 -46.34 13.14 4.49
C ILE A 173 -45.78 13.47 5.87
N SER A 174 -44.46 13.47 5.98
CA SER A 174 -43.80 13.81 7.24
C SER A 174 -44.21 15.21 7.71
N SER A 175 -44.40 16.13 6.78
CA SER A 175 -44.78 17.50 7.13
C SER A 175 -46.17 17.57 7.76
N ALA A 176 -47.06 16.68 7.35
CA ALA A 176 -48.39 16.65 7.93
C ALA A 176 -48.26 16.36 9.42
N PHE A 177 -47.45 15.38 9.78
CA PHE A 177 -47.26 15.01 11.18
C PHE A 177 -46.60 16.16 11.94
N PHE A 178 -45.67 16.84 11.29
CA PHE A 178 -45.04 18.01 11.88
C PHE A 178 -46.09 19.06 12.24
N PHE A 179 -46.98 19.36 11.31
CA PHE A 179 -48.01 20.37 11.55
C PHE A 179 -48.86 19.98 12.76
N HIS A 180 -49.27 18.72 12.84
CA HIS A 180 -50.04 18.30 13.99
C HIS A 180 -49.28 18.59 15.29
N ILE A 181 -47.99 18.32 15.30
CA ILE A 181 -47.18 18.53 16.49
C ILE A 181 -47.15 20.00 16.88
N LEU A 182 -47.01 20.88 15.89
CA LEU A 182 -47.05 22.31 16.13
C LEU A 182 -48.39 22.71 16.74
N TRP A 183 -49.44 22.05 16.26
CA TRP A 183 -50.78 22.32 16.73
C TRP A 183 -50.89 22.02 18.21
N VAL A 184 -50.52 20.80 18.58
CA VAL A 184 -50.66 20.33 19.95
C VAL A 184 -49.79 21.13 20.92
N MET A 185 -48.58 21.48 20.48
CA MET A 185 -47.68 22.25 21.32
C MET A 185 -48.18 23.69 21.55
N LYS A 186 -48.75 24.32 20.54
CA LYS A 186 -49.33 25.65 20.74
C LYS A 186 -50.42 25.57 21.79
N LYS A 187 -51.22 24.51 21.71
CA LYS A 187 -52.27 24.26 22.68
C LYS A 187 -51.67 24.12 24.08
N VAL A 188 -50.57 23.39 24.18
CA VAL A 188 -49.92 23.16 25.47
C VAL A 188 -49.33 24.45 26.04
N ILE A 189 -48.72 25.27 25.20
CA ILE A 189 -48.15 26.53 25.63
C ILE A 189 -49.24 27.43 26.22
N ASN A 190 -50.37 27.55 25.52
CA ASN A 190 -51.48 28.38 25.97
C ASN A 190 -52.03 27.96 27.33
N GLU A 191 -52.38 26.68 27.47
CA GLU A 191 -52.89 26.16 28.72
C GLU A 191 -51.88 26.34 29.85
N GLY A 192 -50.60 26.27 29.51
CA GLY A 192 -49.54 26.43 30.49
C GLY A 192 -49.44 27.85 31.00
N LYS A 193 -49.91 28.79 30.19
CA LYS A 193 -49.94 30.19 30.59
C LYS A 193 -51.04 30.47 31.62
N GLU A 194 -52.16 29.76 31.49
CA GLU A 194 -53.28 29.94 32.41
C GLU A 194 -52.80 29.81 33.85
N GLY A 195 -53.07 30.84 34.65
CA GLY A 195 -52.87 30.78 36.08
C GLY A 195 -51.48 31.09 36.62
N ILE A 196 -50.56 31.51 35.75
CA ILE A 196 -49.21 31.79 36.20
C ILE A 196 -48.81 33.25 36.04
N SER A 197 -47.71 33.63 36.68
CA SER A 197 -47.23 35.02 36.66
C SER A 197 -46.87 35.50 35.26
N PRO A 198 -47.00 36.81 35.02
CA PRO A 198 -46.64 37.42 33.75
C PRO A 198 -45.22 37.05 33.31
N ALA A 199 -44.27 37.11 34.24
CA ALA A 199 -42.90 36.70 33.95
C ALA A 199 -42.87 35.29 33.32
N GLY A 200 -43.66 34.38 33.90
CA GLY A 200 -43.72 33.01 33.40
C GLY A 200 -44.40 32.91 32.05
N GLN A 201 -45.46 33.68 31.86
CA GLN A 201 -46.18 33.70 30.59
C GLN A 201 -45.24 34.18 29.50
N LYS A 202 -44.37 35.12 29.85
CA LYS A 202 -43.44 35.70 28.90
C LYS A 202 -42.42 34.66 28.42
N ILE A 203 -41.94 33.86 29.36
CA ILE A 203 -41.00 32.80 29.01
C ILE A 203 -41.66 31.80 28.07
N LEU A 204 -42.91 31.43 28.37
CA LEU A 204 -43.64 30.50 27.52
C LEU A 204 -43.80 31.04 26.11
N SER A 205 -44.07 32.34 25.99
CA SER A 205 -44.23 32.95 24.68
C SER A 205 -42.93 32.88 23.88
N ASN A 206 -41.81 33.09 24.56
CA ASN A 206 -40.51 32.96 23.93
C ASN A 206 -40.23 31.52 23.52
N ILE A 207 -40.63 30.57 24.37
CA ILE A 207 -40.46 29.15 24.05
C ILE A 207 -41.21 28.78 22.77
N TRP A 208 -42.39 29.35 22.58
CA TRP A 208 -43.18 28.99 21.41
C TRP A 208 -42.54 29.51 20.12
N ILE A 209 -42.01 30.72 20.16
CA ILE A 209 -41.34 31.30 19.00
C ILE A 209 -40.09 30.48 18.67
N LEU A 210 -39.31 30.15 19.70
CA LEU A 210 -38.10 29.35 19.56
C LEU A 210 -38.42 27.98 18.96
N PHE A 211 -39.42 27.32 19.55
CA PHE A 211 -39.87 26.01 19.08
C PHE A 211 -40.25 26.09 17.61
N LEU A 212 -41.22 26.94 17.30
CA LEU A 212 -41.72 27.08 15.94
C LEU A 212 -40.59 27.29 14.93
N ILE A 213 -39.70 28.24 15.23
CA ILE A 213 -38.61 28.54 14.32
C ILE A 213 -37.54 27.42 14.27
N SER A 214 -37.09 26.98 15.44
CA SER A 214 -36.03 25.98 15.48
C SER A 214 -36.46 24.65 14.86
N TRP A 215 -37.69 24.21 15.08
CA TRP A 215 -38.14 22.95 14.50
C TRP A 215 -38.36 23.07 12.99
N THR A 216 -38.70 24.27 12.53
CA THR A 216 -38.95 24.47 11.11
C THR A 216 -37.65 24.46 10.32
N LEU A 217 -36.54 24.72 10.99
CA LEU A 217 -35.23 24.67 10.34
C LEU A 217 -34.91 23.28 9.80
N TYR A 218 -35.47 22.24 10.42
CA TYR A 218 -35.15 20.85 10.04
C TYR A 218 -35.70 20.45 8.65
N PRO A 219 -37.00 20.71 8.40
CA PRO A 219 -37.51 20.58 7.03
C PRO A 219 -36.76 21.48 6.05
N GLY A 220 -36.23 22.59 6.55
CA GLY A 220 -35.40 23.47 5.73
C GLY A 220 -34.11 22.79 5.33
N ALA A 221 -33.51 22.06 6.28
CA ALA A 221 -32.27 21.33 6.01
C ALA A 221 -32.54 20.15 5.08
N TYR A 222 -33.72 19.56 5.20
CA TYR A 222 -34.14 18.48 4.32
C TYR A 222 -34.13 18.94 2.86
N LEU A 223 -34.67 20.13 2.61
CA LEU A 223 -34.83 20.66 1.25
C LEU A 223 -33.60 21.41 0.74
N MET A 224 -32.70 21.77 1.64
CA MET A 224 -31.60 22.68 1.32
C MET A 224 -31.04 22.59 -0.11
N PRO A 225 -30.68 21.39 -0.58
CA PRO A 225 -30.05 21.29 -1.90
C PRO A 225 -30.89 21.85 -3.04
N TYR A 226 -32.20 21.93 -2.87
CA TYR A 226 -33.07 22.33 -3.97
C TYR A 226 -33.74 23.68 -3.76
N LEU A 227 -33.46 24.32 -2.63
CA LEU A 227 -34.13 25.57 -2.28
C LEU A 227 -33.79 26.69 -3.27
N THR A 228 -32.85 26.44 -4.17
CA THR A 228 -32.55 27.37 -5.26
C THR A 228 -32.84 26.73 -6.62
N GLY A 229 -33.70 25.72 -6.62
CA GLY A 229 -34.10 25.05 -7.87
C GLY A 229 -32.99 24.22 -8.48
N ASP A 231 -30.73 22.77 -10.38
CA ASP A 231 -29.31 23.03 -10.57
C ASP A 231 -28.98 24.46 -10.14
N GLY A 232 -29.38 24.81 -8.93
CA GLY A 232 -29.18 26.17 -8.42
C GLY A 232 -27.95 26.33 -7.56
N PHE A 233 -27.81 27.53 -7.01
CA PHE A 233 -26.65 27.89 -6.20
C PHE A 233 -26.42 26.94 -5.01
N LEU A 234 -27.51 26.42 -4.45
CA LEU A 234 -27.40 25.59 -3.24
C LEU A 234 -27.11 24.13 -3.54
N TYR A 235 -27.28 23.70 -4.79
CA TYR A 235 -26.89 22.36 -5.17
C TYR A 235 -25.40 22.37 -5.43
N SER A 236 -24.63 22.44 -4.35
CA SER A 236 -23.20 22.67 -4.43
C SER A 236 -22.61 22.55 -3.03
N GLU A 237 -21.31 22.77 -2.91
CA GLU A 237 -20.66 22.72 -1.61
C GLU A 237 -21.23 23.80 -0.70
N ASP A 238 -21.69 24.90 -1.29
CA ASP A 238 -22.34 25.97 -0.52
C ASP A 238 -23.58 25.44 0.20
N GLY A 239 -24.38 24.66 -0.52
CA GLY A 239 -25.58 24.03 0.05
C GLY A 239 -25.24 22.97 1.09
N VAL A 240 -24.11 22.30 0.92
CA VAL A 240 -23.63 21.31 1.89
C VAL A 240 -23.31 22.00 3.21
N MET A 241 -22.56 23.10 3.13
CA MET A 241 -22.21 23.89 4.30
C MET A 241 -23.48 24.42 4.96
N ALA A 242 -24.41 24.92 4.16
CA ALA A 242 -25.62 25.55 4.69
C ALA A 242 -26.47 24.54 5.43
N ARG A 243 -26.62 23.36 4.86
CA ARG A 243 -27.37 22.30 5.51
C ARG A 243 -26.86 22.01 6.92
N GLN A 244 -25.55 21.77 7.06
CA GLN A 244 -24.97 21.41 8.36
C GLN A 244 -24.98 22.61 9.31
N LEU A 245 -24.85 23.81 8.76
CA LEU A 245 -25.01 25.03 9.56
C LEU A 245 -26.43 25.13 10.12
N VAL A 246 -27.42 24.90 9.28
CA VAL A 246 -28.81 24.95 9.72
C VAL A 246 -29.08 23.87 10.78
N TYR A 247 -28.55 22.67 10.57
CA TYR A 247 -28.71 21.60 11.55
C TYR A 247 -28.17 22.06 12.89
N THR A 248 -26.96 22.60 12.88
CA THR A 248 -26.29 22.94 14.12
C THR A 248 -27.03 24.06 14.84
N ILE A 249 -27.46 25.08 14.09
CA ILE A 249 -28.23 26.16 14.69
C ILE A 249 -29.51 25.60 15.30
N ALA A 250 -30.16 24.71 14.58
CA ALA A 250 -31.39 24.09 15.03
C ALA A 250 -31.21 23.21 16.28
N ASP A 251 -30.17 22.38 16.28
CA ASP A 251 -29.87 21.53 17.43
C ASP A 251 -29.64 22.36 18.68
N VAL A 252 -28.81 23.39 18.56
CA VAL A 252 -28.51 24.23 19.71
C VAL A 252 -29.78 24.90 20.21
N SER A 253 -30.56 25.46 19.29
CA SER A 253 -31.79 26.17 19.65
C SER A 253 -32.84 25.24 20.25
N SER A 254 -33.08 24.12 19.58
CA SER A 254 -34.24 23.29 19.88
C SER A 254 -34.12 22.45 21.15
N VAL A 256 -30.75 22.93 23.54
CA VAL A 256 -30.08 23.64 24.63
C VAL A 256 -30.88 24.87 25.07
N ILE A 257 -31.11 25.80 24.15
CA ILE A 257 -31.82 27.01 24.50
C ILE A 257 -33.23 26.67 25.02
N TYR A 258 -33.95 25.82 24.30
CA TYR A 258 -35.25 25.31 24.73
C TYR A 258 -35.22 24.81 26.17
N GLY A 259 -34.25 23.97 26.49
CA GLY A 259 -34.14 23.41 27.83
C GLY A 259 -33.81 24.45 28.89
N VAL A 260 -33.03 25.45 28.51
CA VAL A 260 -32.67 26.53 29.44
C VAL A 260 -33.89 27.37 29.78
N LEU A 261 -34.69 27.68 28.76
CA LEU A 261 -35.92 28.46 28.96
C LEU A 261 -36.89 27.71 29.85
N LEU A 262 -37.06 26.40 29.61
CA LEU A 262 -37.91 25.58 30.45
C LEU A 262 -37.42 25.59 31.89
N GLY A 263 -36.11 25.53 32.07
CA GLY A 263 -35.54 25.55 33.41
C GLY A 263 -35.86 26.86 34.10
N ASN A 264 -35.80 27.95 33.34
CA ASN A 264 -36.08 29.27 33.86
C ASN A 264 -37.55 29.45 34.21
N LEU A 265 -38.43 28.98 33.33
CA LEU A 265 -39.86 28.92 33.63
C LEU A 265 -40.07 28.14 34.93
N ALA A 266 -39.31 27.06 35.08
CA ALA A 266 -39.43 26.21 36.27
C ALA A 266 -39.02 26.95 37.54
N ILE A 267 -37.94 27.72 37.46
CA ILE A 267 -37.51 28.55 38.59
C ILE A 267 -38.65 29.51 38.93
N THR A 268 -39.17 30.20 37.92
CA THR A 268 -40.31 31.07 38.08
C THR A 268 -41.47 30.39 38.82
N LEU A 269 -41.96 29.28 38.29
CA LEU A 269 -43.08 28.57 38.90
C LEU A 269 -42.74 27.97 40.26
N SER A 270 -41.48 27.98 40.63
CA SER A 270 -41.06 27.38 41.89
C SER A 270 -41.24 28.35 43.04
N LYS A 271 -41.63 27.85 44.19
CA LYS A 271 -41.68 28.63 45.42
C LYS A 271 -40.69 28.03 46.41
N ASN A 272 -39.80 28.85 46.96
CA ASN A 272 -39.74 30.28 46.67
C ASN A 272 -38.40 30.61 46.01
N LYS A 273 -38.34 30.45 44.69
CA LYS A 273 -37.15 30.76 43.93
C LYS A 273 -37.50 31.81 42.88
N GLU A 274 -36.52 32.63 42.52
CA GLU A 274 -36.72 33.64 41.49
C GLU A 274 -35.48 33.71 40.60
N LEU A 275 -35.66 34.12 39.35
CA LEU A 275 -34.53 34.31 38.44
C LEU A 275 -33.68 35.47 38.94
N VAL A 276 -32.45 35.55 38.42
CA VAL A 276 -31.54 36.62 38.80
C VAL A 276 -31.65 37.80 37.85
N GLN B 3 1.96 21.79 -4.59
CA GLN B 3 1.84 23.07 -3.82
C GLN B 3 0.49 23.75 -4.05
N GLU B 4 -0.57 22.96 -4.20
CA GLU B 4 -1.93 23.49 -4.34
C GLU B 4 -2.69 23.30 -3.03
N LEU B 5 -2.64 24.31 -2.16
CA LEU B 5 -3.24 24.23 -0.85
C LEU B 5 -4.50 25.10 -0.72
N GLY B 6 -4.68 26.03 -1.65
CA GLY B 6 -5.87 26.90 -1.65
C GLY B 6 -5.89 27.86 -0.48
N ASN B 7 -7.05 28.04 0.12
CA ASN B 7 -7.19 28.94 1.26
C ASN B 7 -6.90 28.23 2.57
N ALA B 8 -5.62 27.98 2.80
CA ALA B 8 -5.17 27.15 3.92
C ALA B 8 -4.26 27.94 4.84
N ASN B 9 -4.21 27.54 6.10
CA ASN B 9 -3.36 28.20 7.10
C ASN B 9 -1.89 28.04 6.77
N PHE B 10 -1.06 28.97 7.22
CA PHE B 10 0.32 28.99 6.80
C PHE B 10 1.09 27.80 7.35
N GLU B 11 0.61 27.22 8.44
CA GLU B 11 1.22 26.00 8.98
C GLU B 11 1.37 24.95 7.89
N ASN B 12 0.42 24.86 6.97
CA ASN B 12 0.48 23.87 5.90
C ASN B 12 1.54 24.19 4.86
N PHE B 13 1.70 25.48 4.54
CA PHE B 13 2.72 25.91 3.59
C PHE B 13 4.12 25.62 4.13
N ILE B 14 4.35 25.91 5.41
CA ILE B 14 5.62 25.57 6.03
C ILE B 14 5.79 24.06 5.97
N GLY B 15 4.76 23.33 6.40
CA GLY B 15 4.79 21.87 6.41
C GLY B 15 5.07 21.26 5.05
N ALA B 16 4.55 21.89 4.00
CA ALA B 16 4.68 21.36 2.65
C ALA B 16 5.96 21.76 1.95
N THR B 17 6.71 22.69 2.52
CA THR B 17 7.90 23.22 1.85
C THR B 17 9.17 22.94 2.64
N GLU B 18 9.31 23.55 3.81
CA GLU B 18 10.47 23.33 4.64
C GLU B 18 10.32 22.07 5.49
N GLY B 19 9.09 21.80 5.91
CA GLY B 19 8.85 20.78 6.91
C GLY B 19 9.16 21.35 8.27
N PHE B 20 8.90 20.60 9.33
CA PHE B 20 9.16 21.03 10.68
C PHE B 20 10.28 20.22 11.31
N SER B 21 11.19 20.88 12.02
CA SER B 21 12.21 20.19 12.78
C SER B 21 11.55 19.37 13.89
N GLU B 22 12.32 18.47 14.51
CA GLU B 22 11.81 17.67 15.61
C GLU B 22 11.33 18.56 16.75
N ILE B 23 12.12 19.57 17.10
CA ILE B 23 11.77 20.49 18.17
C ILE B 23 10.49 21.28 17.86
N ALA B 24 10.36 21.75 16.62
CA ALA B 24 9.19 22.50 16.23
C ALA B 24 7.92 21.64 16.24
N TYR B 25 8.01 20.44 15.69
CA TYR B 25 6.85 19.56 15.63
C TYR B 25 6.44 19.12 17.02
N GLN B 26 7.42 18.68 17.80
CA GLN B 26 7.14 18.17 19.13
C GLN B 26 6.57 19.27 20.02
N PHE B 27 7.26 20.41 20.09
CA PHE B 27 6.82 21.49 20.98
C PHE B 27 5.38 21.87 20.69
N THR B 28 5.06 21.99 19.41
CA THR B 28 3.73 22.39 19.02
C THR B 28 2.75 21.33 19.47
N SER B 29 3.18 20.07 19.41
CA SER B 29 2.35 18.97 19.87
C SER B 29 2.20 18.98 21.40
N HIS B 30 3.30 19.27 22.10
CA HIS B 30 3.29 19.29 23.56
C HIS B 30 2.42 20.41 24.10
N ILE B 31 2.50 21.57 23.46
CA ILE B 31 1.80 22.75 23.96
C ILE B 31 0.29 22.60 23.73
N LEU B 32 -0.11 22.06 22.58
CA LEU B 32 -1.51 21.77 22.34
C LEU B 32 -2.01 20.78 23.37
N THR B 33 -1.16 19.81 23.67
CA THR B 33 -1.53 18.77 24.63
C THR B 33 -1.70 19.33 26.03
N LEU B 34 -0.75 20.17 26.47
CA LEU B 34 -0.90 20.89 27.74
C LEU B 34 -2.20 21.71 27.72
N GLY B 35 -2.47 22.34 26.58
CA GLY B 35 -3.70 23.09 26.40
C GLY B 35 -4.91 22.33 26.91
N TYR B 36 -5.22 21.21 26.26
CA TYR B 36 -6.43 20.47 26.60
C TYR B 36 -6.39 19.81 27.98
N ALA B 37 -5.20 19.50 28.47
CA ALA B 37 -5.06 18.92 29.81
C ALA B 37 -5.44 19.95 30.88
N VAL B 38 -5.06 21.20 30.66
CA VAL B 38 -5.39 22.27 31.59
C VAL B 38 -6.90 22.45 31.66
N MET B 39 -7.56 22.39 30.51
CA MET B 39 -9.02 22.56 30.46
C MET B 39 -9.74 21.46 31.23
N LEU B 40 -9.30 20.21 31.10
CA LEU B 40 -9.98 19.11 31.78
C LEU B 40 -9.72 19.20 33.26
N ALA B 41 -8.50 19.61 33.62
CA ALA B 41 -8.13 19.83 35.00
C ALA B 41 -9.01 20.92 35.61
N GLY B 42 -9.13 22.03 34.89
CA GLY B 42 -9.97 23.14 35.30
C GLY B 42 -11.42 22.74 35.52
N LEU B 43 -11.96 21.94 34.60
CA LEU B 43 -13.33 21.45 34.72
C LEU B 43 -13.57 20.84 36.10
N LEU B 44 -12.70 19.91 36.48
CA LEU B 44 -12.82 19.27 37.77
C LEU B 44 -12.76 20.31 38.90
N TYR B 45 -11.82 21.25 38.82
CA TYR B 45 -11.69 22.28 39.85
C TYR B 45 -12.98 23.06 40.02
N PHE B 46 -13.54 23.54 38.91
CA PHE B 46 -14.73 24.38 38.96
C PHE B 46 -15.98 23.64 39.41
N ILE B 47 -16.08 22.35 39.11
CA ILE B 47 -17.20 21.57 39.58
C ILE B 47 -17.10 21.35 41.08
N LEU B 48 -15.90 21.03 41.56
CA LEU B 48 -15.69 20.70 42.96
C LEU B 48 -15.73 21.91 43.91
N THR B 49 -15.64 23.13 43.37
CA THR B 49 -15.63 24.34 44.21
C THR B 49 -16.89 25.18 44.06
N ILE B 50 -17.93 24.60 43.44
CA ILE B 50 -19.19 25.31 43.23
C ILE B 50 -19.76 25.84 44.55
N LYS B 51 -19.77 25.00 45.56
CA LYS B 51 -20.37 25.35 46.85
C LYS B 51 -19.49 26.25 47.72
N ASN B 52 -18.35 26.69 47.20
CA ASN B 52 -17.47 27.57 47.97
C ASN B 52 -17.93 29.03 47.94
N VAL B 53 -19.05 29.28 47.26
CA VAL B 53 -19.61 30.63 47.19
C VAL B 53 -21.10 30.60 47.48
N ASP B 54 -21.69 31.79 47.63
CA ASP B 54 -23.11 31.90 47.91
C ASP B 54 -23.94 31.47 46.70
N LYS B 55 -25.08 30.85 46.98
CA LYS B 55 -25.94 30.31 45.94
C LYS B 55 -26.01 31.19 44.70
N LYS B 56 -26.24 32.49 44.88
CA LYS B 56 -26.47 33.38 43.73
C LYS B 56 -25.25 33.57 42.84
N PHE B 57 -24.07 33.26 43.35
CA PHE B 57 -22.86 33.39 42.56
C PHE B 57 -22.53 32.10 41.81
N GLN B 58 -23.20 31.01 42.21
CA GLN B 58 -22.83 29.68 41.71
C GLN B 58 -23.01 29.50 40.21
N MET B 59 -23.84 30.32 39.57
CA MET B 59 -24.01 30.23 38.13
C MET B 59 -22.70 30.56 37.39
N SER B 60 -21.85 31.36 38.02
CA SER B 60 -20.59 31.74 37.40
C SER B 60 -19.62 30.56 37.44
N ASN B 61 -19.62 29.84 38.55
CA ASN B 61 -18.85 28.61 38.64
C ASN B 61 -19.29 27.62 37.56
N ILE B 62 -20.60 27.47 37.43
CA ILE B 62 -21.18 26.56 36.46
C ILE B 62 -20.78 26.95 35.03
N LEU B 63 -20.93 28.23 34.71
CA LEU B 63 -20.52 28.71 33.39
C LEU B 63 -19.04 28.44 33.11
N SER B 64 -18.22 28.53 34.16
CA SER B 64 -16.79 28.25 34.03
C SER B 64 -16.58 26.79 33.66
N ALA B 65 -17.27 25.90 34.36
CA ALA B 65 -17.22 24.47 34.05
C ALA B 65 -17.68 24.21 32.62
N VAL B 66 -18.77 24.86 32.24
CA VAL B 66 -19.31 24.69 30.89
C VAL B 66 -18.27 25.05 29.84
N VAL B 67 -17.57 26.16 30.07
CA VAL B 67 -16.53 26.60 29.14
C VAL B 67 -15.37 25.62 29.09
N MET B 68 -15.06 24.99 30.23
CA MET B 68 -13.97 24.01 30.29
C MET B 68 -14.27 22.77 29.42
N VAL B 69 -15.52 22.32 29.40
CA VAL B 69 -15.90 21.17 28.59
C VAL B 69 -15.64 21.45 27.12
N SER B 70 -16.20 22.55 26.66
CA SER B 70 -16.06 22.99 25.29
C SER B 70 -14.59 23.15 24.92
N ALA B 71 -13.80 23.72 25.82
CA ALA B 71 -12.41 24.00 25.54
C ALA B 71 -11.58 22.72 25.47
N PHE B 72 -11.79 21.79 26.40
CA PHE B 72 -11.09 20.52 26.38
C PHE B 72 -11.33 19.77 25.07
N LEU B 73 -12.60 19.68 24.68
CA LEU B 73 -12.95 18.96 23.47
C LEU B 73 -12.26 19.54 22.24
N LEU B 74 -12.27 20.85 22.09
CA LEU B 74 -11.72 21.48 20.89
CA LEU B 74 -11.73 21.45 20.88
C LEU B 74 -10.20 21.48 20.85
N LEU B 75 -9.57 21.71 22.00
CA LEU B 75 -8.12 21.67 22.05
C LEU B 75 -7.62 20.24 21.89
N TYR B 76 -8.41 19.29 22.36
CA TYR B 76 -8.09 17.88 22.16
C TYR B 76 -8.13 17.54 20.66
N ALA B 77 -9.22 17.94 20.01
CA ALA B 77 -9.35 17.74 18.57
C ALA B 77 -8.24 18.49 17.82
N GLN B 78 -8.00 19.73 18.20
CA GLN B 78 -6.96 20.52 17.56
C GLN B 78 -5.60 19.82 17.71
N ALA B 79 -5.36 19.22 18.87
CA ALA B 79 -4.12 18.49 19.11
C ALA B 79 -3.98 17.33 18.14
N GLN B 80 -5.09 16.63 17.90
CA GLN B 80 -5.10 15.50 16.96
C GLN B 80 -4.93 16.00 15.53
N ASN B 81 -5.60 17.10 15.18
CA ASN B 81 -5.44 17.71 13.86
C ASN B 81 -3.95 17.90 13.59
N TRP B 82 -3.21 18.33 14.61
CA TRP B 82 -1.79 18.64 14.43
C TRP B 82 -0.97 17.40 14.12
N THR B 83 -1.08 16.37 14.95
CA THR B 83 -0.25 15.20 14.78
C THR B 83 -0.66 14.40 13.53
N SER B 84 -1.90 14.55 13.11
CA SER B 84 -2.39 13.87 11.91
C SER B 84 -1.92 14.52 10.63
N SER B 85 -1.70 15.84 10.68
CA SER B 85 -1.42 16.62 9.47
C SER B 85 0.05 16.60 9.04
N PHE B 86 0.95 16.30 9.97
CA PHE B 86 2.37 16.33 9.64
C PHE B 86 3.07 15.03 10.03
N THR B 87 3.85 14.48 9.11
CA THR B 87 4.44 13.16 9.26
C THR B 87 5.95 13.15 9.03
N PHE B 88 6.64 12.32 9.79
CA PHE B 88 8.09 12.30 9.77
C PHE B 88 8.64 11.73 8.47
N ASN B 89 9.60 12.43 7.89
CA ASN B 89 10.33 11.92 6.74
C ASN B 89 11.72 11.48 7.22
N GLU B 90 11.99 10.19 7.11
CA GLU B 90 13.21 9.61 7.69
C GLU B 90 14.49 10.04 6.97
N GLU B 91 14.37 10.48 5.72
CA GLU B 91 15.55 10.85 4.92
C GLU B 91 16.17 12.18 5.34
N VAL B 92 15.35 13.18 5.67
CA VAL B 92 15.89 14.49 6.07
C VAL B 92 15.61 14.81 7.55
N GLY B 93 14.85 13.96 8.22
CA GLY B 93 14.61 14.13 9.64
C GLY B 93 13.69 15.29 9.97
N ARG B 94 12.72 15.53 9.09
CA ARG B 94 11.74 16.58 9.35
C ARG B 94 10.33 16.08 9.08
N TYR B 95 9.36 16.73 9.71
CA TYR B 95 7.94 16.41 9.53
C TYR B 95 7.37 17.25 8.41
N PHE B 96 6.69 16.60 7.46
CA PHE B 96 6.14 17.30 6.33
C PHE B 96 4.63 17.10 6.28
N LEU B 97 3.95 17.98 5.57
CA LEU B 97 2.52 17.86 5.37
C LEU B 97 2.13 16.47 4.86
N ASP B 98 1.08 15.92 5.45
CA ASP B 98 0.55 14.61 5.08
C ASP B 98 -0.92 14.78 4.66
N PRO B 99 -1.17 14.89 3.35
CA PRO B 99 -2.50 15.19 2.83
C PRO B 99 -3.61 14.32 3.42
N SER B 100 -3.36 13.02 3.55
CA SER B 100 -4.38 12.08 3.99
C SER B 100 -4.95 12.42 5.36
N GLY B 101 -4.22 13.22 6.12
CA GLY B 101 -4.64 13.58 7.47
C GLY B 101 -5.46 14.85 7.53
N ASP B 102 -5.81 15.40 6.37
CA ASP B 102 -6.43 16.72 6.30
C ASP B 102 -5.40 17.83 6.52
N LEU B 103 -5.62 18.98 5.89
CA LEU B 103 -4.83 20.16 6.18
C LEU B 103 -5.11 20.59 7.61
N PHE B 104 -4.16 21.27 8.21
CA PHE B 104 -4.34 21.81 9.55
C PHE B 104 -5.04 23.16 9.44
N ASN B 105 -6.00 23.37 10.33
CA ASN B 105 -6.71 24.64 10.40
C ASN B 105 -7.00 25.03 11.83
N ASN B 106 -6.77 26.30 12.15
CA ASN B 106 -7.04 26.83 13.48
C ASN B 106 -8.51 27.12 13.72
N GLY B 107 -9.33 26.91 12.69
CA GLY B 107 -10.74 27.25 12.73
C GLY B 107 -11.53 26.51 13.78
N TYR B 108 -11.13 25.28 14.09
CA TYR B 108 -11.74 24.55 15.18
C TYR B 108 -11.79 25.49 16.38
N ARG B 109 -10.67 26.17 16.62
CA ARG B 109 -10.51 26.99 17.81
C ARG B 109 -11.40 28.22 17.76
N TYR B 110 -11.69 28.71 16.55
CA TYR B 110 -12.51 29.91 16.39
C TYR B 110 -13.98 29.65 16.71
N LEU B 111 -14.49 28.49 16.29
CA LEU B 111 -15.88 28.15 16.57
C LEU B 111 -16.07 27.75 18.02
N ASN B 112 -15.02 27.21 18.64
CA ASN B 112 -15.00 27.03 20.09
C ASN B 112 -15.33 28.35 20.76
N TRP B 113 -14.75 29.43 20.25
CA TRP B 113 -14.90 30.75 20.86
C TRP B 113 -16.35 31.22 20.84
N LEU B 114 -17.13 30.75 19.86
CA LEU B 114 -18.56 31.06 19.81
C LEU B 114 -19.29 30.58 21.05
N ILE B 115 -18.79 29.51 21.65
CA ILE B 115 -19.31 29.08 22.93
C ILE B 115 -18.67 29.91 24.05
N ASP B 116 -17.35 29.89 24.08
CA ASP B 116 -16.60 30.39 25.23
C ASP B 116 -16.74 31.90 25.38
N VAL B 117 -16.60 32.63 24.29
CA VAL B 117 -16.64 34.09 24.34
C VAL B 117 -17.94 34.57 24.99
N PRO B 118 -19.10 34.20 24.42
CA PRO B 118 -20.38 34.61 25.02
C PRO B 118 -20.53 34.18 26.48
N MET B 119 -20.01 33.00 26.82
CA MET B 119 -20.15 32.50 28.18
C MET B 119 -19.25 33.27 29.15
N LEU B 120 -18.01 33.54 28.73
CA LEU B 120 -17.06 34.24 29.59
C LEU B 120 -17.55 35.65 29.89
N LEU B 121 -18.00 36.35 28.87
CA LEU B 121 -18.51 37.71 29.05
C LEU B 121 -19.73 37.67 29.96
N PHE B 122 -20.57 36.66 29.75
CA PHE B 122 -21.80 36.49 30.51
C PHE B 122 -21.56 36.24 32.01
N GLN B 123 -20.64 35.35 32.33
CA GLN B 123 -20.53 34.85 33.71
C GLN B 123 -20.18 35.95 34.71
N ILE B 124 -19.56 37.02 34.25
CA ILE B 124 -19.17 38.10 35.15
C ILE B 124 -20.37 38.88 35.65
N LEU B 125 -21.43 38.91 34.85
CA LEU B 125 -22.67 39.59 35.22
C LEU B 125 -23.37 38.88 36.37
N PHE B 126 -22.99 37.64 36.63
CA PHE B 126 -23.57 36.88 37.73
C PHE B 126 -22.78 37.05 39.01
N VAL B 127 -21.69 37.82 38.93
CA VAL B 127 -20.84 38.04 40.09
C VAL B 127 -20.93 39.48 40.59
N VAL B 128 -20.87 40.44 39.67
CA VAL B 128 -20.89 41.84 40.03
C VAL B 128 -22.24 42.47 39.72
N SER B 129 -22.53 43.58 40.38
CA SER B 129 -23.76 44.32 40.16
C SER B 129 -23.49 45.49 39.23
N LEU B 130 -24.35 45.67 38.25
CA LEU B 130 -24.31 46.84 37.38
C LEU B 130 -24.90 48.04 38.12
N THR B 131 -24.86 49.21 37.49
CA THR B 131 -25.44 50.41 38.05
C THR B 131 -26.30 51.13 37.03
N THR B 132 -25.65 51.82 36.10
CA THR B 132 -26.37 52.68 35.15
C THR B 132 -26.88 51.92 33.92
N SER B 133 -26.14 50.93 33.45
CA SER B 133 -26.57 50.13 32.30
C SER B 133 -27.23 48.84 32.78
N LYS B 134 -28.17 48.32 31.99
CA LYS B 134 -28.95 47.16 32.43
C LYS B 134 -28.33 45.81 32.03
N PHE B 135 -28.54 44.82 32.89
CA PHE B 135 -28.06 43.45 32.71
C PHE B 135 -28.23 42.93 31.27
N SER B 136 -29.43 43.05 30.74
CA SER B 136 -29.76 42.48 29.43
C SER B 136 -29.05 43.20 28.28
N SER B 137 -28.81 44.50 28.45
CA SER B 137 -28.20 45.30 27.38
C SER B 137 -26.71 45.01 27.24
N VAL B 138 -26.02 44.88 28.37
CA VAL B 138 -24.62 44.52 28.35
C VAL B 138 -24.47 43.16 27.70
N ARG B 139 -25.18 42.17 28.24
CA ARG B 139 -25.19 40.83 27.68
C ARG B 139 -25.35 40.84 26.17
N ASN B 140 -26.42 41.48 25.70
CA ASN B 140 -26.74 41.50 24.28
C ASN B 140 -25.67 42.13 23.40
N GLN B 141 -24.98 43.14 23.94
CA GLN B 141 -23.89 43.77 23.23
C GLN B 141 -22.64 42.89 23.29
N PHE B 142 -22.37 42.32 24.45
CA PHE B 142 -21.33 41.31 24.56
C PHE B 142 -21.54 40.23 23.51
N TRP B 143 -22.72 39.62 23.53
CA TRP B 143 -23.02 38.50 22.65
C TRP B 143 -22.96 38.85 21.17
N PHE B 144 -23.61 39.94 20.78
CA PHE B 144 -23.62 40.32 19.37
C PHE B 144 -22.22 40.70 18.87
N SER B 145 -21.48 41.43 19.70
CA SER B 145 -20.15 41.87 19.31
C SER B 145 -19.17 40.71 19.26
N GLY B 146 -19.30 39.80 20.22
CA GLY B 146 -18.47 38.59 20.27
C GLY B 146 -18.69 37.74 19.03
N ALA B 147 -19.95 37.47 18.73
CA ALA B 147 -20.29 36.69 17.55
C ALA B 147 -19.63 37.27 16.30
N MET B 148 -19.84 38.56 16.05
CA MET B 148 -19.32 39.21 14.85
C MET B 148 -17.79 39.19 14.83
N MET B 149 -17.18 39.45 15.98
CA MET B 149 -15.74 39.40 16.09
C MET B 149 -15.25 38.03 15.63
N ILE B 150 -15.83 36.98 16.21
CA ILE B 150 -15.38 35.61 15.93
C ILE B 150 -15.62 35.23 14.47
N ILE B 151 -16.77 35.60 13.94
CA ILE B 151 -17.19 35.16 12.61
C ILE B 151 -16.37 35.84 11.51
N THR B 152 -16.04 37.12 11.71
CA THR B 152 -15.23 37.84 10.73
C THR B 152 -13.76 37.41 10.83
N GLY B 153 -13.28 37.18 12.04
CA GLY B 153 -11.93 36.65 12.22
C GLY B 153 -11.81 35.28 11.61
N TYR B 154 -12.87 34.49 11.75
CA TYR B 154 -12.92 33.11 11.24
C TYR B 154 -12.78 33.09 9.72
N ILE B 155 -13.55 33.93 9.05
CA ILE B 155 -13.47 34.03 7.60
C ILE B 155 -12.06 34.50 7.19
N GLY B 156 -11.55 35.48 7.92
CA GLY B 156 -10.26 36.08 7.59
C GLY B 156 -9.08 35.11 7.61
N GLN B 157 -9.05 34.23 8.60
CA GLN B 157 -7.90 33.35 8.79
C GLN B 157 -7.72 32.33 7.66
N PHE B 158 -8.77 32.09 6.89
CA PHE B 158 -8.66 31.17 5.75
C PHE B 158 -7.81 31.78 4.63
N TYR B 159 -7.59 33.09 4.69
CA TYR B 159 -6.91 33.78 3.62
C TYR B 159 -5.53 34.28 4.04
N GLU B 160 -5.09 33.84 5.22
CA GLU B 160 -3.86 34.36 5.81
C GLU B 160 -2.65 34.16 4.91
N VAL B 161 -2.79 33.33 3.88
CA VAL B 161 -1.72 33.17 2.89
C VAL B 161 -2.22 33.42 1.46
N SER B 162 -3.44 32.97 1.17
CA SER B 162 -3.92 32.97 -0.21
C SER B 162 -4.37 34.35 -0.67
N ASN B 163 -4.77 35.19 0.27
CA ASN B 163 -5.22 36.54 -0.05
C ASN B 163 -4.98 37.49 1.13
N LEU B 164 -3.77 38.04 1.16
CA LEU B 164 -3.33 38.83 2.29
C LEU B 164 -4.29 40.00 2.57
N THR B 165 -4.90 40.53 1.52
CA THR B 165 -5.78 41.69 1.71
C THR B 165 -7.01 41.28 2.50
N ALA B 166 -7.75 40.30 1.98
CA ALA B 166 -8.90 39.76 2.68
C ALA B 166 -8.56 39.47 4.14
N PHE B 167 -7.40 38.84 4.34
CA PHE B 167 -6.89 38.56 5.68
C PHE B 167 -6.93 39.79 6.56
N LEU B 168 -6.32 40.88 6.09
CA LEU B 168 -6.18 42.11 6.88
C LEU B 168 -7.50 42.85 7.05
N VAL B 169 -8.31 42.90 5.99
CA VAL B 169 -9.59 43.58 6.04
C VAL B 169 -10.48 42.92 7.09
N TRP B 170 -10.77 41.64 6.90
CA TRP B 170 -11.58 40.88 7.85
C TRP B 170 -11.02 40.97 9.26
N GLY B 171 -9.70 41.04 9.38
CA GLY B 171 -9.04 41.19 10.68
C GLY B 171 -9.40 42.52 11.32
N ALA B 172 -9.48 43.56 10.49
CA ALA B 172 -9.78 44.92 10.95
C ALA B 172 -11.23 45.02 11.40
N ILE B 173 -12.14 44.59 10.53
CA ILE B 173 -13.54 44.52 10.88
C ILE B 173 -13.70 43.80 12.20
N SER B 174 -13.11 42.62 12.31
CA SER B 174 -13.15 41.84 13.53
C SER B 174 -12.64 42.67 14.70
N SER B 175 -11.55 43.39 14.48
CA SER B 175 -10.91 44.17 15.53
C SER B 175 -11.82 45.26 16.07
N ALA B 176 -12.69 45.79 15.22
CA ALA B 176 -13.64 46.82 15.64
C ALA B 176 -14.55 46.28 16.74
N PHE B 177 -15.21 45.16 16.47
CA PHE B 177 -16.08 44.52 17.46
C PHE B 177 -15.30 44.17 18.73
N PHE B 178 -14.04 43.80 18.58
CA PHE B 178 -13.18 43.53 19.73
C PHE B 178 -13.06 44.77 20.60
N PHE B 179 -12.75 45.91 19.98
CA PHE B 179 -12.60 47.17 20.72
C PHE B 179 -13.91 47.52 21.41
N HIS B 180 -15.03 47.28 20.72
CA HIS B 180 -16.33 47.52 21.31
C HIS B 180 -16.50 46.68 22.57
N ILE B 181 -16.11 45.41 22.49
CA ILE B 181 -16.21 44.50 23.63
C ILE B 181 -15.37 45.02 24.78
N LEU B 182 -14.15 45.47 24.47
CA LEU B 182 -13.25 46.01 25.49
C LEU B 182 -13.89 47.22 26.15
N TRP B 183 -14.67 47.96 25.36
CA TRP B 183 -15.34 49.17 25.80
C TRP B 183 -16.41 48.80 26.84
N VAL B 184 -17.41 48.02 26.41
CA VAL B 184 -18.47 47.59 27.31
C VAL B 184 -17.90 46.94 28.57
N MET B 185 -16.90 46.08 28.42
CA MET B 185 -16.36 45.35 29.56
C MET B 185 -15.82 46.29 30.62
N LYS B 186 -14.97 47.23 30.22
CA LYS B 186 -14.40 48.19 31.16
C LYS B 186 -15.52 48.91 31.89
N LYS B 187 -16.57 49.25 31.15
CA LYS B 187 -17.77 49.84 31.73
C LYS B 187 -18.36 48.90 32.78
N VAL B 188 -18.46 47.61 32.44
CA VAL B 188 -18.96 46.59 33.36
C VAL B 188 -18.06 46.48 34.58
N ILE B 189 -16.76 46.36 34.36
CA ILE B 189 -15.81 46.29 35.46
C ILE B 189 -16.00 47.49 36.38
N ASN B 190 -16.18 48.67 35.78
CA ASN B 190 -16.30 49.92 36.52
C ASN B 190 -17.57 49.99 37.37
N GLU B 191 -18.71 49.79 36.74
CA GLU B 191 -19.96 49.75 37.48
C GLU B 191 -19.84 48.72 38.60
N GLY B 192 -19.16 47.61 38.32
CA GLY B 192 -19.03 46.52 39.27
C GLY B 192 -18.17 46.84 40.48
N LYS B 193 -17.39 47.89 40.38
CA LYS B 193 -16.49 48.26 41.46
C LYS B 193 -17.24 49.04 42.56
N GLU B 194 -18.38 49.62 42.20
CA GLU B 194 -19.14 50.45 43.15
C GLU B 194 -19.87 49.63 44.21
N GLY B 195 -19.61 49.93 45.47
CA GLY B 195 -20.36 49.34 46.57
C GLY B 195 -19.59 48.28 47.32
N ILE B 196 -18.71 47.56 46.62
CA ILE B 196 -18.04 46.41 47.19
C ILE B 196 -16.74 46.79 47.91
N SER B 197 -16.30 45.93 48.82
CA SER B 197 -15.13 46.19 49.65
C SER B 197 -13.89 46.52 48.81
N PRO B 198 -12.75 46.74 49.47
CA PRO B 198 -11.55 47.14 48.74
C PRO B 198 -10.90 45.94 48.08
N ALA B 199 -10.91 44.81 48.77
CA ALA B 199 -10.34 43.58 48.27
C ALA B 199 -11.00 43.20 46.94
N GLY B 200 -12.29 43.49 46.85
CA GLY B 200 -13.08 43.13 45.66
C GLY B 200 -12.77 43.99 44.46
N GLN B 201 -12.54 45.28 44.69
CA GLN B 201 -12.21 46.20 43.61
C GLN B 201 -10.81 45.85 43.08
N LYS B 202 -9.94 45.40 43.97
CA LYS B 202 -8.58 45.02 43.58
C LYS B 202 -8.65 43.86 42.60
N ILE B 203 -9.27 42.77 43.04
CA ILE B 203 -9.46 41.59 42.21
C ILE B 203 -10.02 41.97 40.85
N LEU B 204 -11.05 42.82 40.85
CA LEU B 204 -11.64 43.26 39.61
C LEU B 204 -10.63 43.97 38.73
N SER B 205 -9.74 44.74 39.35
CA SER B 205 -8.72 45.45 38.61
C SER B 205 -7.76 44.45 37.97
N ASN B 206 -7.46 43.39 38.70
CA ASN B 206 -6.66 42.30 38.15
C ASN B 206 -7.39 41.61 37.01
N ILE B 207 -8.65 41.27 37.24
CA ILE B 207 -9.45 40.64 36.20
C ILE B 207 -9.39 41.47 34.93
N TRP B 208 -9.45 42.78 35.09
CA TRP B 208 -9.42 43.67 33.93
C TRP B 208 -8.07 43.63 33.21
N ILE B 209 -6.98 43.57 33.95
CA ILE B 209 -5.65 43.52 33.34
C ILE B 209 -5.49 42.19 32.61
N LEU B 210 -5.85 41.12 33.32
CA LEU B 210 -5.86 39.78 32.77
C LEU B 210 -6.70 39.71 31.48
N PHE B 211 -7.92 40.25 31.55
CA PHE B 211 -8.83 40.28 30.42
C PHE B 211 -8.22 41.01 29.22
N LEU B 212 -7.61 42.16 29.49
CA LEU B 212 -7.10 43.04 28.42
C LEU B 212 -5.90 42.41 27.72
N ILE B 213 -5.01 41.81 28.49
CA ILE B 213 -3.82 41.18 27.94
C ILE B 213 -4.17 39.87 27.22
N SER B 214 -4.89 38.98 27.90
CA SER B 214 -5.14 37.65 27.36
C SER B 214 -5.97 37.72 26.07
N TRP B 215 -6.94 38.62 26.03
CA TRP B 215 -7.82 38.76 24.87
C TRP B 215 -7.09 39.43 23.71
N THR B 216 -6.08 40.23 24.02
CA THR B 216 -5.30 40.89 22.99
C THR B 216 -4.31 39.92 22.36
N LEU B 217 -4.02 38.82 23.06
CA LEU B 217 -3.11 37.80 22.55
C LEU B 217 -3.66 37.13 21.28
N TYR B 218 -4.98 37.08 21.16
CA TYR B 218 -5.61 36.36 20.06
C TYR B 218 -5.34 37.02 18.70
N PRO B 219 -5.52 38.35 18.63
CA PRO B 219 -5.11 39.10 17.44
C PRO B 219 -3.63 38.92 17.12
N GLY B 220 -2.81 38.77 18.16
CA GLY B 220 -1.38 38.53 17.97
C GLY B 220 -1.10 37.21 17.28
N ALA B 221 -1.82 36.16 17.69
CA ALA B 221 -1.68 34.84 17.08
C ALA B 221 -2.19 34.88 15.65
N TYR B 222 -3.26 35.63 15.42
CA TYR B 222 -3.83 35.80 14.10
C TYR B 222 -2.75 36.30 13.13
N LEU B 223 -2.02 37.33 13.56
CA LEU B 223 -1.03 37.99 12.70
C LEU B 223 0.37 37.37 12.79
N MET B 224 0.58 36.52 13.79
CA MET B 224 1.91 36.00 14.11
C MET B 224 2.88 35.84 12.93
N PRO B 225 2.50 35.03 11.94
CA PRO B 225 3.42 34.73 10.84
C PRO B 225 4.00 35.96 10.14
N TYR B 226 3.32 37.10 10.25
CA TYR B 226 3.75 38.30 9.54
C TYR B 226 4.27 39.39 10.47
N LEU B 227 4.38 39.09 11.76
CA LEU B 227 4.73 40.13 12.73
C LEU B 227 6.18 40.56 12.55
N THR B 228 6.95 39.77 11.81
CA THR B 228 8.32 40.15 11.45
C THR B 228 8.43 40.31 9.95
N GLY B 229 7.33 40.69 9.30
CA GLY B 229 7.28 40.72 7.85
C GLY B 229 7.45 39.32 7.28
N ASP B 231 8.44 37.99 4.46
CA ASP B 231 9.00 36.67 4.75
C ASP B 231 10.14 36.79 5.78
N GLY B 232 9.78 37.09 7.02
CA GLY B 232 10.75 37.27 8.08
C GLY B 232 10.91 36.06 8.99
N PHE B 233 11.43 36.31 10.17
CA PHE B 233 11.82 35.26 11.11
C PHE B 233 10.64 34.40 11.58
N LEU B 234 9.46 35.01 11.66
CA LEU B 234 8.29 34.30 12.15
C LEU B 234 7.52 33.64 11.02
N TYR B 235 7.90 33.92 9.78
CA TYR B 235 7.32 33.18 8.66
C TYR B 235 8.14 31.92 8.47
N SER B 236 7.93 30.99 9.40
CA SER B 236 8.76 29.82 9.54
C SER B 236 8.14 28.93 10.60
N GLU B 237 8.78 27.81 10.88
CA GLU B 237 8.31 26.94 11.94
C GLU B 237 8.28 27.68 13.27
N ASP B 238 9.15 28.67 13.43
CA ASP B 238 9.22 29.48 14.65
C ASP B 238 7.92 30.26 14.84
N GLY B 239 7.36 30.73 13.74
CA GLY B 239 6.08 31.41 13.77
C GLY B 239 4.98 30.46 14.15
N VAL B 240 5.08 29.22 13.70
CA VAL B 240 4.06 28.22 13.99
C VAL B 240 4.07 27.87 15.47
N MET B 241 5.26 27.71 16.04
CA MET B 241 5.38 27.41 17.46
C MET B 241 4.85 28.58 18.29
N ALA B 242 5.22 29.79 17.90
CA ALA B 242 4.82 30.97 18.65
C ALA B 242 3.30 31.12 18.68
N ARG B 243 2.67 30.95 17.53
CA ARG B 243 1.22 31.10 17.42
C ARG B 243 0.50 30.14 18.37
N GLN B 244 0.89 28.87 18.37
CA GLN B 244 0.20 27.90 19.22
C GLN B 244 0.55 28.12 20.68
N LEU B 245 1.77 28.56 20.94
CA LEU B 245 2.16 28.92 22.31
C LEU B 245 1.31 30.08 22.81
N VAL B 246 1.07 31.06 21.95
CA VAL B 246 0.30 32.25 22.34
C VAL B 246 -1.17 31.89 22.53
N TYR B 247 -1.74 31.10 21.62
CA TYR B 247 -3.10 30.62 21.80
C TYR B 247 -3.25 29.93 23.15
N THR B 248 -2.28 29.09 23.48
CA THR B 248 -2.41 28.26 24.69
C THR B 248 -2.29 29.10 25.96
N ILE B 249 -1.41 30.09 25.94
CA ILE B 249 -1.31 31.03 27.06
C ILE B 249 -2.59 31.86 27.12
N ALA B 250 -3.05 32.33 25.98
CA ALA B 250 -4.27 33.11 25.94
C ALA B 250 -5.44 32.32 26.53
N ASP B 251 -5.64 31.11 26.02
CA ASP B 251 -6.77 30.27 26.44
C ASP B 251 -6.76 29.93 27.92
N VAL B 252 -5.58 29.62 28.47
CA VAL B 252 -5.47 29.33 29.88
C VAL B 252 -5.77 30.58 30.72
N SER B 253 -5.29 31.73 30.27
CA SER B 253 -5.54 32.99 30.96
C SER B 253 -7.01 33.39 30.91
N SER B 254 -7.53 33.47 29.68
CA SER B 254 -8.85 34.01 29.44
C SER B 254 -9.94 33.13 30.02
N VAL B 256 -9.29 29.88 32.36
CA VAL B 256 -9.00 29.25 33.66
C VAL B 256 -8.62 30.27 34.73
N ILE B 257 -7.67 31.15 34.41
CA ILE B 257 -7.24 32.17 35.38
C ILE B 257 -8.39 33.16 35.62
N TYR B 258 -9.01 33.60 34.53
CA TYR B 258 -10.18 34.47 34.60
C TYR B 258 -11.26 33.86 35.50
N GLY B 259 -11.55 32.58 35.31
CA GLY B 259 -12.57 31.89 36.10
C GLY B 259 -12.23 31.80 37.57
N VAL B 260 -10.96 31.53 37.85
CA VAL B 260 -10.50 31.43 39.24
C VAL B 260 -10.66 32.77 39.97
N LEU B 261 -10.25 33.86 39.31
CA LEU B 261 -10.39 35.19 39.89
C LEU B 261 -11.86 35.51 40.19
N LEU B 262 -12.72 35.34 39.19
CA LEU B 262 -14.15 35.54 39.37
C LEU B 262 -14.66 34.72 40.55
N GLY B 263 -14.20 33.48 40.64
CA GLY B 263 -14.57 32.65 41.78
C GLY B 263 -14.14 33.31 43.08
N ASN B 264 -12.89 33.76 43.13
CA ASN B 264 -12.35 34.41 44.31
C ASN B 264 -13.08 35.70 44.65
N LEU B 265 -13.43 36.47 43.63
CA LEU B 265 -14.30 37.62 43.80
C LEU B 265 -15.61 37.21 44.48
N ALA B 266 -16.24 36.17 43.96
CA ALA B 266 -17.53 35.72 44.48
C ALA B 266 -17.42 35.31 45.95
N ILE B 267 -16.28 34.73 46.33
CA ILE B 267 -16.09 34.33 47.71
C ILE B 267 -16.02 35.54 48.63
N THR B 268 -15.38 36.61 48.15
CA THR B 268 -15.27 37.82 48.96
C THR B 268 -16.63 38.49 49.11
N LEU B 269 -17.44 38.44 48.07
CA LEU B 269 -18.78 39.02 48.10
C LEU B 269 -19.78 38.15 48.85
N SER B 270 -19.33 36.98 49.31
CA SER B 270 -20.20 36.06 50.03
C SER B 270 -20.08 36.27 51.54
N LYS B 273 -18.30 33.66 54.24
CA LYS B 273 -17.18 32.99 53.60
C LYS B 273 -16.02 33.96 53.33
N GLU B 274 -14.82 33.52 53.68
CA GLU B 274 -13.62 34.31 53.45
C GLU B 274 -12.59 33.47 52.69
N LEU B 275 -11.76 34.14 51.89
CA LEU B 275 -10.73 33.46 51.12
C LEU B 275 -9.85 32.61 52.04
N GLN C 3 17.90 7.27 10.19
CA GLN C 3 19.26 7.74 9.83
C GLN C 3 19.50 9.17 10.30
N GLU C 4 18.60 10.08 9.90
CA GLU C 4 18.70 11.49 10.29
C GLU C 4 17.64 11.80 11.35
N LEU C 5 18.05 11.91 12.61
CA LEU C 5 17.10 12.08 13.71
C LEU C 5 17.10 13.50 14.31
N GLY C 6 18.25 14.16 14.28
CA GLY C 6 18.37 15.52 14.80
C GLY C 6 18.36 15.59 16.31
N ASN C 7 17.58 16.51 16.86
CA ASN C 7 17.52 16.68 18.31
C ASN C 7 16.40 15.85 18.91
N ALA C 8 16.64 14.54 19.00
CA ALA C 8 15.63 13.59 19.43
C ALA C 8 16.14 12.81 20.64
N ASN C 9 15.22 12.33 21.47
CA ASN C 9 15.58 11.55 22.65
C ASN C 9 16.29 10.27 22.24
N PHE C 10 17.09 9.72 23.15
CA PHE C 10 17.92 8.57 22.80
C PHE C 10 17.11 7.30 22.54
N GLU C 11 15.89 7.25 23.06
CA GLU C 11 15.00 6.13 22.79
C GLU C 11 14.90 5.88 21.28
N ASN C 12 14.83 6.96 20.51
CA ASN C 12 14.74 6.86 19.05
C ASN C 12 16.03 6.36 18.40
N PHE C 13 17.17 6.65 19.04
CA PHE C 13 18.46 6.19 18.53
C PHE C 13 18.62 4.70 18.78
N ILE C 14 18.26 4.25 19.97
CA ILE C 14 18.29 2.82 20.23
C ILE C 14 17.33 2.12 19.27
N GLY C 15 16.12 2.68 19.15
CA GLY C 15 15.07 2.06 18.37
C GLY C 15 15.38 1.96 16.89
N ALA C 16 16.16 2.92 16.39
CA ALA C 16 16.47 2.98 14.97
C ALA C 16 17.71 2.16 14.60
N THR C 17 18.56 1.87 15.58
CA THR C 17 19.80 1.16 15.30
C THR C 17 19.78 -0.30 15.75
N GLU C 18 19.67 -0.55 17.05
CA GLU C 18 19.61 -1.91 17.57
C GLU C 18 18.17 -2.42 17.60
N GLY C 19 17.22 -1.52 17.81
CA GLY C 19 15.83 -1.93 18.02
C GLY C 19 15.61 -2.41 19.45
N PHE C 20 14.36 -2.64 19.83
CA PHE C 20 14.02 -3.12 21.16
C PHE C 20 13.59 -4.59 21.13
N SER C 21 14.09 -5.37 22.08
CA SER C 21 13.62 -6.73 22.29
C SER C 21 12.16 -6.72 22.74
N GLU C 22 11.48 -7.87 22.66
CA GLU C 22 10.10 -7.98 23.12
C GLU C 22 9.97 -7.51 24.58
N ILE C 23 10.89 -7.95 25.43
CA ILE C 23 10.79 -7.60 26.84
C ILE C 23 10.95 -6.10 27.08
N ALA C 24 11.90 -5.48 26.41
CA ALA C 24 12.13 -4.04 26.58
C ALA C 24 10.94 -3.25 26.07
N TYR C 25 10.40 -3.65 24.93
CA TYR C 25 9.26 -2.94 24.33
C TYR C 25 7.99 -3.11 25.14
N GLN C 26 7.70 -4.35 25.54
CA GLN C 26 6.49 -4.67 26.29
C GLN C 26 6.54 -4.07 27.69
N PHE C 27 7.66 -4.25 28.38
CA PHE C 27 7.80 -3.67 29.71
C PHE C 27 7.50 -2.18 29.71
N THR C 28 8.16 -1.46 28.81
CA THR C 28 8.05 -0.01 28.76
C THR C 28 6.59 0.39 28.54
N SER C 29 5.92 -0.38 27.70
CA SER C 29 4.50 -0.16 27.44
C SER C 29 3.68 -0.48 28.69
N HIS C 30 4.02 -1.57 29.37
CA HIS C 30 3.30 -1.98 30.57
C HIS C 30 3.44 -0.95 31.70
N ILE C 31 4.66 -0.45 31.88
CA ILE C 31 4.94 0.48 32.97
C ILE C 31 4.27 1.83 32.70
N LEU C 32 4.19 2.20 31.44
CA LEU C 32 3.48 3.43 31.08
C LEU C 32 1.98 3.26 31.29
N THR C 33 1.49 2.05 31.04
CA THR C 33 0.06 1.77 31.20
C THR C 33 -0.32 1.70 32.69
N LEU C 34 0.52 1.07 33.50
CA LEU C 34 0.31 1.12 34.95
C LEU C 34 0.27 2.58 35.42
N GLY C 35 1.10 3.40 34.79
CA GLY C 35 1.21 4.81 35.15
C GLY C 35 -0.11 5.53 35.08
N TYR C 36 -0.72 5.55 33.89
CA TYR C 36 -1.97 6.29 33.74
C TYR C 36 -3.12 5.63 34.48
N ALA C 37 -3.04 4.31 34.66
CA ALA C 37 -4.05 3.58 35.43
C ALA C 37 -4.04 3.99 36.90
N VAL C 38 -2.85 4.18 37.47
CA VAL C 38 -2.74 4.57 38.87
C VAL C 38 -3.36 5.95 39.07
N MET C 39 -3.16 6.81 38.09
CA MET C 39 -3.59 8.20 38.19
C MET C 39 -5.10 8.33 38.16
N LEU C 40 -5.75 7.61 37.25
CA LEU C 40 -7.20 7.66 37.15
C LEU C 40 -7.84 7.02 38.38
N ALA C 41 -7.22 5.98 38.90
CA ALA C 41 -7.70 5.36 40.13
C ALA C 41 -7.54 6.35 41.28
N GLY C 42 -6.43 7.07 41.26
CA GLY C 42 -6.17 8.10 42.26
C GLY C 42 -7.18 9.22 42.17
N LEU C 43 -7.54 9.60 40.95
CA LEU C 43 -8.54 10.65 40.74
C LEU C 43 -9.80 10.33 41.54
N LEU C 44 -10.25 9.08 41.42
CA LEU C 44 -11.46 8.63 42.12
C LEU C 44 -11.29 8.66 43.63
N TYR C 45 -10.18 8.12 44.11
CA TYR C 45 -9.90 8.13 45.53
C TYR C 45 -10.00 9.55 46.09
N PHE C 46 -9.33 10.50 45.44
CA PHE C 46 -9.26 11.84 45.98
C PHE C 46 -10.61 12.53 45.92
N ILE C 47 -11.36 12.27 44.87
CA ILE C 47 -12.71 12.83 44.79
C ILE C 47 -13.61 12.22 45.87
N LEU C 48 -13.49 10.91 46.08
CA LEU C 48 -14.40 10.20 46.97
C LEU C 48 -14.08 10.40 48.45
N THR C 49 -12.88 10.90 48.75
CA THR C 49 -12.49 11.11 50.13
C THR C 49 -12.51 12.58 50.57
N ILE C 50 -12.94 13.47 49.69
CA ILE C 50 -12.98 14.89 50.02
C ILE C 50 -13.64 15.17 51.38
N LYS C 51 -14.81 14.59 51.62
CA LYS C 51 -15.59 14.89 52.82
C LYS C 51 -15.04 14.24 54.08
N ASN C 52 -13.90 13.55 53.98
CA ASN C 52 -13.30 12.96 55.17
C ASN C 52 -12.40 13.93 55.93
N VAL C 53 -12.34 15.19 55.47
CA VAL C 53 -11.59 16.21 56.17
C VAL C 53 -12.47 17.46 56.34
N ASP C 54 -12.09 18.34 57.26
CA ASP C 54 -12.81 19.60 57.46
C ASP C 54 -12.74 20.45 56.19
N LYS C 55 -13.76 21.29 56.01
CA LYS C 55 -13.91 22.10 54.80
C LYS C 55 -12.64 22.85 54.41
N LYS C 56 -11.92 23.34 55.39
CA LYS C 56 -10.76 24.20 55.14
C LYS C 56 -9.63 23.44 54.44
N PHE C 57 -9.63 22.12 54.60
CA PHE C 57 -8.55 21.29 54.07
C PHE C 57 -8.91 20.67 52.73
N GLN C 58 -10.17 20.79 52.32
CA GLN C 58 -10.66 20.06 51.16
C GLN C 58 -10.07 20.55 49.84
N MET C 59 -9.54 21.75 49.83
CA MET C 59 -8.92 22.29 48.64
C MET C 59 -7.73 21.41 48.25
N SER C 60 -7.14 20.74 49.23
CA SER C 60 -5.99 19.89 48.98
C SER C 60 -6.40 18.64 48.21
N ASN C 61 -7.56 18.09 48.56
CA ASN C 61 -8.14 17.00 47.79
C ASN C 61 -8.42 17.42 46.35
N ILE C 62 -9.06 18.57 46.21
CA ILE C 62 -9.43 19.08 44.90
C ILE C 62 -8.19 19.22 44.03
N LEU C 63 -7.11 19.73 44.63
CA LEU C 63 -5.86 19.93 43.91
C LEU C 63 -5.20 18.58 43.59
N SER C 64 -5.28 17.63 44.51
CA SER C 64 -4.80 16.28 44.22
C SER C 64 -5.54 15.70 43.02
N ALA C 65 -6.85 15.93 42.98
CA ALA C 65 -7.68 15.47 41.89
C ALA C 65 -7.29 16.16 40.58
N VAL C 66 -7.00 17.45 40.67
CA VAL C 66 -6.58 18.21 39.49
C VAL C 66 -5.31 17.61 38.91
N VAL C 67 -4.35 17.31 39.78
CA VAL C 67 -3.10 16.69 39.36
C VAL C 67 -3.34 15.30 38.73
N MET C 68 -4.30 14.54 39.26
CA MET C 68 -4.62 13.22 38.72
C MET C 68 -5.15 13.31 37.28
N VAL C 69 -6.05 14.24 37.02
CA VAL C 69 -6.62 14.36 35.69
C VAL C 69 -5.50 14.65 34.71
N SER C 70 -4.65 15.61 35.05
CA SER C 70 -3.55 16.03 34.20
C SER C 70 -2.58 14.88 33.96
N ALA C 71 -2.24 14.16 35.02
CA ALA C 71 -1.25 13.10 34.91
C ALA C 71 -1.82 11.90 34.14
N PHE C 72 -3.11 11.65 34.29
CA PHE C 72 -3.72 10.56 33.56
C PHE C 72 -3.64 10.86 32.07
N LEU C 73 -4.05 12.06 31.70
CA LEU C 73 -4.09 12.46 30.31
C LEU C 73 -2.72 12.38 29.64
N LEU C 74 -1.70 12.86 30.32
CA LEU C 74 -0.35 12.90 29.76
CA LEU C 74 -0.38 12.90 29.73
C LEU C 74 0.24 11.50 29.67
N LEU C 75 0.11 10.73 30.75
CA LEU C 75 0.65 9.38 30.76
C LEU C 75 -0.07 8.46 29.78
N TYR C 76 -1.36 8.72 29.57
CA TYR C 76 -2.11 7.96 28.57
C TYR C 76 -1.62 8.29 27.17
N ALA C 77 -1.41 9.58 26.89
CA ALA C 77 -0.94 10.01 25.58
C ALA C 77 0.45 9.45 25.30
N GLN C 78 1.28 9.50 26.33
CA GLN C 78 2.67 9.06 26.22
C GLN C 78 2.74 7.55 26.01
N ALA C 79 1.82 6.79 26.60
CA ALA C 79 1.73 5.35 26.37
C ALA C 79 1.41 5.04 24.90
N GLN C 80 0.49 5.81 24.32
CA GLN C 80 0.13 5.63 22.92
C GLN C 80 1.30 5.99 22.01
N ASN C 81 2.09 6.98 22.41
CA ASN C 81 3.21 7.40 21.61
C ASN C 81 4.32 6.36 21.62
N TRP C 82 4.46 5.66 22.76
CA TRP C 82 5.44 4.58 22.83
C TRP C 82 5.10 3.48 21.81
N THR C 83 3.85 3.05 21.84
CA THR C 83 3.42 1.93 21.00
C THR C 83 3.29 2.28 19.51
N SER C 84 3.17 3.55 19.18
CA SER C 84 3.11 3.93 17.76
C SER C 84 4.47 4.34 17.19
N SER C 85 5.44 4.60 18.07
CA SER C 85 6.77 5.00 17.61
C SER C 85 7.67 3.81 17.29
N PHE C 86 7.35 2.64 17.82
CA PHE C 86 8.16 1.44 17.57
C PHE C 86 7.32 0.26 17.11
N THR C 87 7.77 -0.37 16.04
CA THR C 87 6.98 -1.37 15.34
C THR C 87 7.78 -2.65 15.13
N PHE C 88 7.09 -3.78 15.24
CA PHE C 88 7.75 -5.07 15.18
C PHE C 88 8.31 -5.37 13.79
N ASN C 89 9.53 -5.85 13.75
CA ASN C 89 10.12 -6.37 12.52
C ASN C 89 10.18 -7.88 12.65
N GLU C 90 9.33 -8.57 11.89
CA GLU C 90 9.18 -10.02 12.05
C GLU C 90 10.40 -10.80 11.57
N GLU C 91 11.17 -10.21 10.65
CA GLU C 91 12.34 -10.88 10.13
C GLU C 91 13.46 -10.91 11.15
N VAL C 92 13.48 -9.90 12.01
CA VAL C 92 14.52 -9.76 13.03
C VAL C 92 14.00 -10.12 14.42
N GLY C 93 12.72 -9.88 14.67
CA GLY C 93 12.14 -10.14 15.99
C GLY C 93 12.39 -9.01 16.97
N ARG C 94 12.38 -7.78 16.49
CA ARG C 94 12.59 -6.63 17.35
C ARG C 94 11.77 -5.46 16.87
N TYR C 95 11.54 -4.51 17.79
CA TYR C 95 10.75 -3.32 17.47
C TYR C 95 11.70 -2.21 17.08
N PHE C 96 11.44 -1.60 15.92
CA PHE C 96 12.31 -0.54 15.41
C PHE C 96 11.51 0.74 15.24
N LEU C 97 12.23 1.85 15.15
CA LEU C 97 11.62 3.15 14.90
C LEU C 97 10.69 3.07 13.70
N ASP C 98 9.47 3.58 13.88
CA ASP C 98 8.48 3.64 12.82
C ASP C 98 8.17 5.11 12.56
N PRO C 99 8.73 5.68 11.48
CA PRO C 99 8.62 7.12 11.22
C PRO C 99 7.19 7.65 11.35
N SER C 100 6.25 6.98 10.70
CA SER C 100 4.88 7.46 10.60
C SER C 100 4.17 7.59 11.95
N GLY C 101 4.75 7.02 13.00
CA GLY C 101 4.19 7.14 14.33
C GLY C 101 4.75 8.32 15.09
N ASP C 102 5.63 9.10 14.45
CA ASP C 102 6.35 10.20 15.12
C ASP C 102 7.46 9.63 15.99
N LEU C 103 8.52 10.43 16.17
CA LEU C 103 9.56 10.08 17.11
C LEU C 103 9.03 10.14 18.53
N PHE C 104 9.60 9.33 19.40
CA PHE C 104 9.22 9.36 20.80
C PHE C 104 9.93 10.52 21.50
N ASN C 105 9.21 11.20 22.39
CA ASN C 105 9.78 12.34 23.10
C ASN C 105 9.18 12.45 24.50
N ASN C 106 10.04 12.63 25.49
CA ASN C 106 9.62 12.72 26.87
C ASN C 106 9.10 14.11 27.21
N GLY C 107 9.35 15.05 26.31
CA GLY C 107 8.99 16.45 26.51
C GLY C 107 7.51 16.66 26.79
N TYR C 108 6.68 15.75 26.30
CA TYR C 108 5.26 15.76 26.62
C TYR C 108 5.10 15.85 28.12
N ARG C 109 5.86 14.99 28.80
CA ARG C 109 5.85 14.89 30.25
C ARG C 109 6.30 16.19 30.92
N TYR C 110 7.34 16.81 30.35
CA TYR C 110 7.90 18.01 30.93
C TYR C 110 6.87 19.14 30.97
N LEU C 111 6.30 19.47 29.83
CA LEU C 111 5.30 20.53 29.76
C LEU C 111 4.09 20.22 30.64
N ASN C 112 3.81 18.94 30.85
CA ASN C 112 2.74 18.56 31.75
CA ASN C 112 2.76 18.52 31.76
C ASN C 112 3.05 18.98 33.18
N TRP C 113 4.33 19.10 33.50
CA TRP C 113 4.75 19.47 34.85
C TRP C 113 4.35 20.91 35.18
N LEU C 114 4.13 21.72 34.15
CA LEU C 114 3.70 23.09 34.36
C LEU C 114 2.34 23.13 35.04
N ILE C 115 1.65 22.00 35.04
CA ILE C 115 0.43 21.88 35.85
C ILE C 115 0.79 21.30 37.20
N ASP C 116 1.40 20.12 37.16
CA ASP C 116 1.58 19.31 38.35
C ASP C 116 2.46 20.00 39.38
N VAL C 117 3.62 20.51 38.94
CA VAL C 117 4.58 21.09 39.87
C VAL C 117 4.00 22.26 40.69
N PRO C 118 3.43 23.28 40.02
CA PRO C 118 2.79 24.39 40.73
C PRO C 118 1.65 23.94 41.64
N MET C 119 0.90 22.94 41.21
CA MET C 119 -0.24 22.47 42.00
C MET C 119 0.20 21.65 43.22
N LEU C 120 1.15 20.74 43.03
CA LEU C 120 1.65 19.91 44.13
C LEU C 120 2.25 20.77 45.23
N LEU C 121 3.02 21.78 44.83
CA LEU C 121 3.67 22.69 45.78
C LEU C 121 2.63 23.54 46.49
N PHE C 122 1.68 24.04 45.71
CA PHE C 122 0.62 24.89 46.20
C PHE C 122 -0.26 24.19 47.25
N GLN C 123 -0.58 22.92 47.03
CA GLN C 123 -1.64 22.26 47.81
C GLN C 123 -1.29 22.07 49.29
N ILE C 124 -0.03 21.80 49.59
CA ILE C 124 0.38 21.63 50.97
C ILE C 124 0.03 22.85 51.79
N LEU C 125 -0.11 24.00 51.13
CA LEU C 125 -0.44 25.25 51.81
C LEU C 125 -1.92 25.36 52.18
N PHE C 126 -2.72 24.34 51.85
CA PHE C 126 -4.12 24.36 52.26
C PHE C 126 -4.30 23.36 53.41
N VAL C 127 -3.21 22.71 53.79
CA VAL C 127 -3.23 21.76 54.89
C VAL C 127 -2.45 22.30 56.08
N VAL C 128 -1.21 22.72 55.86
CA VAL C 128 -0.39 23.28 56.94
C VAL C 128 -0.64 24.77 57.11
N SER C 129 -0.28 25.28 58.29
CA SER C 129 -0.30 26.72 58.54
C SER C 129 1.13 27.24 58.56
N LEU C 130 1.37 28.29 57.79
CA LEU C 130 2.64 28.99 57.84
C LEU C 130 2.69 29.78 59.14
N THR C 131 3.90 30.07 59.62
CA THR C 131 4.06 30.87 60.82
C THR C 131 4.50 32.29 60.45
N THR C 132 5.78 32.42 60.12
CA THR C 132 6.38 33.71 59.81
C THR C 132 6.31 34.10 58.33
N SER C 133 6.18 33.12 57.45
CA SER C 133 6.11 33.39 56.01
C SER C 133 4.70 33.75 55.57
N LYS C 134 4.61 34.40 54.42
CA LYS C 134 3.33 34.77 53.83
C LYS C 134 2.91 33.75 52.77
N PHE C 135 1.65 33.35 52.80
CA PHE C 135 1.09 32.45 51.81
C PHE C 135 1.50 32.83 50.39
N SER C 136 1.27 34.09 50.05
CA SER C 136 1.48 34.58 48.70
C SER C 136 2.95 34.49 48.26
N SER C 137 3.86 34.84 49.16
CA SER C 137 5.28 34.86 48.82
C SER C 137 5.80 33.45 48.56
N VAL C 138 5.41 32.51 49.43
CA VAL C 138 5.78 31.12 49.25
C VAL C 138 5.23 30.59 47.92
N ARG C 139 3.93 30.78 47.71
CA ARG C 139 3.27 30.35 46.48
C ARG C 139 4.00 30.88 45.25
N ASN C 140 4.33 32.17 45.28
CA ASN C 140 5.02 32.81 44.16
C ASN C 140 6.41 32.24 43.96
N GLN C 141 7.12 32.01 45.06
CA GLN C 141 8.45 31.43 44.98
C GLN C 141 8.35 30.04 44.34
N PHE C 142 7.37 29.25 44.79
CA PHE C 142 7.16 27.90 44.27
C PHE C 142 6.87 27.93 42.78
N TRP C 143 5.93 28.80 42.38
CA TRP C 143 5.49 28.85 41.00
C TRP C 143 6.57 29.36 40.05
N PHE C 144 7.29 30.41 40.43
CA PHE C 144 8.33 30.94 39.57
C PHE C 144 9.47 29.93 39.39
N SER C 145 9.99 29.42 40.49
CA SER C 145 11.10 28.47 40.39
C SER C 145 10.69 27.17 39.71
N GLY C 146 9.45 26.74 39.93
CA GLY C 146 8.94 25.54 39.28
C GLY C 146 8.96 25.70 37.78
N ALA C 147 8.33 26.77 37.30
CA ALA C 147 8.23 27.02 35.88
C ALA C 147 9.61 27.11 35.24
N MET C 148 10.54 27.78 35.90
CA MET C 148 11.88 27.91 35.35
C MET C 148 12.60 26.57 35.35
N MET C 149 12.38 25.77 36.38
CA MET C 149 12.97 24.45 36.45
C MET C 149 12.52 23.63 35.25
N ILE C 150 11.21 23.65 35.01
CA ILE C 150 10.61 22.85 33.95
C ILE C 150 11.11 23.30 32.57
N ILE C 151 10.95 24.58 32.29
CA ILE C 151 11.24 25.13 30.97
C ILE C 151 12.71 24.92 30.60
N THR C 152 13.60 25.04 31.57
CA THR C 152 15.02 24.89 31.28
C THR C 152 15.37 23.42 31.05
N GLY C 153 14.76 22.53 31.83
CA GLY C 153 14.94 21.09 31.63
C GLY C 153 14.36 20.61 30.31
N TYR C 154 13.19 21.14 29.97
CA TYR C 154 12.48 20.81 28.74
C TYR C 154 13.34 21.15 27.53
N ILE C 155 14.00 22.29 27.57
CA ILE C 155 14.90 22.67 26.50
C ILE C 155 16.09 21.71 26.47
N GLY C 156 16.65 21.44 27.64
CA GLY C 156 17.83 20.59 27.74
C GLY C 156 17.66 19.21 27.13
N GLN C 157 16.53 18.57 27.38
CA GLN C 157 16.34 17.16 26.98
C GLN C 157 16.27 16.96 25.47
N PHE C 158 15.90 18.00 24.73
CA PHE C 158 15.93 17.92 23.28
C PHE C 158 17.35 17.65 22.76
N TYR C 159 18.34 17.95 23.59
CA TYR C 159 19.75 17.83 23.19
C TYR C 159 20.48 16.67 23.86
N GLU C 160 19.74 15.78 24.52
CA GLU C 160 20.38 14.71 25.29
C GLU C 160 21.30 13.85 24.44
N VAL C 161 21.09 13.85 23.12
CA VAL C 161 21.96 13.09 22.22
C VAL C 161 22.74 14.01 21.28
N SER C 162 22.09 15.02 20.72
CA SER C 162 22.68 15.85 19.67
C SER C 162 23.66 16.91 20.17
N ASN C 163 23.64 17.20 21.46
CA ASN C 163 24.52 18.23 22.01
C ASN C 163 24.68 18.07 23.52
N LEU C 164 25.60 17.20 23.91
CA LEU C 164 25.81 16.88 25.32
C LEU C 164 26.05 18.14 26.13
N THR C 165 26.68 19.14 25.52
CA THR C 165 27.05 20.34 26.24
C THR C 165 25.81 21.11 26.68
N ALA C 166 24.91 21.38 25.74
CA ALA C 166 23.68 22.10 26.05
C ALA C 166 22.80 21.28 27.02
N PHE C 167 22.81 19.96 26.86
CA PHE C 167 22.06 19.05 27.71
C PHE C 167 22.44 19.27 29.18
N LEU C 168 23.73 19.28 29.46
CA LEU C 168 24.21 19.44 30.84
C LEU C 168 24.11 20.88 31.34
N VAL C 169 24.37 21.84 30.47
CA VAL C 169 24.30 23.25 30.86
C VAL C 169 22.88 23.61 31.27
N TRP C 170 21.92 23.32 30.39
CA TRP C 170 20.50 23.58 30.67
C TRP C 170 20.00 22.78 31.87
N GLY C 171 20.53 21.57 32.03
CA GLY C 171 20.17 20.72 33.17
C GLY C 171 20.70 21.28 34.48
N ALA C 172 21.92 21.82 34.43
CA ALA C 172 22.55 22.43 35.59
C ALA C 172 21.74 23.64 36.04
N ILE C 173 21.37 24.48 35.09
CA ILE C 173 20.54 25.63 35.37
C ILE C 173 19.25 25.21 36.05
N SER C 174 18.61 24.20 35.48
CA SER C 174 17.36 23.65 36.01
C SER C 174 17.53 23.22 37.45
N SER C 175 18.64 22.53 37.73
CA SER C 175 18.94 22.03 39.06
C SER C 175 19.09 23.15 40.09
N ALA C 176 19.58 24.30 39.65
CA ALA C 176 19.68 25.46 40.52
C ALA C 176 18.31 25.81 41.06
N PHE C 177 17.32 25.87 40.18
CA PHE C 177 15.95 26.21 40.59
C PHE C 177 15.35 25.08 41.43
N PHE C 178 15.79 23.87 41.17
CA PHE C 178 15.31 22.71 41.92
C PHE C 178 15.74 22.84 43.39
N PHE C 179 17.03 23.10 43.62
CA PHE C 179 17.51 23.26 44.99
C PHE C 179 16.71 24.35 45.70
N HIS C 180 16.48 25.45 45.01
CA HIS C 180 15.69 26.53 45.59
C HIS C 180 14.34 26.02 46.07
N ILE C 181 13.67 25.21 45.25
CA ILE C 181 12.36 24.68 45.62
C ILE C 181 12.47 23.82 46.87
N LEU C 182 13.52 23.01 46.93
CA LEU C 182 13.77 22.15 48.08
C LEU C 182 13.92 23.02 49.32
N TRP C 183 14.64 24.12 49.16
CA TRP C 183 14.89 25.06 50.25
C TRP C 183 13.57 25.65 50.77
N VAL C 184 12.69 26.05 49.86
CA VAL C 184 11.44 26.65 50.25
C VAL C 184 10.52 25.63 50.88
N MET C 185 10.47 24.43 50.31
CA MET C 185 9.58 23.38 50.84
C MET C 185 9.99 22.98 52.26
N LYS C 186 11.29 22.89 52.49
CA LYS C 186 11.80 22.56 53.82
C LYS C 186 11.35 23.59 54.86
N LYS C 187 11.36 24.86 54.47
CA LYS C 187 10.91 25.92 55.36
C LYS C 187 9.41 25.78 55.61
N VAL C 188 8.66 25.45 54.58
CA VAL C 188 7.21 25.27 54.69
C VAL C 188 6.87 24.13 55.64
N ILE C 189 7.66 23.07 55.58
CA ILE C 189 7.42 21.89 56.38
C ILE C 189 7.77 22.14 57.84
N ASN C 190 8.85 22.88 58.07
CA ASN C 190 9.24 23.27 59.41
C ASN C 190 8.17 24.13 60.06
N GLU C 191 7.68 25.13 59.34
CA GLU C 191 6.64 26.00 59.88
C GLU C 191 5.34 25.26 60.10
N GLY C 192 5.04 24.31 59.21
CA GLY C 192 3.82 23.50 59.31
C GLY C 192 3.81 22.59 60.53
N LYS C 193 4.99 22.17 60.96
CA LYS C 193 5.12 21.36 62.17
C LYS C 193 4.77 22.16 63.43
N GLU C 194 4.99 23.47 63.39
CA GLU C 194 4.72 24.33 64.53
C GLU C 194 3.25 24.25 64.96
N GLY C 195 3.03 23.91 66.22
CA GLY C 195 1.70 23.98 66.80
C GLY C 195 0.78 22.80 66.51
N ILE C 196 1.29 21.77 65.86
CA ILE C 196 0.46 20.58 65.59
C ILE C 196 0.90 19.34 66.38
N SER C 197 -0.02 18.43 66.60
CA SER C 197 0.26 17.20 67.33
C SER C 197 1.47 16.49 66.75
N PRO C 198 2.23 15.78 67.60
CA PRO C 198 3.37 15.00 67.15
C PRO C 198 3.03 14.05 66.01
N ALA C 199 1.84 13.45 66.06
CA ALA C 199 1.40 12.57 64.98
C ALA C 199 1.47 13.33 63.66
N GLY C 200 0.90 14.53 63.66
CA GLY C 200 0.93 15.40 62.49
C GLY C 200 2.34 15.74 62.08
N GLN C 201 3.22 15.96 63.06
CA GLN C 201 4.62 16.29 62.78
C GLN C 201 5.30 15.13 62.08
N LYS C 202 4.99 13.93 62.53
CA LYS C 202 5.56 12.72 61.97
C LYS C 202 5.18 12.58 60.49
N ILE C 203 3.92 12.81 60.18
CA ILE C 203 3.46 12.69 58.80
C ILE C 203 4.21 13.69 57.93
N LEU C 204 4.35 14.91 58.44
CA LEU C 204 5.06 15.95 57.69
C LEU C 204 6.51 15.53 57.44
N SER C 205 7.12 14.88 58.41
CA SER C 205 8.50 14.42 58.25
C SER C 205 8.56 13.40 57.11
N ASN C 206 7.59 12.50 57.07
CA ASN C 206 7.52 11.52 56.00
C ASN C 206 7.32 12.20 54.65
N ILE C 207 6.42 13.17 54.62
CA ILE C 207 6.17 13.92 53.39
C ILE C 207 7.46 14.53 52.87
N TRP C 208 8.29 15.05 53.77
CA TRP C 208 9.55 15.65 53.38
C TRP C 208 10.50 14.65 52.75
N ILE C 209 10.60 13.47 53.35
CA ILE C 209 11.49 12.44 52.82
C ILE C 209 10.97 11.96 51.48
N LEU C 210 9.66 11.74 51.41
CA LEU C 210 9.00 11.33 50.18
C LEU C 210 9.23 12.35 49.07
N PHE C 211 9.05 13.62 49.42
CA PHE C 211 9.23 14.72 48.49
C PHE C 211 10.68 14.77 47.99
N LEU C 212 11.61 14.76 48.93
CA LEU C 212 13.03 14.85 48.60
C LEU C 212 13.43 13.74 47.63
N ILE C 213 13.05 12.50 47.97
CA ILE C 213 13.39 11.34 47.16
C ILE C 213 12.65 11.31 45.81
N SER C 214 11.33 11.41 45.84
CA SER C 214 10.54 11.28 44.62
C SER C 214 10.90 12.37 43.60
N TRP C 215 11.11 13.60 44.06
CA TRP C 215 11.42 14.69 43.12
C TRP C 215 12.82 14.55 42.54
N THR C 216 13.74 14.03 43.34
CA THR C 216 15.11 13.87 42.86
C THR C 216 15.21 12.78 41.80
N LEU C 217 14.20 11.90 41.74
CA LEU C 217 14.21 10.84 40.74
C LEU C 217 14.15 11.43 39.33
N TYR C 218 13.54 12.59 39.19
CA TYR C 218 13.35 13.18 37.87
C TYR C 218 14.67 13.60 37.20
N PRO C 219 15.54 14.31 37.92
CA PRO C 219 16.88 14.58 37.37
C PRO C 219 17.62 13.28 37.06
N GLY C 220 17.34 12.23 37.83
CA GLY C 220 17.93 10.93 37.55
C GLY C 220 17.48 10.37 36.22
N ALA C 221 16.20 10.55 35.91
CA ALA C 221 15.65 10.07 34.65
C ALA C 221 16.24 10.87 33.48
N TYR C 222 16.41 12.16 33.73
CA TYR C 222 17.02 13.05 32.76
C TYR C 222 18.39 12.49 32.32
N LEU C 223 19.22 12.14 33.30
CA LEU C 223 20.60 11.70 33.04
C LEU C 223 20.74 10.22 32.70
N MET C 224 19.66 9.46 32.84
CA MET C 224 19.71 7.99 32.81
C MET C 224 20.64 7.35 31.76
N PRO C 225 20.51 7.75 30.50
CA PRO C 225 21.35 7.16 29.46
C PRO C 225 22.85 7.31 29.69
N TYR C 226 23.26 8.27 30.51
CA TYR C 226 24.69 8.54 30.73
C TYR C 226 25.17 8.20 32.14
N LEU C 227 24.30 7.68 32.98
CA LEU C 227 24.67 7.37 34.36
C LEU C 227 25.77 6.32 34.44
N THR C 228 25.99 5.58 33.35
CA THR C 228 27.06 4.58 33.32
C THR C 228 28.09 4.93 32.26
N GLY C 229 28.22 6.20 31.95
CA GLY C 229 29.15 6.64 30.91
C GLY C 229 28.71 6.23 29.52
N ASP C 231 29.25 5.37 26.36
CA ASP C 231 28.73 4.13 25.80
C ASP C 231 28.69 3.05 26.89
N GLY C 232 27.93 3.31 27.95
CA GLY C 232 27.83 2.37 29.06
C GLY C 232 26.58 1.52 29.05
N PHE C 233 26.46 0.69 30.08
CA PHE C 233 25.34 -0.23 30.24
C PHE C 233 23.98 0.40 29.94
N LEU C 234 23.74 1.60 30.48
CA LEU C 234 22.42 2.23 30.39
C LEU C 234 22.16 2.93 29.07
N TYR C 235 23.20 3.11 28.26
CA TYR C 235 23.00 3.62 26.90
C TYR C 235 22.58 2.43 26.03
N SER C 236 21.31 2.07 26.12
CA SER C 236 20.82 0.82 25.58
C SER C 236 19.34 0.71 25.88
N GLU C 237 18.72 -0.39 25.47
CA GLU C 237 17.31 -0.58 25.75
C GLU C 237 17.06 -0.69 27.27
N ASP C 238 18.08 -1.10 28.01
CA ASP C 238 17.98 -1.19 29.46
C ASP C 238 17.81 0.20 30.08
N GLY C 239 18.58 1.16 29.60
CA GLY C 239 18.46 2.54 30.04
C GLY C 239 17.12 3.13 29.64
N VAL C 240 16.64 2.75 28.47
CA VAL C 240 15.30 3.15 28.03
C VAL C 240 14.25 2.62 29.03
N MET C 241 14.38 1.36 29.41
CA MET C 241 13.44 0.74 30.35
C MET C 241 13.55 1.44 31.69
N ALA C 242 14.78 1.59 32.16
CA ALA C 242 15.05 2.16 33.46
C ALA C 242 14.46 3.56 33.58
N ARG C 243 14.61 4.35 32.53
CA ARG C 243 14.13 5.73 32.56
C ARG C 243 12.62 5.81 32.81
N GLN C 244 11.85 5.02 32.06
CA GLN C 244 10.40 5.10 32.17
C GLN C 244 9.92 4.47 33.46
N LEU C 245 10.67 3.46 33.94
CA LEU C 245 10.35 2.90 35.24
C LEU C 245 10.52 3.95 36.34
N VAL C 246 11.62 4.71 36.27
CA VAL C 246 11.88 5.75 37.26
C VAL C 246 10.84 6.87 37.19
N TYR C 247 10.42 7.26 35.99
CA TYR C 247 9.37 8.26 35.86
C TYR C 247 8.09 7.78 36.54
N THR C 248 7.77 6.51 36.35
CA THR C 248 6.51 5.95 36.85
C THR C 248 6.52 5.85 38.37
N ILE C 249 7.62 5.33 38.91
CA ILE C 249 7.82 5.31 40.34
C ILE C 249 7.72 6.72 40.90
N ALA C 250 8.39 7.66 40.26
CA ALA C 250 8.41 9.05 40.68
C ALA C 250 7.01 9.70 40.62
N ASP C 251 6.30 9.47 39.53
CA ASP C 251 4.97 10.06 39.37
C ASP C 251 3.99 9.54 40.43
N VAL C 252 4.07 8.25 40.72
CA VAL C 252 3.18 7.63 41.68
C VAL C 252 3.46 8.18 43.08
N SER C 253 4.74 8.25 43.42
CA SER C 253 5.18 8.73 44.71
C SER C 253 4.88 10.21 44.89
N SER C 254 5.28 11.02 43.91
CA SER C 254 5.27 12.47 44.05
C SER C 254 3.87 13.10 44.03
N VAL C 256 0.49 10.65 43.89
CA VAL C 256 -0.52 9.85 44.59
C VAL C 256 -0.20 9.68 46.07
N ILE C 257 0.98 9.18 46.38
CA ILE C 257 1.32 8.91 47.78
C ILE C 257 1.46 10.23 48.55
N TYR C 258 2.09 11.21 47.92
CA TYR C 258 2.15 12.57 48.44
C TYR C 258 0.74 13.03 48.78
N GLY C 259 -0.17 12.89 47.82
CA GLY C 259 -1.56 13.28 48.00
C GLY C 259 -2.24 12.54 49.14
N VAL C 260 -1.92 11.26 49.29
CA VAL C 260 -2.51 10.46 50.35
C VAL C 260 -2.03 10.89 51.74
N LEU C 261 -0.74 11.16 51.88
CA LEU C 261 -0.18 11.62 53.15
C LEU C 261 -0.76 12.98 53.57
N LEU C 262 -0.92 13.88 52.60
CA LEU C 262 -1.54 15.16 52.89
C LEU C 262 -2.97 14.96 53.38
N GLY C 263 -3.68 14.03 52.78
CA GLY C 263 -5.03 13.73 53.23
C GLY C 263 -5.02 13.22 54.66
N ASN C 264 -4.05 12.38 54.96
CA ASN C 264 -3.93 11.82 56.30
C ASN C 264 -3.59 12.91 57.31
N LEU C 265 -2.69 13.81 56.90
CA LEU C 265 -2.35 14.96 57.73
C LEU C 265 -3.57 15.81 57.97
N ALA C 266 -4.36 16.05 56.93
CA ALA C 266 -5.59 16.82 57.05
C ALA C 266 -6.56 16.17 58.03
N ILE C 267 -6.63 14.84 58.03
CA ILE C 267 -7.54 14.14 58.92
C ILE C 267 -7.12 14.33 60.37
N THR C 268 -5.82 14.20 60.64
CA THR C 268 -5.30 14.35 61.99
C THR C 268 -5.57 15.76 62.51
N LEU C 269 -5.44 16.75 61.62
CA LEU C 269 -5.67 18.15 61.99
C LEU C 269 -7.16 18.48 62.04
N SER C 270 -7.99 17.64 61.43
CA SER C 270 -9.43 17.87 61.43
C SER C 270 -10.01 17.60 62.81
N LYS C 271 -10.88 18.49 63.27
CA LYS C 271 -11.52 18.36 64.57
C LYS C 271 -12.67 17.38 64.50
N LYS C 273 -12.00 14.45 63.63
CA LYS C 273 -11.80 13.26 62.83
C LYS C 273 -10.47 12.58 63.15
N GLU C 274 -10.47 11.24 63.09
CA GLU C 274 -9.26 10.45 63.34
C GLU C 274 -8.98 9.55 62.13
N LEU C 275 -7.73 9.12 61.99
CA LEU C 275 -7.34 8.24 60.90
C LEU C 275 -8.04 6.89 61.02
N GLU D 4 11.07 -15.56 14.17
CA GLU D 4 11.81 -15.00 15.33
C GLU D 4 10.86 -14.19 16.21
N LEU D 5 10.30 -14.83 17.22
CA LEU D 5 9.37 -14.15 18.12
C LEU D 5 10.03 -13.81 19.46
N GLY D 6 10.99 -14.62 19.87
CA GLY D 6 11.74 -14.37 21.09
C GLY D 6 11.00 -14.73 22.37
N ASN D 7 11.14 -13.88 23.39
CA ASN D 7 10.50 -14.11 24.68
C ASN D 7 9.06 -13.62 24.67
N ALA D 8 8.24 -14.29 23.88
CA ALA D 8 6.88 -13.86 23.65
C ALA D 8 5.91 -14.90 24.17
N ASN D 9 4.67 -14.47 24.44
CA ASN D 9 3.64 -15.35 24.96
C ASN D 9 3.19 -16.34 23.89
N PHE D 10 2.72 -17.52 24.31
CA PHE D 10 2.43 -18.59 23.37
C PHE D 10 1.32 -18.24 22.38
N GLU D 11 0.48 -17.26 22.72
CA GLU D 11 -0.59 -16.83 21.84
C GLU D 11 -0.04 -16.47 20.46
N ASN D 12 1.10 -15.79 20.45
CA ASN D 12 1.69 -15.34 19.20
C ASN D 12 2.23 -16.49 18.35
N PHE D 13 2.72 -17.53 19.01
CA PHE D 13 3.23 -18.71 18.31
C PHE D 13 2.11 -19.46 17.64
N ILE D 14 0.99 -19.62 18.33
CA ILE D 14 -0.19 -20.24 17.72
C ILE D 14 -0.67 -19.37 16.58
N GLY D 15 -0.75 -18.07 16.84
CA GLY D 15 -1.24 -17.11 15.86
C GLY D 15 -0.35 -16.99 14.64
N ALA D 16 0.93 -17.26 14.81
CA ALA D 16 1.90 -17.12 13.73
C ALA D 16 2.01 -18.37 12.86
N THR D 17 1.56 -19.50 13.37
CA THR D 17 1.74 -20.76 12.66
C THR D 17 0.40 -21.31 12.16
N GLU D 18 -0.46 -21.71 13.09
CA GLU D 18 -1.74 -22.33 12.77
C GLU D 18 -2.81 -21.28 12.51
N GLY D 19 -2.71 -20.16 13.20
CA GLY D 19 -3.75 -19.12 13.11
C GLY D 19 -4.93 -19.46 14.00
N PHE D 20 -5.88 -18.54 14.12
CA PHE D 20 -7.06 -18.75 14.95
C PHE D 20 -8.30 -18.88 14.10
N SER D 21 -9.15 -19.83 14.45
CA SER D 21 -10.43 -19.98 13.77
C SER D 21 -11.33 -18.81 14.13
N GLU D 22 -12.42 -18.65 13.39
CA GLU D 22 -13.37 -17.59 13.67
C GLU D 22 -13.83 -17.67 15.14
N ILE D 23 -14.12 -18.88 15.62
CA ILE D 23 -14.66 -19.04 16.96
C ILE D 23 -13.61 -18.68 18.02
N ALA D 24 -12.40 -19.18 17.84
CA ALA D 24 -11.33 -18.89 18.78
C ALA D 24 -11.10 -17.39 18.86
N TYR D 25 -11.01 -16.74 17.71
CA TYR D 25 -10.70 -15.32 17.65
C TYR D 25 -11.84 -14.47 18.18
N GLN D 26 -13.06 -14.80 17.77
CA GLN D 26 -14.25 -14.04 18.19
C GLN D 26 -14.49 -14.20 19.70
N PHE D 27 -14.49 -15.44 20.17
CA PHE D 27 -14.71 -15.69 21.58
C PHE D 27 -13.73 -14.91 22.44
N THR D 28 -12.45 -15.00 22.11
CA THR D 28 -11.41 -14.37 22.91
C THR D 28 -11.65 -12.87 22.99
N SER D 29 -12.02 -12.27 21.86
CA SER D 29 -12.35 -10.86 21.80
C SER D 29 -13.59 -10.55 22.64
N HIS D 30 -14.59 -11.42 22.57
CA HIS D 30 -15.83 -11.21 23.29
C HIS D 30 -15.64 -11.29 24.80
N ILE D 31 -14.83 -12.24 25.25
CA ILE D 31 -14.65 -12.48 26.67
C ILE D 31 -13.83 -11.35 27.30
N LEU D 32 -12.87 -10.82 26.55
CA LEU D 32 -12.12 -9.66 27.00
C LEU D 32 -13.04 -8.43 27.10
N THR D 33 -14.03 -8.37 26.21
CA THR D 33 -14.95 -7.24 26.17
C THR D 33 -15.98 -7.31 27.31
N LEU D 34 -16.52 -8.50 27.55
CA LEU D 34 -17.36 -8.71 28.70
C LEU D 34 -16.61 -8.23 29.95
N GLY D 35 -15.35 -8.64 30.06
CA GLY D 35 -14.53 -8.34 31.21
C GLY D 35 -14.43 -6.86 31.52
N TYR D 36 -14.13 -6.04 30.53
CA TYR D 36 -13.98 -4.62 30.82
C TYR D 36 -15.32 -3.95 31.04
N ALA D 37 -16.38 -4.53 30.47
CA ALA D 37 -17.73 -3.99 30.65
C ALA D 37 -18.24 -4.24 32.06
N VAL D 38 -17.96 -5.42 32.59
CA VAL D 38 -18.28 -5.74 33.96
C VAL D 38 -17.59 -4.78 34.92
N MET D 39 -16.31 -4.51 34.68
CA MET D 39 -15.53 -3.63 35.55
C MET D 39 -16.11 -2.21 35.59
N LEU D 40 -16.50 -1.68 34.44
CA LEU D 40 -17.04 -0.33 34.42
C LEU D 40 -18.41 -0.30 35.07
N ALA D 41 -19.18 -1.36 34.84
CA ALA D 41 -20.48 -1.49 35.47
C ALA D 41 -20.31 -1.56 36.99
N GLY D 42 -19.32 -2.33 37.42
CA GLY D 42 -19.01 -2.47 38.84
C GLY D 42 -18.57 -1.17 39.48
N LEU D 43 -17.82 -0.38 38.74
CA LEU D 43 -17.38 0.93 39.22
C LEU D 43 -18.59 1.77 39.60
N LEU D 44 -19.61 1.73 38.75
CA LEU D 44 -20.84 2.46 39.02
C LEU D 44 -21.54 1.89 40.27
N TYR D 45 -21.64 0.56 40.35
CA TYR D 45 -22.26 -0.08 41.49
C TYR D 45 -21.64 0.33 42.83
N PHE D 46 -20.30 0.24 42.93
CA PHE D 46 -19.61 0.49 44.19
C PHE D 46 -19.67 1.95 44.61
N ILE D 47 -19.68 2.85 43.63
CA ILE D 47 -19.81 4.26 43.91
C ILE D 47 -21.21 4.56 44.43
N LEU D 48 -22.22 4.00 43.77
CA LEU D 48 -23.61 4.28 44.10
C LEU D 48 -24.06 3.67 45.42
N THR D 49 -23.35 2.65 45.90
CA THR D 49 -23.75 1.99 47.16
C THR D 49 -22.91 2.39 48.36
N ILE D 50 -22.03 3.36 48.20
CA ILE D 50 -21.17 3.79 49.31
C ILE D 50 -21.98 4.08 50.57
N LYS D 51 -23.13 4.74 50.41
CA LYS D 51 -23.87 5.24 51.56
C LYS D 51 -24.75 4.19 52.18
N ASN D 52 -24.59 2.94 51.79
CA ASN D 52 -25.40 1.86 52.34
C ASN D 52 -24.75 1.24 53.56
N VAL D 53 -23.53 1.68 53.87
CA VAL D 53 -22.81 1.19 55.03
C VAL D 53 -22.37 2.36 55.91
N ASP D 54 -22.07 2.07 57.17
CA ASP D 54 -21.60 3.11 58.09
C ASP D 54 -20.31 3.73 57.59
N LYS D 55 -20.14 5.01 57.87
CA LYS D 55 -18.99 5.77 57.41
C LYS D 55 -17.68 4.99 57.48
N LYS D 56 -17.48 4.27 58.58
CA LYS D 56 -16.20 3.58 58.82
C LYS D 56 -15.94 2.45 57.83
N PHE D 57 -16.99 1.98 57.15
CA PHE D 57 -16.84 0.90 56.20
C PHE D 57 -16.70 1.41 54.76
N GLN D 58 -17.01 2.68 54.53
CA GLN D 58 -17.08 3.22 53.17
C GLN D 58 -15.76 3.18 52.42
N MET D 59 -14.65 3.17 53.14
CA MET D 59 -13.35 3.05 52.49
C MET D 59 -13.27 1.77 51.66
N SER D 60 -13.94 0.72 52.11
CA SER D 60 -13.93 -0.53 51.36
C SER D 60 -14.63 -0.37 50.01
N ASN D 61 -15.73 0.36 49.97
CA ASN D 61 -16.39 0.69 48.71
C ASN D 61 -15.46 1.49 47.80
N ILE D 62 -14.78 2.46 48.40
CA ILE D 62 -13.91 3.33 47.65
C ILE D 62 -12.77 2.52 47.02
N LEU D 63 -12.23 1.57 47.78
CA LEU D 63 -11.14 0.75 47.28
C LEU D 63 -11.63 -0.22 46.22
N SER D 64 -12.87 -0.68 46.32
CA SER D 64 -13.46 -1.47 45.24
C SER D 64 -13.52 -0.62 43.98
N ALA D 65 -13.97 0.63 44.12
CA ALA D 65 -14.06 1.54 42.97
C ALA D 65 -12.69 1.73 42.34
N VAL D 66 -11.69 1.94 43.18
CA VAL D 66 -10.33 2.11 42.72
C VAL D 66 -9.88 0.93 41.86
N VAL D 67 -10.13 -0.28 42.37
CA VAL D 67 -9.78 -1.50 41.65
C VAL D 67 -10.53 -1.59 40.30
N MET D 68 -11.80 -1.21 40.29
CA MET D 68 -12.59 -1.24 39.07
C MET D 68 -11.98 -0.33 38.00
N VAL D 69 -11.59 0.87 38.40
CA VAL D 69 -11.00 1.81 37.43
C VAL D 69 -9.80 1.14 36.80
N SER D 70 -8.94 0.56 37.64
CA SER D 70 -7.76 -0.13 37.19
C SER D 70 -8.12 -1.28 36.24
N ALA D 71 -9.03 -2.16 36.67
CA ALA D 71 -9.33 -3.35 35.89
C ALA D 71 -9.99 -2.98 34.57
N PHE D 72 -10.88 -2.00 34.60
CA PHE D 72 -11.52 -1.54 33.39
C PHE D 72 -10.49 -1.10 32.34
N LEU D 73 -9.57 -0.22 32.73
CA LEU D 73 -8.61 0.33 31.79
C LEU D 73 -7.76 -0.75 31.16
N LEU D 74 -7.32 -1.69 31.98
CA LEU D 74 -6.41 -2.71 31.51
C LEU D 74 -7.11 -3.70 30.59
N LEU D 75 -8.29 -4.16 31.00
CA LEU D 75 -9.03 -5.10 30.19
C LEU D 75 -9.45 -4.44 28.89
N TYR D 76 -9.77 -3.16 28.94
CA TYR D 76 -10.11 -2.43 27.73
C TYR D 76 -8.91 -2.39 26.79
N ALA D 77 -7.75 -2.04 27.34
CA ALA D 77 -6.53 -2.03 26.56
C ALA D 77 -6.24 -3.41 25.97
N GLN D 78 -6.41 -4.44 26.79
CA GLN D 78 -6.04 -5.80 26.37
C GLN D 78 -6.99 -6.32 25.29
N ALA D 79 -8.25 -5.88 25.35
CA ALA D 79 -9.22 -6.19 24.34
C ALA D 79 -8.74 -5.66 22.99
N GLN D 80 -8.31 -4.40 22.97
CA GLN D 80 -7.83 -3.78 21.73
C GLN D 80 -6.52 -4.41 21.27
N ASN D 81 -5.65 -4.75 22.23
CA ASN D 81 -4.40 -5.44 21.91
C ASN D 81 -4.65 -6.78 21.21
N TRP D 82 -5.67 -7.50 21.64
CA TRP D 82 -6.03 -8.78 21.02
C TRP D 82 -6.45 -8.60 19.57
N THR D 83 -7.37 -7.66 19.34
CA THR D 83 -7.92 -7.50 18.00
C THR D 83 -6.94 -6.84 17.04
N SER D 84 -5.96 -6.12 17.56
CA SER D 84 -4.97 -5.51 16.67
C SER D 84 -3.83 -6.49 16.35
N SER D 85 -3.62 -7.47 17.23
CA SER D 85 -2.51 -8.40 17.05
C SER D 85 -2.80 -9.53 16.06
N PHE D 86 -4.07 -9.83 15.82
CA PHE D 86 -4.42 -10.90 14.90
C PHE D 86 -5.40 -10.45 13.84
N THR D 87 -5.08 -10.76 12.59
CA THR D 87 -5.81 -10.25 11.45
C THR D 87 -6.28 -11.36 10.54
N PHE D 88 -7.44 -11.16 9.93
CA PHE D 88 -8.08 -12.19 9.14
C PHE D 88 -7.39 -12.39 7.81
N ASN D 89 -7.20 -13.66 7.45
CA ASN D 89 -6.67 -14.04 6.15
C ASN D 89 -7.80 -14.64 5.34
N GLU D 90 -8.19 -13.96 4.26
CA GLU D 90 -9.40 -14.35 3.51
C GLU D 90 -9.25 -15.66 2.76
N GLU D 91 -8.03 -15.99 2.33
CA GLU D 91 -7.78 -17.20 1.57
C GLU D 91 -7.93 -18.48 2.39
N VAL D 92 -7.63 -18.43 3.68
CA VAL D 92 -7.77 -19.65 4.50
C VAL D 92 -8.85 -19.52 5.56
N GLY D 93 -9.31 -18.30 5.80
CA GLY D 93 -10.40 -18.04 6.74
C GLY D 93 -9.96 -18.19 8.19
N ARG D 94 -8.76 -17.72 8.51
CA ARG D 94 -8.28 -17.74 9.88
C ARG D 94 -7.53 -16.45 10.18
N TYR D 95 -7.45 -16.12 11.47
CA TYR D 95 -6.76 -14.92 11.92
C TYR D 95 -5.34 -15.27 12.29
N PHE D 96 -4.38 -14.56 11.70
CA PHE D 96 -2.96 -14.84 11.93
C PHE D 96 -2.28 -13.66 12.59
N LEU D 97 -1.12 -13.91 13.17
CA LEU D 97 -0.34 -12.86 13.81
C LEU D 97 -0.07 -11.73 12.84
N ASP D 98 -0.35 -10.52 13.28
CA ASP D 98 -0.15 -9.33 12.47
C ASP D 98 0.86 -8.43 13.20
N PRO D 99 2.14 -8.52 12.83
CA PRO D 99 3.21 -7.91 13.60
C PRO D 99 3.00 -6.41 13.83
N SER D 100 2.47 -5.74 12.82
CA SER D 100 2.26 -4.30 12.89
C SER D 100 1.40 -3.92 14.10
N GLY D 101 0.57 -4.84 14.56
CA GLY D 101 -0.26 -4.61 15.74
C GLY D 101 0.46 -4.86 17.05
N ASP D 102 1.72 -5.29 16.97
CA ASP D 102 2.49 -5.69 18.14
C ASP D 102 2.17 -7.12 18.53
N LEU D 103 3.13 -7.80 19.14
CA LEU D 103 2.88 -9.11 19.72
C LEU D 103 1.94 -8.95 20.89
N PHE D 104 1.08 -9.95 21.10
CA PHE D 104 0.15 -9.92 22.20
C PHE D 104 0.90 -10.36 23.45
N ASN D 105 0.64 -9.70 24.57
CA ASN D 105 1.32 -10.04 25.81
C ASN D 105 0.40 -9.88 27.00
N ASN D 106 0.38 -10.89 27.85
CA ASN D 106 -0.45 -10.88 29.05
C ASN D 106 0.14 -10.05 30.17
N GLY D 107 1.40 -9.67 29.99
CA GLY D 107 2.14 -8.94 31.01
C GLY D 107 1.47 -7.65 31.43
N TYR D 108 0.63 -7.10 30.55
CA TYR D 108 -0.15 -5.91 30.88
C TYR D 108 -0.90 -6.14 32.18
N ARG D 109 -1.61 -7.27 32.26
CA ARG D 109 -2.36 -7.63 33.46
C ARG D 109 -1.48 -7.56 34.70
N TYR D 110 -0.31 -8.19 34.58
CA TYR D 110 0.52 -8.41 35.74
C TYR D 110 0.87 -7.10 36.44
N LEU D 111 1.44 -6.16 35.71
CA LEU D 111 1.86 -4.90 36.30
C LEU D 111 0.68 -4.17 36.91
N ASN D 112 -0.50 -4.32 36.31
CA ASN D 112 -1.69 -3.69 36.87
C ASN D 112 -2.17 -4.36 38.15
N TRP D 113 -1.77 -5.61 38.38
CA TRP D 113 -2.08 -6.28 39.63
C TRP D 113 -1.35 -5.59 40.78
N LEU D 114 -0.37 -4.75 40.44
CA LEU D 114 0.34 -4.00 41.46
C LEU D 114 -0.60 -2.98 42.10
N ILE D 115 -1.71 -2.69 41.43
CA ILE D 115 -2.76 -1.89 42.05
C ILE D 115 -3.80 -2.81 42.68
N ASP D 116 -4.37 -3.70 41.88
CA ASP D 116 -5.49 -4.54 42.30
C ASP D 116 -5.18 -5.36 43.54
N VAL D 117 -4.13 -6.17 43.46
CA VAL D 117 -3.82 -7.10 44.53
C VAL D 117 -3.65 -6.38 45.89
N PRO D 118 -2.80 -5.35 45.95
CA PRO D 118 -2.64 -4.69 47.24
C PRO D 118 -3.93 -4.05 47.76
N MET D 119 -4.74 -3.51 46.86
CA MET D 119 -5.98 -2.85 47.27
C MET D 119 -7.04 -3.85 47.72
N LEU D 120 -7.10 -4.99 47.04
CA LEU D 120 -8.07 -6.05 47.38
C LEU D 120 -7.76 -6.66 48.75
N LEU D 121 -6.48 -6.92 48.99
CA LEU D 121 -6.04 -7.46 50.27
C LEU D 121 -6.25 -6.44 51.37
N PHE D 122 -5.97 -5.19 51.04
CA PHE D 122 -6.05 -4.08 51.99
C PHE D 122 -7.49 -3.83 52.44
N GLN D 123 -8.42 -3.86 51.50
CA GLN D 123 -9.76 -3.36 51.78
C GLN D 123 -10.53 -4.21 52.80
N ILE D 124 -10.21 -5.49 52.89
CA ILE D 124 -10.93 -6.32 53.85
C ILE D 124 -10.67 -5.82 55.28
N LEU D 125 -9.53 -5.17 55.49
CA LEU D 125 -9.16 -4.70 56.82
C LEU D 125 -9.96 -3.48 57.26
N PHE D 126 -10.73 -2.90 56.35
CA PHE D 126 -11.61 -1.79 56.70
C PHE D 126 -13.03 -2.28 56.96
N VAL D 127 -13.23 -3.59 56.86
CA VAL D 127 -14.56 -4.16 57.08
C VAL D 127 -14.56 -5.07 58.32
N VAL D 128 -13.68 -6.05 58.37
CA VAL D 128 -13.60 -6.91 59.54
C VAL D 128 -12.76 -6.25 60.63
N SER D 129 -12.87 -6.78 61.84
CA SER D 129 -11.98 -6.38 62.93
C SER D 129 -11.03 -7.51 63.22
N LEU D 130 -9.75 -7.18 63.30
CA LEU D 130 -8.77 -8.17 63.73
C LEU D 130 -8.95 -8.36 65.24
N THR D 131 -8.33 -9.41 65.77
CA THR D 131 -8.36 -9.65 67.21
C THR D 131 -6.94 -9.57 67.76
N THR D 132 -6.17 -10.63 67.54
CA THR D 132 -4.81 -10.72 68.05
C THR D 132 -3.76 -10.18 67.07
N SER D 133 -4.13 -10.03 65.80
CA SER D 133 -3.21 -9.50 64.79
C SER D 133 -3.27 -7.98 64.73
N LYS D 134 -2.24 -7.37 64.15
CA LYS D 134 -2.18 -5.91 64.00
C LYS D 134 -2.46 -5.49 62.55
N PHE D 135 -3.27 -4.46 62.40
CA PHE D 135 -3.66 -3.93 61.10
C PHE D 135 -2.44 -3.67 60.21
N SER D 136 -1.47 -2.93 60.73
CA SER D 136 -0.30 -2.57 59.95
C SER D 136 0.55 -3.79 59.58
N SER D 137 0.62 -4.77 60.46
CA SER D 137 1.44 -5.95 60.19
C SER D 137 0.82 -6.79 59.07
N VAL D 138 -0.50 -6.95 59.13
CA VAL D 138 -1.20 -7.71 58.11
C VAL D 138 -1.10 -6.98 56.78
N ARG D 139 -1.27 -5.66 56.82
CA ARG D 139 -1.17 -4.84 55.62
C ARG D 139 0.20 -4.98 54.95
N ASN D 140 1.26 -4.79 55.73
CA ASN D 140 2.62 -4.90 55.23
C ASN D 140 2.92 -6.27 54.63
N GLN D 141 2.51 -7.31 55.36
CA GLN D 141 2.67 -8.67 54.89
C GLN D 141 1.99 -8.83 53.54
N PHE D 142 0.72 -8.44 53.47
CA PHE D 142 -0.01 -8.51 52.22
C PHE D 142 0.72 -7.78 51.11
N TRP D 143 1.11 -6.53 51.38
CA TRP D 143 1.68 -5.67 50.34
C TRP D 143 3.03 -6.17 49.83
N PHE D 144 3.91 -6.58 50.73
CA PHE D 144 5.21 -7.10 50.33
C PHE D 144 5.08 -8.40 49.55
N SER D 145 4.35 -9.35 50.10
CA SER D 145 4.21 -10.65 49.44
C SER D 145 3.51 -10.50 48.09
N GLY D 146 2.49 -9.63 48.05
CA GLY D 146 1.78 -9.33 46.81
C GLY D 146 2.71 -8.81 45.71
N ALA D 147 3.53 -7.81 46.04
CA ALA D 147 4.47 -7.26 45.08
C ALA D 147 5.44 -8.31 44.60
N MET D 148 5.95 -9.12 45.53
CA MET D 148 6.96 -10.10 45.20
C MET D 148 6.34 -11.20 44.33
N MET D 149 5.10 -11.55 44.64
CA MET D 149 4.40 -12.57 43.88
C MET D 149 4.23 -12.12 42.44
N ILE D 150 3.78 -10.88 42.28
CA ILE D 150 3.46 -10.34 40.96
C ILE D 150 4.71 -10.12 40.10
N ILE D 151 5.74 -9.56 40.70
CA ILE D 151 6.94 -9.23 39.96
C ILE D 151 7.62 -10.49 39.45
N THR D 152 7.70 -11.52 40.29
CA THR D 152 8.38 -12.75 39.92
C THR D 152 7.62 -13.46 38.80
N GLY D 153 6.30 -13.44 38.88
CA GLY D 153 5.47 -14.07 37.85
C GLY D 153 5.52 -13.28 36.55
N TYR D 154 5.59 -11.95 36.69
CA TYR D 154 5.69 -11.07 35.55
C TYR D 154 6.92 -11.45 34.75
N ILE D 155 8.01 -11.68 35.46
CA ILE D 155 9.27 -12.01 34.83
C ILE D 155 9.15 -13.36 34.15
N GLY D 156 8.59 -14.33 34.89
CA GLY D 156 8.50 -15.70 34.41
C GLY D 156 7.72 -15.85 33.13
N GLN D 157 6.59 -15.16 33.01
CA GLN D 157 5.70 -15.35 31.87
C GLN D 157 6.33 -14.95 30.55
N PHE D 158 7.33 -14.08 30.58
CA PHE D 158 8.03 -13.69 29.33
C PHE D 158 8.73 -14.89 28.69
N TYR D 159 8.97 -15.93 29.50
CA TYR D 159 9.74 -17.08 29.04
C TYR D 159 8.86 -18.31 28.88
N GLU D 160 7.55 -18.13 28.87
CA GLU D 160 6.65 -19.28 28.85
C GLU D 160 6.88 -20.20 27.64
N VAL D 161 7.44 -19.66 26.56
CA VAL D 161 7.81 -20.48 25.41
C VAL D 161 9.33 -20.57 25.25
N SER D 162 10.03 -19.46 25.43
CA SER D 162 11.45 -19.38 25.10
C SER D 162 12.35 -20.09 26.08
N ASN D 163 11.89 -20.25 27.32
CA ASN D 163 12.69 -20.90 28.35
C ASN D 163 11.81 -21.49 29.46
N LEU D 164 11.43 -22.75 29.26
CA LEU D 164 10.48 -23.41 30.14
C LEU D 164 10.98 -23.48 31.58
N THR D 165 12.29 -23.68 31.73
CA THR D 165 12.87 -23.83 33.05
C THR D 165 12.75 -22.53 33.84
N ALA D 166 13.06 -21.41 33.19
CA ALA D 166 12.94 -20.11 33.84
C ALA D 166 11.47 -19.86 34.19
N PHE D 167 10.60 -20.12 33.22
CA PHE D 167 9.16 -20.03 33.41
C PHE D 167 8.69 -20.75 34.67
N LEU D 168 9.21 -21.96 34.90
CA LEU D 168 8.80 -22.76 36.05
C LEU D 168 9.42 -22.29 37.36
N VAL D 169 10.70 -21.93 37.29
CA VAL D 169 11.41 -21.49 38.49
C VAL D 169 10.78 -20.21 39.05
N TRP D 170 10.56 -19.23 38.18
CA TRP D 170 9.98 -17.96 38.63
C TRP D 170 8.53 -18.17 39.12
N GLY D 171 7.82 -19.07 38.45
CA GLY D 171 6.45 -19.40 38.87
C GLY D 171 6.41 -20.04 40.24
N ALA D 172 7.40 -20.89 40.51
CA ALA D 172 7.50 -21.57 41.80
C ALA D 172 7.75 -20.55 42.91
N ILE D 173 8.70 -19.65 42.66
CA ILE D 173 9.02 -18.59 43.62
C ILE D 173 7.81 -17.70 43.87
N SER D 174 7.11 -17.37 42.81
CA SER D 174 5.89 -16.57 42.90
C SER D 174 4.83 -17.30 43.73
N SER D 175 4.73 -18.61 43.55
CA SER D 175 3.76 -19.42 44.27
C SER D 175 3.99 -19.38 45.78
N ALA D 176 5.25 -19.34 46.18
CA ALA D 176 5.60 -19.29 47.59
C ALA D 176 4.96 -18.06 48.23
N PHE D 177 5.15 -16.90 47.62
CA PHE D 177 4.52 -15.68 48.11
C PHE D 177 2.99 -15.80 48.11
N PHE D 178 2.45 -16.40 47.05
CA PHE D 178 1.02 -16.69 46.98
C PHE D 178 0.53 -17.45 48.21
N PHE D 179 1.23 -18.54 48.54
CA PHE D 179 0.85 -19.37 49.68
C PHE D 179 0.88 -18.58 50.98
N HIS D 180 1.89 -17.72 51.14
CA HIS D 180 1.94 -16.85 52.29
C HIS D 180 0.70 -15.96 52.35
N ILE D 181 0.31 -15.40 51.21
CA ILE D 181 -0.87 -14.53 51.17
C ILE D 181 -2.11 -15.30 51.59
N LEU D 182 -2.26 -16.52 51.08
CA LEU D 182 -3.38 -17.39 51.47
C LEU D 182 -3.38 -17.61 52.98
N TRP D 183 -2.21 -17.84 53.54
CA TRP D 183 -2.05 -18.08 54.98
C TRP D 183 -2.55 -16.88 55.78
N VAL D 184 -2.11 -15.69 55.40
CA VAL D 184 -2.50 -14.49 56.13
C VAL D 184 -3.99 -14.20 55.98
N MET D 185 -4.50 -14.29 54.75
CA MET D 185 -5.90 -14.01 54.50
C MET D 185 -6.81 -14.92 55.31
N LYS D 186 -6.43 -16.18 55.46
CA LYS D 186 -7.22 -17.14 56.23
C LYS D 186 -7.25 -16.76 57.72
N LYS D 187 -6.11 -16.28 58.20
CA LYS D 187 -6.00 -15.80 59.58
C LYS D 187 -6.90 -14.58 59.76
N VAL D 188 -6.89 -13.70 58.76
CA VAL D 188 -7.70 -12.49 58.81
C VAL D 188 -9.19 -12.82 58.82
N ILE D 189 -9.57 -13.76 57.96
CA ILE D 189 -10.96 -14.20 57.86
C ILE D 189 -11.44 -14.76 59.19
N ASN D 190 -10.62 -15.62 59.79
CA ASN D 190 -10.95 -16.26 61.06
C ASN D 190 -11.11 -15.25 62.18
N GLU D 191 -10.17 -14.30 62.25
CA GLU D 191 -10.24 -13.23 63.25
C GLU D 191 -11.48 -12.36 63.05
N GLY D 192 -11.81 -12.09 61.79
CA GLY D 192 -12.97 -11.25 61.49
C GLY D 192 -14.28 -11.92 61.83
N LYS D 193 -14.25 -13.23 62.00
CA LYS D 193 -15.45 -13.99 62.38
C LYS D 193 -15.76 -13.81 63.86
N GLU D 194 -14.72 -13.65 64.67
CA GLU D 194 -14.88 -13.59 66.12
C GLU D 194 -15.73 -12.41 66.57
N GLY D 195 -16.89 -12.69 67.14
CA GLY D 195 -17.71 -11.67 67.77
C GLY D 195 -18.77 -11.03 66.90
N ILE D 196 -19.03 -11.61 65.74
CA ILE D 196 -20.06 -11.05 64.86
C ILE D 196 -21.19 -12.05 64.64
N SER D 197 -22.30 -11.58 64.08
CA SER D 197 -23.49 -12.40 63.92
C SER D 197 -23.25 -13.53 62.92
N PRO D 198 -24.00 -14.62 63.05
CA PRO D 198 -23.86 -15.77 62.16
C PRO D 198 -24.07 -15.40 60.70
N ALA D 199 -24.90 -14.41 60.42
CA ALA D 199 -25.07 -13.94 59.06
C ALA D 199 -23.74 -13.42 58.54
N GLY D 200 -23.06 -12.62 59.35
CA GLY D 200 -21.77 -12.07 58.97
C GLY D 200 -20.70 -13.14 58.79
N GLN D 201 -20.72 -14.13 59.67
CA GLN D 201 -19.74 -15.22 59.61
C GLN D 201 -19.92 -16.04 58.33
N LYS D 202 -21.18 -16.20 57.93
CA LYS D 202 -21.52 -17.00 56.75
C LYS D 202 -20.97 -16.35 55.48
N ILE D 203 -21.13 -15.04 55.40
CA ILE D 203 -20.57 -14.27 54.30
C ILE D 203 -19.06 -14.42 54.25
N LEU D 204 -18.39 -14.20 55.38
CA LEU D 204 -16.94 -14.32 55.47
C LEU D 204 -16.45 -15.70 55.03
N SER D 205 -17.24 -16.73 55.29
CA SER D 205 -16.91 -18.08 54.85
C SER D 205 -16.98 -18.16 53.33
N ASN D 206 -18.03 -17.58 52.77
CA ASN D 206 -18.17 -17.50 51.32
C ASN D 206 -17.03 -16.69 50.74
N ILE D 207 -16.66 -15.62 51.42
CA ILE D 207 -15.57 -14.76 50.95
C ILE D 207 -14.29 -15.57 50.86
N TRP D 208 -14.06 -16.40 51.85
CA TRP D 208 -12.87 -17.24 51.87
C TRP D 208 -12.85 -18.25 50.71
N ILE D 209 -13.95 -18.94 50.49
CA ILE D 209 -14.03 -19.89 49.40
C ILE D 209 -13.82 -19.17 48.07
N LEU D 210 -14.52 -18.05 47.91
CA LEU D 210 -14.38 -17.22 46.72
C LEU D 210 -12.93 -16.77 46.51
N PHE D 211 -12.34 -16.20 47.54
CA PHE D 211 -10.95 -15.76 47.51
C PHE D 211 -10.00 -16.89 47.09
N LEU D 212 -10.15 -18.04 47.73
CA LEU D 212 -9.25 -19.18 47.48
C LEU D 212 -9.32 -19.67 46.03
N ILE D 213 -10.53 -19.88 45.54
CA ILE D 213 -10.73 -20.37 44.19
C ILE D 213 -10.30 -19.34 43.15
N SER D 214 -10.83 -18.12 43.27
CA SER D 214 -10.59 -17.09 42.26
C SER D 214 -9.11 -16.75 42.12
N TRP D 215 -8.40 -16.60 43.24
CA TRP D 215 -6.99 -16.25 43.21
C TRP D 215 -6.15 -17.37 42.61
N THR D 216 -6.54 -18.61 42.90
CA THR D 216 -5.82 -19.77 42.42
C THR D 216 -5.98 -19.93 40.91
N LEU D 217 -7.04 -19.32 40.37
CA LEU D 217 -7.25 -19.35 38.93
C LEU D 217 -6.13 -18.64 38.16
N TYR D 218 -5.45 -17.70 38.81
CA TYR D 218 -4.43 -16.92 38.13
C TYR D 218 -3.18 -17.75 37.78
N PRO D 219 -2.69 -18.55 38.75
CA PRO D 219 -1.61 -19.48 38.42
C PRO D 219 -2.08 -20.56 37.44
N GLY D 220 -3.38 -20.85 37.45
CA GLY D 220 -3.98 -21.73 36.45
C GLY D 220 -3.81 -21.13 35.05
N ALA D 221 -4.12 -19.84 34.92
CA ALA D 221 -3.94 -19.14 33.65
C ALA D 221 -2.46 -19.09 33.24
N TYR D 222 -1.59 -18.86 34.20
CA TYR D 222 -0.16 -18.88 33.96
C TYR D 222 0.28 -20.18 33.27
N LEU D 223 -0.12 -21.31 33.85
CA LEU D 223 0.32 -22.64 33.39
C LEU D 223 -0.46 -23.16 32.18
N MET D 224 -1.56 -22.50 31.85
CA MET D 224 -2.58 -23.06 30.95
C MET D 224 -2.07 -23.78 29.69
N PRO D 225 -1.13 -23.16 28.96
CA PRO D 225 -0.64 -23.78 27.74
C PRO D 225 -0.07 -25.17 27.95
N TYR D 226 0.39 -25.46 29.16
CA TYR D 226 1.10 -26.68 29.45
C TYR D 226 0.32 -27.61 30.36
N LEU D 227 -0.91 -27.24 30.69
CA LEU D 227 -1.68 -27.99 31.66
C LEU D 227 -2.07 -29.36 31.13
N THR D 228 -1.97 -29.57 29.82
CA THR D 228 -2.18 -30.87 29.24
C THR D 228 -0.88 -31.36 28.64
N GLY D 229 0.23 -30.98 29.28
CA GLY D 229 1.54 -31.27 28.74
C GLY D 229 1.79 -30.52 27.44
N ASP D 231 2.91 -31.05 24.27
CA ASP D 231 2.16 -30.55 23.13
C ASP D 231 0.75 -31.12 23.17
N GLY D 232 0.01 -30.75 24.21
CA GLY D 232 -1.33 -31.26 24.42
C GLY D 232 -2.43 -30.42 23.81
N PHE D 233 -3.65 -30.78 24.15
CA PHE D 233 -4.85 -30.15 23.63
C PHE D 233 -4.86 -28.64 23.88
N LEU D 234 -4.34 -28.21 25.03
CA LEU D 234 -4.39 -26.81 25.41
C LEU D 234 -3.31 -25.97 24.74
N TYR D 235 -2.28 -26.62 24.20
CA TYR D 235 -1.24 -25.87 23.50
C TYR D 235 -1.74 -25.59 22.09
N SER D 236 -2.69 -24.68 22.00
CA SER D 236 -3.42 -24.47 20.77
C SER D 236 -4.38 -23.31 20.97
N GLU D 237 -5.18 -23.02 19.96
CA GLU D 237 -6.16 -21.96 20.07
C GLU D 237 -7.13 -22.24 21.22
N ASP D 238 -7.26 -23.50 21.61
CA ASP D 238 -8.17 -23.88 22.70
C ASP D 238 -7.63 -23.39 24.03
N GLY D 239 -6.33 -23.50 24.21
CA GLY D 239 -5.68 -22.98 25.40
C GLY D 239 -5.63 -21.46 25.42
N VAL D 240 -5.60 -20.85 24.24
CA VAL D 240 -5.66 -19.39 24.16
C VAL D 240 -7.01 -18.92 24.67
N MET D 241 -8.08 -19.56 24.21
CA MET D 241 -9.44 -19.20 24.64
C MET D 241 -9.62 -19.42 26.13
N ALA D 242 -9.10 -20.56 26.62
CA ALA D 242 -9.29 -20.95 28.01
C ALA D 242 -8.56 -20.01 28.96
N ARG D 243 -7.34 -19.65 28.61
CA ARG D 243 -6.57 -18.76 29.45
C ARG D 243 -7.28 -17.42 29.66
N GLN D 244 -7.89 -16.88 28.60
CA GLN D 244 -8.56 -15.58 28.70
C GLN D 244 -9.92 -15.74 29.38
N LEU D 245 -10.57 -16.88 29.15
CA LEU D 245 -11.81 -17.18 29.85
C LEU D 245 -11.53 -17.29 31.34
N VAL D 246 -10.46 -17.99 31.70
CA VAL D 246 -10.08 -18.15 33.10
C VAL D 246 -9.73 -16.79 33.75
N TYR D 247 -8.96 -15.97 33.05
CA TYR D 247 -8.61 -14.64 33.56
C TYR D 247 -9.86 -13.82 33.82
N THR D 248 -10.84 -13.92 32.94
CA THR D 248 -12.04 -13.10 33.06
C THR D 248 -12.93 -13.60 34.19
N ILE D 249 -13.04 -14.91 34.33
CA ILE D 249 -13.80 -15.46 35.44
C ILE D 249 -13.14 -15.03 36.75
N ALA D 250 -11.82 -15.15 36.79
CA ALA D 250 -11.04 -14.77 37.97
C ALA D 250 -11.21 -13.28 38.30
N ASP D 251 -11.09 -12.43 37.29
CA ASP D 251 -11.22 -11.00 37.47
C ASP D 251 -12.56 -10.63 38.07
N VAL D 252 -13.64 -11.10 37.45
CA VAL D 252 -14.98 -10.77 37.94
C VAL D 252 -15.18 -11.28 39.36
N SER D 253 -14.66 -12.47 39.64
CA SER D 253 -14.81 -13.09 40.96
C SER D 253 -13.93 -12.44 42.03
N SER D 254 -12.66 -12.20 41.70
CA SER D 254 -11.68 -11.71 42.68
C SER D 254 -11.85 -10.25 43.06
N VAL D 256 -15.07 -8.07 41.59
CA VAL D 256 -16.45 -7.61 41.71
C VAL D 256 -17.21 -8.37 42.79
N ILE D 257 -17.30 -9.68 42.64
CA ILE D 257 -18.04 -10.50 43.58
C ILE D 257 -17.48 -10.36 44.99
N TYR D 258 -16.15 -10.42 45.09
CA TYR D 258 -15.45 -10.13 46.34
C TYR D 258 -15.91 -8.81 46.93
N GLY D 259 -15.90 -7.75 46.12
CA GLY D 259 -16.29 -6.43 46.58
C GLY D 259 -17.74 -6.38 47.02
N VAL D 260 -18.61 -7.08 46.29
CA VAL D 260 -20.02 -7.09 46.61
C VAL D 260 -20.26 -7.78 47.95
N LEU D 261 -19.50 -8.83 48.22
CA LEU D 261 -19.66 -9.60 49.44
C LEU D 261 -19.16 -8.83 50.65
N LEU D 262 -18.04 -8.13 50.48
CA LEU D 262 -17.52 -7.28 51.55
C LEU D 262 -18.51 -6.16 51.90
N GLY D 263 -19.20 -5.65 50.88
CA GLY D 263 -20.20 -4.60 51.08
C GLY D 263 -21.38 -5.12 51.86
N ASN D 264 -21.81 -6.34 51.53
CA ASN D 264 -22.88 -7.01 52.25
C ASN D 264 -22.48 -7.27 53.71
N LEU D 265 -21.24 -7.69 53.92
CA LEU D 265 -20.74 -7.91 55.26
C LEU D 265 -20.74 -6.60 56.05
N ALA D 266 -20.42 -5.50 55.36
CA ALA D 266 -20.35 -4.21 56.00
C ALA D 266 -21.75 -3.77 56.41
N ILE D 267 -22.75 -4.13 55.61
CA ILE D 267 -24.13 -3.81 55.95
C ILE D 267 -24.58 -4.56 57.21
N THR D 268 -24.31 -5.86 57.27
CA THR D 268 -24.61 -6.63 58.48
C THR D 268 -23.89 -6.03 59.70
N LEU D 269 -22.67 -5.53 59.52
CA LEU D 269 -21.92 -4.95 60.62
C LEU D 269 -22.32 -3.50 60.95
N SER D 270 -23.10 -2.87 60.07
CA SER D 270 -23.57 -1.50 60.32
C SER D 270 -24.78 -1.50 61.24
N LYS D 271 -24.77 -0.62 62.23
CA LYS D 271 -25.87 -0.50 63.19
C LYS D 271 -26.90 0.53 62.73
N LYS D 273 -28.96 -0.53 59.35
CA LYS D 273 -28.86 -1.01 57.97
C LYS D 273 -28.99 -2.54 57.91
N GLU D 274 -29.91 -3.03 57.08
CA GLU D 274 -30.20 -4.46 56.99
C GLU D 274 -30.13 -4.97 55.56
N LEU D 275 -29.80 -6.25 55.40
CA LEU D 275 -29.66 -6.87 54.08
C LEU D 275 -31.02 -7.25 53.48
N VAL D 276 -31.36 -6.62 52.36
CA VAL D 276 -32.62 -6.89 51.66
C VAL D 276 -32.67 -8.33 51.17
N GLN E 3 -14.02 -17.37 -1.12
CA GLN E 3 -14.43 -16.87 0.23
C GLN E 3 -14.60 -18.03 1.21
N GLU E 4 -13.60 -18.23 2.07
CA GLU E 4 -13.71 -19.19 3.16
C GLU E 4 -13.98 -18.46 4.46
N LEU E 5 -15.22 -18.56 4.94
CA LEU E 5 -15.66 -17.83 6.12
C LEU E 5 -15.82 -18.75 7.33
N GLY E 6 -16.10 -20.02 7.07
CA GLY E 6 -16.22 -21.01 8.13
C GLY E 6 -17.43 -20.74 9.01
N ASN E 7 -17.22 -20.82 10.32
CA ASN E 7 -18.31 -20.63 11.28
C ASN E 7 -18.59 -19.15 11.59
N ALA E 8 -19.18 -18.48 10.61
CA ALA E 8 -19.39 -17.05 10.66
C ALA E 8 -20.87 -16.72 10.53
N ASN E 9 -21.27 -15.56 11.05
CA ASN E 9 -22.65 -15.10 10.95
C ASN E 9 -23.02 -14.81 9.50
N PHE E 10 -24.31 -14.91 9.19
CA PHE E 10 -24.75 -14.82 7.80
C PHE E 10 -24.63 -13.40 7.23
N GLU E 11 -24.47 -12.41 8.09
CA GLU E 11 -24.19 -11.04 7.64
C GLU E 11 -22.95 -11.03 6.74
N ASN E 12 -21.96 -11.84 7.11
CA ASN E 12 -20.69 -11.89 6.36
C ASN E 12 -20.83 -12.57 5.00
N PHE E 13 -21.73 -13.54 4.90
CA PHE E 13 -21.98 -14.23 3.64
C PHE E 13 -22.71 -13.33 2.66
N ILE E 14 -23.69 -12.58 3.15
CA ILE E 14 -24.37 -11.62 2.31
C ILE E 14 -23.35 -10.57 1.84
N GLY E 15 -22.57 -10.04 2.77
CA GLY E 15 -21.58 -9.00 2.47
C GLY E 15 -20.44 -9.47 1.58
N ALA E 16 -20.15 -10.77 1.62
CA ALA E 16 -19.08 -11.32 0.80
C ALA E 16 -19.57 -11.73 -0.60
N THR E 17 -20.88 -11.87 -0.76
CA THR E 17 -21.43 -12.32 -2.04
C THR E 17 -22.15 -11.18 -2.74
N GLU E 18 -23.37 -10.87 -2.31
CA GLU E 18 -24.14 -9.78 -2.92
C GLU E 18 -23.62 -8.40 -2.53
N GLY E 19 -23.21 -8.25 -1.28
CA GLY E 19 -22.88 -6.94 -0.75
C GLY E 19 -24.12 -6.22 -0.25
N PHE E 20 -23.93 -5.10 0.45
CA PHE E 20 -25.04 -4.35 1.01
C PHE E 20 -25.28 -3.06 0.24
N SER E 21 -26.54 -2.80 -0.10
CA SER E 21 -26.91 -1.53 -0.68
C SER E 21 -26.65 -0.40 0.31
N GLU E 22 -26.67 0.83 -0.18
CA GLU E 22 -26.42 2.00 0.66
C GLU E 22 -27.46 2.06 1.80
N ILE E 23 -28.70 1.77 1.48
CA ILE E 23 -29.76 1.81 2.48
C ILE E 23 -29.57 0.73 3.54
N ALA E 24 -29.22 -0.47 3.12
CA ALA E 24 -29.09 -1.59 4.06
C ALA E 24 -27.91 -1.35 5.00
N TYR E 25 -26.79 -0.90 4.43
CA TYR E 25 -25.60 -0.67 5.23
C TYR E 25 -25.78 0.52 6.17
N GLN E 26 -26.35 1.60 5.66
CA GLN E 26 -26.55 2.80 6.46
C GLN E 26 -27.59 2.58 7.55
N PHE E 27 -28.73 1.99 7.19
CA PHE E 27 -29.78 1.76 8.19
C PHE E 27 -29.26 0.92 9.35
N THR E 28 -28.56 -0.16 9.01
CA THR E 28 -28.06 -1.07 10.03
C THR E 28 -27.13 -0.31 10.96
N SER E 29 -26.37 0.61 10.39
CA SER E 29 -25.44 1.41 11.16
C SER E 29 -26.17 2.42 12.04
N HIS E 30 -27.19 3.06 11.48
CA HIS E 30 -27.97 4.02 12.25
C HIS E 30 -28.67 3.35 13.41
N ILE E 31 -29.21 2.15 13.17
CA ILE E 31 -30.00 1.46 14.19
C ILE E 31 -29.11 0.98 15.33
N LEU E 32 -27.91 0.49 15.01
CA LEU E 32 -26.93 0.11 16.03
C LEU E 32 -26.47 1.32 16.81
N THR E 33 -26.37 2.46 16.12
CA THR E 33 -25.94 3.71 16.73
C THR E 33 -27.00 4.28 17.68
N LEU E 34 -28.26 4.22 17.26
CA LEU E 34 -29.38 4.58 18.11
C LEU E 34 -29.39 3.69 19.34
N GLY E 35 -29.07 2.41 19.13
CA GLY E 35 -29.01 1.45 20.22
C GLY E 35 -28.15 1.92 21.38
N TYR E 36 -26.89 2.24 21.10
CA TYR E 36 -25.96 2.58 22.19
C TYR E 36 -26.23 3.98 22.75
N ALA E 37 -26.75 4.88 21.92
CA ALA E 37 -27.15 6.20 22.39
C ALA E 37 -28.29 6.11 23.42
N VAL E 38 -29.26 5.26 23.15
CA VAL E 38 -30.36 5.06 24.09
C VAL E 38 -29.82 4.59 25.44
N MET E 39 -28.90 3.64 25.43
CA MET E 39 -28.35 3.09 26.68
C MET E 39 -27.62 4.16 27.51
N LEU E 40 -26.81 4.99 26.87
CA LEU E 40 -26.08 6.01 27.62
C LEU E 40 -27.04 7.07 28.14
N ALA E 41 -28.05 7.38 27.33
CA ALA E 41 -29.10 8.31 27.75
C ALA E 41 -29.83 7.71 28.95
N GLY E 42 -30.23 6.45 28.83
CA GLY E 42 -30.86 5.74 29.92
C GLY E 42 -30.02 5.71 31.18
N LEU E 43 -28.71 5.53 31.02
CA LEU E 43 -27.82 5.52 32.16
C LEU E 43 -28.05 6.77 33.00
N LEU E 44 -28.01 7.92 32.34
CA LEU E 44 -28.18 9.19 33.00
C LEU E 44 -29.53 9.25 33.73
N TYR E 45 -30.59 8.85 33.02
CA TYR E 45 -31.91 8.88 33.60
C TYR E 45 -32.00 8.09 34.91
N PHE E 46 -31.44 6.89 34.91
CA PHE E 46 -31.59 6.00 36.04
C PHE E 46 -30.79 6.49 37.23
N ILE E 47 -29.64 7.10 36.94
CA ILE E 47 -28.78 7.62 38.02
C ILE E 47 -29.45 8.81 38.67
N LEU E 48 -30.02 9.69 37.84
CA LEU E 48 -30.60 10.93 38.33
C LEU E 48 -31.97 10.75 38.98
N THR E 49 -32.57 9.57 38.87
CA THR E 49 -33.88 9.33 39.48
C THR E 49 -33.83 8.40 40.70
N ILE E 50 -32.64 7.94 41.06
CA ILE E 50 -32.48 7.04 42.20
C ILE E 50 -33.26 7.52 43.44
N LYS E 51 -33.18 8.80 43.75
CA LYS E 51 -33.79 9.33 44.97
C LYS E 51 -35.29 9.59 44.84
N ASN E 52 -35.91 9.08 43.77
CA ASN E 52 -37.35 9.26 43.60
C ASN E 52 -38.12 8.13 44.26
N VAL E 53 -37.40 7.15 44.79
CA VAL E 53 -38.03 6.02 45.46
C VAL E 53 -37.46 5.84 46.87
N ASP E 54 -38.21 5.14 47.71
CA ASP E 54 -37.74 4.86 49.06
C ASP E 54 -36.41 4.13 48.98
N LYS E 55 -35.59 4.32 50.01
CA LYS E 55 -34.27 3.71 50.09
C LYS E 55 -34.30 2.21 49.75
N LYS E 56 -35.29 1.50 50.27
CA LYS E 56 -35.33 0.05 50.10
C LYS E 56 -35.55 -0.37 48.65
N PHE E 57 -35.89 0.57 47.79
CA PHE E 57 -36.12 0.24 46.38
C PHE E 57 -34.99 0.72 45.48
N GLN E 58 -34.08 1.51 46.04
CA GLN E 58 -33.07 2.17 45.23
C GLN E 58 -32.06 1.22 44.57
N MET E 59 -31.98 -0.01 45.05
CA MET E 59 -31.09 -0.99 44.43
C MET E 59 -31.58 -1.34 43.04
N SER E 60 -32.88 -1.22 42.80
CA SER E 60 -33.40 -1.52 41.47
C SER E 60 -32.91 -0.47 40.48
N ASN E 61 -33.01 0.80 40.85
CA ASN E 61 -32.45 1.88 40.05
C ASN E 61 -30.97 1.69 39.78
N ILE E 62 -30.23 1.32 40.82
CA ILE E 62 -28.80 1.13 40.70
C ILE E 62 -28.53 0.02 39.69
N LEU E 63 -29.30 -1.05 39.76
CA LEU E 63 -29.10 -2.18 38.87
C LEU E 63 -29.48 -1.82 37.43
N SER E 64 -30.51 -0.99 37.27
CA SER E 64 -30.89 -0.50 35.95
C SER E 64 -29.73 0.27 35.34
N ALA E 65 -29.06 1.05 36.18
CA ALA E 65 -27.92 1.85 35.74
C ALA E 65 -26.78 0.95 35.33
N VAL E 66 -26.53 -0.08 36.12
CA VAL E 66 -25.45 -1.02 35.83
C VAL E 66 -25.66 -1.66 34.46
N VAL E 67 -26.89 -2.07 34.17
CA VAL E 67 -27.21 -2.66 32.87
C VAL E 67 -26.95 -1.68 31.73
N MET E 68 -27.31 -0.42 31.94
CA MET E 68 -27.06 0.62 30.94
C MET E 68 -25.57 0.77 30.58
N VAL E 69 -24.71 0.76 31.59
CA VAL E 69 -23.28 0.88 31.38
C VAL E 69 -22.81 -0.23 30.45
N SER E 70 -23.16 -1.45 30.79
CA SER E 70 -22.76 -2.62 30.05
C SER E 70 -23.33 -2.60 28.64
N ALA E 71 -24.60 -2.21 28.53
CA ALA E 71 -25.28 -2.25 27.25
C ALA E 71 -24.74 -1.19 26.32
N PHE E 72 -24.39 -0.03 26.86
CA PHE E 72 -23.74 1.01 26.07
C PHE E 72 -22.41 0.52 25.50
N LEU E 73 -21.55 -0.03 26.35
CA LEU E 73 -20.22 -0.43 25.93
C LEU E 73 -20.28 -1.46 24.81
N LEU E 74 -21.13 -2.47 24.99
CA LEU E 74 -21.21 -3.57 24.07
C LEU E 74 -21.88 -3.19 22.76
N LEU E 75 -22.95 -2.40 22.84
CA LEU E 75 -23.61 -1.95 21.63
C LEU E 75 -22.75 -0.94 20.88
N TYR E 76 -21.95 -0.17 21.62
CA TYR E 76 -21.02 0.74 20.96
C TYR E 76 -19.98 -0.06 20.18
N ALA E 77 -19.44 -1.10 20.83
CA ALA E 77 -18.49 -1.96 20.17
C ALA E 77 -19.13 -2.62 18.95
N GLN E 78 -20.34 -3.13 19.12
CA GLN E 78 -21.03 -3.82 18.02
C GLN E 78 -21.26 -2.86 16.84
N ALA E 79 -21.47 -1.60 17.14
CA ALA E 79 -21.65 -0.60 16.10
C ALA E 79 -20.35 -0.42 15.31
N GLN E 80 -19.22 -0.34 16.02
CA GLN E 80 -17.91 -0.24 15.37
C GLN E 80 -17.61 -1.48 14.52
N ASN E 81 -17.94 -2.67 15.04
CA ASN E 81 -17.74 -3.96 14.35
C ASN E 81 -18.44 -3.92 12.98
N TRP E 82 -19.65 -3.36 12.95
CA TRP E 82 -20.42 -3.29 11.74
C TRP E 82 -19.76 -2.39 10.70
N THR E 83 -19.33 -1.20 11.12
CA THR E 83 -18.81 -0.22 10.14
C THR E 83 -17.43 -0.60 9.61
N SER E 84 -16.65 -1.36 10.37
CA SER E 84 -15.33 -1.77 9.89
C SER E 84 -15.32 -3.10 9.15
N SER E 85 -16.39 -3.89 9.28
CA SER E 85 -16.46 -5.18 8.59
C SER E 85 -16.91 -5.06 7.14
N PHE E 86 -17.57 -3.96 6.79
CA PHE E 86 -18.06 -3.77 5.42
C PHE E 86 -17.66 -2.41 4.86
N THR E 87 -17.18 -2.43 3.62
CA THR E 87 -16.51 -1.28 3.01
C THR E 87 -17.07 -1.05 1.61
N PHE E 88 -17.23 0.21 1.26
CA PHE E 88 -17.90 0.59 0.02
C PHE E 88 -17.02 0.25 -1.18
N ASN E 89 -17.63 -0.33 -2.20
CA ASN E 89 -16.99 -0.55 -3.48
C ASN E 89 -17.54 0.44 -4.50
N GLU E 90 -16.68 1.35 -4.95
CA GLU E 90 -17.08 2.41 -5.87
C GLU E 90 -17.55 1.89 -7.23
N GLU E 91 -17.05 0.73 -7.64
CA GLU E 91 -17.44 0.15 -8.93
C GLU E 91 -18.93 -0.16 -9.00
N VAL E 92 -19.47 -0.87 -8.02
CA VAL E 92 -20.90 -1.21 -8.05
C VAL E 92 -21.73 -0.48 -7.01
N GLY E 93 -21.08 0.30 -6.16
CA GLY E 93 -21.81 1.08 -5.17
C GLY E 93 -22.51 0.21 -4.13
N ARG E 94 -21.86 -0.86 -3.71
CA ARG E 94 -22.35 -1.65 -2.60
C ARG E 94 -21.23 -1.87 -1.59
N TYR E 95 -21.60 -2.21 -0.35
CA TYR E 95 -20.62 -2.45 0.69
C TYR E 95 -20.37 -3.94 0.78
N PHE E 96 -19.10 -4.33 0.73
CA PHE E 96 -18.74 -5.75 0.76
C PHE E 96 -17.89 -6.06 1.99
N LEU E 97 -17.82 -7.34 2.32
CA LEU E 97 -16.98 -7.79 3.41
C LEU E 97 -15.57 -7.23 3.26
N ASP E 98 -15.07 -6.62 4.33
CA ASP E 98 -13.70 -6.15 4.37
C ASP E 98 -12.93 -6.98 5.41
N PRO E 99 -12.15 -7.95 4.94
CA PRO E 99 -11.43 -8.89 5.80
C PRO E 99 -10.64 -8.23 6.94
N SER E 100 -9.94 -7.15 6.62
CA SER E 100 -9.01 -6.53 7.56
C SER E 100 -9.72 -5.89 8.75
N GLY E 101 -11.05 -5.89 8.74
CA GLY E 101 -11.80 -5.33 9.86
C GLY E 101 -12.37 -6.39 10.78
N ASP E 102 -12.06 -7.65 10.49
CA ASP E 102 -12.64 -8.80 11.20
C ASP E 102 -14.01 -9.11 10.62
N LEU E 103 -14.41 -10.38 10.73
CA LEU E 103 -15.76 -10.75 10.37
C LEU E 103 -16.69 -10.06 11.36
N PHE E 104 -17.94 -9.89 10.97
CA PHE E 104 -18.95 -9.37 11.88
C PHE E 104 -19.53 -10.53 12.66
N ASN E 105 -19.65 -10.36 13.98
CA ASN E 105 -20.29 -11.38 14.82
C ASN E 105 -21.20 -10.79 15.90
N ASN E 106 -22.40 -11.33 15.99
CA ASN E 106 -23.39 -10.88 16.96
C ASN E 106 -23.04 -11.33 18.38
N GLY E 107 -21.92 -12.04 18.51
CA GLY E 107 -21.52 -12.62 19.78
C GLY E 107 -21.22 -11.62 20.88
N TYR E 108 -20.83 -10.41 20.51
CA TYR E 108 -20.58 -9.35 21.49
C TYR E 108 -21.86 -9.15 22.30
N ARG E 109 -22.97 -9.03 21.59
CA ARG E 109 -24.26 -8.78 22.20
C ARG E 109 -24.66 -9.93 23.13
N TYR E 110 -24.41 -11.16 22.70
CA TYR E 110 -24.76 -12.32 23.51
C TYR E 110 -24.08 -12.29 24.87
N LEU E 111 -22.77 -12.06 24.89
CA LEU E 111 -22.00 -12.07 26.14
C LEU E 111 -22.37 -10.88 27.03
N ASN E 112 -22.87 -9.81 26.42
CA ASN E 112 -23.50 -8.72 27.16
C ASN E 112 -24.67 -9.24 27.98
N TRP E 113 -25.44 -10.16 27.39
CA TRP E 113 -26.63 -10.70 28.04
C TRP E 113 -26.25 -11.46 29.31
N LEU E 114 -25.02 -11.94 29.34
CA LEU E 114 -24.50 -12.64 30.51
C LEU E 114 -24.39 -11.69 31.71
N ILE E 115 -24.29 -10.40 31.43
CA ILE E 115 -24.39 -9.40 32.49
C ILE E 115 -25.83 -9.05 32.72
N ASP E 116 -26.52 -8.69 31.64
CA ASP E 116 -27.82 -8.05 31.71
C ASP E 116 -28.90 -8.97 32.22
N VAL E 117 -28.99 -10.17 31.66
CA VAL E 117 -30.06 -11.10 32.01
C VAL E 117 -30.12 -11.38 33.52
N PRO E 118 -29.00 -11.77 34.12
CA PRO E 118 -29.00 -11.97 35.57
C PRO E 118 -29.45 -10.75 36.35
N MET E 119 -29.03 -9.58 35.93
CA MET E 119 -29.33 -8.33 36.64
C MET E 119 -30.79 -7.90 36.49
N LEU E 120 -31.30 -7.99 35.27
CA LEU E 120 -32.68 -7.60 34.97
C LEU E 120 -33.68 -8.50 35.68
N LEU E 121 -33.38 -9.79 35.75
CA LEU E 121 -34.21 -10.74 36.49
C LEU E 121 -34.06 -10.54 38.00
N PHE E 122 -32.84 -10.18 38.41
CA PHE E 122 -32.53 -9.99 39.82
C PHE E 122 -33.21 -8.75 40.39
N GLN E 123 -33.24 -7.66 39.62
CA GLN E 123 -33.65 -6.36 40.17
C GLN E 123 -35.13 -6.25 40.55
N ILE E 124 -36.00 -6.99 39.87
CA ILE E 124 -37.41 -6.96 40.22
C ILE E 124 -37.61 -7.50 41.61
N LEU E 125 -36.66 -8.31 42.08
CA LEU E 125 -36.73 -8.86 43.44
C LEU E 125 -36.40 -7.82 44.49
N PHE E 126 -35.97 -6.63 44.07
CA PHE E 126 -35.73 -5.56 45.01
C PHE E 126 -36.90 -4.58 45.07
N VAL E 127 -37.95 -4.85 44.28
CA VAL E 127 -39.14 -4.01 44.27
C VAL E 127 -40.37 -4.75 44.81
N VAL E 128 -40.62 -5.95 44.30
CA VAL E 128 -41.73 -6.77 44.77
C VAL E 128 -41.32 -7.63 45.96
N SER E 129 -42.30 -8.03 46.76
CA SER E 129 -42.09 -9.02 47.81
C SER E 129 -42.65 -10.35 47.39
N LEU E 130 -41.88 -11.41 47.60
CA LEU E 130 -42.33 -12.75 47.29
C LEU E 130 -43.23 -13.25 48.42
N THR E 131 -44.01 -14.28 48.15
CA THR E 131 -44.89 -14.85 49.16
C THR E 131 -44.46 -16.28 49.49
N THR E 132 -44.83 -17.22 48.62
CA THR E 132 -44.49 -18.62 48.86
C THR E 132 -43.09 -18.98 48.35
N SER E 133 -42.54 -18.16 47.46
CA SER E 133 -41.22 -18.43 46.92
C SER E 133 -40.14 -17.81 47.79
N LYS E 134 -38.96 -18.40 47.77
CA LYS E 134 -37.83 -17.88 48.53
C LYS E 134 -36.88 -17.08 47.63
N PHE E 135 -36.48 -15.92 48.12
CA PHE E 135 -35.62 -14.98 47.41
C PHE E 135 -34.44 -15.68 46.72
N SER E 136 -33.63 -16.37 47.52
CA SER E 136 -32.41 -16.97 47.04
C SER E 136 -32.69 -18.06 46.00
N SER E 137 -33.81 -18.76 46.17
CA SER E 137 -34.15 -19.85 45.28
C SER E 137 -34.59 -19.33 43.92
N VAL E 138 -35.29 -18.20 43.92
CA VAL E 138 -35.71 -17.56 42.68
C VAL E 138 -34.48 -16.98 41.98
N ARG E 139 -33.70 -16.21 42.74
CA ARG E 139 -32.46 -15.63 42.25
C ARG E 139 -31.59 -16.68 41.57
N ASN E 140 -31.40 -17.80 42.26
CA ASN E 140 -30.54 -18.87 41.74
C ASN E 140 -31.08 -19.48 40.45
N GLN E 141 -32.39 -19.64 40.38
CA GLN E 141 -32.99 -20.21 39.18
C GLN E 141 -32.90 -19.23 38.01
N PHE E 142 -33.03 -17.94 38.29
CA PHE E 142 -32.88 -16.92 37.25
C PHE E 142 -31.47 -17.00 36.68
N TRP E 143 -30.50 -16.90 37.58
CA TRP E 143 -29.08 -16.83 37.23
C TRP E 143 -28.60 -18.06 36.46
N PHE E 144 -28.93 -19.25 36.95
CA PHE E 144 -28.50 -20.47 36.26
C PHE E 144 -29.15 -20.63 34.89
N SER E 145 -30.47 -20.52 34.83
CA SER E 145 -31.18 -20.73 33.57
C SER E 145 -30.83 -19.66 32.53
N GLY E 146 -30.59 -18.44 33.00
CA GLY E 146 -30.18 -17.35 32.11
C GLY E 146 -28.82 -17.61 31.49
N ALA E 147 -27.85 -17.97 32.34
CA ALA E 147 -26.53 -18.31 31.87
C ALA E 147 -26.57 -19.41 30.81
N MET E 148 -27.29 -20.50 31.08
CA MET E 148 -27.36 -21.62 30.14
C MET E 148 -28.06 -21.22 28.85
N MET E 149 -29.10 -20.40 28.97
CA MET E 149 -29.85 -19.96 27.81
C MET E 149 -28.91 -19.22 26.87
N ILE E 150 -28.17 -18.27 27.44
CA ILE E 150 -27.29 -17.40 26.66
C ILE E 150 -26.07 -18.16 26.12
N ILE E 151 -25.44 -18.96 26.97
CA ILE E 151 -24.24 -19.68 26.54
C ILE E 151 -24.56 -20.67 25.42
N THR E 152 -25.70 -21.35 25.53
CA THR E 152 -26.12 -22.30 24.49
C THR E 152 -26.48 -21.59 23.19
N GLY E 153 -27.16 -20.45 23.30
CA GLY E 153 -27.50 -19.66 22.12
C GLY E 153 -26.24 -19.11 21.46
N TYR E 154 -25.31 -18.66 22.30
CA TYR E 154 -24.05 -18.10 21.86
C TYR E 154 -23.27 -19.11 21.02
N ILE E 155 -23.14 -20.33 21.54
CA ILE E 155 -22.50 -21.40 20.77
C ILE E 155 -23.24 -21.61 19.46
N GLY E 156 -24.57 -21.70 19.56
CA GLY E 156 -25.41 -22.00 18.41
C GLY E 156 -25.30 -21.04 17.24
N GLN E 157 -25.22 -19.74 17.53
CA GLN E 157 -25.23 -18.72 16.46
C GLN E 157 -23.97 -18.72 15.60
N PHE E 158 -22.89 -19.30 16.10
CA PHE E 158 -21.69 -19.45 15.29
C PHE E 158 -21.94 -20.36 14.08
N TYR E 159 -23.01 -21.15 14.15
CA TYR E 159 -23.28 -22.18 13.15
C TYR E 159 -24.49 -21.86 12.28
N GLU E 160 -25.04 -20.67 12.45
CA GLU E 160 -26.27 -20.31 11.75
C GLU E 160 -26.17 -20.50 10.24
N VAL E 161 -24.94 -20.56 9.70
CA VAL E 161 -24.77 -20.81 8.27
C VAL E 161 -24.01 -22.10 8.01
N SER E 162 -22.98 -22.36 8.80
CA SER E 162 -22.08 -23.48 8.56
C SER E 162 -22.65 -24.83 8.97
N ASN E 163 -23.65 -24.84 9.86
CA ASN E 163 -24.26 -26.09 10.30
C ASN E 163 -25.64 -25.90 10.91
N LEU E 164 -26.67 -25.97 10.07
CA LEU E 164 -28.04 -25.67 10.50
C LEU E 164 -28.55 -26.56 11.62
N THR E 165 -28.02 -27.77 11.72
CA THR E 165 -28.50 -28.71 12.72
C THR E 165 -28.01 -28.31 14.09
N ALA E 166 -26.71 -28.03 14.21
CA ALA E 166 -26.15 -27.56 15.46
C ALA E 166 -26.84 -26.26 15.89
N PHE E 167 -27.03 -25.37 14.92
CA PHE E 167 -27.72 -24.11 15.11
C PHE E 167 -29.08 -24.31 15.80
N LEU E 168 -29.92 -25.15 15.21
CA LEU E 168 -31.27 -25.40 15.73
C LEU E 168 -31.26 -26.18 17.03
N VAL E 169 -30.37 -27.16 17.13
CA VAL E 169 -30.32 -27.99 18.34
C VAL E 169 -29.87 -27.16 19.53
N TRP E 170 -28.82 -26.36 19.36
CA TRP E 170 -28.38 -25.49 20.44
C TRP E 170 -29.47 -24.45 20.73
N GLY E 171 -30.13 -23.97 19.68
CA GLY E 171 -31.23 -23.03 19.83
C GLY E 171 -32.40 -23.64 20.60
N ALA E 172 -32.72 -24.89 20.28
CA ALA E 172 -33.79 -25.60 20.95
C ALA E 172 -33.48 -25.75 22.43
N ILE E 173 -32.25 -26.13 22.73
CA ILE E 173 -31.83 -26.27 24.11
C ILE E 173 -31.92 -24.93 24.83
N SER E 174 -31.53 -23.86 24.14
CA SER E 174 -31.55 -22.53 24.74
C SER E 174 -32.98 -22.12 25.09
N SER E 175 -33.91 -22.39 24.17
CA SER E 175 -35.33 -22.18 24.37
C SER E 175 -35.89 -22.85 25.62
N ALA E 176 -35.40 -24.04 25.94
CA ALA E 176 -35.92 -24.77 27.08
C ALA E 176 -35.63 -24.01 28.36
N PHE E 177 -34.43 -23.41 28.44
CA PHE E 177 -34.10 -22.61 29.61
C PHE E 177 -34.90 -21.31 29.62
N PHE E 178 -35.16 -20.80 28.43
CA PHE E 178 -35.98 -19.61 28.26
C PHE E 178 -37.37 -19.84 28.84
N PHE E 179 -38.01 -20.94 28.47
CA PHE E 179 -39.34 -21.27 28.98
C PHE E 179 -39.33 -21.39 30.50
N HIS E 180 -38.23 -21.86 31.05
CA HIS E 180 -38.13 -21.96 32.50
C HIS E 180 -38.09 -20.59 33.15
N ILE E 181 -37.34 -19.66 32.55
CA ILE E 181 -37.26 -18.30 33.05
C ILE E 181 -38.62 -17.62 32.96
N LEU E 182 -39.31 -17.82 31.85
CA LEU E 182 -40.67 -17.29 31.70
C LEU E 182 -41.56 -17.84 32.80
N TRP E 183 -41.46 -19.14 33.03
CA TRP E 183 -42.23 -19.79 34.08
C TRP E 183 -41.94 -19.16 35.43
N VAL E 184 -40.65 -19.04 35.78
CA VAL E 184 -40.29 -18.49 37.07
C VAL E 184 -40.69 -17.02 37.19
N MET E 185 -40.53 -16.25 36.12
CA MET E 185 -40.83 -14.82 36.18
C MET E 185 -42.32 -14.57 36.40
N LYS E 186 -43.19 -15.37 35.79
CA LYS E 186 -44.62 -15.17 35.93
C LYS E 186 -45.05 -15.42 37.37
N LYS E 187 -44.38 -16.37 38.01
CA LYS E 187 -44.62 -16.69 39.40
C LYS E 187 -44.23 -15.49 40.26
N VAL E 188 -43.08 -14.91 39.96
CA VAL E 188 -42.57 -13.78 40.73
C VAL E 188 -43.56 -12.62 40.62
N ILE E 189 -44.08 -12.41 39.43
CA ILE E 189 -44.97 -11.30 39.17
C ILE E 189 -46.31 -11.48 39.90
N ASN E 190 -46.85 -12.70 39.86
CA ASN E 190 -48.09 -13.02 40.57
C ASN E 190 -47.96 -12.79 42.08
N GLU E 191 -46.89 -13.32 42.66
CA GLU E 191 -46.65 -13.11 44.08
C GLU E 191 -46.44 -11.64 44.40
N GLY E 192 -45.78 -10.91 43.50
CA GLY E 192 -45.54 -9.49 43.69
C GLY E 192 -46.85 -8.70 43.72
N LYS E 193 -47.85 -9.17 43.00
CA LYS E 193 -49.15 -8.52 43.00
C LYS E 193 -49.80 -8.58 44.36
N GLU E 194 -49.48 -9.62 45.13
CA GLU E 194 -50.10 -9.81 46.43
C GLU E 194 -49.56 -8.83 47.46
N GLY E 195 -50.46 -8.16 48.16
CA GLY E 195 -50.07 -7.27 49.24
C GLY E 195 -49.86 -5.82 48.82
N ILE E 196 -50.03 -5.52 47.54
CA ILE E 196 -49.83 -4.16 47.04
C ILE E 196 -51.10 -3.62 46.41
N SER E 197 -51.16 -2.30 46.26
CA SER E 197 -52.31 -1.63 45.69
C SER E 197 -52.58 -2.04 44.24
N PRO E 198 -53.81 -1.83 43.76
CA PRO E 198 -54.18 -2.16 42.39
C PRO E 198 -53.34 -1.41 41.34
N ALA E 199 -52.99 -0.17 41.62
CA ALA E 199 -52.16 0.60 40.71
C ALA E 199 -50.82 -0.09 40.52
N GLY E 200 -50.29 -0.64 41.60
CA GLY E 200 -49.05 -1.40 41.54
C GLY E 200 -49.24 -2.68 40.76
N GLN E 201 -50.38 -3.34 40.97
CA GLN E 201 -50.68 -4.60 40.29
C GLN E 201 -50.79 -4.37 38.80
N LYS E 202 -51.33 -3.21 38.44
CA LYS E 202 -51.51 -2.83 37.06
C LYS E 202 -50.13 -2.65 36.37
N ILE E 203 -49.19 -2.07 37.08
CA ILE E 203 -47.86 -1.87 36.51
C ILE E 203 -47.14 -3.20 36.30
N LEU E 204 -47.27 -4.12 37.26
CA LEU E 204 -46.69 -5.46 37.16
C LEU E 204 -47.30 -6.27 36.01
N SER E 205 -48.56 -6.02 35.70
CA SER E 205 -49.20 -6.67 34.56
C SER E 205 -48.57 -6.15 33.28
N ASN E 206 -48.35 -4.85 33.23
CA ASN E 206 -47.71 -4.26 32.07
C ASN E 206 -46.29 -4.77 31.91
N ILE E 207 -45.59 -4.91 33.03
CA ILE E 207 -44.23 -5.41 33.02
C ILE E 207 -44.18 -6.84 32.47
N TRP E 208 -45.14 -7.67 32.89
CA TRP E 208 -45.17 -9.05 32.46
C TRP E 208 -45.36 -9.15 30.96
N ILE E 209 -46.26 -8.33 30.43
CA ILE E 209 -46.50 -8.34 29.00
C ILE E 209 -45.28 -7.81 28.24
N LEU E 210 -44.64 -6.79 28.80
CA LEU E 210 -43.42 -6.22 28.23
C LEU E 210 -42.28 -7.22 28.23
N PHE E 211 -42.13 -7.92 29.35
CA PHE E 211 -41.10 -8.95 29.50
C PHE E 211 -41.34 -10.05 28.47
N LEU E 212 -42.59 -10.47 28.36
CA LEU E 212 -42.94 -11.57 27.49
C LEU E 212 -42.64 -11.25 26.04
N ILE E 213 -43.13 -10.12 25.58
CA ILE E 213 -42.96 -9.72 24.19
C ILE E 213 -41.50 -9.38 23.86
N SER E 214 -40.86 -8.60 24.73
CA SER E 214 -39.51 -8.12 24.45
C SER E 214 -38.48 -9.25 24.49
N TRP E 215 -38.67 -10.21 25.38
CA TRP E 215 -37.74 -11.33 25.49
C TRP E 215 -37.89 -12.33 24.35
N THR E 216 -39.11 -12.48 23.85
CA THR E 216 -39.35 -13.41 22.76
C THR E 216 -38.75 -12.91 21.45
N LEU E 217 -38.57 -11.59 21.34
CA LEU E 217 -37.97 -11.00 20.15
C LEU E 217 -36.58 -11.55 19.87
N TYR E 218 -35.86 -11.92 20.92
CA TYR E 218 -34.49 -12.35 20.79
C TYR E 218 -34.34 -13.64 19.98
N PRO E 219 -35.11 -14.69 20.35
CA PRO E 219 -35.14 -15.89 19.51
C PRO E 219 -35.64 -15.60 18.10
N GLY E 220 -36.52 -14.61 17.96
CA GLY E 220 -36.95 -14.18 16.65
C GLY E 220 -35.73 -13.73 15.86
N ALA E 221 -34.88 -12.94 16.51
CA ALA E 221 -33.67 -12.42 15.89
C ALA E 221 -32.68 -13.54 15.61
N TYR E 222 -32.63 -14.53 16.50
CA TYR E 222 -31.82 -15.72 16.27
C TYR E 222 -32.18 -16.34 14.92
N LEU E 223 -33.48 -16.60 14.72
CA LEU E 223 -33.95 -17.35 13.56
C LEU E 223 -34.11 -16.50 12.31
N MET E 224 -34.05 -15.18 12.48
CA MET E 224 -34.43 -14.22 11.44
C MET E 224 -34.09 -14.62 10.00
N PRO E 225 -32.82 -14.94 9.72
CA PRO E 225 -32.46 -15.22 8.32
C PRO E 225 -33.29 -16.32 7.66
N TYR E 226 -33.77 -17.28 8.47
CA TYR E 226 -34.48 -18.43 7.91
C TYR E 226 -36.00 -18.36 8.10
N LEU E 227 -36.51 -17.25 8.64
CA LEU E 227 -37.94 -17.15 8.97
C LEU E 227 -38.83 -17.14 7.74
N THR E 228 -38.22 -17.07 6.57
CA THR E 228 -38.97 -17.13 5.32
C THR E 228 -38.44 -18.27 4.48
N GLY E 229 -37.83 -19.25 5.15
CA GLY E 229 -37.15 -20.34 4.47
C GLY E 229 -35.76 -19.93 3.99
N ASP E 231 -34.07 -20.31 1.23
CA ASP E 231 -33.53 -19.08 0.65
C ASP E 231 -34.63 -18.04 0.49
N GLY E 232 -35.29 -17.73 1.60
CA GLY E 232 -36.42 -16.82 1.59
C GLY E 232 -36.04 -15.36 1.47
N PHE E 233 -37.05 -14.50 1.50
CA PHE E 233 -36.87 -13.06 1.33
C PHE E 233 -35.96 -12.47 2.41
N LEU E 234 -35.93 -13.13 3.57
CA LEU E 234 -35.13 -12.64 4.70
C LEU E 234 -33.69 -13.14 4.67
N TYR E 235 -33.38 -14.11 3.80
CA TYR E 235 -32.00 -14.51 3.62
C TYR E 235 -31.36 -13.55 2.63
N SER E 236 -31.10 -12.34 3.11
CA SER E 236 -30.66 -11.27 2.25
C SER E 236 -30.32 -10.10 3.15
N GLU E 237 -30.02 -8.95 2.56
CA GLU E 237 -29.69 -7.78 3.34
C GLU E 237 -30.91 -7.32 4.15
N ASP E 238 -32.10 -7.63 3.66
CA ASP E 238 -33.35 -7.31 4.37
C ASP E 238 -33.41 -8.04 5.71
N GLY E 239 -32.96 -9.29 5.72
CA GLY E 239 -32.92 -10.08 6.93
C GLY E 239 -31.87 -9.54 7.88
N VAL E 240 -30.77 -9.03 7.33
CA VAL E 240 -29.74 -8.41 8.16
C VAL E 240 -30.27 -7.14 8.81
N MET E 241 -30.98 -6.32 8.03
CA MET E 241 -31.60 -5.11 8.56
C MET E 241 -32.62 -5.46 9.64
N ALA E 242 -33.47 -6.45 9.36
CA ALA E 242 -34.54 -6.81 10.30
C ALA E 242 -33.97 -7.37 11.59
N ARG E 243 -32.89 -8.13 11.50
CA ARG E 243 -32.29 -8.71 12.69
C ARG E 243 -31.81 -7.62 13.65
N GLN E 244 -31.01 -6.69 13.14
CA GLN E 244 -30.47 -5.64 13.99
C GLN E 244 -31.55 -4.70 14.50
N LEU E 245 -32.59 -4.48 13.70
CA LEU E 245 -33.72 -3.66 14.14
C LEU E 245 -34.41 -4.32 15.31
N VAL E 246 -34.74 -5.60 15.16
CA VAL E 246 -35.38 -6.37 16.21
C VAL E 246 -34.55 -6.38 17.49
N TYR E 247 -33.24 -6.58 17.37
CA TYR E 247 -32.36 -6.56 18.56
C TYR E 247 -32.45 -5.23 19.28
N THR E 248 -32.41 -4.15 18.50
CA THR E 248 -32.40 -2.81 19.07
C THR E 248 -33.70 -2.48 19.78
N ILE E 249 -34.81 -2.89 19.19
CA ILE E 249 -36.11 -2.72 19.82
C ILE E 249 -36.20 -3.58 21.08
N ALA E 250 -35.71 -4.80 21.00
CA ALA E 250 -35.78 -5.71 22.14
C ALA E 250 -34.91 -5.18 23.27
N ASP E 251 -33.68 -4.75 22.96
CA ASP E 251 -32.79 -4.23 23.98
C ASP E 251 -33.38 -3.02 24.68
N VAL E 252 -33.89 -2.08 23.89
CA VAL E 252 -34.50 -0.87 24.44
C VAL E 252 -35.71 -1.19 25.32
N SER E 253 -36.52 -2.14 24.88
CA SER E 253 -37.70 -2.55 25.64
C SER E 253 -37.37 -3.32 26.91
N SER E 254 -36.45 -4.28 26.80
CA SER E 254 -36.20 -5.24 27.88
C SER E 254 -35.36 -4.69 29.03
N VAL E 256 -34.51 -0.58 29.06
CA VAL E 256 -34.90 0.78 29.41
C VAL E 256 -36.36 0.86 29.86
N ILE E 257 -37.27 0.41 29.02
CA ILE E 257 -38.69 0.50 29.36
C ILE E 257 -38.99 -0.34 30.61
N TYR E 258 -38.45 -1.56 30.64
CA TYR E 258 -38.51 -2.40 31.82
C TYR E 258 -38.04 -1.63 33.07
N GLY E 259 -36.88 -1.00 32.97
CA GLY E 259 -36.35 -0.23 34.08
C GLY E 259 -37.26 0.91 34.49
N VAL E 260 -37.83 1.60 33.51
CA VAL E 260 -38.72 2.72 33.81
C VAL E 260 -39.96 2.23 34.55
N LEU E 261 -40.55 1.13 34.07
CA LEU E 261 -41.75 0.58 34.69
C LEU E 261 -41.49 0.10 36.11
N LEU E 262 -40.33 -0.51 36.34
CA LEU E 262 -39.99 -0.93 37.69
C LEU E 262 -39.83 0.26 38.62
N GLY E 263 -39.25 1.34 38.09
CA GLY E 263 -39.06 2.54 38.87
C GLY E 263 -40.41 3.14 39.23
N ASN E 264 -41.32 3.16 38.26
CA ASN E 264 -42.66 3.64 38.51
C ASN E 264 -43.39 2.78 39.55
N LEU E 265 -43.21 1.46 39.44
CA LEU E 265 -43.76 0.57 40.44
C LEU E 265 -43.18 0.88 41.81
N ALA E 266 -41.86 1.07 41.87
CA ALA E 266 -41.20 1.41 43.12
C ALA E 266 -41.73 2.73 43.71
N ILE E 267 -42.06 3.68 42.84
CA ILE E 267 -42.66 4.94 43.28
C ILE E 267 -44.04 4.71 43.90
N THR E 268 -44.89 3.92 43.25
CA THR E 268 -46.22 3.66 43.80
C THR E 268 -46.09 3.00 45.16
N LEU E 269 -45.27 1.96 45.24
CA LEU E 269 -45.04 1.23 46.49
C LEU E 269 -44.40 2.08 47.59
N SER E 270 -43.82 3.21 47.21
CA SER E 270 -43.07 4.05 48.14
C SER E 270 -43.99 4.94 48.95
N LYS E 271 -43.79 4.96 50.27
CA LYS E 271 -44.54 5.84 51.17
C LYS E 271 -43.94 7.24 51.16
N LYS E 273 -44.46 9.10 48.45
CA LYS E 273 -44.19 9.48 47.08
C LYS E 273 -45.24 8.93 46.11
N GLU E 274 -45.58 9.71 45.10
CA GLU E 274 -46.62 9.34 44.15
C GLU E 274 -46.18 9.56 42.70
N LEU E 275 -47.00 9.10 41.77
CA LEU E 275 -46.74 9.31 40.34
C LEU E 275 -47.41 10.57 39.83
N VAL E 276 -47.11 10.94 38.59
CA VAL E 276 -47.65 12.15 37.97
C VAL E 276 -48.69 11.81 36.91
N GLN F 3 6.73 19.55 -5.95
CA GLN F 3 7.00 20.98 -5.60
C GLN F 3 8.49 21.29 -5.75
N GLU F 4 9.31 20.59 -4.97
CA GLU F 4 10.76 20.78 -5.01
C GLU F 4 11.35 19.88 -6.10
N LEU F 5 11.51 20.43 -7.30
CA LEU F 5 11.97 19.64 -8.44
C LEU F 5 13.44 19.84 -8.77
N GLY F 6 13.99 21.01 -8.46
CA GLY F 6 15.39 21.31 -8.74
C GLY F 6 15.66 21.51 -10.23
N ASN F 7 16.79 21.00 -10.69
CA ASN F 7 17.22 21.18 -12.06
C ASN F 7 16.56 20.15 -12.97
N ALA F 8 15.25 20.30 -13.13
CA ALA F 8 14.44 19.36 -13.89
C ALA F 8 13.87 19.98 -15.16
N ASN F 9 13.54 19.14 -16.14
CA ASN F 9 12.95 19.60 -17.38
C ASN F 9 11.56 20.16 -17.12
N PHE F 10 11.09 21.03 -18.00
CA PHE F 10 9.84 21.74 -17.75
C PHE F 10 8.62 20.82 -17.84
N GLU F 11 8.77 19.68 -18.50
CA GLU F 11 7.69 18.70 -18.58
C GLU F 11 7.18 18.35 -17.19
N ASN F 12 8.10 18.27 -16.23
CA ASN F 12 7.77 17.87 -14.88
C ASN F 12 7.02 18.97 -14.12
N PHE F 13 7.35 20.22 -14.43
CA PHE F 13 6.71 21.36 -13.76
C PHE F 13 5.26 21.47 -14.19
N ILE F 14 5.03 21.33 -15.49
CA ILE F 14 3.67 21.32 -16.01
C ILE F 14 2.95 20.10 -15.46
N GLY F 15 3.65 18.98 -15.45
CA GLY F 15 3.09 17.74 -14.94
C GLY F 15 2.71 17.83 -13.48
N ALA F 16 3.48 18.61 -12.71
CA ALA F 16 3.29 18.72 -11.27
C ALA F 16 2.31 19.80 -10.84
N THR F 17 1.93 20.69 -11.75
CA THR F 17 1.03 21.79 -11.40
C THR F 17 -0.33 21.63 -12.09
N GLU F 18 -0.40 21.93 -13.37
CA GLU F 18 -1.65 21.79 -14.10
C GLU F 18 -1.95 20.34 -14.47
N GLY F 19 -0.90 19.54 -14.71
CA GLY F 19 -1.07 18.17 -15.18
C GLY F 19 -1.29 18.16 -16.68
N PHE F 20 -1.42 16.97 -17.26
CA PHE F 20 -1.59 16.81 -18.70
C PHE F 20 -2.98 16.27 -19.06
N SER F 21 -3.65 16.93 -20.01
CA SER F 21 -4.91 16.44 -20.53
C SER F 21 -4.69 15.09 -21.18
N GLU F 22 -5.77 14.35 -21.37
CA GLU F 22 -5.71 13.05 -22.03
C GLU F 22 -5.02 13.17 -23.38
N ILE F 23 -5.44 14.15 -24.18
CA ILE F 23 -4.87 14.33 -25.52
C ILE F 23 -3.37 14.64 -25.47
N ALA F 24 -2.98 15.50 -24.52
CA ALA F 24 -1.57 15.84 -24.38
C ALA F 24 -0.73 14.62 -23.97
N TYR F 25 -1.17 13.94 -22.93
CA TYR F 25 -0.44 12.77 -22.45
C TYR F 25 -0.34 11.69 -23.52
N GLN F 26 -1.48 11.39 -24.15
CA GLN F 26 -1.55 10.31 -25.12
C GLN F 26 -0.76 10.64 -26.38
N PHE F 27 -0.97 11.82 -26.94
CA PHE F 27 -0.22 12.21 -28.12
C PHE F 27 1.28 12.06 -27.91
N THR F 28 1.76 12.57 -26.77
CA THR F 28 3.19 12.56 -26.49
C THR F 28 3.67 11.12 -26.44
N SER F 29 2.83 10.26 -25.91
CA SER F 29 3.14 8.84 -25.82
C SER F 29 3.15 8.22 -27.23
N HIS F 30 2.18 8.59 -28.05
CA HIS F 30 2.04 8.03 -29.39
C HIS F 30 3.21 8.42 -30.28
N ILE F 31 3.62 9.67 -30.21
CA ILE F 31 4.67 10.19 -31.07
C ILE F 31 6.05 9.61 -30.68
N LEU F 32 6.29 9.46 -29.38
CA LEU F 32 7.51 8.81 -28.91
C LEU F 32 7.53 7.35 -29.34
N THR F 33 6.35 6.72 -29.37
CA THR F 33 6.25 5.33 -29.79
C THR F 33 6.49 5.20 -31.28
N LEU F 34 5.93 6.11 -32.07
CA LEU F 34 6.22 6.17 -33.50
C LEU F 34 7.72 6.31 -33.72
N GLY F 35 8.34 7.20 -32.96
CA GLY F 35 9.79 7.40 -33.03
C GLY F 35 10.59 6.12 -33.01
N TYR F 36 10.46 5.32 -31.95
CA TYR F 36 11.27 4.11 -31.84
C TYR F 36 10.87 3.02 -32.84
N ALA F 37 9.58 3.00 -33.20
CA ALA F 37 9.11 2.04 -34.21
C ALA F 37 9.80 2.31 -35.54
N VAL F 38 9.85 3.58 -35.93
CA VAL F 38 10.49 3.98 -37.18
C VAL F 38 11.97 3.58 -37.19
N MET F 39 12.65 3.76 -36.05
CA MET F 39 14.07 3.41 -35.97
C MET F 39 14.33 1.93 -36.17
N LEU F 40 13.48 1.09 -35.57
CA LEU F 40 13.65 -0.35 -35.71
C LEU F 40 13.28 -0.83 -37.11
N ALA F 41 12.27 -0.23 -37.71
CA ALA F 41 11.91 -0.55 -39.08
C ALA F 41 13.07 -0.16 -39.99
N GLY F 42 13.61 1.02 -39.75
CA GLY F 42 14.72 1.53 -40.55
C GLY F 42 15.92 0.61 -40.45
N LEU F 43 16.18 0.13 -39.24
CA LEU F 43 17.29 -0.80 -39.00
C LEU F 43 17.21 -1.95 -39.98
N LEU F 44 16.00 -2.49 -40.15
CA LEU F 44 15.80 -3.61 -41.06
C LEU F 44 16.01 -3.18 -42.51
N TYR F 45 15.52 -1.99 -42.86
CA TYR F 45 15.69 -1.50 -44.21
C TYR F 45 17.17 -1.36 -44.58
N PHE F 46 17.96 -0.77 -43.69
CA PHE F 46 19.37 -0.51 -43.99
C PHE F 46 20.24 -1.78 -44.01
N ILE F 47 19.88 -2.77 -43.21
CA ILE F 47 20.57 -4.05 -43.26
C ILE F 47 20.25 -4.77 -44.56
N LEU F 48 18.98 -4.81 -44.93
CA LEU F 48 18.54 -5.56 -46.09
C LEU F 48 18.95 -4.94 -47.43
N THR F 49 19.40 -3.69 -47.43
CA THR F 49 19.75 -3.00 -48.68
C THR F 49 21.25 -2.78 -48.83
N ILE F 50 22.04 -3.36 -47.94
CA ILE F 50 23.49 -3.18 -47.97
C ILE F 50 24.08 -3.56 -49.34
N LYS F 51 23.66 -4.69 -49.89
CA LYS F 51 24.23 -5.19 -51.13
C LYS F 51 23.75 -4.45 -52.37
N ASN F 52 22.96 -3.40 -52.18
CA ASN F 52 22.42 -2.65 -53.31
C ASN F 52 23.41 -1.60 -53.82
N VAL F 53 24.52 -1.42 -53.11
CA VAL F 53 25.54 -0.48 -53.56
C VAL F 53 26.88 -1.21 -53.70
N ASP F 54 27.81 -0.59 -54.42
CA ASP F 54 29.14 -1.17 -54.59
C ASP F 54 29.83 -1.27 -53.23
N LYS F 55 30.77 -2.21 -53.14
CA LYS F 55 31.48 -2.47 -51.89
C LYS F 55 31.96 -1.19 -51.20
N LYS F 56 32.61 -0.30 -51.95
CA LYS F 56 33.24 0.89 -51.34
C LYS F 56 32.24 1.77 -50.59
N PHE F 57 30.96 1.63 -50.92
CA PHE F 57 29.92 2.47 -50.32
C PHE F 57 29.19 1.78 -49.16
N GLN F 58 29.35 0.48 -49.02
CA GLN F 58 28.53 -0.30 -48.09
C GLN F 58 28.72 0.09 -46.63
N MET F 59 29.87 0.66 -46.30
CA MET F 59 30.12 1.13 -44.95
C MET F 59 29.12 2.21 -44.53
N SER F 60 28.62 2.98 -45.50
CA SER F 60 27.61 4.00 -45.21
C SER F 60 26.29 3.37 -44.79
N ASN F 61 25.89 2.33 -45.51
CA ASN F 61 24.72 1.56 -45.12
C ASN F 61 24.91 0.98 -43.72
N ILE F 62 26.07 0.38 -43.48
CA ILE F 62 26.37 -0.21 -42.20
C ILE F 62 26.23 0.83 -41.08
N LEU F 63 26.76 2.03 -41.33
CA LEU F 63 26.70 3.08 -40.32
C LEU F 63 25.26 3.57 -40.09
N SER F 64 24.42 3.52 -41.12
CA SER F 64 23.01 3.89 -40.96
C SER F 64 22.31 2.90 -40.01
N ALA F 65 22.51 1.62 -40.26
CA ALA F 65 21.98 0.58 -39.37
C ALA F 65 22.45 0.78 -37.94
N VAL F 66 23.74 1.02 -37.78
CA VAL F 66 24.32 1.26 -36.45
C VAL F 66 23.60 2.41 -35.73
N VAL F 67 23.26 3.45 -36.48
CA VAL F 67 22.54 4.58 -35.89
C VAL F 67 21.14 4.16 -35.49
N MET F 68 20.50 3.34 -36.33
CA MET F 68 19.15 2.87 -36.03
C MET F 68 19.12 2.13 -34.70
N VAL F 69 20.11 1.27 -34.44
CA VAL F 69 20.12 0.45 -33.26
C VAL F 69 20.06 1.33 -32.01
N SER F 70 20.94 2.31 -31.95
CA SER F 70 21.04 3.13 -30.75
C SER F 70 19.85 4.06 -30.66
N ALA F 71 19.36 4.53 -31.81
CA ALA F 71 18.22 5.42 -31.81
C ALA F 71 16.96 4.66 -31.36
N PHE F 72 16.84 3.40 -31.77
CA PHE F 72 15.71 2.61 -31.31
C PHE F 72 15.75 2.42 -29.80
N LEU F 73 16.90 2.02 -29.28
CA LEU F 73 17.02 1.71 -27.86
C LEU F 73 16.69 2.91 -27.00
N LEU F 74 17.20 4.06 -27.38
CA LEU F 74 17.10 5.23 -26.55
CA LEU F 74 17.09 5.26 -26.58
C LEU F 74 15.72 5.91 -26.69
N LEU F 75 15.12 5.82 -27.87
CA LEU F 75 13.78 6.37 -28.04
C LEU F 75 12.79 5.46 -27.33
N TYR F 76 13.10 4.17 -27.27
CA TYR F 76 12.27 3.23 -26.53
C TYR F 76 12.32 3.53 -25.04
N ALA F 77 13.52 3.71 -24.51
CA ALA F 77 13.69 4.05 -23.11
C ALA F 77 13.05 5.40 -22.79
N GLN F 78 13.15 6.34 -23.73
CA GLN F 78 12.58 7.67 -23.54
C GLN F 78 11.05 7.62 -23.57
N ALA F 79 10.48 6.68 -24.32
CA ALA F 79 9.04 6.51 -24.38
C ALA F 79 8.52 5.94 -23.08
N GLN F 80 9.24 4.98 -22.51
CA GLN F 80 8.84 4.35 -21.25
C GLN F 80 8.98 5.34 -20.10
N ASN F 81 9.96 6.22 -20.19
CA ASN F 81 10.17 7.21 -19.14
C ASN F 81 8.98 8.14 -19.07
N TRP F 82 8.42 8.47 -20.23
CA TRP F 82 7.27 9.35 -20.30
C TRP F 82 6.08 8.73 -19.56
N THR F 83 5.76 7.48 -19.89
CA THR F 83 4.56 6.85 -19.36
C THR F 83 4.66 6.50 -17.88
N SER F 84 5.88 6.31 -17.39
CA SER F 84 6.05 5.99 -16.00
C SER F 84 6.17 7.25 -15.14
N SER F 85 6.45 8.37 -15.78
CA SER F 85 6.65 9.64 -15.08
C SER F 85 5.33 10.35 -14.79
N PHE F 86 4.28 10.03 -15.55
CA PHE F 86 2.98 10.70 -15.38
C PHE F 86 1.82 9.71 -15.28
N THR F 87 0.97 9.91 -14.28
CA THR F 87 -0.06 8.96 -13.93
C THR F 87 -1.42 9.63 -13.82
N PHE F 88 -2.45 8.92 -14.28
CA PHE F 88 -3.80 9.44 -14.32
C PHE F 88 -4.36 9.67 -12.93
N ASN F 89 -5.02 10.80 -12.75
CA ASN F 89 -5.78 11.10 -11.54
C ASN F 89 -7.25 11.17 -11.95
N GLU F 90 -8.04 10.20 -11.50
CA GLU F 90 -9.42 10.07 -12.00
C GLU F 90 -10.37 11.13 -11.44
N GLU F 91 -9.95 11.88 -10.44
CA GLU F 91 -10.77 12.96 -9.90
C GLU F 91 -10.95 14.09 -10.92
N VAL F 92 -9.86 14.48 -11.60
CA VAL F 92 -9.94 15.58 -12.56
C VAL F 92 -9.64 15.13 -13.98
N GLY F 93 -9.18 13.88 -14.13
CA GLY F 93 -8.97 13.34 -15.47
C GLY F 93 -7.76 13.96 -16.16
N ARG F 94 -6.68 14.11 -15.42
CA ARG F 94 -5.44 14.56 -16.00
C ARG F 94 -4.30 13.71 -15.45
N TYR F 95 -3.20 13.67 -16.18
CA TYR F 95 -2.04 12.91 -15.75
C TYR F 95 -1.07 13.84 -15.02
N PHE F 96 -0.69 13.45 -13.81
CA PHE F 96 0.21 14.26 -12.99
C PHE F 96 1.53 13.57 -12.74
N LEU F 97 2.53 14.36 -12.37
CA LEU F 97 3.85 13.84 -12.07
C LEU F 97 3.71 12.72 -11.07
N ASP F 98 4.42 11.63 -11.33
CA ASP F 98 4.48 10.49 -10.43
C ASP F 98 5.94 10.25 -10.07
N PRO F 99 6.37 10.77 -8.91
CA PRO F 99 7.79 10.77 -8.53
C PRO F 99 8.41 9.37 -8.53
N SER F 100 7.66 8.38 -8.04
CA SER F 100 8.18 7.02 -7.96
C SER F 100 8.68 6.55 -9.33
N GLY F 101 8.17 7.18 -10.39
CA GLY F 101 8.57 6.81 -11.74
C GLY F 101 9.80 7.57 -12.20
N ASP F 102 10.44 8.30 -11.29
CA ASP F 102 11.54 9.21 -11.61
C ASP F 102 10.99 10.40 -12.39
N LEU F 103 11.71 11.53 -12.32
CA LEU F 103 11.36 12.68 -13.15
C LEU F 103 11.66 12.37 -14.59
N PHE F 104 10.96 13.04 -15.50
CA PHE F 104 11.21 12.91 -16.92
C PHE F 104 12.40 13.80 -17.27
N ASN F 105 13.30 13.28 -18.10
CA ASN F 105 14.43 14.06 -18.59
C ASN F 105 14.76 13.70 -20.02
N ASN F 106 14.98 14.73 -20.84
CA ASN F 106 15.24 14.54 -22.26
C ASN F 106 16.70 14.16 -22.51
N GLY F 107 17.47 14.05 -21.43
CA GLY F 107 18.90 13.76 -21.52
C GLY F 107 19.23 12.43 -22.15
N TYR F 108 18.31 11.48 -22.09
CA TYR F 108 18.52 10.19 -22.71
C TYR F 108 18.78 10.43 -24.18
N ARG F 109 17.98 11.31 -24.77
CA ARG F 109 18.04 11.60 -26.19
C ARG F 109 19.37 12.27 -26.55
N TYR F 110 19.90 13.06 -25.64
CA TYR F 110 21.11 13.84 -25.90
C TYR F 110 22.34 12.95 -25.99
N LEU F 111 22.48 12.04 -25.03
CA LEU F 111 23.64 11.14 -25.03
C LEU F 111 23.52 10.13 -26.17
N ASN F 112 22.29 9.88 -26.61
CA ASN F 112 22.06 9.15 -27.85
C ASN F 112 22.81 9.84 -28.98
N TRP F 113 22.64 11.17 -29.06
CA TRP F 113 23.26 11.97 -30.12
C TRP F 113 24.77 11.82 -30.11
N LEU F 114 25.31 11.65 -28.93
CA LEU F 114 26.74 11.43 -28.76
C LEU F 114 27.20 10.26 -29.61
N ILE F 115 26.28 9.35 -29.90
CA ILE F 115 26.56 8.22 -30.77
C ILE F 115 26.18 8.54 -32.21
N ASP F 116 25.00 9.11 -32.39
CA ASP F 116 24.41 9.27 -33.72
C ASP F 116 25.09 10.37 -34.54
N VAL F 117 25.41 11.48 -33.89
CA VAL F 117 25.95 12.65 -34.60
C VAL F 117 27.31 12.35 -35.26
N PRO F 118 28.25 11.79 -34.48
CA PRO F 118 29.53 11.36 -35.04
C PRO F 118 29.41 10.42 -36.23
N MET F 119 28.46 9.49 -36.18
CA MET F 119 28.30 8.48 -37.23
C MET F 119 27.63 9.04 -38.47
N LEU F 120 26.62 9.87 -38.26
CA LEU F 120 25.88 10.46 -39.37
C LEU F 120 26.81 11.37 -40.16
N LEU F 121 27.63 12.13 -39.44
CA LEU F 121 28.59 13.04 -40.06
C LEU F 121 29.68 12.24 -40.77
N PHE F 122 30.05 11.12 -40.18
CA PHE F 122 31.07 10.23 -40.69
C PHE F 122 30.64 9.55 -42.00
N GLN F 123 29.44 9.00 -42.03
CA GLN F 123 29.07 8.12 -43.12
C GLN F 123 29.12 8.79 -44.50
N ILE F 124 28.75 10.06 -44.58
CA ILE F 124 28.77 10.76 -45.86
C ILE F 124 30.17 10.69 -46.50
N LEU F 125 31.21 10.62 -45.67
CA LEU F 125 32.60 10.53 -46.15
C LEU F 125 32.95 9.18 -46.75
N PHE F 126 32.00 8.26 -46.78
CA PHE F 126 32.22 6.96 -47.41
C PHE F 126 31.47 6.88 -48.73
N VAL F 127 30.80 7.98 -49.08
CA VAL F 127 30.01 8.05 -50.32
C VAL F 127 30.57 9.12 -51.26
N VAL F 128 30.83 10.31 -50.73
CA VAL F 128 31.37 11.39 -51.56
C VAL F 128 32.89 11.41 -51.54
N SER F 129 33.47 12.00 -52.59
CA SER F 129 34.91 12.21 -52.66
C SER F 129 35.23 13.66 -52.33
N LEU F 130 36.20 13.86 -51.44
CA LEU F 130 36.67 15.19 -51.12
C LEU F 130 37.64 15.67 -52.19
N THR F 131 37.89 16.97 -52.22
CA THR F 131 38.79 17.58 -53.20
C THR F 131 39.86 18.37 -52.48
N THR F 132 39.50 19.58 -52.04
CA THR F 132 40.44 20.44 -51.34
C THR F 132 40.69 19.91 -49.93
N SER F 133 39.67 19.28 -49.34
CA SER F 133 39.74 18.86 -47.94
C SER F 133 40.31 17.45 -47.79
N LYS F 134 40.78 17.14 -46.59
CA LYS F 134 41.32 15.81 -46.29
C LYS F 134 40.39 14.99 -45.38
N PHE F 135 40.24 13.72 -45.71
CA PHE F 135 39.30 12.82 -45.03
C PHE F 135 39.44 12.83 -43.51
N SER F 136 40.67 12.68 -43.03
CA SER F 136 40.89 12.59 -41.58
C SER F 136 40.57 13.91 -40.87
N SER F 137 40.88 15.03 -41.52
CA SER F 137 40.71 16.33 -40.90
C SER F 137 39.23 16.68 -40.75
N VAL F 138 38.45 16.35 -41.77
CA VAL F 138 37.03 16.64 -41.74
C VAL F 138 36.36 15.78 -40.67
N ARG F 139 36.72 14.51 -40.66
CA ARG F 139 36.22 13.57 -39.68
C ARG F 139 36.47 14.09 -38.26
N ASN F 140 37.72 14.46 -37.99
CA ASN F 140 38.10 14.94 -36.66
C ASN F 140 37.35 16.20 -36.26
N GLN F 141 37.09 17.07 -37.24
CA GLN F 141 36.36 18.31 -36.96
C GLN F 141 34.90 17.99 -36.66
N PHE F 142 34.32 17.09 -37.45
CA PHE F 142 32.96 16.66 -37.23
C PHE F 142 32.81 16.05 -35.83
N TRP F 143 33.73 15.16 -35.47
CA TRP F 143 33.63 14.46 -34.19
C TRP F 143 33.84 15.40 -33.01
N PHE F 144 34.86 16.25 -33.08
CA PHE F 144 35.13 17.11 -31.94
C PHE F 144 33.99 18.11 -31.70
N SER F 145 33.49 18.70 -32.78
CA SER F 145 32.45 19.72 -32.66
C SER F 145 31.11 19.08 -32.34
N GLY F 146 30.87 17.91 -32.92
CA GLY F 146 29.72 17.11 -32.55
C GLY F 146 29.71 16.85 -31.05
N ALA F 147 30.78 16.24 -30.56
CA ALA F 147 30.88 15.94 -29.14
C ALA F 147 30.61 17.19 -28.29
N MET F 148 31.28 18.28 -28.61
CA MET F 148 31.16 19.50 -27.81
C MET F 148 29.75 20.09 -27.87
N MET F 149 29.13 20.00 -29.04
CA MET F 149 27.78 20.53 -29.23
C MET F 149 26.79 19.79 -28.33
N ILE F 150 26.90 18.47 -28.32
CA ILE F 150 26.00 17.63 -27.54
C ILE F 150 26.22 17.82 -26.04
N ILE F 151 27.46 17.68 -25.61
CA ILE F 151 27.80 17.76 -24.20
C ILE F 151 27.36 19.08 -23.60
N THR F 152 27.61 20.17 -24.33
CA THR F 152 27.28 21.49 -23.81
C THR F 152 25.77 21.70 -23.77
N GLY F 153 25.05 21.19 -24.76
CA GLY F 153 23.60 21.27 -24.75
C GLY F 153 22.99 20.40 -23.65
N TYR F 154 23.61 19.24 -23.42
CA TYR F 154 23.17 18.31 -22.40
C TYR F 154 23.19 18.99 -21.04
N ILE F 155 24.31 19.66 -20.75
CA ILE F 155 24.43 20.38 -19.50
C ILE F 155 23.35 21.45 -19.41
N GLY F 156 23.15 22.17 -20.51
CA GLY F 156 22.23 23.31 -20.53
C GLY F 156 20.80 22.95 -20.19
N GLN F 157 20.29 21.88 -20.81
CA GLN F 157 18.88 21.54 -20.69
C GLN F 157 18.46 21.18 -19.27
N PHE F 158 19.41 20.86 -18.40
CA PHE F 158 19.08 20.60 -17.01
C PHE F 158 18.60 21.86 -16.30
N TYR F 159 18.90 23.02 -16.88
CA TYR F 159 18.61 24.29 -16.22
C TYR F 159 17.50 25.06 -16.92
N GLU F 160 16.77 24.38 -17.80
CA GLU F 160 15.82 25.06 -18.66
C GLU F 160 14.71 25.76 -17.87
N VAL F 161 14.53 25.38 -16.61
CA VAL F 161 13.58 26.04 -15.73
C VAL F 161 14.28 26.67 -14.54
N SER F 162 15.30 26.00 -14.00
CA SER F 162 15.90 26.39 -12.73
C SER F 162 16.90 27.53 -12.85
N ASN F 163 17.45 27.72 -14.05
CA ASN F 163 18.43 28.78 -14.27
C ASN F 163 18.51 29.16 -15.74
N LEU F 164 17.66 30.10 -16.13
CA LEU F 164 17.50 30.47 -17.53
C LEU F 164 18.81 30.96 -18.14
N THR F 165 19.68 31.52 -17.30
CA THR F 165 20.95 32.05 -17.78
C THR F 165 21.89 30.94 -18.23
N ALA F 166 22.19 30.02 -17.31
CA ALA F 166 22.98 28.83 -17.65
C ALA F 166 22.37 28.13 -18.86
N PHE F 167 21.06 27.98 -18.85
CA PHE F 167 20.34 27.39 -19.98
C PHE F 167 20.77 28.08 -21.27
N LEU F 168 20.71 29.41 -21.29
CA LEU F 168 20.97 30.16 -22.52
C LEU F 168 22.44 30.21 -22.86
N VAL F 169 23.28 30.36 -21.84
CA VAL F 169 24.72 30.37 -22.05
C VAL F 169 25.20 29.04 -22.63
N TRP F 170 24.86 27.93 -21.98
CA TRP F 170 25.30 26.62 -22.47
C TRP F 170 24.77 26.36 -23.87
N GLY F 171 23.54 26.81 -24.13
CA GLY F 171 22.95 26.67 -25.46
C GLY F 171 23.68 27.48 -26.52
N ALA F 172 24.18 28.64 -26.13
CA ALA F 172 24.93 29.51 -27.04
C ALA F 172 26.24 28.85 -27.41
N ILE F 173 26.93 28.31 -26.41
CA ILE F 173 28.18 27.59 -26.63
C ILE F 173 27.94 26.40 -27.56
N SER F 174 26.87 25.65 -27.31
CA SER F 174 26.56 24.50 -28.14
C SER F 174 26.33 24.95 -29.58
N SER F 175 25.62 26.06 -29.75
CA SER F 175 25.32 26.60 -31.08
C SER F 175 26.59 26.92 -31.87
N ALA F 176 27.61 27.43 -31.19
CA ALA F 176 28.86 27.77 -31.89
C ALA F 176 29.41 26.56 -32.60
N PHE F 177 29.54 25.46 -31.86
CA PHE F 177 30.01 24.21 -32.44
C PHE F 177 29.08 23.76 -33.55
N PHE F 178 27.79 23.98 -33.35
CA PHE F 178 26.78 23.65 -34.34
C PHE F 178 27.06 24.37 -35.67
N PHE F 179 27.25 25.69 -35.61
CA PHE F 179 27.55 26.45 -36.82
C PHE F 179 28.77 25.91 -37.56
N HIS F 180 29.81 25.52 -36.81
CA HIS F 180 31.00 24.96 -37.42
C HIS F 180 30.66 23.69 -38.20
N ILE F 181 29.78 22.87 -37.64
CA ILE F 181 29.37 21.64 -38.29
C ILE F 181 28.66 21.96 -39.59
N LEU F 182 27.72 22.90 -39.55
CA LEU F 182 27.01 23.30 -40.77
C LEU F 182 28.00 23.73 -41.83
N TRP F 183 28.94 24.60 -41.46
CA TRP F 183 29.94 25.10 -42.40
C TRP F 183 30.76 23.93 -42.98
N VAL F 184 31.27 23.06 -42.11
CA VAL F 184 32.05 21.94 -42.60
C VAL F 184 31.21 21.05 -43.52
N MET F 185 29.95 20.82 -43.17
CA MET F 185 29.12 19.89 -43.94
C MET F 185 28.78 20.49 -45.30
N LYS F 186 28.61 21.81 -45.33
CA LYS F 186 28.31 22.50 -46.59
C LYS F 186 29.50 22.33 -47.53
N LYS F 187 30.70 22.39 -46.96
CA LYS F 187 31.92 22.24 -47.75
C LYS F 187 32.04 20.82 -48.31
N VAL F 188 31.71 19.84 -47.48
CA VAL F 188 31.79 18.44 -47.88
C VAL F 188 30.82 18.15 -49.04
N ILE F 189 29.65 18.76 -48.98
CA ILE F 189 28.62 18.57 -50.01
C ILE F 189 29.09 19.14 -51.35
N ASN F 190 29.59 20.38 -51.33
CA ASN F 190 30.10 21.03 -52.55
C ASN F 190 31.22 20.23 -53.20
N GLU F 191 32.20 19.81 -52.41
CA GLU F 191 33.29 18.98 -52.91
C GLU F 191 32.76 17.65 -53.43
N GLY F 192 31.78 17.09 -52.73
CA GLY F 192 31.19 15.82 -53.15
C GLY F 192 30.50 15.94 -54.49
N LYS F 193 30.15 17.17 -54.87
CA LYS F 193 29.46 17.41 -56.13
C LYS F 193 30.41 17.51 -57.33
N GLU F 194 31.67 17.84 -57.08
CA GLU F 194 32.67 17.94 -58.14
C GLU F 194 32.88 16.58 -58.80
N GLY F 195 32.63 16.51 -60.10
CA GLY F 195 32.95 15.33 -60.89
C GLY F 195 32.02 14.14 -60.72
N ILE F 196 30.71 14.39 -60.63
CA ILE F 196 29.72 13.32 -60.61
C ILE F 196 28.48 13.72 -61.41
N SER F 197 27.68 12.74 -61.80
CA SER F 197 26.48 12.99 -62.59
C SER F 197 25.59 14.02 -61.93
N PRO F 198 24.84 14.78 -62.74
CA PRO F 198 23.89 15.77 -62.24
C PRO F 198 22.79 15.14 -61.39
N ALA F 199 22.45 13.90 -61.68
CA ALA F 199 21.48 13.18 -60.88
C ALA F 199 22.01 13.09 -59.45
N GLY F 200 23.29 12.76 -59.32
CA GLY F 200 23.92 12.62 -58.02
C GLY F 200 24.09 13.95 -57.31
N GLN F 201 24.35 15.00 -58.08
CA GLN F 201 24.50 16.33 -57.52
C GLN F 201 23.16 16.80 -56.97
N LYS F 202 22.08 16.40 -57.63
CA LYS F 202 20.74 16.76 -57.21
C LYS F 202 20.42 16.12 -55.85
N ILE F 203 20.75 14.85 -55.70
CA ILE F 203 20.57 14.16 -54.44
C ILE F 203 21.35 14.83 -53.31
N LEU F 204 22.56 15.27 -53.61
CA LEU F 204 23.38 15.96 -52.60
C LEU F 204 22.79 17.31 -52.21
N SER F 205 22.16 17.98 -53.16
CA SER F 205 21.50 19.25 -52.85
C SER F 205 20.29 18.99 -51.94
N ASN F 206 19.58 17.90 -52.21
CA ASN F 206 18.50 17.47 -51.35
C ASN F 206 19.00 17.09 -49.96
N ILE F 207 20.12 16.39 -49.91
CA ILE F 207 20.71 16.01 -48.64
C ILE F 207 21.04 17.23 -47.80
N TRP F 208 21.67 18.24 -48.43
CA TRP F 208 22.05 19.46 -47.72
C TRP F 208 20.86 20.20 -47.12
N ILE F 209 19.78 20.30 -47.88
CA ILE F 209 18.56 20.92 -47.39
C ILE F 209 17.92 20.09 -46.28
N LEU F 210 17.88 18.78 -46.48
CA LEU F 210 17.41 17.86 -45.45
C LEU F 210 18.20 18.07 -44.18
N PHE F 211 19.52 18.03 -44.32
CA PHE F 211 20.43 18.17 -43.19
C PHE F 211 20.22 19.49 -42.47
N LEU F 212 20.16 20.57 -43.23
CA LEU F 212 20.06 21.91 -42.65
C LEU F 212 18.76 22.12 -41.86
N ILE F 213 17.65 21.72 -42.45
CA ILE F 213 16.36 21.88 -41.80
C ILE F 213 16.25 20.96 -40.60
N SER F 214 16.54 19.68 -40.79
CA SER F 214 16.34 18.70 -39.73
C SER F 214 17.20 19.00 -38.50
N TRP F 215 18.48 19.29 -38.71
CA TRP F 215 19.41 19.54 -37.61
C TRP F 215 19.09 20.83 -36.86
N THR F 216 18.50 21.78 -37.56
CA THR F 216 18.12 23.06 -36.95
C THR F 216 16.87 22.90 -36.08
N LEU F 217 16.13 21.82 -36.29
CA LEU F 217 14.96 21.52 -35.46
C LEU F 217 15.34 21.30 -34.01
N TYR F 218 16.51 20.72 -33.79
CA TYR F 218 16.92 20.37 -32.44
C TYR F 218 17.03 21.58 -31.50
N PRO F 219 17.81 22.59 -31.90
CA PRO F 219 17.85 23.80 -31.07
C PRO F 219 16.47 24.45 -30.89
N GLY F 220 15.55 24.20 -31.83
CA GLY F 220 14.18 24.67 -31.66
C GLY F 220 13.46 23.88 -30.57
N ALA F 221 13.74 22.60 -30.49
CA ALA F 221 13.17 21.76 -29.44
C ALA F 221 13.76 22.17 -28.10
N TYR F 222 15.07 22.38 -28.08
CA TYR F 222 15.75 22.89 -26.90
C TYR F 222 15.01 24.09 -26.32
N LEU F 223 14.75 25.10 -27.16
CA LEU F 223 14.16 26.36 -26.69
C LEU F 223 12.64 26.32 -26.62
N MET F 224 12.03 25.33 -27.27
CA MET F 224 10.59 25.27 -27.46
C MET F 224 9.75 25.90 -26.37
N PRO F 225 9.94 25.48 -25.11
CA PRO F 225 9.03 25.97 -24.06
C PRO F 225 8.97 27.50 -23.97
N TYR F 226 9.98 28.19 -24.50
CA TYR F 226 10.08 29.64 -24.34
C TYR F 226 9.88 30.41 -25.64
N LEU F 227 9.55 29.71 -26.73
CA LEU F 227 9.45 30.33 -28.03
C LEU F 227 8.26 31.29 -28.14
N THR F 228 7.42 31.32 -27.11
CA THR F 228 6.29 32.25 -27.08
C THR F 228 6.34 33.11 -25.81
N GLY F 229 7.53 33.23 -25.24
CA GLY F 229 7.69 33.93 -23.97
C GLY F 229 7.16 33.08 -22.83
N ASP F 231 5.61 32.86 -20.03
CA ASP F 231 4.22 32.50 -19.75
C ASP F 231 3.39 32.45 -21.04
N GLY F 232 4.04 32.03 -22.13
CA GLY F 232 3.40 32.02 -23.43
C GLY F 232 2.61 30.75 -23.70
N PHE F 233 2.04 30.68 -24.89
CA PHE F 233 1.22 29.56 -25.30
C PHE F 233 1.99 28.23 -25.19
N LEU F 234 3.30 28.26 -25.41
CA LEU F 234 4.09 27.03 -25.43
C LEU F 234 4.65 26.63 -24.07
N TYR F 235 4.59 27.53 -23.10
CA TYR F 235 4.98 27.15 -21.76
C TYR F 235 3.79 26.46 -21.10
N SER F 236 3.48 25.28 -21.63
CA SER F 236 2.26 24.57 -21.28
C SER F 236 2.37 23.14 -21.79
N GLU F 237 1.28 22.38 -21.72
CA GLU F 237 1.28 21.04 -22.29
C GLU F 237 1.45 21.09 -23.81
N ASP F 238 0.99 22.15 -24.45
CA ASP F 238 1.14 22.31 -25.89
C ASP F 238 2.62 22.37 -26.26
N GLY F 239 3.40 23.09 -25.46
CA GLY F 239 4.84 23.15 -25.65
C GLY F 239 5.48 21.79 -25.50
N VAL F 240 5.01 21.01 -24.53
CA VAL F 240 5.51 19.66 -24.31
C VAL F 240 5.21 18.77 -25.51
N MET F 241 3.98 18.84 -26.00
CA MET F 241 3.60 18.07 -27.18
C MET F 241 4.49 18.48 -28.36
N ALA F 242 4.64 19.78 -28.57
CA ALA F 242 5.42 20.32 -29.69
C ALA F 242 6.89 19.91 -29.61
N ARG F 243 7.49 20.02 -28.43
CA ARG F 243 8.88 19.63 -28.30
C ARG F 243 9.12 18.20 -28.79
N GLN F 244 8.28 17.27 -28.37
CA GLN F 244 8.51 15.86 -28.67
C GLN F 244 8.08 15.50 -30.09
N LEU F 245 7.11 16.22 -30.63
CA LEU F 245 6.77 16.09 -32.04
C LEU F 245 7.97 16.50 -32.88
N VAL F 246 8.56 17.66 -32.55
CA VAL F 246 9.70 18.18 -33.29
C VAL F 246 10.91 17.23 -33.21
N TYR F 247 11.19 16.70 -32.02
CA TYR F 247 12.28 15.72 -31.87
C TYR F 247 12.06 14.54 -32.77
N THR F 248 10.82 14.04 -32.79
CA THR F 248 10.50 12.84 -33.56
C THR F 248 10.64 13.11 -35.05
N ILE F 249 10.12 14.24 -35.50
CA ILE F 249 10.29 14.65 -36.89
C ILE F 249 11.79 14.81 -37.17
N ALA F 250 12.46 15.54 -36.29
CA ALA F 250 13.88 15.76 -36.46
C ALA F 250 14.64 14.43 -36.59
N ASP F 251 14.36 13.51 -35.66
CA ASP F 251 15.06 12.24 -35.62
C ASP F 251 14.83 11.39 -36.85
N VAL F 252 13.58 11.28 -37.28
CA VAL F 252 13.24 10.50 -38.46
C VAL F 252 13.90 11.09 -39.71
N SER F 253 14.03 12.40 -39.73
CA SER F 253 14.57 13.09 -40.89
C SER F 253 16.09 13.03 -40.95
N SER F 254 16.74 13.33 -39.83
CA SER F 254 18.18 13.44 -39.77
C SER F 254 18.92 12.10 -39.84
N VAL F 256 16.75 8.55 -40.72
CA VAL F 256 16.22 7.62 -41.71
C VAL F 256 16.27 8.21 -43.13
N ILE F 257 15.67 9.37 -43.30
CA ILE F 257 15.58 9.98 -44.62
C ILE F 257 16.98 10.33 -45.12
N TYR F 258 17.78 10.93 -44.25
CA TYR F 258 19.19 11.15 -44.53
C TYR F 258 19.88 9.88 -45.02
N GLY F 259 19.75 8.80 -44.25
CA GLY F 259 20.37 7.53 -44.60
C GLY F 259 19.89 6.99 -45.94
N VAL F 260 18.61 7.17 -46.22
CA VAL F 260 18.01 6.69 -47.46
C VAL F 260 18.56 7.46 -48.66
N LEU F 261 18.61 8.79 -48.54
CA LEU F 261 19.15 9.64 -49.59
C LEU F 261 20.62 9.32 -49.86
N LEU F 262 21.39 9.10 -48.80
CA LEU F 262 22.80 8.71 -48.97
C LEU F 262 22.90 7.40 -49.73
N GLY F 263 22.03 6.45 -49.42
CA GLY F 263 22.01 5.17 -50.12
C GLY F 263 21.75 5.38 -51.60
N ASN F 264 20.81 6.26 -51.91
CA ASN F 264 20.45 6.54 -53.29
C ASN F 264 21.58 7.23 -54.04
N LEU F 265 22.30 8.12 -53.36
CA LEU F 265 23.50 8.70 -53.93
C LEU F 265 24.51 7.59 -54.23
N ALA F 266 24.73 6.71 -53.26
CA ALA F 266 25.64 5.58 -53.43
C ALA F 266 25.23 4.71 -54.61
N ILE F 267 23.94 4.53 -54.80
CA ILE F 267 23.47 3.74 -55.93
C ILE F 267 23.81 4.42 -57.24
N THR F 268 23.54 5.72 -57.35
CA THR F 268 23.81 6.43 -58.60
C THR F 268 25.30 6.37 -58.92
N LEU F 269 26.14 6.51 -57.89
CA LEU F 269 27.59 6.50 -58.08
C LEU F 269 28.12 5.08 -58.34
N SER F 270 27.29 4.07 -58.17
CA SER F 270 27.73 2.68 -58.30
C SER F 270 27.73 2.25 -59.76
N LYS F 271 28.62 1.32 -60.09
CA LYS F 271 28.72 0.77 -61.44
C LYS F 271 28.04 -0.60 -61.51
N LYS F 273 24.92 -0.43 -61.34
CA LYS F 273 23.71 -0.27 -60.53
C LYS F 273 23.09 1.10 -60.73
N GLU F 274 21.76 1.16 -60.67
CA GLU F 274 21.03 2.40 -60.87
C GLU F 274 19.65 2.32 -60.22
N LEU F 275 19.04 3.47 -60.00
CA LEU F 275 17.73 3.53 -59.35
C LEU F 275 16.65 2.96 -60.27
N GLU G 4 -14.35 11.55 -14.45
CA GLU G 4 -13.99 12.55 -15.50
C GLU G 4 -12.95 11.97 -16.45
N LEU G 5 -13.39 11.50 -17.61
CA LEU G 5 -12.49 10.89 -18.59
C LEU G 5 -12.11 11.86 -19.70
N GLY G 6 -13.02 12.78 -20.02
CA GLY G 6 -12.76 13.79 -21.04
C GLY G 6 -12.74 13.22 -22.44
N ASN G 7 -11.71 13.58 -23.19
CA ASN G 7 -11.55 13.13 -24.57
C ASN G 7 -10.92 11.74 -24.67
N ALA G 8 -11.64 10.73 -24.21
CA ALA G 8 -11.12 9.37 -24.15
C ALA G 8 -11.96 8.42 -25.00
N ASN G 9 -11.33 7.34 -25.48
CA ASN G 9 -12.02 6.34 -26.29
C ASN G 9 -13.12 5.69 -25.49
N PHE G 10 -14.15 5.21 -26.18
CA PHE G 10 -15.35 4.72 -25.51
C PHE G 10 -15.06 3.46 -24.69
N GLU G 11 -13.97 2.76 -25.03
CA GLU G 11 -13.53 1.61 -24.24
C GLU G 11 -13.47 1.94 -22.75
N ASN G 12 -13.01 3.14 -22.44
CA ASN G 12 -12.81 3.53 -21.05
C ASN G 12 -14.12 3.82 -20.33
N PHE G 13 -15.09 4.32 -21.10
CA PHE G 13 -16.42 4.60 -20.54
C PHE G 13 -17.12 3.30 -20.19
N ILE G 14 -17.04 2.33 -21.08
CA ILE G 14 -17.60 1.01 -20.78
C ILE G 14 -16.86 0.45 -19.57
N GLY G 15 -15.52 0.51 -19.60
CA GLY G 15 -14.71 -0.02 -18.51
C GLY G 15 -14.98 0.64 -17.18
N ALA G 16 -15.32 1.93 -17.21
CA ALA G 16 -15.50 2.70 -15.98
C ALA G 16 -16.90 2.57 -15.39
N THR G 17 -17.86 2.18 -16.23
CA THR G 17 -19.24 2.12 -15.79
C THR G 17 -19.67 0.67 -15.48
N GLU G 18 -19.88 -0.14 -16.51
CA GLU G 18 -20.34 -1.51 -16.34
C GLU G 18 -19.18 -2.50 -16.20
N GLY G 19 -18.01 -2.13 -16.72
CA GLY G 19 -16.86 -3.02 -16.68
C GLY G 19 -16.97 -4.10 -17.74
N PHE G 20 -15.88 -4.85 -17.91
CA PHE G 20 -15.83 -5.91 -18.91
C PHE G 20 -15.97 -7.27 -18.23
N SER G 21 -16.76 -8.15 -18.84
CA SER G 21 -16.87 -9.52 -18.38
C SER G 21 -15.60 -10.29 -18.73
N GLU G 22 -15.45 -11.46 -18.14
CA GLU G 22 -14.28 -12.29 -18.37
C GLU G 22 -14.07 -12.57 -19.87
N ILE G 23 -15.12 -12.99 -20.56
CA ILE G 23 -15.02 -13.26 -22.00
C ILE G 23 -14.58 -12.02 -22.79
N ALA G 24 -15.23 -10.90 -22.55
CA ALA G 24 -14.94 -9.68 -23.30
C ALA G 24 -13.49 -9.21 -23.08
N TYR G 25 -13.06 -9.19 -21.83
CA TYR G 25 -11.72 -8.76 -21.51
C TYR G 25 -10.70 -9.69 -22.12
N GLN G 26 -10.93 -10.99 -21.92
CA GLN G 26 -10.00 -12.01 -22.38
C GLN G 26 -9.92 -12.05 -23.91
N PHE G 27 -11.06 -12.14 -24.58
CA PHE G 27 -11.07 -12.16 -26.04
C PHE G 27 -10.27 -10.99 -26.59
N THR G 28 -10.52 -9.80 -26.05
CA THR G 28 -9.87 -8.60 -26.57
C THR G 28 -8.37 -8.74 -26.40
N SER G 29 -7.95 -9.27 -25.25
CA SER G 29 -6.54 -9.49 -25.03
C SER G 29 -5.99 -10.52 -26.01
N HIS G 30 -6.74 -11.60 -26.25
CA HIS G 30 -6.29 -12.65 -27.13
C HIS G 30 -6.11 -12.17 -28.56
N ILE G 31 -7.04 -11.35 -29.03
CA ILE G 31 -7.08 -10.96 -30.42
C ILE G 31 -6.00 -9.92 -30.72
N LEU G 32 -5.66 -9.10 -29.73
CA LEU G 32 -4.56 -8.15 -29.88
C LEU G 32 -3.26 -8.94 -29.90
N THR G 33 -3.23 -10.00 -29.09
CA THR G 33 -2.04 -10.84 -28.95
C THR G 33 -1.78 -11.61 -30.24
N LEU G 34 -2.82 -12.25 -30.78
CA LEU G 34 -2.73 -12.92 -32.07
C LEU G 34 -2.25 -11.92 -33.13
N GLY G 35 -2.78 -10.71 -33.05
CA GLY G 35 -2.41 -9.63 -33.95
C GLY G 35 -0.91 -9.46 -34.06
N TYR G 36 -0.25 -9.17 -32.94
CA TYR G 36 1.18 -8.92 -32.98
C TYR G 36 1.97 -10.19 -33.31
N ALA G 37 1.46 -11.33 -32.89
CA ALA G 37 2.12 -12.58 -33.16
C ALA G 37 2.23 -12.79 -34.68
N VAL G 38 1.16 -12.43 -35.38
CA VAL G 38 1.12 -12.60 -36.82
C VAL G 38 2.16 -11.72 -37.49
N MET G 39 2.31 -10.49 -37.00
CA MET G 39 3.25 -9.55 -37.60
C MET G 39 4.70 -10.04 -37.47
N LEU G 40 5.07 -10.54 -36.30
CA LEU G 40 6.44 -11.05 -36.12
C LEU G 40 6.66 -12.32 -36.95
N ALA G 41 5.63 -13.16 -37.02
CA ALA G 41 5.69 -14.34 -37.88
C ALA G 41 5.90 -13.91 -39.33
N GLY G 42 5.12 -12.92 -39.75
CA GLY G 42 5.20 -12.39 -41.11
C GLY G 42 6.56 -11.78 -41.43
N LEU G 43 7.15 -11.10 -40.45
CA LEU G 43 8.48 -10.52 -40.63
C LEU G 43 9.45 -11.61 -41.08
N LEU G 44 9.36 -12.75 -40.43
CA LEU G 44 10.24 -13.87 -40.70
C LEU G 44 9.99 -14.41 -42.11
N TYR G 45 8.73 -14.62 -42.45
CA TYR G 45 8.38 -15.08 -43.78
C TYR G 45 8.93 -14.15 -44.87
N PHE G 46 8.72 -12.85 -44.71
CA PHE G 46 9.10 -11.91 -45.75
C PHE G 46 10.61 -11.78 -45.90
N ILE G 47 11.34 -11.80 -44.79
CA ILE G 47 12.79 -11.79 -44.85
C ILE G 47 13.29 -13.05 -45.54
N LEU G 48 12.78 -14.20 -45.09
CA LEU G 48 13.25 -15.49 -45.61
C LEU G 48 12.90 -15.75 -47.07
N THR G 49 11.90 -15.06 -47.62
CA THR G 49 11.49 -15.32 -49.00
C THR G 49 12.02 -14.30 -49.98
N ILE G 50 12.90 -13.42 -49.53
CA ILE G 50 13.40 -12.32 -50.35
C ILE G 50 13.99 -12.81 -51.68
N LYS G 51 14.79 -13.88 -51.64
CA LYS G 51 15.50 -14.36 -52.82
C LYS G 51 14.61 -15.14 -53.80
N ASN G 52 13.33 -15.25 -53.50
CA ASN G 52 12.44 -16.03 -54.35
C ASN G 52 11.92 -15.22 -55.52
N VAL G 53 12.30 -13.95 -55.59
CA VAL G 53 11.91 -13.09 -56.70
C VAL G 53 13.14 -12.42 -57.26
N ASP G 54 13.04 -11.94 -58.50
CA ASP G 54 14.18 -11.28 -59.14
C ASP G 54 14.57 -10.08 -58.32
N LYS G 55 15.83 -9.68 -58.45
CA LYS G 55 16.39 -8.57 -57.70
C LYS G 55 15.49 -7.34 -57.70
N LYS G 56 14.98 -6.97 -58.88
CA LYS G 56 14.21 -5.74 -59.03
C LYS G 56 12.97 -5.70 -58.14
N PHE G 57 12.41 -6.86 -57.83
CA PHE G 57 11.18 -6.94 -57.05
C PHE G 57 11.44 -7.00 -55.54
N GLN G 58 12.68 -7.29 -55.17
CA GLN G 58 13.02 -7.58 -53.79
C GLN G 58 12.67 -6.44 -52.83
N MET G 59 12.67 -5.21 -53.33
CA MET G 59 12.36 -4.06 -52.49
C MET G 59 10.95 -4.21 -51.89
N SER G 60 10.06 -4.91 -52.59
CA SER G 60 8.72 -5.09 -52.07
C SER G 60 8.72 -6.01 -50.86
N ASN G 61 9.56 -7.05 -50.90
CA ASN G 61 9.77 -7.91 -49.74
C ASN G 61 10.32 -7.12 -48.56
N ILE G 62 11.32 -6.29 -48.84
CA ILE G 62 11.94 -5.46 -47.82
C ILE G 62 10.92 -4.51 -47.16
N LEU G 63 10.10 -3.85 -47.97
CA LEU G 63 9.11 -2.94 -47.43
C LEU G 63 8.06 -3.69 -46.60
N SER G 64 7.66 -4.87 -47.06
CA SER G 64 6.77 -5.72 -46.27
C SER G 64 7.34 -6.01 -44.89
N ALA G 65 8.62 -6.40 -44.85
CA ALA G 65 9.30 -6.66 -43.60
C ALA G 65 9.27 -5.42 -42.71
N VAL G 66 9.57 -4.27 -43.31
CA VAL G 66 9.52 -2.99 -42.62
C VAL G 66 8.17 -2.77 -41.95
N VAL G 67 7.10 -3.04 -42.68
CA VAL G 67 5.75 -2.89 -42.14
C VAL G 67 5.50 -3.88 -41.01
N MET G 68 6.04 -5.10 -41.14
CA MET G 68 5.90 -6.09 -40.09
C MET G 68 6.53 -5.62 -38.75
N VAL G 69 7.72 -5.02 -38.82
CA VAL G 69 8.41 -4.55 -37.63
C VAL G 69 7.58 -3.51 -36.89
N SER G 70 7.15 -2.48 -37.62
CA SER G 70 6.32 -1.43 -37.08
C SER G 70 5.01 -1.98 -36.52
N ALA G 71 4.41 -2.91 -37.24
CA ALA G 71 3.11 -3.42 -36.85
C ALA G 71 3.24 -4.32 -35.62
N PHE G 72 4.31 -5.12 -35.58
CA PHE G 72 4.57 -5.93 -34.40
C PHE G 72 4.64 -5.04 -33.18
N LEU G 73 5.47 -4.00 -33.26
CA LEU G 73 5.76 -3.18 -32.09
C LEU G 73 4.50 -2.49 -31.58
N LEU G 74 3.74 -1.89 -32.47
CA LEU G 74 2.53 -1.19 -32.05
CA LEU G 74 2.54 -1.18 -32.05
C LEU G 74 1.50 -2.15 -31.48
N LEU G 75 1.23 -3.23 -32.20
CA LEU G 75 0.26 -4.20 -31.74
C LEU G 75 0.68 -4.79 -30.40
N TYR G 76 1.99 -4.94 -30.20
CA TYR G 76 2.50 -5.42 -28.91
C TYR G 76 2.21 -4.42 -27.81
N ALA G 77 2.55 -3.16 -28.05
CA ALA G 77 2.30 -2.09 -27.08
C ALA G 77 0.81 -1.93 -26.78
N GLN G 78 -0.03 -2.16 -27.78
CA GLN G 78 -1.47 -2.00 -27.60
C GLN G 78 -2.01 -3.15 -26.75
N ALA G 79 -1.46 -4.33 -26.94
CA ALA G 79 -1.84 -5.48 -26.12
C ALA G 79 -1.53 -5.23 -24.65
N GLN G 80 -0.36 -4.64 -24.37
CA GLN G 80 0.00 -4.27 -22.99
C GLN G 80 -0.91 -3.15 -22.47
N ASN G 81 -1.21 -2.19 -23.33
CA ASN G 81 -2.07 -1.09 -22.92
CA ASN G 81 -2.08 -1.08 -22.96
C ASN G 81 -3.44 -1.59 -22.50
N TRP G 82 -3.98 -2.57 -23.22
CA TRP G 82 -5.26 -3.18 -22.88
C TRP G 82 -5.24 -3.84 -21.51
N THR G 83 -4.21 -4.63 -21.24
CA THR G 83 -4.18 -5.41 -20.02
C THR G 83 -3.88 -4.54 -18.78
N SER G 84 -3.26 -3.39 -18.99
CA SER G 84 -2.94 -2.54 -17.84
C SER G 84 -3.99 -1.48 -17.55
N SER G 85 -4.90 -1.26 -18.50
CA SER G 85 -5.94 -0.25 -18.34
C SER G 85 -7.16 -0.79 -17.61
N PHE G 86 -7.33 -2.11 -17.62
CA PHE G 86 -8.50 -2.72 -17.00
C PHE G 86 -8.08 -3.83 -16.06
N THR G 87 -8.64 -3.80 -14.85
CA THR G 87 -8.23 -4.71 -13.79
C THR G 87 -9.45 -5.40 -13.20
N PHE G 88 -9.26 -6.64 -12.75
CA PHE G 88 -10.34 -7.48 -12.28
C PHE G 88 -10.79 -7.02 -10.89
N ASN G 89 -12.10 -6.91 -10.72
CA ASN G 89 -12.68 -6.66 -9.41
C ASN G 89 -13.37 -7.93 -8.94
N GLU G 90 -12.86 -8.50 -7.85
CA GLU G 90 -13.26 -9.83 -7.40
C GLU G 90 -14.66 -9.88 -6.79
N GLU G 91 -15.11 -8.78 -6.21
CA GLU G 91 -16.46 -8.73 -5.64
C GLU G 91 -17.48 -8.81 -6.76
N VAL G 92 -17.17 -8.14 -7.88
CA VAL G 92 -18.08 -8.00 -9.01
C VAL G 92 -17.84 -9.09 -10.05
N GLY G 93 -16.60 -9.56 -10.15
CA GLY G 93 -16.24 -10.55 -11.15
C GLY G 93 -16.14 -9.96 -12.55
N ARG G 94 -15.81 -8.68 -12.64
CA ARG G 94 -15.64 -8.01 -13.93
C ARG G 94 -14.38 -7.15 -13.90
N TYR G 95 -13.91 -6.72 -15.08
CA TYR G 95 -12.72 -5.90 -15.17
C TYR G 95 -13.09 -4.44 -15.35
N PHE G 96 -12.56 -3.57 -14.49
CA PHE G 96 -12.88 -2.14 -14.53
C PHE G 96 -11.66 -1.28 -14.85
N LEU G 97 -11.92 -0.06 -15.32
CA LEU G 97 -10.87 0.90 -15.61
C LEU G 97 -9.93 1.00 -14.42
N ASP G 98 -8.63 0.93 -14.69
CA ASP G 98 -7.61 1.05 -13.67
C ASP G 98 -6.75 2.26 -14.00
N PRO G 99 -7.02 3.40 -13.35
CA PRO G 99 -6.38 4.68 -13.66
C PRO G 99 -4.86 4.60 -13.81
N SER G 100 -4.21 3.87 -12.90
CA SER G 100 -2.76 3.79 -12.87
C SER G 100 -2.17 3.17 -14.13
N GLY G 101 -3.00 2.52 -14.94
CA GLY G 101 -2.54 1.91 -16.17
C GLY G 101 -2.64 2.84 -17.36
N ASP G 102 -3.09 4.08 -17.12
CA ASP G 102 -3.41 5.00 -18.20
C ASP G 102 -4.72 4.56 -18.83
N LEU G 103 -5.43 5.53 -19.40
CA LEU G 103 -6.60 5.26 -20.20
C LEU G 103 -6.21 4.49 -21.45
N PHE G 104 -7.12 3.69 -21.98
CA PHE G 104 -6.87 2.98 -23.22
C PHE G 104 -7.09 3.92 -24.39
N ASN G 105 -6.21 3.89 -25.37
CA ASN G 105 -6.38 4.73 -26.56
C ASN G 105 -5.91 4.02 -27.83
N ASN G 106 -6.75 4.06 -28.85
CA ASN G 106 -6.44 3.43 -30.13
C ASN G 106 -5.45 4.27 -30.94
N GLY G 107 -5.15 5.47 -30.43
CA GLY G 107 -4.31 6.43 -31.13
C GLY G 107 -2.92 5.89 -31.46
N TYR G 108 -2.39 5.03 -30.61
CA TYR G 108 -1.10 4.40 -30.87
C TYR G 108 -1.13 3.83 -32.28
N ARG G 109 -2.23 3.14 -32.57
CA ARG G 109 -2.44 2.48 -33.85
C ARG G 109 -2.42 3.50 -35.00
N TYR G 110 -3.13 4.60 -34.82
CA TYR G 110 -3.26 5.60 -35.87
C TYR G 110 -1.90 6.17 -36.29
N LEU G 111 -1.09 6.61 -35.32
CA LEU G 111 0.18 7.27 -35.63
C LEU G 111 1.18 6.29 -36.25
N ASN G 112 1.03 5.01 -35.93
CA ASN G 112 1.79 3.93 -36.56
CA ASN G 112 1.86 4.01 -36.58
C ASN G 112 1.43 3.78 -38.04
N TRP G 113 0.19 4.15 -38.38
CA TRP G 113 -0.26 4.08 -39.77
C TRP G 113 0.54 5.07 -40.63
N LEU G 114 1.16 6.04 -39.97
CA LEU G 114 2.02 6.98 -40.66
C LEU G 114 3.21 6.27 -41.28
N ILE G 115 3.56 5.12 -40.71
CA ILE G 115 4.57 4.26 -41.30
C ILE G 115 3.95 3.32 -42.33
N ASP G 116 2.91 2.61 -41.91
CA ASP G 116 2.37 1.50 -42.70
C ASP G 116 1.71 1.96 -43.99
N VAL G 117 0.86 2.97 -43.91
CA VAL G 117 0.07 3.36 -45.08
C VAL G 117 0.97 3.76 -46.24
N PRO G 118 1.91 4.68 -46.00
CA PRO G 118 2.88 5.10 -47.01
C PRO G 118 3.71 3.96 -47.59
N MET G 119 4.12 3.01 -46.75
CA MET G 119 4.96 1.91 -47.21
C MET G 119 4.14 0.92 -48.03
N LEU G 120 2.95 0.59 -47.54
CA LEU G 120 2.06 -0.35 -48.22
C LEU G 120 1.64 0.16 -49.60
N LEU G 121 1.37 1.44 -49.69
CA LEU G 121 0.99 2.03 -50.96
C LEU G 121 2.20 2.09 -51.87
N PHE G 122 3.34 2.38 -51.26
CA PHE G 122 4.60 2.52 -51.98
C PHE G 122 5.10 1.23 -52.60
N GLN G 123 5.02 0.14 -51.85
CA GLN G 123 5.74 -1.08 -52.23
C GLN G 123 5.23 -1.71 -53.52
N ILE G 124 3.96 -1.49 -53.84
CA ILE G 124 3.39 -2.07 -55.05
C ILE G 124 4.08 -1.49 -56.28
N LEU G 125 4.53 -0.25 -56.16
CA LEU G 125 5.20 0.42 -57.27
C LEU G 125 6.59 -0.18 -57.55
N PHE G 126 7.00 -1.16 -56.76
CA PHE G 126 8.24 -1.88 -57.02
C PHE G 126 7.97 -3.22 -57.67
N VAL G 127 6.70 -3.58 -57.81
CA VAL G 127 6.34 -4.83 -58.48
C VAL G 127 5.66 -4.58 -59.83
N VAL G 128 4.64 -3.74 -59.86
CA VAL G 128 3.99 -3.41 -61.11
C VAL G 128 4.75 -2.32 -61.84
N SER G 129 4.54 -2.24 -63.15
CA SER G 129 5.09 -1.15 -63.95
C SER G 129 3.99 -0.16 -64.33
N LEU G 130 4.17 1.09 -63.94
CA LEU G 130 3.29 2.14 -64.37
C LEU G 130 3.45 2.36 -65.88
N THR G 131 2.42 2.89 -66.53
CA THR G 131 2.49 3.15 -67.96
C THR G 131 2.43 4.65 -68.24
N THR G 132 1.24 5.22 -68.17
CA THR G 132 1.06 6.66 -68.41
C THR G 132 1.30 7.54 -67.18
N SER G 133 1.30 6.94 -65.98
CA SER G 133 1.53 7.68 -64.75
C SER G 133 3.01 7.67 -64.37
N LYS G 134 3.43 8.70 -63.65
CA LYS G 134 4.81 8.82 -63.20
C LYS G 134 4.96 8.32 -61.76
N PHE G 135 6.03 7.58 -61.53
CA PHE G 135 6.34 6.98 -60.25
C PHE G 135 6.29 8.02 -59.13
N SER G 136 6.93 9.16 -59.35
CA SER G 136 7.05 10.20 -58.35
C SER G 136 5.73 10.90 -58.02
N SER G 137 4.84 11.01 -59.01
CA SER G 137 3.57 11.68 -58.79
C SER G 137 2.62 10.80 -57.99
N VAL G 138 2.57 9.53 -58.36
CA VAL G 138 1.74 8.56 -57.64
C VAL G 138 2.20 8.45 -56.19
N ARG G 139 3.48 8.21 -56.00
CA ARG G 139 4.10 8.11 -54.68
C ARG G 139 3.71 9.28 -53.79
N ASN G 140 3.92 10.49 -54.30
CA ASN G 140 3.60 11.71 -53.57
C ASN G 140 2.12 11.83 -53.23
N GLN G 141 1.27 11.42 -54.16
CA GLN G 141 -0.17 11.46 -53.95
C GLN G 141 -0.54 10.51 -52.81
N PHE G 142 -0.06 9.27 -52.90
CA PHE G 142 -0.32 8.30 -51.84
C PHE G 142 0.15 8.85 -50.50
N TRP G 143 1.36 9.38 -50.49
CA TRP G 143 1.97 9.80 -49.24
C TRP G 143 1.23 10.97 -48.62
N PHE G 144 0.91 11.99 -49.41
CA PHE G 144 0.25 13.18 -48.88
C PHE G 144 -1.18 12.88 -48.46
N SER G 145 -1.88 12.11 -49.27
CA SER G 145 -3.28 11.79 -48.97
C SER G 145 -3.35 10.83 -47.79
N GLY G 146 -2.42 9.87 -47.73
CA GLY G 146 -2.37 8.93 -46.62
C GLY G 146 -2.12 9.64 -45.31
N ALA G 147 -1.16 10.56 -45.29
CA ALA G 147 -0.83 11.31 -44.10
C ALA G 147 -2.01 12.15 -43.64
N MET G 148 -2.70 12.77 -44.58
CA MET G 148 -3.85 13.60 -44.24
C MET G 148 -4.99 12.73 -43.69
N MET G 149 -5.21 11.60 -44.32
CA MET G 149 -6.25 10.69 -43.90
C MET G 149 -6.01 10.23 -42.46
N ILE G 150 -4.77 9.88 -42.16
CA ILE G 150 -4.43 9.37 -40.85
C ILE G 150 -4.53 10.48 -39.80
N ILE G 151 -3.95 11.63 -40.10
CA ILE G 151 -3.88 12.72 -39.15
C ILE G 151 -5.28 13.22 -38.78
N THR G 152 -6.16 13.36 -39.77
CA THR G 152 -7.51 13.86 -39.50
C THR G 152 -8.36 12.81 -38.75
N GLY G 153 -8.15 11.53 -39.06
CA GLY G 153 -8.83 10.47 -38.32
C GLY G 153 -8.36 10.42 -36.87
N TYR G 154 -7.06 10.65 -36.69
CA TYR G 154 -6.42 10.62 -35.38
C TYR G 154 -7.03 11.67 -34.46
N ILE G 155 -7.09 12.90 -34.96
CA ILE G 155 -7.70 13.98 -34.21
C ILE G 155 -9.12 13.58 -33.84
N GLY G 156 -9.84 13.08 -34.83
CA GLY G 156 -11.24 12.74 -34.68
C GLY G 156 -11.54 11.72 -33.60
N GLN G 157 -10.74 10.65 -33.53
CA GLN G 157 -11.04 9.54 -32.62
C GLN G 157 -10.97 9.93 -31.15
N PHE G 158 -10.24 11.00 -30.84
CA PHE G 158 -10.18 11.51 -29.48
C PHE G 158 -11.54 12.04 -29.02
N TYR G 159 -12.40 12.36 -29.97
CA TYR G 159 -13.70 12.95 -29.65
C TYR G 159 -14.87 12.00 -29.85
N GLU G 160 -14.58 10.71 -29.99
CA GLU G 160 -15.62 9.75 -30.35
C GLU G 160 -16.72 9.68 -29.29
N VAL G 161 -16.43 10.14 -28.08
CA VAL G 161 -17.45 10.19 -27.02
C VAL G 161 -17.74 11.62 -26.56
N SER G 162 -16.69 12.41 -26.35
CA SER G 162 -16.82 13.74 -25.79
C SER G 162 -17.42 14.77 -26.76
N ASN G 163 -17.37 14.50 -28.06
CA ASN G 163 -17.87 15.46 -29.04
C ASN G 163 -18.18 14.82 -30.38
N LEU G 164 -19.34 14.18 -30.46
CA LEU G 164 -19.77 13.44 -31.64
C LEU G 164 -19.60 14.23 -32.94
N THR G 165 -19.80 15.55 -32.88
CA THR G 165 -19.79 16.37 -34.09
C THR G 165 -18.40 16.50 -34.68
N ALA G 166 -17.41 16.79 -33.84
CA ALA G 166 -16.01 16.79 -34.28
C ALA G 166 -15.65 15.40 -34.80
N PHE G 167 -16.07 14.37 -34.07
CA PHE G 167 -15.82 12.99 -34.45
C PHE G 167 -16.23 12.71 -35.89
N LEU G 168 -17.46 13.07 -36.24
CA LEU G 168 -18.01 12.78 -37.56
C LEU G 168 -17.43 13.70 -38.65
N VAL G 169 -17.16 14.95 -38.30
CA VAL G 169 -16.62 15.91 -39.26
C VAL G 169 -15.19 15.55 -39.65
N TRP G 170 -14.31 15.49 -38.66
CA TRP G 170 -12.94 15.05 -38.92
C TRP G 170 -12.93 13.71 -39.64
N GLY G 171 -13.89 12.84 -39.29
CA GLY G 171 -14.01 11.53 -39.94
C GLY G 171 -14.41 11.67 -41.39
N ALA G 172 -15.29 12.63 -41.66
CA ALA G 172 -15.72 12.94 -43.02
C ALA G 172 -14.54 13.44 -43.84
N ILE G 173 -13.79 14.39 -43.29
CA ILE G 173 -12.63 14.92 -44.00
C ILE G 173 -11.64 13.80 -44.31
N SER G 174 -11.41 12.95 -43.32
CA SER G 174 -10.50 11.81 -43.46
C SER G 174 -10.96 10.89 -44.59
N SER G 175 -12.26 10.62 -44.65
CA SER G 175 -12.82 9.76 -45.68
C SER G 175 -12.58 10.29 -47.09
N ALA G 176 -12.57 11.61 -47.25
CA ALA G 176 -12.34 12.23 -48.55
C ALA G 176 -10.96 11.85 -49.07
N PHE G 177 -9.94 11.97 -48.24
CA PHE G 177 -8.59 11.56 -48.62
C PHE G 177 -8.53 10.07 -48.92
N PHE G 178 -9.27 9.28 -48.16
CA PHE G 178 -9.36 7.85 -48.37
C PHE G 178 -9.86 7.54 -49.78
N PHE G 179 -10.92 8.22 -50.19
CA PHE G 179 -11.48 8.02 -51.53
C PHE G 179 -10.45 8.33 -52.60
N HIS G 180 -9.69 9.39 -52.40
CA HIS G 180 -8.64 9.72 -53.35
C HIS G 180 -7.60 8.59 -53.44
N ILE G 181 -7.24 8.02 -52.30
CA ILE G 181 -6.25 6.93 -52.30
C ILE G 181 -6.79 5.75 -53.09
N LEU G 182 -8.06 5.41 -52.88
CA LEU G 182 -8.69 4.32 -53.64
C LEU G 182 -8.58 4.60 -55.14
N TRP G 183 -8.86 5.84 -55.51
CA TRP G 183 -8.82 6.28 -56.90
C TRP G 183 -7.43 6.06 -57.51
N VAL G 184 -6.41 6.55 -56.82
CA VAL G 184 -5.05 6.40 -57.30
C VAL G 184 -4.65 4.93 -57.40
N MET G 185 -5.00 4.16 -56.38
CA MET G 185 -4.63 2.75 -56.36
C MET G 185 -5.31 2.01 -57.51
N LYS G 186 -6.57 2.33 -57.75
CA LYS G 186 -7.29 1.73 -58.88
C LYS G 186 -6.51 1.96 -60.16
N LYS G 187 -6.09 3.20 -60.35
CA LYS G 187 -5.32 3.60 -61.52
C LYS G 187 -4.01 2.83 -61.60
N VAL G 188 -3.31 2.70 -60.47
CA VAL G 188 -2.05 1.96 -60.41
C VAL G 188 -2.25 0.48 -60.76
N ILE G 189 -3.31 -0.11 -60.22
CA ILE G 189 -3.64 -1.50 -60.49
C ILE G 189 -3.88 -1.73 -61.98
N ASN G 190 -4.68 -0.88 -62.59
CA ASN G 190 -4.98 -0.96 -64.02
C ASN G 190 -3.74 -0.86 -64.91
N GLU G 191 -2.87 0.12 -64.62
CA GLU G 191 -1.64 0.26 -65.38
C GLU G 191 -0.72 -0.93 -65.14
N GLY G 192 -0.77 -1.49 -63.94
CA GLY G 192 0.04 -2.65 -63.60
C GLY G 192 -0.38 -3.90 -64.35
N LYS G 193 -1.65 -3.97 -64.70
CA LYS G 193 -2.17 -5.10 -65.47
C LYS G 193 -1.69 -5.10 -66.92
N GLU G 194 -1.39 -3.90 -67.44
CA GLU G 194 -0.98 -3.75 -68.82
C GLU G 194 0.41 -4.35 -69.04
N GLY G 195 0.48 -5.30 -69.98
CA GLY G 195 1.76 -5.87 -70.38
C GLY G 195 2.15 -7.16 -69.69
N ILE G 196 1.32 -7.65 -68.77
CA ILE G 196 1.67 -8.86 -68.02
C ILE G 196 0.71 -10.01 -68.29
N SER G 197 1.18 -11.23 -68.01
CA SER G 197 0.42 -12.44 -68.20
C SER G 197 -0.90 -12.43 -67.45
N PRO G 198 -1.88 -13.20 -67.97
CA PRO G 198 -3.20 -13.31 -67.34
C PRO G 198 -3.12 -13.76 -65.87
N ALA G 199 -2.20 -14.66 -65.56
CA ALA G 199 -2.01 -15.08 -64.18
C ALA G 199 -1.74 -13.85 -63.31
N GLY G 200 -0.77 -13.03 -63.73
CA GLY G 200 -0.43 -11.82 -63.01
C GLY G 200 -1.59 -10.85 -62.90
N GLN G 201 -2.42 -10.79 -63.92
CA GLN G 201 -3.57 -9.90 -63.92
C GLN G 201 -4.60 -10.33 -62.90
N LYS G 202 -4.76 -11.65 -62.75
CA LYS G 202 -5.72 -12.20 -61.80
C LYS G 202 -5.29 -11.80 -60.39
N ILE G 203 -4.00 -12.02 -60.08
CA ILE G 203 -3.46 -11.68 -58.77
C ILE G 203 -3.70 -10.21 -58.43
N LEU G 204 -3.47 -9.32 -59.39
CA LEU G 204 -3.72 -7.88 -59.19
C LEU G 204 -5.20 -7.60 -58.93
N SER G 205 -6.08 -8.34 -59.57
CA SER G 205 -7.52 -8.24 -59.30
C SER G 205 -7.81 -8.62 -57.85
N ASN G 206 -7.23 -9.73 -57.40
CA ASN G 206 -7.33 -10.15 -56.02
C ASN G 206 -6.82 -9.06 -55.08
N ILE G 207 -5.66 -8.51 -55.41
CA ILE G 207 -5.04 -7.47 -54.60
C ILE G 207 -5.96 -6.27 -54.46
N TRP G 208 -6.65 -5.92 -55.55
CA TRP G 208 -7.56 -4.77 -55.52
C TRP G 208 -8.75 -5.04 -54.62
N ILE G 209 -9.30 -6.25 -54.67
CA ILE G 209 -10.43 -6.59 -53.81
C ILE G 209 -9.97 -6.64 -52.34
N LEU G 210 -8.81 -7.23 -52.12
CA LEU G 210 -8.24 -7.31 -50.79
C LEU G 210 -8.02 -5.91 -50.25
N PHE G 211 -7.32 -5.08 -51.02
CA PHE G 211 -7.11 -3.69 -50.65
C PHE G 211 -8.42 -2.98 -50.33
N LEU G 212 -9.35 -3.02 -51.27
CA LEU G 212 -10.65 -2.37 -51.12
C LEU G 212 -11.36 -2.76 -49.82
N ILE G 213 -11.49 -4.06 -49.59
CA ILE G 213 -12.19 -4.55 -48.40
C ILE G 213 -11.42 -4.32 -47.10
N SER G 214 -10.17 -4.78 -47.05
CA SER G 214 -9.39 -4.64 -45.83
C SER G 214 -9.30 -3.17 -45.39
N TRP G 215 -8.99 -2.27 -46.32
CA TRP G 215 -8.81 -0.86 -45.98
C TRP G 215 -10.12 -0.18 -45.51
N THR G 216 -11.26 -0.61 -46.03
CA THR G 216 -12.53 -0.02 -45.64
C THR G 216 -12.95 -0.49 -44.23
N LEU G 217 -12.34 -1.56 -43.74
CA LEU G 217 -12.61 -2.03 -42.39
C LEU G 217 -12.14 -1.01 -41.34
N TYR G 218 -11.22 -0.15 -41.71
CA TYR G 218 -10.68 0.80 -40.74
C TYR G 218 -11.69 1.88 -40.36
N PRO G 219 -12.35 2.49 -41.36
CA PRO G 219 -13.43 3.42 -41.05
C PRO G 219 -14.56 2.74 -40.27
N GLY G 220 -14.76 1.44 -40.51
CA GLY G 220 -15.82 0.70 -39.85
C GLY G 220 -15.50 0.57 -38.37
N ALA G 221 -14.23 0.32 -38.05
CA ALA G 221 -13.77 0.21 -36.68
C ALA G 221 -13.82 1.57 -36.01
N TYR G 222 -13.61 2.62 -36.78
CA TYR G 222 -13.74 4.00 -36.32
C TYR G 222 -15.16 4.24 -35.81
N LEU G 223 -16.15 3.92 -36.64
CA LEU G 223 -17.56 4.14 -36.33
C LEU G 223 -18.15 3.09 -35.38
N MET G 224 -17.48 1.96 -35.22
CA MET G 224 -18.09 0.77 -34.56
C MET G 224 -19.08 1.05 -33.44
N PRO G 225 -18.66 1.80 -32.40
CA PRO G 225 -19.54 2.00 -31.25
C PRO G 225 -20.93 2.54 -31.59
N TYR G 226 -21.08 3.17 -32.75
CA TYR G 226 -22.35 3.81 -33.10
C TYR G 226 -23.08 3.17 -34.30
N LEU G 227 -22.57 2.04 -34.80
CA LEU G 227 -23.16 1.42 -35.99
C LEU G 227 -24.53 0.82 -35.69
N THR G 228 -24.91 0.80 -34.41
CA THR G 228 -26.24 0.36 -34.02
C THR G 228 -26.98 1.49 -33.30
N GLY G 229 -26.51 2.72 -33.51
CA GLY G 229 -27.09 3.88 -32.84
C GLY G 229 -26.49 4.09 -31.47
N ASP G 231 -27.44 4.53 -27.98
CA ASP G 231 -27.43 3.48 -26.96
C ASP G 231 -27.72 2.13 -27.59
N GLY G 232 -27.05 1.84 -28.69
CA GLY G 232 -27.28 0.61 -29.43
C GLY G 232 -26.50 -0.58 -28.91
N PHE G 233 -26.79 -1.75 -29.48
CA PHE G 233 -26.17 -2.99 -29.06
C PHE G 233 -24.64 -2.93 -29.03
N LEU G 234 -24.04 -2.24 -29.99
CA LEU G 234 -22.59 -2.18 -30.10
C LEU G 234 -21.95 -1.16 -29.16
N TYR G 235 -22.77 -0.30 -28.55
CA TYR G 235 -22.25 0.62 -27.54
C TYR G 235 -22.16 -0.14 -26.23
N SER G 236 -21.11 -0.93 -26.09
CA SER G 236 -21.01 -1.89 -25.01
C SER G 236 -19.72 -2.69 -25.17
N GLU G 237 -19.52 -3.64 -24.26
CA GLU G 237 -18.33 -4.49 -24.34
C GLU G 237 -18.31 -5.28 -25.65
N ASP G 238 -19.49 -5.52 -26.21
CA ASP G 238 -19.59 -6.22 -27.49
C ASP G 238 -18.97 -5.40 -28.62
N GLY G 239 -19.25 -4.11 -28.66
CA GLY G 239 -18.65 -3.22 -29.65
C GLY G 239 -17.16 -3.07 -29.43
N VAL G 240 -16.73 -3.09 -28.17
CA VAL G 240 -15.30 -3.04 -27.87
C VAL G 240 -14.61 -4.25 -28.50
N MET G 241 -15.16 -5.43 -28.24
CA MET G 241 -14.63 -6.66 -28.81
C MET G 241 -14.57 -6.56 -30.33
N ALA G 242 -15.67 -6.13 -30.94
CA ALA G 242 -15.81 -6.13 -32.39
C ALA G 242 -14.84 -5.16 -33.03
N ARG G 243 -14.60 -4.03 -32.38
CA ARG G 243 -13.68 -3.04 -32.91
C ARG G 243 -12.27 -3.64 -33.03
N GLN G 244 -11.79 -4.28 -31.97
CA GLN G 244 -10.43 -4.81 -31.97
C GLN G 244 -10.33 -6.06 -32.85
N LEU G 245 -11.42 -6.79 -32.97
CA LEU G 245 -11.48 -7.92 -33.91
C LEU G 245 -11.35 -7.41 -35.33
N VAL G 246 -12.06 -6.32 -35.63
CA VAL G 246 -12.04 -5.76 -36.98
C VAL G 246 -10.65 -5.21 -37.30
N TYR G 247 -10.07 -4.46 -36.38
CA TYR G 247 -8.71 -3.97 -36.55
C TYR G 247 -7.77 -5.12 -36.86
N THR G 248 -7.90 -6.22 -36.11
CA THR G 248 -6.98 -7.32 -36.25
C THR G 248 -7.11 -8.00 -37.61
N ILE G 249 -8.34 -8.20 -38.05
CA ILE G 249 -8.57 -8.80 -39.36
C ILE G 249 -8.00 -7.86 -40.43
N ALA G 250 -8.30 -6.58 -40.30
CA ALA G 250 -7.85 -5.59 -41.27
C ALA G 250 -6.33 -5.56 -41.34
N ASP G 251 -5.68 -5.52 -40.18
CA ASP G 251 -4.21 -5.48 -40.12
C ASP G 251 -3.60 -6.68 -40.84
N VAL G 252 -4.09 -7.88 -40.53
CA VAL G 252 -3.57 -9.09 -41.14
C VAL G 252 -3.80 -9.08 -42.64
N SER G 253 -4.96 -8.58 -43.05
CA SER G 253 -5.33 -8.55 -44.46
C SER G 253 -4.53 -7.53 -45.24
N SER G 254 -4.47 -6.31 -44.73
CA SER G 254 -3.94 -5.18 -45.48
C SER G 254 -2.41 -5.15 -45.57
N VAL G 256 -0.18 -8.45 -44.14
CA VAL G 256 0.38 -9.78 -44.43
C VAL G 256 -0.12 -10.36 -45.75
N ILE G 257 -1.44 -10.54 -45.87
CA ILE G 257 -1.99 -11.17 -47.07
C ILE G 257 -1.58 -10.36 -48.31
N TYR G 258 -1.93 -9.08 -48.30
CA TYR G 258 -1.45 -8.14 -49.30
C TYR G 258 0.01 -8.39 -49.66
N GLY G 259 0.87 -8.50 -48.66
CA GLY G 259 2.29 -8.69 -48.88
C GLY G 259 2.57 -10.02 -49.54
N VAL G 260 1.79 -11.03 -49.19
CA VAL G 260 1.99 -12.36 -49.76
C VAL G 260 1.60 -12.39 -51.23
N LEU G 261 0.51 -11.71 -51.56
CA LEU G 261 0.05 -11.63 -52.94
C LEU G 261 1.03 -10.86 -53.82
N LEU G 262 1.54 -9.74 -53.31
CA LEU G 262 2.55 -8.96 -54.03
C LEU G 262 3.74 -9.85 -54.32
N GLY G 263 4.19 -10.58 -53.32
CA GLY G 263 5.29 -11.54 -53.48
C GLY G 263 4.97 -12.53 -54.59
N ASN G 264 3.77 -13.06 -54.57
CA ASN G 264 3.38 -14.06 -55.55
C ASN G 264 3.33 -13.48 -56.96
N LEU G 265 2.88 -12.24 -57.07
CA LEU G 265 2.85 -11.55 -58.35
C LEU G 265 4.28 -11.37 -58.82
N ALA G 266 5.14 -10.96 -57.90
CA ALA G 266 6.54 -10.71 -58.24
C ALA G 266 7.14 -12.00 -58.78
N ILE G 267 6.76 -13.12 -58.18
CA ILE G 267 7.24 -14.43 -58.63
C ILE G 267 6.77 -14.75 -60.05
N THR G 268 5.52 -14.41 -60.38
CA THR G 268 5.01 -14.70 -61.73
C THR G 268 5.69 -13.79 -62.75
N LEU G 269 6.02 -12.57 -62.34
CA LEU G 269 6.68 -11.64 -63.24
C LEU G 269 8.18 -11.91 -63.35
N SER G 270 8.69 -12.76 -62.47
CA SER G 270 10.11 -13.07 -62.48
C SER G 270 10.41 -14.09 -63.56
N LYS G 271 11.57 -13.95 -64.21
CA LYS G 271 12.02 -14.90 -65.23
C LYS G 271 13.34 -15.53 -64.82
N LYS G 273 11.39 -18.37 -62.96
CA LYS G 273 10.76 -18.61 -61.66
C LYS G 273 9.24 -18.69 -61.77
N GLU G 274 8.65 -19.67 -61.10
CA GLU G 274 7.20 -19.90 -61.17
C GLU G 274 6.64 -20.29 -59.80
N LEU G 275 5.33 -20.15 -59.65
CA LEU G 275 4.65 -20.54 -58.41
C LEU G 275 4.36 -22.04 -58.38
N VAL G 276 4.17 -22.58 -57.18
CA VAL G 276 3.81 -23.98 -57.00
C VAL G 276 2.40 -24.23 -57.48
N GLN H 3 -14.75 -14.51 -5.56
CA GLN H 3 -15.81 -15.53 -5.29
C GLN H 3 -16.69 -15.73 -6.52
N GLU H 4 -16.98 -14.64 -7.23
CA GLU H 4 -17.70 -14.71 -8.51
C GLU H 4 -16.68 -14.63 -9.64
N LEU H 5 -16.33 -15.78 -10.21
CA LEU H 5 -15.34 -15.84 -11.28
C LEU H 5 -15.98 -15.88 -12.67
N GLY H 6 -17.22 -16.35 -12.74
CA GLY H 6 -17.94 -16.38 -14.01
C GLY H 6 -17.43 -17.42 -14.99
N ASN H 7 -17.29 -17.01 -16.25
CA ASN H 7 -16.87 -17.89 -17.31
C ASN H 7 -15.34 -18.00 -17.40
N ALA H 8 -14.75 -18.60 -16.37
CA ALA H 8 -13.31 -18.64 -16.23
C ALA H 8 -12.81 -20.07 -16.24
N ASN H 9 -11.53 -20.24 -16.58
CA ASN H 9 -10.93 -21.56 -16.60
C ASN H 9 -10.83 -22.11 -15.19
N PHE H 10 -10.85 -23.44 -15.06
CA PHE H 10 -10.91 -24.05 -13.75
C PHE H 10 -9.61 -23.84 -12.95
N GLU H 11 -8.54 -23.46 -13.62
CA GLU H 11 -7.30 -23.11 -12.93
C GLU H 11 -7.58 -22.06 -11.85
N ASN H 12 -8.45 -21.11 -12.19
CA ASN H 12 -8.79 -20.02 -11.29
C ASN H 12 -9.61 -20.46 -10.09
N PHE H 13 -10.50 -21.42 -10.29
CA PHE H 13 -11.33 -21.92 -9.21
C PHE H 13 -10.49 -22.68 -8.19
N ILE H 14 -9.58 -23.52 -8.66
CA ILE H 14 -8.65 -24.21 -7.77
C ILE H 14 -7.79 -23.19 -7.04
N GLY H 15 -7.30 -22.22 -7.79
CA GLY H 15 -6.41 -21.20 -7.26
C GLY H 15 -7.08 -20.30 -6.25
N ALA H 16 -8.39 -20.14 -6.37
CA ALA H 16 -9.11 -19.22 -5.50
C ALA H 16 -9.67 -19.93 -4.27
N THR H 17 -9.66 -21.27 -4.29
CA THR H 17 -10.22 -22.05 -3.19
C THR H 17 -9.12 -22.81 -2.47
N GLU H 18 -8.61 -23.86 -3.09
CA GLU H 18 -7.54 -24.66 -2.49
C GLU H 18 -6.24 -23.86 -2.48
N GLY H 19 -5.94 -23.22 -3.61
CA GLY H 19 -4.62 -22.66 -3.84
C GLY H 19 -3.70 -23.73 -4.37
N PHE H 20 -2.51 -23.34 -4.80
CA PHE H 20 -1.56 -24.28 -5.37
C PHE H 20 -0.39 -24.48 -4.42
N SER H 21 -0.04 -25.74 -4.19
CA SER H 21 1.19 -26.06 -3.45
C SER H 21 2.41 -25.53 -4.20
N GLU H 22 3.55 -25.54 -3.54
CA GLU H 22 4.78 -25.07 -4.13
C GLU H 22 5.12 -25.89 -5.38
N ILE H 23 4.93 -27.20 -5.30
CA ILE H 23 5.27 -28.06 -6.43
C ILE H 23 4.35 -27.80 -7.62
N ALA H 24 3.06 -27.71 -7.36
CA ALA H 24 2.09 -27.48 -8.42
C ALA H 24 2.36 -26.14 -9.13
N TYR H 25 2.59 -25.09 -8.36
CA TYR H 25 2.82 -23.76 -8.94
C TYR H 25 4.14 -23.68 -9.70
N GLN H 26 5.20 -24.26 -9.12
CA GLN H 26 6.53 -24.17 -9.71
C GLN H 26 6.65 -25.03 -10.96
N PHE H 27 6.13 -26.25 -10.91
CA PHE H 27 6.13 -27.12 -12.07
C PHE H 27 5.43 -26.45 -13.26
N THR H 28 4.24 -25.90 -13.02
CA THR H 28 3.46 -25.29 -14.08
C THR H 28 4.23 -24.13 -14.69
N SER H 29 4.88 -23.36 -13.83
CA SER H 29 5.73 -22.28 -14.30
C SER H 29 6.91 -22.81 -15.11
N HIS H 30 7.54 -23.88 -14.63
CA HIS H 30 8.73 -24.41 -15.30
C HIS H 30 8.39 -25.01 -16.65
N ILE H 31 7.25 -25.70 -16.72
CA ILE H 31 6.89 -26.40 -17.95
C ILE H 31 6.48 -25.43 -19.04
N LEU H 32 5.82 -24.33 -18.66
CA LEU H 32 5.46 -23.30 -19.64
C LEU H 32 6.72 -22.62 -20.14
N THR H 33 7.64 -22.37 -19.22
CA THR H 33 8.91 -21.74 -19.54
C THR H 33 9.76 -22.62 -20.46
N LEU H 34 9.79 -23.93 -20.19
CA LEU H 34 10.40 -24.90 -21.09
C LEU H 34 9.73 -24.86 -22.48
N GLY H 35 8.41 -24.69 -22.48
CA GLY H 35 7.65 -24.59 -23.71
C GLY H 35 8.18 -23.50 -24.62
N TYR H 36 8.31 -22.29 -24.09
CA TYR H 36 8.69 -21.17 -24.96
C TYR H 36 10.17 -21.21 -25.32
N ALA H 37 10.99 -21.72 -24.41
CA ALA H 37 12.41 -21.88 -24.70
C ALA H 37 12.65 -22.87 -25.85
N VAL H 38 11.93 -23.98 -25.84
CA VAL H 38 12.02 -24.96 -26.91
C VAL H 38 11.61 -24.35 -28.27
N MET H 39 10.62 -23.46 -28.26
CA MET H 39 10.14 -22.84 -29.49
C MET H 39 11.20 -21.88 -30.10
N LEU H 40 11.88 -21.11 -29.25
CA LEU H 40 12.87 -20.18 -29.76
C LEU H 40 14.11 -20.93 -30.24
N ALA H 41 14.46 -21.99 -29.53
CA ALA H 41 15.53 -22.87 -29.97
C ALA H 41 15.18 -23.49 -31.33
N GLY H 42 13.92 -23.91 -31.47
CA GLY H 42 13.45 -24.47 -32.73
C GLY H 42 13.55 -23.46 -33.85
N LEU H 43 13.21 -22.21 -33.55
CA LEU H 43 13.27 -21.17 -34.55
C LEU H 43 14.65 -21.16 -35.16
N LEU H 44 15.67 -21.16 -34.31
CA LEU H 44 17.04 -21.08 -34.78
C LEU H 44 17.38 -22.32 -35.60
N TYR H 45 17.00 -23.49 -35.10
CA TYR H 45 17.24 -24.73 -35.82
C TYR H 45 16.66 -24.68 -37.25
N PHE H 46 15.40 -24.31 -37.38
CA PHE H 46 14.75 -24.31 -38.68
C PHE H 46 15.33 -23.27 -39.65
N ILE H 47 15.81 -22.15 -39.13
CA ILE H 47 16.43 -21.16 -40.00
C ILE H 47 17.80 -21.64 -40.47
N LEU H 48 18.56 -22.25 -39.56
CA LEU H 48 19.92 -22.68 -39.90
C LEU H 48 19.98 -23.89 -40.83
N THR H 49 18.90 -24.66 -40.90
CA THR H 49 18.88 -25.86 -41.74
C THR H 49 18.13 -25.66 -43.05
N ILE H 50 17.79 -24.43 -43.40
CA ILE H 50 17.07 -24.16 -44.64
C ILE H 50 17.80 -24.71 -45.88
N LYS H 51 19.12 -24.57 -45.91
CA LYS H 51 19.88 -24.96 -47.10
C LYS H 51 20.18 -26.45 -47.17
N ASN H 52 19.77 -27.22 -46.16
CA ASN H 52 20.00 -28.66 -46.18
C ASN H 52 19.11 -29.38 -47.18
N VAL H 53 18.15 -28.66 -47.76
CA VAL H 53 17.22 -29.27 -48.69
C VAL H 53 17.18 -28.49 -50.00
N ASP H 54 16.68 -29.13 -51.06
CA ASP H 54 16.55 -28.46 -52.34
C ASP H 54 15.59 -27.29 -52.21
N LYS H 55 15.78 -26.30 -53.07
CA LYS H 55 14.96 -25.09 -53.10
C LYS H 55 13.47 -25.38 -52.90
N LYS H 56 12.95 -26.35 -53.63
CA LYS H 56 11.51 -26.58 -53.64
C LYS H 56 10.92 -27.00 -52.29
N PHE H 57 11.76 -27.49 -51.38
CA PHE H 57 11.27 -27.91 -50.05
C PHE H 57 11.49 -26.85 -48.97
N GLN H 58 12.29 -25.83 -49.26
CA GLN H 58 12.69 -24.85 -48.26
C GLN H 58 11.51 -24.07 -47.66
N MET H 59 10.44 -23.92 -48.43
CA MET H 59 9.23 -23.27 -47.91
C MET H 59 8.75 -23.96 -46.63
N SER H 60 8.94 -25.28 -46.53
CA SER H 60 8.55 -25.99 -45.33
C SER H 60 9.37 -25.54 -44.13
N ASN H 61 10.66 -25.34 -44.32
CA ASN H 61 11.51 -24.80 -43.25
C ASN H 61 11.06 -23.41 -42.83
N ILE H 62 10.65 -22.62 -43.81
CA ILE H 62 10.22 -21.25 -43.53
C ILE H 62 8.94 -21.28 -42.70
N LEU H 63 8.02 -22.15 -43.08
CA LEU H 63 6.76 -22.27 -42.37
C LEU H 63 6.96 -22.81 -40.95
N SER H 64 7.93 -23.69 -40.76
CA SER H 64 8.27 -24.14 -39.40
C SER H 64 8.74 -22.96 -38.56
N ALA H 65 9.62 -22.15 -39.11
CA ALA H 65 10.11 -20.95 -38.42
C ALA H 65 8.94 -20.04 -38.05
N VAL H 66 8.05 -19.83 -39.00
CA VAL H 66 6.86 -19.01 -38.76
C VAL H 66 6.10 -19.54 -37.56
N VAL H 67 5.88 -20.84 -37.52
CA VAL H 67 5.17 -21.45 -36.40
C VAL H 67 5.94 -21.28 -35.10
N MET H 68 7.27 -21.45 -35.15
CA MET H 68 8.10 -21.26 -33.96
C MET H 68 7.94 -19.85 -33.36
N VAL H 69 7.92 -18.84 -34.22
CA VAL H 69 7.79 -17.46 -33.77
C VAL H 69 6.48 -17.28 -33.01
N SER H 70 5.39 -17.70 -33.65
CA SER H 70 4.07 -17.63 -33.04
C SER H 70 4.02 -18.34 -31.69
N ALA H 71 4.47 -19.60 -31.67
CA ALA H 71 4.36 -20.40 -30.47
C ALA H 71 5.27 -19.88 -29.37
N PHE H 72 6.44 -19.35 -29.74
CA PHE H 72 7.31 -18.74 -28.73
C PHE H 72 6.61 -17.57 -28.05
N LEU H 73 6.06 -16.67 -28.85
CA LEU H 73 5.39 -15.49 -28.31
C LEU H 73 4.25 -15.92 -27.40
N LEU H 74 3.44 -16.84 -27.87
CA LEU H 74 2.26 -17.25 -27.12
C LEU H 74 2.66 -17.86 -25.78
N LEU H 75 3.54 -18.86 -25.83
CA LEU H 75 3.95 -19.56 -24.62
C LEU H 75 4.68 -18.64 -23.68
N TYR H 76 5.43 -17.70 -24.23
CA TYR H 76 6.06 -16.70 -23.38
C TYR H 76 5.01 -15.88 -22.63
N ALA H 77 3.98 -15.42 -23.33
CA ALA H 77 2.95 -14.62 -22.69
C ALA H 77 2.25 -15.46 -21.64
N GLN H 78 1.98 -16.71 -21.99
CA GLN H 78 1.26 -17.59 -21.10
C GLN H 78 2.05 -17.89 -19.83
N ALA H 79 3.36 -18.08 -19.98
CA ALA H 79 4.21 -18.27 -18.81
C ALA H 79 4.11 -17.10 -17.85
N GLN H 80 4.12 -15.88 -18.40
CA GLN H 80 4.01 -14.69 -17.55
C GLN H 80 2.62 -14.60 -16.93
N ASN H 81 1.59 -14.93 -17.70
CA ASN H 81 0.22 -14.91 -17.19
C ASN H 81 0.05 -15.84 -16.00
N TRP H 82 0.71 -16.99 -16.05
CA TRP H 82 0.64 -17.93 -14.94
C TRP H 82 1.28 -17.35 -13.66
N THR H 83 2.51 -16.85 -13.78
CA THR H 83 3.22 -16.39 -12.59
C THR H 83 2.57 -15.15 -11.97
N SER H 84 1.92 -14.34 -12.79
CA SER H 84 1.27 -13.14 -12.26
C SER H 84 -0.15 -13.39 -11.78
N SER H 85 -0.76 -14.51 -12.16
CA SER H 85 -2.14 -14.78 -11.77
C SER H 85 -2.23 -15.40 -10.39
N PHE H 86 -1.12 -15.93 -9.89
CA PHE H 86 -1.12 -16.62 -8.59
C PHE H 86 0.05 -16.18 -7.73
N THR H 87 -0.24 -15.85 -6.48
CA THR H 87 0.73 -15.21 -5.59
C THR H 87 0.84 -15.97 -4.27
N PHE H 88 2.06 -16.04 -3.74
CA PHE H 88 2.34 -16.80 -2.54
C PHE H 88 1.67 -16.20 -1.31
N ASN H 89 1.09 -17.06 -0.48
CA ASN H 89 0.53 -16.66 0.80
C ASN H 89 1.41 -17.23 1.90
N GLU H 90 2.14 -16.34 2.57
CA GLU H 90 3.17 -16.75 3.51
C GLU H 90 2.60 -17.55 4.67
N GLU H 91 1.34 -17.29 5.01
CA GLU H 91 0.73 -17.90 6.18
C GLU H 91 0.38 -19.38 6.02
N VAL H 92 -0.05 -19.81 4.85
CA VAL H 92 -0.30 -21.24 4.64
C VAL H 92 0.66 -21.88 3.64
N GLY H 93 1.55 -21.09 3.05
CA GLY H 93 2.54 -21.63 2.13
C GLY H 93 1.93 -22.20 0.87
N ARG H 94 1.00 -21.45 0.28
CA ARG H 94 0.43 -21.85 -0.98
C ARG H 94 0.18 -20.61 -1.85
N TYR H 95 -0.02 -20.85 -3.14
CA TYR H 95 -0.20 -19.76 -4.09
C TYR H 95 -1.67 -19.63 -4.43
N PHE H 96 -2.24 -18.45 -4.19
CA PHE H 96 -3.66 -18.22 -4.44
C PHE H 96 -3.89 -17.23 -5.58
N LEU H 97 -5.09 -17.28 -6.14
CA LEU H 97 -5.48 -16.37 -7.20
C LEU H 97 -5.24 -14.91 -6.79
N ASP H 98 -4.53 -14.18 -7.63
CA ASP H 98 -4.21 -12.79 -7.41
C ASP H 98 -4.93 -11.96 -8.48
N PRO H 99 -6.13 -11.47 -8.16
CA PRO H 99 -6.99 -10.81 -9.15
C PRO H 99 -6.30 -9.72 -9.98
N SER H 100 -5.45 -8.92 -9.33
CA SER H 100 -4.76 -7.83 -10.02
C SER H 100 -3.99 -8.32 -11.24
N GLY H 101 -3.55 -9.57 -11.21
CA GLY H 101 -2.79 -10.15 -12.32
C GLY H 101 -3.67 -10.61 -13.46
N ASP H 102 -5.00 -10.49 -13.30
CA ASP H 102 -5.95 -11.07 -14.25
C ASP H 102 -6.17 -12.54 -13.96
N LEU H 103 -7.34 -13.05 -14.32
CA LEU H 103 -7.59 -14.49 -14.28
C LEU H 103 -6.74 -15.18 -15.34
N PHE H 104 -6.37 -16.43 -15.08
CA PHE H 104 -5.59 -17.19 -16.02
C PHE H 104 -6.53 -17.76 -17.08
N ASN H 105 -6.12 -17.72 -18.35
CA ASN H 105 -6.97 -18.27 -19.42
C ASN H 105 -6.17 -18.92 -20.53
N ASN H 106 -6.58 -20.13 -20.89
CA ASN H 106 -5.90 -20.92 -21.92
C ASN H 106 -6.25 -20.45 -23.32
N GLY H 107 -7.25 -19.57 -23.39
CA GLY H 107 -7.75 -19.04 -24.65
C GLY H 107 -6.68 -18.38 -25.48
N TYR H 108 -5.65 -17.86 -24.82
CA TYR H 108 -4.49 -17.28 -25.52
C TYR H 108 -3.96 -18.29 -26.53
N ARG H 109 -3.81 -19.51 -26.04
CA ARG H 109 -3.26 -20.61 -26.81
C ARG H 109 -4.15 -20.87 -28.02
N TYR H 110 -5.46 -20.81 -27.80
CA TYR H 110 -6.42 -21.18 -28.84
C TYR H 110 -6.34 -20.24 -30.05
N LEU H 111 -6.47 -18.95 -29.82
CA LEU H 111 -6.44 -18.00 -30.93
C LEU H 111 -5.13 -18.10 -31.71
N ASN H 112 -4.04 -18.42 -31.02
CA ASN H 112 -2.76 -18.57 -31.70
CA ASN H 112 -2.71 -18.62 -31.64
C ASN H 112 -2.68 -19.80 -32.60
N TRP H 113 -3.59 -20.77 -32.38
CA TRP H 113 -3.68 -21.94 -33.25
C TRP H 113 -4.18 -21.55 -34.63
N LEU H 114 -4.82 -20.38 -34.73
CA LEU H 114 -5.27 -19.87 -36.03
C LEU H 114 -4.07 -19.61 -36.92
N ILE H 115 -2.91 -19.37 -36.32
CA ILE H 115 -1.67 -19.32 -37.08
C ILE H 115 -1.14 -20.74 -37.26
N ASP H 116 -0.90 -21.40 -36.15
CA ASP H 116 -0.17 -22.67 -36.14
C ASP H 116 -0.83 -23.75 -36.99
N VAL H 117 -2.09 -24.05 -36.72
CA VAL H 117 -2.76 -25.17 -37.33
C VAL H 117 -2.76 -25.08 -38.86
N PRO H 118 -3.16 -23.93 -39.42
CA PRO H 118 -3.14 -23.77 -40.88
C PRO H 118 -1.74 -23.93 -41.50
N MET H 119 -0.72 -23.41 -40.82
CA MET H 119 0.63 -23.45 -41.35
C MET H 119 1.23 -24.85 -41.28
N LEU H 120 0.95 -25.57 -40.20
CA LEU H 120 1.43 -26.92 -40.02
C LEU H 120 0.82 -27.86 -41.05
N LEU H 121 -0.49 -27.74 -41.24
CA LEU H 121 -1.21 -28.55 -42.22
C LEU H 121 -0.74 -28.23 -43.64
N PHE H 122 -0.53 -26.94 -43.88
CA PHE H 122 -0.04 -26.43 -45.15
C PHE H 122 1.36 -26.94 -45.50
N GLN H 123 2.28 -26.89 -44.54
CA GLN H 123 3.71 -27.04 -44.86
C GLN H 123 4.06 -28.41 -45.41
N ILE H 124 3.33 -29.44 -45.01
CA ILE H 124 3.61 -30.77 -45.52
C ILE H 124 3.42 -30.80 -47.04
N LEU H 125 2.54 -29.94 -47.54
CA LEU H 125 2.23 -29.88 -48.98
C LEU H 125 3.37 -29.34 -49.84
N PHE H 126 4.42 -28.83 -49.21
CA PHE H 126 5.57 -28.38 -49.94
C PHE H 126 6.68 -29.43 -49.90
N VAL H 127 6.40 -30.58 -49.28
CA VAL H 127 7.38 -31.64 -49.20
C VAL H 127 6.91 -32.86 -49.96
N VAL H 128 5.75 -33.41 -49.59
CA VAL H 128 5.20 -34.55 -50.31
C VAL H 128 4.60 -34.09 -51.62
N SER H 129 4.50 -35.02 -52.56
CA SER H 129 3.76 -34.80 -53.78
C SER H 129 2.44 -35.55 -53.66
N LEU H 130 1.35 -34.83 -53.89
CA LEU H 130 0.05 -35.45 -53.98
C LEU H 130 -0.03 -36.20 -55.31
N THR H 131 -0.89 -37.21 -55.36
CA THR H 131 -1.08 -37.96 -56.59
C THR H 131 -2.45 -37.61 -57.19
N THR H 132 -3.51 -38.18 -56.64
CA THR H 132 -4.86 -37.93 -57.16
C THR H 132 -5.56 -36.75 -56.49
N SER H 133 -5.02 -36.25 -55.39
CA SER H 133 -5.61 -35.08 -54.73
C SER H 133 -5.02 -33.79 -55.30
N LYS H 134 -5.76 -32.69 -55.17
CA LYS H 134 -5.31 -31.39 -55.64
C LYS H 134 -4.81 -30.54 -54.48
N PHE H 135 -3.68 -29.86 -54.72
CA PHE H 135 -3.01 -29.03 -53.73
C PHE H 135 -3.94 -27.99 -53.08
N SER H 136 -4.64 -27.23 -53.93
CA SER H 136 -5.48 -26.13 -53.47
C SER H 136 -6.70 -26.64 -52.72
N SER H 137 -7.14 -27.83 -53.09
CA SER H 137 -8.34 -28.42 -52.52
C SER H 137 -8.06 -28.96 -51.13
N VAL H 138 -6.95 -29.66 -50.98
CA VAL H 138 -6.51 -30.13 -49.67
C VAL H 138 -6.19 -28.93 -48.78
N ARG H 139 -5.49 -27.94 -49.32
CA ARG H 139 -5.16 -26.74 -48.55
C ARG H 139 -6.41 -26.09 -47.99
N ASN H 140 -7.46 -26.00 -48.82
CA ASN H 140 -8.69 -25.32 -48.41
C ASN H 140 -9.46 -26.10 -47.34
N GLN H 141 -9.54 -27.40 -47.51
CA GLN H 141 -10.14 -28.28 -46.51
C GLN H 141 -9.45 -28.06 -45.17
N PHE H 142 -8.12 -28.21 -45.18
CA PHE H 142 -7.30 -28.03 -44.00
C PHE H 142 -7.58 -26.72 -43.32
N TRP H 143 -7.57 -25.63 -44.09
CA TRP H 143 -7.70 -24.31 -43.50
C TRP H 143 -9.09 -24.04 -42.95
N PHE H 144 -10.12 -24.51 -43.65
CA PHE H 144 -11.49 -24.25 -43.21
C PHE H 144 -11.80 -25.03 -41.95
N SER H 145 -11.61 -26.34 -42.00
CA SER H 145 -11.89 -27.20 -40.88
C SER H 145 -11.03 -26.80 -39.67
N GLY H 146 -9.78 -26.48 -39.93
CA GLY H 146 -8.88 -26.00 -38.88
C GLY H 146 -9.43 -24.78 -38.17
N ALA H 147 -9.85 -23.79 -38.94
CA ALA H 147 -10.40 -22.58 -38.34
C ALA H 147 -11.66 -22.91 -37.53
N MET H 148 -12.56 -23.68 -38.10
CA MET H 148 -13.79 -24.07 -37.42
C MET H 148 -13.50 -24.85 -36.15
N MET H 149 -12.53 -25.77 -36.23
CA MET H 149 -12.19 -26.60 -35.08
C MET H 149 -11.75 -25.71 -33.91
N ILE H 150 -10.94 -24.71 -34.23
CA ILE H 150 -10.34 -23.85 -33.21
C ILE H 150 -11.34 -22.86 -32.63
N ILE H 151 -12.18 -22.28 -33.48
CA ILE H 151 -13.11 -21.26 -33.03
C ILE H 151 -14.20 -21.85 -32.15
N THR H 152 -14.65 -23.05 -32.48
CA THR H 152 -15.67 -23.74 -31.69
C THR H 152 -15.11 -24.17 -30.33
N GLY H 153 -13.89 -24.71 -30.32
CA GLY H 153 -13.25 -25.08 -29.07
C GLY H 153 -13.00 -23.86 -28.20
N TYR H 154 -12.51 -22.80 -28.83
CA TYR H 154 -12.21 -21.56 -28.13
C TYR H 154 -13.43 -21.06 -27.38
N ILE H 155 -14.57 -21.08 -28.06
CA ILE H 155 -15.83 -20.70 -27.44
C ILE H 155 -16.15 -21.63 -26.26
N GLY H 156 -15.91 -22.92 -26.47
CA GLY H 156 -16.23 -23.95 -25.49
C GLY H 156 -15.46 -23.86 -24.18
N GLN H 157 -14.16 -23.58 -24.27
CA GLN H 157 -13.31 -23.61 -23.08
C GLN H 157 -13.63 -22.52 -22.06
N PHE H 158 -14.37 -21.50 -22.48
CA PHE H 158 -14.81 -20.45 -21.55
C PHE H 158 -15.84 -20.98 -20.55
N TYR H 159 -16.49 -22.09 -20.90
CA TYR H 159 -17.57 -22.62 -20.07
C TYR H 159 -17.21 -23.93 -19.36
N GLU H 160 -15.92 -24.25 -19.32
CA GLU H 160 -15.49 -25.52 -18.79
C GLU H 160 -15.90 -25.71 -17.33
N VAL H 161 -16.19 -24.62 -16.64
CA VAL H 161 -16.72 -24.70 -15.30
C VAL H 161 -18.13 -24.13 -15.23
N SER H 162 -18.38 -23.02 -15.92
CA SER H 162 -19.64 -22.28 -15.77
C SER H 162 -20.82 -22.94 -16.48
N ASN H 163 -20.56 -23.77 -17.49
CA ASN H 163 -21.65 -24.42 -18.22
C ASN H 163 -21.17 -25.65 -18.95
N LEU H 164 -21.24 -26.78 -18.25
CA LEU H 164 -20.70 -28.03 -18.72
C LEU H 164 -21.33 -28.46 -20.04
N THR H 165 -22.63 -28.21 -20.19
CA THR H 165 -23.36 -28.60 -21.40
C THR H 165 -22.81 -27.90 -22.63
N ALA H 166 -22.66 -26.58 -22.57
CA ALA H 166 -22.09 -25.82 -23.67
C ALA H 166 -20.65 -26.26 -23.94
N PHE H 167 -19.91 -26.47 -22.86
CA PHE H 167 -18.53 -26.93 -22.92
C PHE H 167 -18.42 -28.21 -23.76
N LEU H 168 -19.32 -29.16 -23.52
CA LEU H 168 -19.29 -30.45 -24.20
C LEU H 168 -19.84 -30.38 -25.62
N VAL H 169 -20.83 -29.51 -25.85
CA VAL H 169 -21.44 -29.38 -27.16
C VAL H 169 -20.46 -28.73 -28.13
N TRP H 170 -19.89 -27.60 -27.73
CA TRP H 170 -18.90 -26.92 -28.55
C TRP H 170 -17.70 -27.85 -28.77
N GLY H 171 -17.29 -28.54 -27.71
CA GLY H 171 -16.23 -29.53 -27.83
C GLY H 171 -16.56 -30.60 -28.85
N ALA H 172 -17.81 -31.05 -28.85
CA ALA H 172 -18.25 -32.11 -29.77
C ALA H 172 -18.17 -31.61 -31.20
N ILE H 173 -18.75 -30.44 -31.44
CA ILE H 173 -18.69 -29.81 -32.74
C ILE H 173 -17.24 -29.70 -33.18
N SER H 174 -16.40 -29.14 -32.33
CA SER H 174 -14.98 -28.98 -32.65
C SER H 174 -14.36 -30.30 -33.07
N SER H 175 -14.68 -31.37 -32.33
CA SER H 175 -14.14 -32.69 -32.60
C SER H 175 -14.49 -33.19 -34.00
N ALA H 176 -15.68 -32.85 -34.48
CA ALA H 176 -16.11 -33.28 -35.81
C ALA H 176 -15.18 -32.72 -36.87
N PHE H 177 -14.79 -31.46 -36.71
CA PHE H 177 -13.84 -30.84 -37.63
C PHE H 177 -12.46 -31.46 -37.48
N PHE H 178 -12.10 -31.80 -36.25
CA PHE H 178 -10.81 -32.44 -35.99
C PHE H 178 -10.74 -33.75 -36.76
N PHE H 179 -11.80 -34.55 -36.68
CA PHE H 179 -11.83 -35.84 -37.36
C PHE H 179 -11.64 -35.67 -38.86
N HIS H 180 -12.27 -34.65 -39.43
CA HIS H 180 -12.12 -34.38 -40.85
C HIS H 180 -10.67 -34.07 -41.22
N ILE H 181 -9.98 -33.33 -40.36
CA ILE H 181 -8.58 -33.00 -40.61
C ILE H 181 -7.74 -34.27 -40.60
N LEU H 182 -7.96 -35.10 -39.59
CA LEU H 182 -7.28 -36.39 -39.51
C LEU H 182 -7.48 -37.19 -40.79
N TRP H 183 -8.72 -37.21 -41.29
CA TRP H 183 -9.07 -37.94 -42.50
C TRP H 183 -8.25 -37.42 -43.68
N VAL H 184 -8.29 -36.11 -43.89
CA VAL H 184 -7.59 -35.51 -45.03
C VAL H 184 -6.08 -35.72 -44.93
N MET H 185 -5.54 -35.59 -43.72
CA MET H 185 -4.10 -35.74 -43.52
C MET H 185 -3.64 -37.16 -43.79
N LYS H 186 -4.45 -38.15 -43.44
CA LYS H 186 -4.11 -39.54 -43.75
C LYS H 186 -4.06 -39.74 -45.26
N LYS H 187 -5.02 -39.16 -45.97
CA LYS H 187 -5.04 -39.22 -47.42
C LYS H 187 -3.74 -38.64 -47.98
N VAL H 188 -3.36 -37.46 -47.47
CA VAL H 188 -2.17 -36.76 -47.96
C VAL H 188 -0.91 -37.56 -47.72
N ILE H 189 -0.83 -38.20 -46.57
CA ILE H 189 0.36 -38.94 -46.21
C ILE H 189 0.48 -40.21 -47.04
N ASN H 190 -0.63 -40.85 -47.34
CA ASN H 190 -0.63 -42.05 -48.18
C ASN H 190 -0.17 -41.73 -49.59
N GLU H 191 -0.75 -40.68 -50.16
CA GLU H 191 -0.32 -40.25 -51.47
C GLU H 191 1.16 -39.87 -51.43
N GLY H 192 1.57 -39.27 -50.33
CA GLY H 192 2.95 -38.82 -50.14
C GLY H 192 3.94 -39.97 -50.19
N LYS H 193 3.50 -41.15 -49.77
CA LYS H 193 4.37 -42.33 -49.75
C LYS H 193 4.65 -42.87 -51.15
N GLU H 194 3.74 -42.62 -52.07
CA GLU H 194 3.85 -43.18 -53.41
C GLU H 194 5.01 -42.59 -54.21
N GLY H 195 5.85 -43.47 -54.75
CA GLY H 195 6.95 -43.06 -55.64
C GLY H 195 8.24 -42.70 -54.95
N ILE H 196 8.26 -42.74 -53.62
CA ILE H 196 9.46 -42.33 -52.88
C ILE H 196 10.18 -43.52 -52.25
N SER H 197 11.44 -43.32 -51.90
CA SER H 197 12.25 -44.39 -51.34
C SER H 197 11.60 -44.96 -50.09
N PRO H 198 12.03 -46.16 -49.67
CA PRO H 198 11.49 -46.76 -48.46
C PRO H 198 11.80 -45.96 -47.21
N ALA H 199 12.95 -45.28 -47.18
CA ALA H 199 13.31 -44.44 -46.04
C ALA H 199 12.29 -43.31 -45.89
N GLY H 200 11.97 -42.65 -47.01
CA GLY H 200 10.96 -41.61 -47.01
C GLY H 200 9.63 -42.10 -46.50
N GLN H 201 9.25 -43.32 -46.89
CA GLN H 201 7.98 -43.90 -46.48
C GLN H 201 7.99 -44.16 -44.98
N LYS H 202 9.12 -44.65 -44.46
CA LYS H 202 9.29 -44.86 -43.04
C LYS H 202 9.00 -43.54 -42.30
N ILE H 203 9.74 -42.49 -42.67
CA ILE H 203 9.59 -41.18 -42.06
C ILE H 203 8.13 -40.69 -42.09
N LEU H 204 7.45 -40.88 -43.20
CA LEU H 204 6.06 -40.45 -43.33
C LEU H 204 5.13 -41.24 -42.41
N SER H 205 5.43 -42.51 -42.19
CA SER H 205 4.65 -43.32 -41.26
C SER H 205 4.83 -42.83 -39.83
N ASN H 206 6.06 -42.50 -39.47
CA ASN H 206 6.34 -41.85 -38.20
C ASN H 206 5.58 -40.54 -38.06
N ILE H 207 5.64 -39.70 -39.09
CA ILE H 207 4.96 -38.42 -39.07
C ILE H 207 3.49 -38.62 -38.77
N TRP H 208 2.87 -39.59 -39.41
CA TRP H 208 1.45 -39.85 -39.22
C TRP H 208 1.11 -40.21 -37.78
N ILE H 209 1.93 -41.08 -37.18
CA ILE H 209 1.71 -41.48 -35.80
C ILE H 209 1.94 -40.30 -34.85
N LEU H 210 3.01 -39.56 -35.09
CA LEU H 210 3.30 -38.34 -34.34
C LEU H 210 2.13 -37.36 -34.44
N PHE H 211 1.64 -37.17 -35.65
CA PHE H 211 0.55 -36.26 -35.89
C PHE H 211 -0.68 -36.67 -35.10
N LEU H 212 -1.04 -37.94 -35.23
CA LEU H 212 -2.24 -38.50 -34.61
C LEU H 212 -2.21 -38.39 -33.09
N ILE H 213 -1.08 -38.75 -32.50
CA ILE H 213 -0.97 -38.72 -31.06
C ILE H 213 -0.93 -37.27 -30.55
N SER H 214 -0.01 -36.46 -31.07
CA SER H 214 0.18 -35.10 -30.56
C SER H 214 -1.08 -34.24 -30.74
N TRP H 215 -1.75 -34.38 -31.88
CA TRP H 215 -2.93 -33.57 -32.11
C TRP H 215 -4.06 -33.97 -31.18
N THR H 216 -4.13 -35.24 -30.83
CA THR H 216 -5.23 -35.74 -30.00
C THR H 216 -5.05 -35.32 -28.54
N LEU H 217 -3.81 -35.00 -28.16
CA LEU H 217 -3.55 -34.51 -26.81
C LEU H 217 -4.31 -33.22 -26.52
N TYR H 218 -4.54 -32.41 -27.55
CA TYR H 218 -5.19 -31.12 -27.36
C TYR H 218 -6.61 -31.22 -26.81
N PRO H 219 -7.47 -32.04 -27.43
CA PRO H 219 -8.79 -32.26 -26.84
C PRO H 219 -8.69 -32.98 -25.50
N GLY H 220 -7.63 -33.75 -25.31
CA GLY H 220 -7.38 -34.36 -24.02
C GLY H 220 -7.15 -33.29 -22.96
N ALA H 221 -6.35 -32.28 -23.31
CA ALA H 221 -6.08 -31.18 -22.41
C ALA H 221 -7.37 -30.38 -22.16
N TYR H 222 -8.16 -30.22 -23.21
CA TYR H 222 -9.47 -29.58 -23.10
C TYR H 222 -10.32 -30.26 -22.00
N LEU H 223 -10.37 -31.58 -22.01
CA LEU H 223 -11.21 -32.35 -21.08
C LEU H 223 -10.56 -32.63 -19.73
N MET H 224 -9.24 -32.48 -19.68
CA MET H 224 -8.44 -32.91 -18.52
C MET H 224 -9.17 -32.88 -17.16
N PRO H 225 -9.64 -31.70 -16.75
CA PRO H 225 -10.27 -31.56 -15.43
C PRO H 225 -11.35 -32.62 -15.14
N TYR H 226 -12.06 -33.06 -16.17
CA TYR H 226 -13.19 -33.95 -15.98
C TYR H 226 -12.91 -35.39 -16.39
N LEU H 227 -11.66 -35.71 -16.70
CA LEU H 227 -11.31 -37.04 -17.20
C LEU H 227 -11.35 -38.12 -16.12
N THR H 228 -11.41 -37.72 -14.85
CA THR H 228 -11.63 -38.67 -13.76
C THR H 228 -12.94 -38.37 -13.08
N GLY H 229 -13.85 -37.72 -13.80
CA GLY H 229 -15.11 -37.25 -13.22
C GLY H 229 -14.86 -36.07 -12.30
N ASP H 231 -15.83 -34.50 -9.28
CA ASP H 231 -15.07 -34.45 -8.02
C ASP H 231 -13.88 -35.39 -8.07
N GLY H 232 -13.30 -35.54 -9.25
CA GLY H 232 -12.24 -36.52 -9.48
C GLY H 232 -10.87 -36.09 -8.98
N PHE H 233 -9.88 -36.94 -9.24
CA PHE H 233 -8.50 -36.68 -8.85
C PHE H 233 -7.90 -35.58 -9.72
N LEU H 234 -8.35 -35.48 -10.97
CA LEU H 234 -7.87 -34.46 -11.89
C LEU H 234 -8.54 -33.11 -11.72
N TYR H 235 -9.66 -33.06 -10.98
CA TYR H 235 -10.28 -31.78 -10.68
C TYR H 235 -9.59 -31.16 -9.47
N SER H 236 -8.35 -30.74 -9.69
CA SER H 236 -7.46 -30.34 -8.62
C SER H 236 -6.21 -29.69 -9.20
N GLU H 237 -5.26 -29.33 -8.35
CA GLU H 237 -3.99 -28.79 -8.83
C GLU H 237 -3.27 -29.81 -9.71
N ASP H 238 -3.52 -31.09 -9.49
CA ASP H 238 -2.87 -32.14 -10.27
C ASP H 238 -3.35 -32.12 -11.72
N GLY H 239 -4.62 -31.81 -11.93
CA GLY H 239 -5.18 -31.70 -13.26
C GLY H 239 -4.72 -30.43 -13.96
N VAL H 240 -4.48 -29.40 -13.15
CA VAL H 240 -3.91 -28.16 -13.65
C VAL H 240 -2.51 -28.47 -14.19
N MET H 241 -1.69 -29.11 -13.36
CA MET H 241 -0.37 -29.52 -13.79
C MET H 241 -0.46 -30.37 -15.05
N ALA H 242 -1.30 -31.39 -15.02
CA ALA H 242 -1.42 -32.34 -16.13
C ALA H 242 -1.78 -31.62 -17.42
N ARG H 243 -2.72 -30.68 -17.33
CA ARG H 243 -3.17 -29.95 -18.51
C ARG H 243 -2.02 -29.19 -19.16
N GLN H 244 -1.20 -28.52 -18.37
CA GLN H 244 -0.10 -27.73 -18.93
C GLN H 244 1.06 -28.59 -19.40
N LEU H 245 1.28 -29.73 -18.75
CA LEU H 245 2.25 -30.71 -19.22
C LEU H 245 1.84 -31.28 -20.57
N VAL H 246 0.57 -31.64 -20.68
CA VAL H 246 0.06 -32.20 -21.94
C VAL H 246 0.16 -31.20 -23.09
N TYR H 247 -0.21 -29.94 -22.85
CA TYR H 247 -0.09 -28.91 -23.89
C TYR H 247 1.36 -28.83 -24.35
N THR H 248 2.29 -28.74 -23.40
CA THR H 248 3.69 -28.55 -23.73
C THR H 248 4.25 -29.73 -24.52
N ILE H 249 3.93 -30.95 -24.10
CA ILE H 249 4.32 -32.13 -24.86
C ILE H 249 3.71 -32.05 -26.27
N ALA H 250 2.43 -31.70 -26.35
CA ALA H 250 1.73 -31.60 -27.63
C ALA H 250 2.35 -30.52 -28.53
N ASP H 251 2.64 -29.36 -27.95
CA ASP H 251 3.25 -28.26 -28.69
C ASP H 251 4.60 -28.65 -29.24
N VAL H 252 5.45 -29.21 -28.38
CA VAL H 252 6.78 -29.62 -28.81
C VAL H 252 6.69 -30.67 -29.91
N SER H 253 5.78 -31.62 -29.75
CA SER H 253 5.65 -32.72 -30.69
C SER H 253 5.04 -32.29 -32.01
N SER H 254 3.94 -31.56 -31.93
CA SER H 254 3.14 -31.25 -33.11
C SER H 254 3.75 -30.20 -34.04
N VAL H 256 7.64 -28.82 -33.27
CA VAL H 256 9.08 -28.99 -33.45
C VAL H 256 9.44 -30.34 -34.06
N ILE H 257 9.03 -31.42 -33.41
CA ILE H 257 9.39 -32.76 -33.89
C ILE H 257 8.79 -32.99 -35.28
N TYR H 258 7.53 -32.61 -35.44
CA TYR H 258 6.85 -32.67 -36.73
C TYR H 258 7.67 -31.95 -37.82
N GLY H 259 8.19 -30.79 -37.46
CA GLY H 259 8.97 -29.98 -38.40
C GLY H 259 10.32 -30.62 -38.72
N VAL H 260 10.93 -31.22 -37.71
CA VAL H 260 12.21 -31.88 -37.90
C VAL H 260 12.07 -33.06 -38.86
N LEU H 261 11.03 -33.85 -38.67
CA LEU H 261 10.80 -35.02 -39.51
C LEU H 261 10.55 -34.62 -40.97
N LEU H 262 9.66 -33.64 -41.18
CA LEU H 262 9.43 -33.13 -42.53
C LEU H 262 10.75 -32.67 -43.16
N GLY H 263 11.62 -32.09 -42.35
CA GLY H 263 12.92 -31.65 -42.83
C GLY H 263 13.76 -32.82 -43.30
N ASN H 264 13.75 -33.90 -42.52
CA ASN H 264 14.51 -35.09 -42.86
C ASN H 264 13.91 -35.80 -44.06
N LEU H 265 12.59 -35.78 -44.17
CA LEU H 265 11.91 -36.31 -45.34
C LEU H 265 12.38 -35.54 -46.59
N ALA H 266 12.44 -34.23 -46.47
CA ALA H 266 12.82 -33.39 -47.59
C ALA H 266 14.27 -33.70 -48.00
N ILE H 267 15.11 -33.98 -47.02
CA ILE H 267 16.50 -34.34 -47.29
C ILE H 267 16.58 -35.59 -48.14
N THR H 268 15.78 -36.61 -47.82
CA THR H 268 15.81 -37.85 -48.58
C THR H 268 15.21 -37.65 -49.96
N LEU H 269 14.22 -36.77 -50.07
CA LEU H 269 13.60 -36.49 -51.36
C LEU H 269 14.47 -35.54 -52.19
N SER H 270 15.51 -34.99 -51.58
CA SER H 270 16.39 -34.04 -52.26
C SER H 270 17.41 -34.76 -53.14
N LYS H 271 17.45 -34.37 -54.40
CA LYS H 271 18.22 -35.07 -55.43
C LYS H 271 19.73 -34.86 -55.26
CA ASN H 272 21.31 -34.36 -54.00
C ASN H 272 22.00 -34.72 -52.69
N LYS H 273 21.21 -35.20 -51.73
CA LYS H 273 21.68 -35.37 -50.36
C LYS H 273 21.03 -36.56 -49.67
N GLU H 274 21.63 -36.98 -48.57
CA GLU H 274 21.11 -38.09 -47.78
C GLU H 274 21.26 -37.80 -46.29
N LEU H 275 20.62 -38.63 -45.46
CA LEU H 275 20.74 -38.51 -44.02
C LEU H 275 22.04 -39.15 -43.54
N VAL H 276 22.41 -38.90 -42.29
CA VAL H 276 23.64 -39.43 -41.71
C VAL H 276 23.82 -40.92 -41.99
N GLU I 4 5.88 -21.53 7.01
CA GLU I 4 5.34 -22.63 6.17
C GLU I 4 5.85 -22.48 4.75
N LEU I 5 6.95 -23.14 4.44
CA LEU I 5 7.50 -23.09 3.10
C LEU I 5 7.18 -24.38 2.33
N GLY I 6 7.07 -25.49 3.05
CA GLY I 6 6.73 -26.76 2.41
C GLY I 6 7.89 -27.35 1.64
N ASN I 7 7.61 -27.85 0.44
CA ASN I 7 8.61 -28.52 -0.39
C ASN I 7 9.38 -27.51 -1.24
N ALA I 8 10.23 -26.74 -0.56
CA ALA I 8 10.93 -25.64 -1.19
C ALA I 8 12.44 -25.81 -1.05
N ASN I 9 13.19 -25.21 -1.97
CA ASN I 9 14.64 -25.29 -1.94
C ASN I 9 15.20 -24.64 -0.68
N PHE I 10 16.40 -25.06 -0.28
CA PHE I 10 16.98 -24.59 0.98
C PHE I 10 17.35 -23.09 0.92
N GLU I 11 17.55 -22.56 -0.28
CA GLU I 11 17.78 -21.12 -0.42
C GLU I 11 16.70 -20.30 0.29
N ASN I 12 15.46 -20.76 0.23
CA ASN I 12 14.35 -20.03 0.85
C ASN I 12 14.36 -20.10 2.37
N PHE I 13 14.83 -21.22 2.91
CA PHE I 13 14.91 -21.41 4.35
C PHE I 13 16.01 -20.54 4.95
N ILE I 14 17.15 -20.48 4.27
CA ILE I 14 18.21 -19.57 4.69
C ILE I 14 17.68 -18.14 4.61
N GLY I 15 17.09 -17.80 3.47
CA GLY I 15 16.59 -16.46 3.25
C GLY I 15 15.49 -16.06 4.20
N ALA I 16 14.72 -17.04 4.67
CA ALA I 16 13.62 -16.77 5.58
C ALA I 16 14.03 -16.67 7.04
N THR I 17 15.21 -17.18 7.38
CA THR I 17 15.64 -17.20 8.78
C THR I 17 16.82 -16.26 9.02
N GLU I 18 18.02 -16.65 8.62
CA GLU I 18 19.20 -15.80 8.78
C GLU I 18 19.18 -14.61 7.81
N GLY I 19 18.71 -14.85 6.60
CA GLY I 19 18.83 -13.87 5.51
C GLY I 19 20.20 -13.93 4.86
N PHE I 20 20.35 -13.22 3.76
CA PHE I 20 21.60 -13.21 3.03
C PHE I 20 22.35 -11.89 3.26
N SER I 21 23.65 -11.99 3.49
CA SER I 21 24.51 -10.83 3.59
C SER I 21 24.58 -10.14 2.23
N GLU I 22 25.07 -8.92 2.20
CA GLU I 22 25.22 -8.20 0.94
C GLU I 22 26.09 -9.02 -0.02
N ILE I 23 27.25 -9.49 0.46
CA ILE I 23 28.18 -10.24 -0.39
C ILE I 23 27.50 -11.48 -0.96
N ALA I 24 26.82 -12.24 -0.11
CA ALA I 24 26.20 -13.49 -0.53
C ALA I 24 25.09 -13.24 -1.56
N TYR I 25 24.21 -12.29 -1.28
CA TYR I 25 23.13 -12.00 -2.21
C TYR I 25 23.68 -11.47 -3.54
N GLN I 26 24.62 -10.54 -3.47
CA GLN I 26 25.16 -9.92 -4.67
C GLN I 26 25.97 -10.91 -5.50
N PHE I 27 26.82 -11.69 -4.86
CA PHE I 27 27.63 -12.68 -5.59
C PHE I 27 26.72 -13.63 -6.35
N THR I 28 25.73 -14.18 -5.66
CA THR I 28 24.82 -15.14 -6.27
C THR I 28 24.16 -14.49 -7.48
N SER I 29 23.80 -13.23 -7.34
CA SER I 29 23.17 -12.52 -8.43
C SER I 29 24.14 -12.33 -9.60
N HIS I 30 25.36 -11.90 -9.28
CA HIS I 30 26.38 -11.71 -10.31
C HIS I 30 26.68 -13.00 -11.05
N ILE I 31 26.89 -14.09 -10.31
CA ILE I 31 27.27 -15.35 -10.94
C ILE I 31 26.16 -15.87 -11.85
N LEU I 32 24.90 -15.69 -11.43
CA LEU I 32 23.76 -16.10 -12.26
C LEU I 32 23.72 -15.26 -13.52
N THR I 33 24.09 -13.98 -13.36
CA THR I 33 24.07 -13.05 -14.47
C THR I 33 25.16 -13.38 -15.48
N LEU I 34 26.37 -13.66 -14.97
CA LEU I 34 27.46 -14.12 -15.80
C LEU I 34 27.01 -15.34 -16.59
N GLY I 35 26.31 -16.24 -15.92
CA GLY I 35 25.85 -17.47 -16.51
C GLY I 35 25.06 -17.25 -17.80
N TYR I 36 23.98 -16.47 -17.72
CA TYR I 36 23.17 -16.29 -18.91
C TYR I 36 23.90 -15.45 -19.97
N ALA I 37 24.78 -14.57 -19.53
CA ALA I 37 25.56 -13.77 -20.46
C ALA I 37 26.49 -14.66 -21.30
N VAL I 38 27.11 -15.64 -20.67
CA VAL I 38 28.03 -16.53 -21.38
C VAL I 38 27.27 -17.34 -22.43
N MET I 39 26.03 -17.71 -22.14
CA MET I 39 25.22 -18.48 -23.09
C MET I 39 24.87 -17.68 -24.33
N LEU I 40 24.43 -16.44 -24.15
CA LEU I 40 24.11 -15.57 -25.30
C LEU I 40 25.35 -15.25 -26.14
N ALA I 41 26.45 -14.94 -25.47
CA ALA I 41 27.70 -14.69 -26.20
C ALA I 41 28.07 -15.94 -26.98
N GLY I 42 27.93 -17.10 -26.35
CA GLY I 42 28.29 -18.36 -26.97
C GLY I 42 27.45 -18.63 -28.19
N LEU I 43 26.17 -18.28 -28.12
CA LEU I 43 25.25 -18.50 -29.21
C LEU I 43 25.80 -17.80 -30.44
N LEU I 44 26.28 -16.59 -30.26
CA LEU I 44 26.81 -15.80 -31.36
C LEU I 44 28.04 -16.50 -31.93
N TYR I 45 28.94 -16.93 -31.05
CA TYR I 45 30.15 -17.64 -31.46
C TYR I 45 29.79 -18.85 -32.32
N PHE I 46 28.78 -19.60 -31.88
CA PHE I 46 28.48 -20.85 -32.55
C PHE I 46 27.80 -20.64 -33.89
N ILE I 47 26.92 -19.64 -33.97
CA ILE I 47 26.30 -19.31 -35.24
C ILE I 47 27.36 -18.82 -36.22
N LEU I 48 28.25 -17.97 -35.76
CA LEU I 48 29.22 -17.34 -36.66
C LEU I 48 30.31 -18.29 -37.16
N THR I 49 30.50 -19.43 -36.51
CA THR I 49 31.56 -20.35 -36.90
C THR I 49 31.06 -21.60 -37.64
N ILE I 50 29.75 -21.69 -37.84
CA ILE I 50 29.14 -22.86 -38.50
C ILE I 50 29.88 -23.30 -39.78
N LYS I 51 30.22 -22.36 -40.64
CA LYS I 51 30.83 -22.67 -41.93
C LYS I 51 32.34 -22.89 -41.85
N ASN I 52 32.87 -23.03 -40.63
CA ASN I 52 34.28 -23.37 -40.45
C ASN I 52 34.56 -24.87 -40.49
N VAL I 53 33.51 -25.67 -40.69
CA VAL I 53 33.66 -27.11 -40.77
C VAL I 53 32.97 -27.60 -42.04
N ASP I 54 33.31 -28.80 -42.50
CA ASP I 54 32.64 -29.39 -43.65
C ASP I 54 31.14 -29.54 -43.36
N LYS I 55 30.35 -29.56 -44.42
CA LYS I 55 28.90 -29.57 -44.31
C LYS I 55 28.41 -30.65 -43.34
N LYS I 56 29.01 -31.83 -43.41
CA LYS I 56 28.53 -32.98 -42.64
C LYS I 56 28.78 -32.85 -41.13
N PHE I 57 29.58 -31.87 -40.72
CA PHE I 57 29.80 -31.64 -39.29
C PHE I 57 28.98 -30.46 -38.77
N GLN I 58 28.35 -29.73 -39.67
CA GLN I 58 27.67 -28.48 -39.31
C GLN I 58 26.47 -28.66 -38.37
N MET I 59 25.83 -29.81 -38.41
CA MET I 59 24.71 -30.08 -37.51
C MET I 59 25.17 -29.97 -36.06
N SER I 60 26.45 -30.22 -35.81
CA SER I 60 26.98 -30.15 -34.45
C SER I 60 27.06 -28.69 -34.00
N ASN I 61 27.57 -27.84 -34.89
CA ASN I 61 27.58 -26.39 -34.65
C ASN I 61 26.18 -25.89 -34.41
N ILE I 62 25.25 -26.30 -35.27
CA ILE I 62 23.87 -25.92 -35.15
C ILE I 62 23.32 -26.31 -33.78
N LEU I 63 23.56 -27.56 -33.38
CA LEU I 63 23.06 -28.03 -32.10
C LEU I 63 23.65 -27.26 -30.91
N SER I 64 24.93 -26.90 -30.99
CA SER I 64 25.53 -26.05 -29.97
C SER I 64 24.82 -24.68 -29.87
N ALA I 65 24.46 -24.12 -31.02
CA ALA I 65 23.69 -22.88 -31.04
C ALA I 65 22.33 -23.06 -30.42
N VAL I 66 21.63 -24.13 -30.82
CA VAL I 66 20.32 -24.44 -30.26
C VAL I 66 20.34 -24.56 -28.73
N VAL I 67 21.37 -25.21 -28.21
CA VAL I 67 21.52 -25.35 -26.77
C VAL I 67 21.73 -23.99 -26.08
N MET I 68 22.49 -23.09 -26.71
CA MET I 68 22.74 -21.77 -26.13
C MET I 68 21.44 -21.00 -25.98
N VAL I 69 20.55 -21.15 -26.95
CA VAL I 69 19.29 -20.41 -26.94
C VAL I 69 18.50 -20.71 -25.69
N SER I 70 18.31 -21.99 -25.40
CA SER I 70 17.52 -22.39 -24.23
C SER I 70 18.26 -22.08 -22.93
N ALA I 71 19.57 -22.28 -22.93
CA ALA I 71 20.34 -22.01 -21.73
C ALA I 71 20.29 -20.53 -21.37
N PHE I 72 20.38 -19.67 -22.37
CA PHE I 72 20.27 -18.24 -22.12
C PHE I 72 18.92 -17.90 -21.48
N LEU I 73 17.85 -18.33 -22.13
CA LEU I 73 16.51 -18.00 -21.67
C LEU I 73 16.28 -18.46 -20.24
N LEU I 74 16.67 -19.70 -19.94
CA LEU I 74 16.35 -20.28 -18.66
C LEU I 74 17.29 -19.75 -17.56
N LEU I 75 18.54 -19.48 -17.89
CA LEU I 75 19.46 -18.91 -16.91
C LEU I 75 19.10 -17.46 -16.65
N TYR I 76 18.55 -16.81 -17.66
CA TYR I 76 18.07 -15.45 -17.49
C TYR I 76 16.88 -15.46 -16.51
N ALA I 77 15.92 -16.36 -16.75
CA ALA I 77 14.75 -16.45 -15.89
C ALA I 77 15.17 -16.77 -14.46
N GLN I 78 16.11 -17.70 -14.33
CA GLN I 78 16.60 -18.13 -13.03
C GLN I 78 17.26 -16.96 -12.29
N ALA I 79 17.94 -16.09 -13.03
CA ALA I 79 18.57 -14.90 -12.43
C ALA I 79 17.51 -13.93 -11.89
N GLN I 80 16.43 -13.72 -12.66
CA GLN I 80 15.33 -12.88 -12.19
C GLN I 80 14.64 -13.52 -10.97
N ASN I 81 14.59 -14.85 -10.93
CA ASN I 81 13.92 -15.56 -9.83
C ASN I 81 14.65 -15.26 -8.53
N TRP I 82 15.97 -15.23 -8.60
CA TRP I 82 16.80 -14.91 -7.45
C TRP I 82 16.56 -13.50 -6.92
N THR I 83 16.64 -12.51 -7.80
CA THR I 83 16.57 -11.12 -7.37
C THR I 83 15.17 -10.74 -6.90
N SER I 84 14.15 -11.41 -7.43
CA SER I 84 12.80 -11.07 -7.00
C SER I 84 12.37 -11.84 -5.75
N SER I 85 13.11 -12.88 -5.36
CA SER I 85 12.70 -13.71 -4.24
C SER I 85 13.24 -13.22 -2.92
N PHE I 86 14.27 -12.37 -2.97
CA PHE I 86 14.93 -11.89 -1.77
C PHE I 86 15.08 -10.37 -1.81
N THR I 87 14.68 -9.73 -0.71
CA THR I 87 14.57 -8.27 -0.64
C THR I 87 15.31 -7.71 0.56
N PHE I 88 15.94 -6.55 0.36
CA PHE I 88 16.80 -5.97 1.39
C PHE I 88 16.00 -5.51 2.61
N ASN I 89 16.49 -5.79 3.79
CA ASN I 89 15.91 -5.28 5.02
C ASN I 89 16.84 -4.23 5.59
N GLU I 90 16.40 -2.97 5.60
CA GLU I 90 17.27 -1.86 5.95
C GLU I 90 17.67 -1.88 7.43
N GLU I 91 16.86 -2.49 8.28
CA GLU I 91 17.13 -2.53 9.71
C GLU I 91 18.35 -3.38 10.11
N VAL I 92 18.58 -4.49 9.43
CA VAL I 92 19.78 -5.31 9.72
C VAL I 92 20.71 -5.46 8.53
N GLY I 93 20.34 -4.87 7.40
CA GLY I 93 21.19 -4.93 6.23
C GLY I 93 21.38 -6.35 5.75
N ARG I 94 20.28 -7.07 5.59
CA ARG I 94 20.33 -8.38 4.98
C ARG I 94 19.12 -8.58 4.06
N TYR I 95 19.24 -9.50 3.11
CA TYR I 95 18.16 -9.80 2.19
C TYR I 95 17.37 -10.99 2.70
N PHE I 96 16.05 -10.82 2.82
CA PHE I 96 15.20 -11.86 3.33
C PHE I 96 14.20 -12.31 2.29
N LEU I 97 13.61 -13.47 2.52
CA LEU I 97 12.64 -14.04 1.61
C LEU I 97 11.51 -13.05 1.40
N ASP I 98 11.15 -12.82 0.15
CA ASP I 98 10.04 -11.98 -0.20
C ASP I 98 8.97 -12.85 -0.85
N PRO I 99 7.85 -13.07 -0.16
CA PRO I 99 6.78 -13.92 -0.70
C PRO I 99 6.30 -13.50 -2.09
N SER I 100 5.98 -12.22 -2.24
CA SER I 100 5.31 -11.74 -3.44
C SER I 100 6.06 -12.06 -4.73
N GLY I 101 7.36 -12.36 -4.61
CA GLY I 101 8.17 -12.65 -5.79
C GLY I 101 8.29 -14.14 -6.07
N ASP I 102 7.45 -14.95 -5.41
CA ASP I 102 7.53 -16.41 -5.50
C ASP I 102 8.75 -16.91 -4.74
N LEU I 103 8.66 -18.14 -4.25
CA LEU I 103 9.83 -18.78 -3.67
C LEU I 103 10.86 -19.02 -4.78
N PHE I 104 12.13 -19.10 -4.39
CA PHE I 104 13.19 -19.43 -5.33
C PHE I 104 13.13 -20.94 -5.59
N ASN I 105 13.39 -21.35 -6.83
CA ASN I 105 13.47 -22.77 -7.15
C ASN I 105 14.39 -23.03 -8.32
N ASN I 106 15.31 -23.98 -8.15
CA ASN I 106 16.31 -24.31 -9.14
C ASN I 106 15.76 -25.09 -10.33
N GLY I 107 14.44 -25.30 -10.34
CA GLY I 107 13.77 -26.05 -11.40
C GLY I 107 13.90 -25.47 -12.78
N TYR I 108 13.97 -24.14 -12.89
CA TYR I 108 14.15 -23.50 -14.20
C TYR I 108 15.41 -24.07 -14.84
N ARG I 109 16.45 -24.27 -14.03
CA ARG I 109 17.70 -24.81 -14.55
C ARG I 109 17.56 -26.28 -14.89
N TYR I 110 16.77 -27.02 -14.13
CA TYR I 110 16.62 -28.44 -14.37
C TYR I 110 15.94 -28.74 -15.69
N LEU I 111 14.86 -28.01 -16.00
CA LEU I 111 14.15 -28.26 -17.26
C LEU I 111 14.92 -27.70 -18.45
N ASN I 112 15.79 -26.72 -18.21
CA ASN I 112 16.78 -26.37 -19.20
C ASN I 112 17.49 -27.66 -19.63
N TRP I 113 17.94 -28.42 -18.63
CA TRP I 113 18.66 -29.68 -18.85
C TRP I 113 17.88 -30.68 -19.70
N LEU I 114 16.57 -30.69 -19.53
CA LEU I 114 15.72 -31.58 -20.27
C LEU I 114 15.90 -31.36 -21.77
N ILE I 115 16.13 -30.10 -22.15
CA ILE I 115 16.44 -29.77 -23.55
C ILE I 115 17.92 -30.01 -23.84
N ASP I 116 18.77 -29.47 -22.98
CA ASP I 116 20.19 -29.40 -23.26
C ASP I 116 20.85 -30.78 -23.30
N VAL I 117 20.57 -31.61 -22.30
CA VAL I 117 21.24 -32.90 -22.17
C VAL I 117 21.07 -33.80 -23.41
N PRO I 118 19.83 -33.96 -23.91
CA PRO I 118 19.62 -34.75 -25.11
C PRO I 118 20.38 -34.22 -26.33
N MET I 119 20.52 -32.90 -26.43
CA MET I 119 21.20 -32.28 -27.58
C MET I 119 22.71 -32.39 -27.48
N LEU I 120 23.26 -32.13 -26.29
CA LEU I 120 24.69 -32.25 -26.07
C LEU I 120 25.19 -33.66 -26.31
N LEU I 121 24.43 -34.65 -25.82
CA LEU I 121 24.81 -36.04 -26.03
C LEU I 121 24.66 -36.41 -27.51
N PHE I 122 23.61 -35.89 -28.12
CA PHE I 122 23.30 -36.17 -29.52
C PHE I 122 24.36 -35.59 -30.47
N GLN I 123 24.82 -34.37 -30.22
CA GLN I 123 25.61 -33.68 -31.22
C GLN I 123 26.96 -34.34 -31.52
N ILE I 124 27.55 -35.03 -30.54
CA ILE I 124 28.86 -35.64 -30.78
C ILE I 124 28.75 -36.72 -31.85
N LEU I 125 27.56 -37.29 -32.00
CA LEU I 125 27.34 -38.36 -32.96
C LEU I 125 27.32 -37.85 -34.40
N PHE I 126 27.36 -36.53 -34.57
CA PHE I 126 27.46 -35.95 -35.90
C PHE I 126 28.90 -35.57 -36.23
N VAL I 127 29.82 -35.80 -35.29
CA VAL I 127 31.23 -35.51 -35.53
C VAL I 127 32.06 -36.78 -35.56
N VAL I 128 31.78 -37.72 -34.66
CA VAL I 128 32.54 -38.97 -34.60
C VAL I 128 31.83 -40.08 -35.36
N SER I 129 32.56 -41.13 -35.67
CA SER I 129 31.98 -42.32 -36.29
C SER I 129 32.01 -43.48 -35.32
N LEU I 130 30.86 -44.11 -35.12
CA LEU I 130 30.78 -45.31 -34.30
C LEU I 130 31.34 -46.47 -35.08
N THR I 131 31.84 -47.48 -34.38
CA THR I 131 32.30 -48.70 -35.02
C THR I 131 31.30 -49.82 -34.80
N THR I 132 31.37 -50.45 -33.64
CA THR I 132 30.48 -51.57 -33.33
C THR I 132 29.11 -51.11 -32.86
N SER I 133 29.04 -49.91 -32.27
CA SER I 133 27.77 -49.36 -31.78
C SER I 133 26.91 -48.81 -32.91
N LYS I 134 25.60 -48.86 -32.72
CA LYS I 134 24.66 -48.33 -33.72
C LYS I 134 24.12 -46.94 -33.32
N PHE I 135 24.14 -46.03 -34.29
CA PHE I 135 23.75 -44.63 -34.08
C PHE I 135 22.43 -44.49 -33.34
N SER I 136 21.40 -45.19 -33.79
CA SER I 136 20.07 -45.07 -33.21
C SER I 136 20.01 -45.65 -31.79
N SER I 137 20.85 -46.63 -31.50
CA SER I 137 20.85 -47.25 -30.18
C SER I 137 21.50 -46.34 -29.15
N VAL I 138 22.65 -45.77 -29.52
CA VAL I 138 23.33 -44.82 -28.65
C VAL I 138 22.44 -43.61 -28.41
N ARG I 139 21.88 -43.06 -29.49
CA ARG I 139 20.99 -41.91 -29.40
C ARG I 139 19.86 -42.16 -28.42
N ASN I 140 19.19 -43.30 -28.58
CA ASN I 140 18.04 -43.66 -27.76
C ASN I 140 18.43 -43.87 -26.31
N GLN I 141 19.57 -44.49 -26.08
CA GLN I 141 20.07 -44.67 -24.72
C GLN I 141 20.39 -43.32 -24.07
N PHE I 142 20.99 -42.42 -24.83
CA PHE I 142 21.31 -41.09 -24.33
C PHE I 142 20.02 -40.35 -23.94
N TRP I 143 19.05 -40.38 -24.83
CA TRP I 143 17.83 -39.60 -24.64
C TRP I 143 16.99 -40.14 -23.50
N PHE I 144 16.82 -41.46 -23.47
CA PHE I 144 16.03 -42.07 -22.41
C PHE I 144 16.68 -41.90 -21.03
N SER I 145 17.97 -42.18 -20.95
CA SER I 145 18.67 -42.07 -19.68
C SER I 145 18.85 -40.62 -19.27
N GLY I 146 19.03 -39.75 -20.27
CA GLY I 146 19.15 -38.32 -20.01
C GLY I 146 17.87 -37.74 -19.45
N ALA I 147 16.76 -38.00 -20.12
CA ALA I 147 15.47 -37.53 -19.66
C ALA I 147 15.18 -38.03 -18.25
N MET I 148 15.42 -39.32 -18.02
CA MET I 148 15.10 -39.94 -16.74
C MET I 148 15.96 -39.36 -15.61
N MET I 149 17.23 -39.10 -15.91
CA MET I 149 18.15 -38.55 -14.94
C MET I 149 17.63 -37.20 -14.47
N ILE I 150 17.21 -36.38 -15.44
CA ILE I 150 16.77 -35.02 -15.15
C ILE I 150 15.46 -35.02 -14.39
N ILE I 151 14.49 -35.81 -14.85
CA ILE I 151 13.17 -35.85 -14.25
C ILE I 151 13.22 -36.30 -12.79
N THR I 152 13.96 -37.37 -12.53
CA THR I 152 14.05 -37.91 -11.17
C THR I 152 14.80 -36.94 -10.24
N GLY I 153 15.81 -36.28 -10.76
CA GLY I 153 16.51 -35.25 -9.99
C GLY I 153 15.60 -34.05 -9.74
N TYR I 154 14.83 -33.68 -10.75
CA TYR I 154 13.89 -32.57 -10.65
C TYR I 154 12.89 -32.83 -9.50
N ILE I 155 12.42 -34.06 -9.42
CA ILE I 155 11.51 -34.44 -8.35
C ILE I 155 12.20 -34.38 -6.99
N GLY I 156 13.41 -34.91 -6.91
CA GLY I 156 14.13 -34.97 -5.65
C GLY I 156 14.39 -33.62 -5.00
N GLN I 157 14.80 -32.63 -5.79
CA GLN I 157 15.25 -31.34 -5.24
C GLN I 157 14.14 -30.54 -4.53
N PHE I 158 12.88 -30.83 -4.87
CA PHE I 158 11.76 -30.22 -4.15
C PHE I 158 11.75 -30.67 -2.69
N TYR I 159 12.42 -31.78 -2.40
CA TYR I 159 12.38 -32.34 -1.07
C TYR I 159 13.69 -32.17 -0.31
N GLU I 160 14.59 -31.35 -0.84
CA GLU I 160 15.94 -31.23 -0.27
C GLU I 160 15.94 -30.75 1.18
N VAL I 161 14.87 -30.10 1.59
CA VAL I 161 14.71 -29.73 3.00
C VAL I 161 13.54 -30.46 3.65
N SER I 162 12.41 -30.57 2.94
CA SER I 162 11.19 -31.09 3.56
C SER I 162 11.21 -32.59 3.82
N ASN I 163 12.02 -33.32 3.06
CA ASN I 163 12.06 -34.78 3.16
C ASN I 163 13.38 -35.37 2.64
N LEU I 164 14.33 -35.50 3.55
CA LEU I 164 15.67 -35.95 3.23
C LEU I 164 15.67 -37.29 2.50
N THR I 165 14.81 -38.20 2.92
CA THR I 165 14.76 -39.54 2.35
C THR I 165 14.36 -39.49 0.89
N ALA I 166 13.28 -38.78 0.58
CA ALA I 166 12.87 -38.65 -0.82
C ALA I 166 13.99 -38.00 -1.62
N PHE I 167 14.63 -37.00 -1.02
CA PHE I 167 15.73 -36.28 -1.64
C PHE I 167 16.84 -37.24 -2.08
N LEU I 168 17.28 -38.07 -1.16
CA LEU I 168 18.39 -38.98 -1.41
C LEU I 168 18.01 -40.12 -2.36
N VAL I 169 16.80 -40.66 -2.19
CA VAL I 169 16.34 -41.76 -3.03
C VAL I 169 16.23 -41.34 -4.50
N TRP I 170 15.46 -40.30 -4.76
CA TRP I 170 15.34 -39.77 -6.11
C TRP I 170 16.71 -39.38 -6.65
N GLY I 171 17.56 -38.87 -5.76
CA GLY I 171 18.90 -38.48 -6.15
C GLY I 171 19.72 -39.69 -6.61
N ALA I 172 19.56 -40.79 -5.88
CA ALA I 172 20.28 -42.03 -6.17
C ALA I 172 19.81 -42.65 -7.48
N ILE I 173 18.49 -42.62 -7.71
CA ILE I 173 17.93 -43.09 -8.96
C ILE I 173 18.50 -42.26 -10.12
N SER I 174 18.49 -40.94 -9.96
CA SER I 174 19.05 -40.05 -10.96
C SER I 174 20.51 -40.42 -11.25
N SER I 175 21.27 -40.68 -10.17
CA SER I 175 22.67 -41.07 -10.30
C SER I 175 22.88 -42.36 -11.10
N ALA I 176 21.95 -43.29 -11.01
CA ALA I 176 22.08 -44.55 -11.75
C ALA I 176 22.02 -44.29 -13.23
N PHE I 177 21.07 -43.46 -13.64
CA PHE I 177 20.95 -43.08 -15.04
C PHE I 177 22.19 -42.31 -15.48
N PHE I 178 22.70 -41.46 -14.58
CA PHE I 178 23.91 -40.70 -14.86
C PHE I 178 25.06 -41.66 -15.20
N PHE I 179 25.33 -42.60 -14.31
CA PHE I 179 26.44 -43.54 -14.51
C PHE I 179 26.31 -44.27 -15.84
N HIS I 180 25.09 -44.57 -16.24
CA HIS I 180 24.87 -45.23 -17.51
C HIS I 180 25.26 -44.31 -18.68
N ILE I 181 24.91 -43.03 -18.58
CA ILE I 181 25.30 -42.05 -19.60
C ILE I 181 26.82 -41.97 -19.71
N LEU I 182 27.49 -41.93 -18.56
CA LEU I 182 28.94 -41.90 -18.54
C LEU I 182 29.48 -43.09 -19.31
N TRP I 183 28.94 -44.27 -19.00
CA TRP I 183 29.39 -45.52 -19.60
C TRP I 183 29.25 -45.47 -21.12
N VAL I 184 28.09 -45.00 -21.58
CA VAL I 184 27.83 -44.96 -23.02
C VAL I 184 28.70 -43.91 -23.72
N MET I 185 28.89 -42.78 -23.06
CA MET I 185 29.70 -41.72 -23.66
C MET I 185 31.15 -42.19 -23.78
N LYS I 186 31.62 -42.97 -22.81
CA LYS I 186 32.98 -43.48 -22.88
C LYS I 186 33.14 -44.39 -24.10
N LYS I 187 32.17 -45.27 -24.32
CA LYS I 187 32.14 -46.09 -25.52
C LYS I 187 32.23 -45.23 -26.79
N VAL I 188 31.35 -44.24 -26.88
CA VAL I 188 31.28 -43.37 -28.04
C VAL I 188 32.60 -42.66 -28.31
N ILE I 189 33.28 -42.25 -27.24
CA ILE I 189 34.54 -41.55 -27.36
C ILE I 189 35.64 -42.47 -27.87
N ASN I 190 35.67 -43.69 -27.32
CA ASN I 190 36.64 -44.70 -27.74
C ASN I 190 36.45 -45.10 -29.19
N GLU I 191 35.20 -45.40 -29.57
CA GLU I 191 34.90 -45.77 -30.95
C GLU I 191 35.21 -44.60 -31.90
N GLY I 192 35.06 -43.37 -31.39
CA GLY I 192 35.29 -42.18 -32.20
C GLY I 192 36.76 -41.97 -32.46
N LYS I 193 37.60 -42.50 -31.58
CA LYS I 193 39.04 -42.42 -31.74
C LYS I 193 39.55 -43.34 -32.86
N GLU I 194 38.86 -44.46 -33.05
CA GLU I 194 39.22 -45.39 -34.12
C GLU I 194 39.10 -44.70 -35.47
N GLY I 195 40.19 -44.67 -36.21
CA GLY I 195 40.15 -44.28 -37.62
C GLY I 195 40.31 -42.79 -37.88
N ILE I 196 40.66 -42.02 -36.86
CA ILE I 196 40.93 -40.60 -37.06
C ILE I 196 42.35 -40.28 -36.64
N SER I 197 42.83 -39.13 -37.10
CA SER I 197 44.21 -38.72 -36.89
C SER I 197 44.52 -38.53 -35.41
N PRO I 198 45.80 -38.50 -35.05
CA PRO I 198 46.18 -38.28 -33.66
C PRO I 198 45.64 -36.98 -33.08
N ALA I 199 45.59 -35.92 -33.87
CA ALA I 199 45.11 -34.63 -33.39
C ALA I 199 43.65 -34.73 -32.94
N GLY I 200 42.84 -35.42 -33.71
CA GLY I 200 41.46 -35.64 -33.36
C GLY I 200 41.32 -36.53 -32.13
N GLN I 201 42.24 -37.47 -31.98
CA GLN I 201 42.22 -38.37 -30.83
C GLN I 201 42.55 -37.62 -29.56
N LYS I 202 43.48 -36.67 -29.65
CA LYS I 202 43.85 -35.88 -28.49
C LYS I 202 42.65 -35.04 -28.05
N ILE I 203 41.94 -34.45 -29.00
CA ILE I 203 40.78 -33.62 -28.68
C ILE I 203 39.67 -34.46 -28.05
N LEU I 204 39.41 -35.64 -28.61
CA LEU I 204 38.42 -36.53 -28.01
C LEU I 204 38.78 -36.88 -26.57
N SER I 205 40.07 -37.03 -26.29
CA SER I 205 40.53 -37.29 -24.93
C SER I 205 40.20 -36.12 -24.00
N ASN I 206 40.40 -34.90 -24.50
CA ASN I 206 40.09 -33.71 -23.71
C ASN I 206 38.59 -33.56 -23.51
N ILE I 207 37.81 -33.97 -24.52
CA ILE I 207 36.36 -33.91 -24.43
C ILE I 207 35.86 -34.85 -23.35
N TRP I 208 36.46 -36.03 -23.26
CA TRP I 208 36.06 -37.00 -22.25
C TRP I 208 36.35 -36.48 -20.84
N ILE I 209 37.52 -35.90 -20.65
CA ILE I 209 37.91 -35.38 -19.35
C ILE I 209 37.02 -34.21 -18.93
N LEU I 210 36.72 -33.33 -19.89
CA LEU I 210 35.85 -32.20 -19.67
C LEU I 210 34.44 -32.66 -19.34
N PHE I 211 33.93 -33.56 -20.17
CA PHE I 211 32.64 -34.17 -19.95
C PHE I 211 32.56 -34.73 -18.52
N LEU I 212 33.52 -35.58 -18.16
CA LEU I 212 33.44 -36.28 -16.88
C LEU I 212 33.42 -35.32 -15.69
N ILE I 213 34.31 -34.34 -15.72
CA ILE I 213 34.40 -33.38 -14.63
C ILE I 213 33.18 -32.47 -14.57
N SER I 214 32.85 -31.84 -15.70
CA SER I 214 31.78 -30.86 -15.71
C SER I 214 30.44 -31.50 -15.32
N TRP I 215 30.16 -32.69 -15.84
CA TRP I 215 28.89 -33.34 -15.57
C TRP I 215 28.76 -33.78 -14.12
N THR I 216 29.88 -34.17 -13.53
CA THR I 216 29.89 -34.63 -12.14
C THR I 216 29.66 -33.49 -11.16
N LEU I 217 29.85 -32.25 -11.61
CA LEU I 217 29.64 -31.08 -10.75
C LEU I 217 28.17 -30.93 -10.38
N TYR I 218 27.29 -31.38 -11.27
CA TYR I 218 25.86 -31.18 -11.08
C TYR I 218 25.33 -31.93 -9.85
N PRO I 219 25.72 -33.21 -9.69
CA PRO I 219 25.33 -33.93 -8.49
C PRO I 219 25.89 -33.28 -7.24
N GLY I 220 27.07 -32.66 -7.37
CA GLY I 220 27.70 -31.97 -6.26
C GLY I 220 26.88 -30.77 -5.85
N ALA I 221 26.40 -30.01 -6.84
CA ALA I 221 25.56 -28.86 -6.57
C ALA I 221 24.24 -29.29 -5.93
N TYR I 222 23.73 -30.44 -6.38
CA TYR I 222 22.52 -31.04 -5.81
C TYR I 222 22.69 -31.21 -4.30
N LEU I 223 23.81 -31.82 -3.90
CA LEU I 223 24.05 -32.20 -2.52
C LEU I 223 24.64 -31.06 -1.69
N MET I 224 25.02 -29.98 -2.36
CA MET I 224 25.87 -28.95 -1.76
C MET I 224 25.51 -28.63 -0.30
N PRO I 225 24.23 -28.36 -0.01
CA PRO I 225 23.88 -27.91 1.33
C PRO I 225 24.28 -28.90 2.43
N TYR I 226 24.37 -30.18 2.08
CA TYR I 226 24.66 -31.24 3.07
C TYR I 226 26.04 -31.85 2.99
N LEU I 227 26.88 -31.36 2.08
CA LEU I 227 28.24 -31.89 1.90
C LEU I 227 29.16 -31.65 3.10
N THR I 228 28.68 -30.92 4.10
CA THR I 228 29.43 -30.77 5.34
C THR I 228 28.57 -31.15 6.53
N GLY I 229 27.65 -32.09 6.31
CA GLY I 229 26.72 -32.49 7.34
C GLY I 229 25.66 -31.42 7.57
N ASP I 231 24.29 -29.98 9.90
CA ASP I 231 24.31 -28.54 10.19
C ASP I 231 25.70 -27.94 9.94
N GLY I 232 26.39 -28.43 8.92
CA GLY I 232 27.73 -27.97 8.61
C GLY I 232 27.83 -26.57 8.01
N PHE I 233 29.06 -26.18 7.69
CA PHE I 233 29.37 -24.86 7.17
C PHE I 233 28.62 -24.52 5.87
N LEU I 234 28.35 -25.54 5.04
CA LEU I 234 27.68 -25.31 3.77
C LEU I 234 26.17 -25.20 3.90
N TYR I 235 25.61 -25.59 5.06
CA TYR I 235 24.20 -25.39 5.27
C TYR I 235 23.99 -23.94 5.72
N SER I 236 24.05 -23.02 4.77
CA SER I 236 24.16 -21.60 5.03
C SER I 236 24.19 -20.85 3.71
N GLU I 237 24.36 -19.53 3.80
CA GLU I 237 24.48 -18.71 2.58
C GLU I 237 25.74 -19.05 1.78
N ASP I 238 26.77 -19.56 2.45
CA ASP I 238 28.00 -19.98 1.78
C ASP I 238 27.72 -21.16 0.87
N GLY I 239 26.83 -22.05 1.31
CA GLY I 239 26.41 -23.19 0.50
C GLY I 239 25.55 -22.75 -0.66
N VAL I 240 24.71 -21.75 -0.44
CA VAL I 240 23.91 -21.18 -1.49
C VAL I 240 24.82 -20.60 -2.58
N MET I 241 25.80 -19.82 -2.17
CA MET I 241 26.77 -19.25 -3.10
C MET I 241 27.52 -20.36 -3.85
N ALA I 242 27.98 -21.36 -3.11
CA ALA I 242 28.78 -22.43 -3.72
C ALA I 242 27.97 -23.18 -4.75
N ARG I 243 26.71 -23.48 -4.41
CA ARG I 243 25.84 -24.22 -5.32
C ARG I 243 25.66 -23.49 -6.65
N GLN I 244 25.35 -22.21 -6.58
CA GLN I 244 25.08 -21.45 -7.79
C GLN I 244 26.37 -21.22 -8.56
N LEU I 245 27.48 -21.14 -7.84
CA LEU I 245 28.77 -21.04 -8.49
C LEU I 245 29.04 -22.31 -9.28
N VAL I 246 28.89 -23.46 -8.60
CA VAL I 246 29.16 -24.74 -9.22
C VAL I 246 28.28 -24.96 -10.45
N TYR I 247 26.99 -24.62 -10.34
CA TYR I 247 26.10 -24.71 -11.50
C TYR I 247 26.62 -23.89 -12.67
N THR I 248 27.03 -22.66 -12.40
CA THR I 248 27.46 -21.78 -13.48
C THR I 248 28.72 -22.34 -14.14
N ILE I 249 29.70 -22.76 -13.34
CA ILE I 249 30.92 -23.35 -13.88
C ILE I 249 30.60 -24.58 -14.72
N ALA I 250 29.74 -25.44 -14.17
CA ALA I 250 29.28 -26.64 -14.86
C ALA I 250 28.60 -26.32 -16.19
N ASP I 251 27.67 -25.36 -16.19
CA ASP I 251 26.95 -25.01 -17.41
C ASP I 251 27.86 -24.46 -18.51
N VAL I 252 28.76 -23.58 -18.12
CA VAL I 252 29.71 -23.00 -19.06
C VAL I 252 30.62 -24.09 -19.63
N SER I 253 31.03 -25.03 -18.78
CA SER I 253 31.93 -26.09 -19.23
C SER I 253 31.21 -27.14 -20.08
N SER I 254 30.06 -27.61 -19.60
CA SER I 254 29.34 -28.68 -20.30
C SER I 254 28.74 -28.19 -21.63
N VAL I 256 29.44 -24.66 -23.40
CA VAL I 256 30.27 -23.80 -24.25
C VAL I 256 31.64 -24.42 -24.56
N ILE I 257 32.38 -24.80 -23.52
CA ILE I 257 33.70 -25.39 -23.75
C ILE I 257 33.57 -26.72 -24.48
N TYR I 258 32.61 -27.53 -24.08
CA TYR I 258 32.32 -28.78 -24.78
C TYR I 258 32.05 -28.49 -26.26
N GLY I 259 31.26 -27.46 -26.53
CA GLY I 259 30.93 -27.10 -27.90
C GLY I 259 32.10 -26.59 -28.70
N VAL I 260 32.98 -25.83 -28.06
CA VAL I 260 34.18 -25.36 -28.72
C VAL I 260 35.11 -26.52 -29.07
N LEU I 261 35.32 -27.43 -28.12
CA LEU I 261 36.14 -28.60 -28.38
C LEU I 261 35.55 -29.47 -29.51
N LEU I 262 34.23 -29.66 -29.52
CA LEU I 262 33.60 -30.42 -30.60
C LEU I 262 33.80 -29.74 -31.94
N GLY I 263 33.63 -28.42 -31.97
CA GLY I 263 33.88 -27.66 -33.20
C GLY I 263 35.32 -27.82 -33.68
N ASN I 264 36.26 -27.81 -32.74
CA ASN I 264 37.67 -27.97 -33.10
C ASN I 264 37.93 -29.36 -33.66
N LEU I 265 37.36 -30.38 -33.02
CA LEU I 265 37.46 -31.74 -33.53
C LEU I 265 36.94 -31.76 -34.96
N ALA I 266 35.80 -31.11 -35.17
CA ALA I 266 35.18 -31.04 -36.49
C ALA I 266 36.11 -30.37 -37.50
N ILE I 267 36.90 -29.41 -37.05
CA ILE I 267 37.83 -28.73 -37.94
C ILE I 267 38.99 -29.64 -38.34
N THR I 268 39.57 -30.34 -37.36
CA THR I 268 40.68 -31.23 -37.63
C THR I 268 40.25 -32.35 -38.57
N LEU I 269 39.02 -32.82 -38.39
CA LEU I 269 38.48 -33.89 -39.22
C LEU I 269 38.13 -33.40 -40.62
N SER I 270 38.00 -32.09 -40.80
CA SER I 270 37.60 -31.54 -42.10
C SER I 270 38.77 -31.46 -43.07
N LYS I 271 38.49 -31.76 -44.34
CA LYS I 271 39.51 -31.79 -45.40
C LYS I 271 40.19 -30.43 -45.55
N LYS I 273 40.08 -27.70 -44.35
CA LYS I 273 40.04 -26.84 -43.17
C LYS I 273 41.00 -27.35 -42.10
N GLU I 274 41.69 -26.41 -41.44
CA GLU I 274 42.70 -26.77 -40.44
C GLU I 274 42.71 -25.81 -39.26
N LEU I 275 43.30 -26.25 -38.14
CA LEU I 275 43.35 -25.44 -36.91
C LEU I 275 44.41 -24.35 -36.97
N VAL I 276 44.35 -23.44 -36.01
CA VAL I 276 45.31 -22.35 -35.88
C VAL I 276 46.46 -22.79 -34.97
N GLN J 3 20.49 2.21 7.11
CA GLN J 3 21.31 2.45 8.33
C GLN J 3 22.44 1.43 8.41
N GLU J 4 22.09 0.14 8.35
CA GLU J 4 23.09 -0.92 8.27
C GLU J 4 23.20 -1.36 6.81
N LEU J 5 24.35 -1.07 6.21
CA LEU J 5 24.56 -1.39 4.79
C LEU J 5 25.59 -2.49 4.63
N GLY J 6 26.61 -2.48 5.49
CA GLY J 6 27.62 -3.54 5.52
C GLY J 6 28.68 -3.36 4.45
N ASN J 7 29.00 -4.45 3.77
CA ASN J 7 29.99 -4.45 2.71
C ASN J 7 29.37 -4.04 1.38
N ALA J 8 28.90 -2.79 1.32
CA ALA J 8 28.22 -2.25 0.18
C ALA J 8 29.09 -1.18 -0.48
N ASN J 9 28.88 -0.96 -1.78
CA ASN J 9 29.58 0.07 -2.53
C ASN J 9 29.23 1.48 -2.05
N PHE J 10 30.11 2.44 -2.30
CA PHE J 10 29.91 3.75 -1.71
C PHE J 10 28.72 4.49 -2.30
N GLU J 11 28.29 4.11 -3.50
CA GLU J 11 27.10 4.71 -4.10
C GLU J 11 25.91 4.66 -3.12
N ASN J 12 25.80 3.57 -2.38
CA ASN J 12 24.65 3.36 -1.50
C ASN J 12 24.71 4.24 -0.25
N PHE J 13 25.94 4.50 0.22
CA PHE J 13 26.13 5.37 1.39
C PHE J 13 25.78 6.82 1.05
N ILE J 14 26.18 7.27 -0.13
CA ILE J 14 25.75 8.60 -0.58
C ILE J 14 24.23 8.64 -0.73
N GLY J 15 23.69 7.65 -1.42
CA GLY J 15 22.26 7.61 -1.66
C GLY J 15 21.43 7.49 -0.40
N ALA J 16 22.00 6.90 0.64
CA ALA J 16 21.27 6.69 1.88
C ALA J 16 21.37 7.87 2.85
N THR J 17 22.35 8.75 2.65
CA THR J 17 22.55 9.85 3.57
C THR J 17 22.21 11.19 2.90
N GLU J 18 22.99 11.57 1.91
CA GLU J 18 22.77 12.82 1.19
C GLU J 18 21.67 12.67 0.14
N GLY J 19 21.65 11.51 -0.52
CA GLY J 19 20.77 11.33 -1.68
C GLY J 19 21.40 11.98 -2.90
N PHE J 20 20.83 11.70 -4.07
CA PHE J 20 21.38 12.23 -5.32
C PHE J 20 20.49 13.31 -5.87
N SER J 21 21.11 14.38 -6.35
CA SER J 21 20.40 15.44 -7.06
C SER J 21 19.87 14.91 -8.39
N GLU J 22 18.94 15.66 -8.99
CA GLU J 22 18.40 15.30 -10.28
C GLU J 22 19.51 15.07 -11.31
N ILE J 23 20.52 15.95 -11.32
CA ILE J 23 21.61 15.84 -12.30
C ILE J 23 22.44 14.58 -12.07
N ALA J 24 22.86 14.36 -10.82
CA ALA J 24 23.66 13.19 -10.49
C ALA J 24 22.91 11.90 -10.85
N TYR J 25 21.65 11.81 -10.45
CA TYR J 25 20.86 10.61 -10.68
C TYR J 25 20.63 10.36 -12.16
N GLN J 26 20.20 11.40 -12.87
CA GLN J 26 19.87 11.28 -14.29
C GLN J 26 21.11 11.02 -15.15
N PHE J 27 22.18 11.78 -14.93
CA PHE J 27 23.41 11.57 -15.70
C PHE J 27 23.84 10.11 -15.63
N THR J 28 23.91 9.61 -14.41
CA THR J 28 24.39 8.25 -14.18
C THR J 28 23.49 7.25 -14.89
N SER J 29 22.18 7.48 -14.82
CA SER J 29 21.25 6.67 -15.58
C SER J 29 21.55 6.78 -17.09
N HIS J 30 21.72 8.01 -17.58
CA HIS J 30 21.97 8.25 -18.99
C HIS J 30 23.26 7.62 -19.50
N ILE J 31 24.34 7.78 -18.72
CA ILE J 31 25.63 7.33 -19.19
C ILE J 31 25.68 5.80 -19.23
N LEU J 32 25.01 5.16 -18.28
CA LEU J 32 24.89 3.71 -18.32
C LEU J 32 24.09 3.28 -19.54
N THR J 33 23.08 4.07 -19.89
CA THR J 33 22.21 3.76 -21.03
C THR J 33 22.92 3.95 -22.36
N LEU J 34 23.74 4.99 -22.45
CA LEU J 34 24.62 5.16 -23.59
C LEU J 34 25.54 3.94 -23.71
N GLY J 35 26.12 3.54 -22.59
CA GLY J 35 26.97 2.35 -22.54
C GLY J 35 26.40 1.15 -23.28
N TYR J 36 25.21 0.71 -22.90
CA TYR J 36 24.67 -0.50 -23.53
C TYR J 36 24.24 -0.27 -24.97
N ALA J 37 23.82 0.94 -25.30
CA ALA J 37 23.41 1.24 -26.67
C ALA J 37 24.61 1.14 -27.62
N VAL J 38 25.77 1.59 -27.17
CA VAL J 38 26.97 1.52 -27.96
C VAL J 38 27.36 0.06 -28.21
N MET J 39 27.18 -0.79 -27.20
CA MET J 39 27.56 -2.18 -27.31
C MET J 39 26.67 -2.91 -28.32
N LEU J 40 25.37 -2.66 -28.25
CA LEU J 40 24.45 -3.33 -29.19
C LEU J 40 24.73 -2.86 -30.61
N ALA J 41 25.03 -1.57 -30.75
CA ALA J 41 25.42 -1.00 -32.03
C ALA J 41 26.75 -1.61 -32.49
N GLY J 42 27.71 -1.70 -31.58
CA GLY J 42 28.99 -2.31 -31.91
C GLY J 42 28.82 -3.73 -32.42
N LEU J 43 27.88 -4.45 -31.82
CA LEU J 43 27.62 -5.83 -32.20
C LEU J 43 27.20 -5.90 -33.66
N LEU J 44 26.27 -5.06 -34.05
CA LEU J 44 25.80 -5.01 -35.43
C LEU J 44 27.01 -4.73 -36.33
N TYR J 45 27.86 -3.80 -35.89
CA TYR J 45 28.99 -3.38 -36.71
C TYR J 45 29.97 -4.53 -36.96
N PHE J 46 30.32 -5.27 -35.91
CA PHE J 46 31.30 -6.34 -36.06
C PHE J 46 30.74 -7.51 -36.83
N ILE J 47 29.44 -7.77 -36.70
CA ILE J 47 28.81 -8.81 -37.49
C ILE J 47 28.82 -8.42 -38.97
N LEU J 48 28.38 -7.21 -39.28
CA LEU J 48 28.27 -6.77 -40.67
C LEU J 48 29.60 -6.57 -41.41
N THR J 49 30.72 -6.45 -40.70
CA THR J 49 32.02 -6.22 -41.34
C THR J 49 32.91 -7.46 -41.38
N ILE J 50 32.37 -8.60 -40.96
CA ILE J 50 33.14 -9.84 -40.93
C ILE J 50 33.84 -10.14 -42.25
N LYS J 51 33.16 -9.92 -43.37
CA LYS J 51 33.69 -10.28 -44.68
C LYS J 51 34.54 -9.17 -45.30
N ASN J 52 35.00 -8.22 -44.49
CA ASN J 52 35.91 -7.18 -44.99
C ASN J 52 37.35 -7.57 -44.82
N VAL J 53 37.59 -8.74 -44.25
CA VAL J 53 38.94 -9.22 -44.00
C VAL J 53 39.04 -10.67 -44.42
N ASP J 54 40.26 -11.12 -44.70
CA ASP J 54 40.49 -12.50 -45.10
C ASP J 54 40.02 -13.44 -44.01
N LYS J 55 39.63 -14.65 -44.43
CA LYS J 55 39.04 -15.64 -43.53
C LYS J 55 39.82 -15.83 -42.23
N LYS J 56 41.14 -15.88 -42.33
CA LYS J 56 41.99 -16.17 -41.17
C LYS J 56 41.84 -15.13 -40.06
N PHE J 57 41.38 -13.93 -40.39
CA PHE J 57 41.27 -12.87 -39.40
C PHE J 57 39.86 -12.75 -38.83
N GLN J 58 38.90 -13.42 -39.45
CA GLN J 58 37.50 -13.20 -39.10
C GLN J 58 37.16 -13.59 -37.66
N MET J 59 37.91 -14.53 -37.10
CA MET J 59 37.74 -14.89 -35.71
C MET J 59 37.80 -13.67 -34.80
N SER J 60 38.58 -12.66 -35.19
CA SER J 60 38.68 -11.45 -34.38
C SER J 60 37.35 -10.68 -34.37
N ASN J 61 36.71 -10.55 -35.52
CA ASN J 61 35.38 -9.97 -35.59
C ASN J 61 34.40 -10.74 -34.72
N ILE J 62 34.45 -12.06 -34.87
CA ILE J 62 33.57 -12.94 -34.11
C ILE J 62 33.76 -12.69 -32.62
N LEU J 63 35.00 -12.61 -32.17
CA LEU J 63 35.26 -12.39 -30.74
C LEU J 63 34.86 -11.00 -30.27
N SER J 64 34.99 -10.00 -31.14
CA SER J 64 34.51 -8.66 -30.82
C SER J 64 32.99 -8.68 -30.61
N ALA J 65 32.28 -9.37 -31.51
CA ALA J 65 30.83 -9.55 -31.36
C ALA J 65 30.50 -10.21 -30.02
N VAL J 66 31.27 -11.25 -29.67
CA VAL J 66 31.08 -11.94 -28.41
C VAL J 66 31.20 -11.00 -27.22
N VAL J 67 32.21 -10.12 -27.24
CA VAL J 67 32.37 -9.15 -26.16
C VAL J 67 31.19 -8.15 -26.14
N MET J 68 30.75 -7.73 -27.32
CA MET J 68 29.61 -6.80 -27.41
C MET J 68 28.37 -7.38 -26.73
N VAL J 69 28.06 -8.64 -27.01
CA VAL J 69 26.89 -9.27 -26.41
C VAL J 69 26.99 -9.24 -24.90
N SER J 70 28.14 -9.62 -24.39
CA SER J 70 28.36 -9.67 -22.95
C SER J 70 28.22 -8.30 -22.33
N ALA J 71 28.82 -7.30 -22.98
CA ALA J 71 28.84 -5.95 -22.44
C ALA J 71 27.48 -5.29 -22.56
N PHE J 72 26.74 -5.60 -23.62
CA PHE J 72 25.41 -5.05 -23.76
C PHE J 72 24.52 -5.51 -22.61
N LEU J 73 24.53 -6.83 -22.38
CA LEU J 73 23.67 -7.45 -21.37
C LEU J 73 23.98 -6.95 -19.97
N LEU J 74 25.26 -6.79 -19.67
CA LEU J 74 25.66 -6.34 -18.36
CA LEU J 74 25.66 -6.35 -18.36
C LEU J 74 25.34 -4.88 -18.12
N LEU J 75 25.62 -4.04 -19.10
CA LEU J 75 25.38 -2.61 -18.93
C LEU J 75 23.90 -2.34 -18.88
N TYR J 76 23.12 -3.12 -19.63
CA TYR J 76 21.67 -2.99 -19.60
C TYR J 76 21.14 -3.33 -18.21
N ALA J 77 21.61 -4.44 -17.66
CA ALA J 77 21.23 -4.82 -16.30
C ALA J 77 21.69 -3.76 -15.31
N GLN J 78 22.89 -3.24 -15.51
CA GLN J 78 23.44 -2.27 -14.56
C GLN J 78 22.68 -0.95 -14.62
N ALA J 79 22.20 -0.59 -15.82
CA ALA J 79 21.35 0.59 -15.98
C ALA J 79 20.01 0.43 -15.23
N GLN J 80 19.43 -0.77 -15.29
CA GLN J 80 18.16 -1.02 -14.61
C GLN J 80 18.37 -1.06 -13.10
N ASN J 81 19.49 -1.62 -12.67
CA ASN J 81 19.82 -1.66 -11.26
C ASN J 81 20.01 -0.27 -10.68
N TRP J 82 20.60 0.62 -11.45
CA TRP J 82 20.78 2.00 -11.02
C TRP J 82 19.45 2.67 -10.73
N THR J 83 18.52 2.57 -11.66
CA THR J 83 17.24 3.27 -11.56
C THR J 83 16.31 2.66 -10.53
N SER J 84 16.51 1.39 -10.21
CA SER J 84 15.65 0.76 -9.22
C SER J 84 16.20 0.94 -7.82
N SER J 85 17.51 1.15 -7.70
CA SER J 85 18.12 1.30 -6.38
C SER J 85 17.87 2.66 -5.75
N PHE J 86 17.57 3.68 -6.57
CA PHE J 86 17.37 5.03 -6.04
C PHE J 86 16.07 5.64 -6.54
N THR J 87 15.31 6.21 -5.61
CA THR J 87 13.94 6.64 -5.86
C THR J 87 13.75 8.08 -5.42
N PHE J 88 12.92 8.83 -6.15
CA PHE J 88 12.71 10.23 -5.88
C PHE J 88 11.92 10.45 -4.60
N ASN J 89 12.38 11.38 -3.78
CA ASN J 89 11.65 11.80 -2.59
C ASN J 89 11.02 13.17 -2.86
N GLU J 90 9.69 13.21 -2.92
CA GLU J 90 8.98 14.44 -3.28
C GLU J 90 9.39 15.61 -2.41
N GLU J 91 9.46 15.36 -1.11
CA GLU J 91 9.60 16.43 -0.12
C GLU J 91 10.93 17.18 -0.15
N VAL J 92 12.00 16.57 -0.64
CA VAL J 92 13.28 17.29 -0.71
C VAL J 92 13.92 17.31 -2.11
N GLY J 93 13.29 16.65 -3.07
CA GLY J 93 13.74 16.70 -4.46
C GLY J 93 15.06 16.00 -4.71
N ARG J 94 15.28 14.88 -4.03
CA ARG J 94 16.48 14.09 -4.27
C ARG J 94 16.15 12.60 -4.31
N TYR J 95 17.04 11.83 -4.92
CA TYR J 95 16.86 10.39 -5.03
C TYR J 95 17.61 9.70 -3.90
N PHE J 96 16.88 8.89 -3.12
CA PHE J 96 17.48 8.18 -2.01
C PHE J 96 17.46 6.67 -2.23
N LEU J 97 18.33 5.97 -1.52
CA LEU J 97 18.37 4.52 -1.55
C LEU J 97 16.97 3.95 -1.38
N ASP J 98 16.58 3.08 -2.30
CA ASP J 98 15.32 2.37 -2.21
C ASP J 98 15.61 0.88 -1.98
N PRO J 99 15.60 0.45 -0.70
CA PRO J 99 15.91 -0.93 -0.31
C PRO J 99 15.24 -1.99 -1.19
N SER J 100 13.95 -1.83 -1.46
CA SER J 100 13.21 -2.80 -2.25
C SER J 100 13.77 -2.94 -3.66
N GLY J 101 14.75 -2.11 -4.01
CA GLY J 101 15.39 -2.21 -5.31
C GLY J 101 16.70 -2.98 -5.28
N ASP J 102 17.14 -3.36 -4.08
CA ASP J 102 18.47 -3.94 -3.87
C ASP J 102 19.48 -2.81 -3.78
N LEU J 103 20.54 -3.03 -3.00
CA LEU J 103 21.69 -2.14 -3.04
C LEU J 103 22.35 -2.19 -4.42
N PHE J 104 22.90 -1.07 -4.86
CA PHE J 104 23.63 -1.00 -6.11
C PHE J 104 25.02 -1.58 -5.91
N ASN J 105 25.52 -2.34 -6.88
CA ASN J 105 26.86 -2.93 -6.76
C ASN J 105 27.52 -3.02 -8.12
N ASN J 106 28.79 -2.61 -8.18
CA ASN J 106 29.53 -2.63 -9.42
C ASN J 106 30.02 -4.03 -9.76
N GLY J 107 29.86 -4.94 -8.82
CA GLY J 107 30.31 -6.31 -8.99
C GLY J 107 29.83 -6.95 -10.27
N TYR J 108 28.63 -6.54 -10.73
CA TYR J 108 28.08 -7.08 -11.96
C TYR J 108 29.11 -7.00 -13.08
N ARG J 109 29.79 -5.85 -13.17
CA ARG J 109 30.80 -5.64 -14.20
C ARG J 109 31.96 -6.57 -14.04
N TYR J 110 32.42 -6.71 -12.81
CA TYR J 110 33.64 -7.44 -12.54
C TYR J 110 33.53 -8.86 -13.07
N LEU J 111 32.46 -9.57 -12.69
CA LEU J 111 32.31 -10.97 -13.10
C LEU J 111 32.15 -11.06 -14.61
N ASN J 112 31.47 -10.09 -15.20
CA ASN J 112 31.34 -10.14 -16.65
CA ASN J 112 31.32 -10.03 -16.66
C ASN J 112 32.66 -9.86 -17.37
N TRP J 113 33.63 -9.26 -16.67
CA TRP J 113 34.97 -9.08 -17.23
C TRP J 113 35.62 -10.42 -17.45
N LEU J 114 35.11 -11.45 -16.77
CA LEU J 114 35.60 -12.80 -16.92
C LEU J 114 35.35 -13.32 -18.33
N ILE J 115 34.39 -12.71 -19.02
CA ILE J 115 34.22 -12.95 -20.45
C ILE J 115 35.12 -12.01 -21.21
N ASP J 116 34.97 -10.73 -20.94
CA ASP J 116 35.53 -9.67 -21.77
C ASP J 116 37.05 -9.69 -21.80
N VAL J 117 37.68 -9.63 -20.64
CA VAL J 117 39.14 -9.55 -20.58
C VAL J 117 39.82 -10.70 -21.32
N PRO J 118 39.47 -11.96 -21.01
CA PRO J 118 40.06 -13.06 -21.75
C PRO J 118 39.87 -12.99 -23.26
N MET J 119 38.72 -12.51 -23.72
CA MET J 119 38.45 -12.49 -25.16
C MET J 119 39.17 -11.33 -25.84
N LEU J 120 39.22 -10.18 -25.18
CA LEU J 120 39.92 -9.01 -25.71
C LEU J 120 41.43 -9.28 -25.86
N LEU J 121 42.00 -9.94 -24.86
CA LEU J 121 43.40 -10.32 -24.90
C LEU J 121 43.64 -11.40 -25.96
N PHE J 122 42.68 -12.32 -26.08
CA PHE J 122 42.78 -13.45 -26.97
C PHE J 122 42.76 -13.03 -28.43
N GLN J 123 41.80 -12.18 -28.78
CA GLN J 123 41.49 -11.91 -30.18
C GLN J 123 42.60 -11.29 -31.00
N ILE J 124 43.48 -10.51 -30.36
CA ILE J 124 44.56 -9.87 -31.10
C ILE J 124 45.54 -10.93 -31.62
N LEU J 125 45.63 -12.07 -30.95
CA LEU J 125 46.46 -13.17 -31.41
C LEU J 125 45.93 -13.84 -32.68
N PHE J 126 44.73 -13.46 -33.11
CA PHE J 126 44.19 -13.96 -34.36
C PHE J 126 44.42 -12.94 -35.47
N VAL J 127 45.06 -11.83 -35.13
CA VAL J 127 45.36 -10.80 -36.12
C VAL J 127 46.85 -10.66 -36.35
N VAL J 128 47.62 -10.46 -35.28
CA VAL J 128 49.08 -10.32 -35.39
C VAL J 128 49.78 -11.66 -35.44
N SER J 129 50.99 -11.66 -35.97
CA SER J 129 51.84 -12.85 -35.97
C SER J 129 52.92 -12.68 -34.91
N LEU J 130 53.00 -13.64 -34.00
CA LEU J 130 54.05 -13.65 -33.01
C LEU J 130 55.38 -14.03 -33.67
N THR J 131 56.48 -13.59 -33.09
CA THR J 131 57.80 -13.95 -33.60
C THR J 131 58.50 -14.89 -32.62
N THR J 132 58.93 -14.35 -31.48
CA THR J 132 59.65 -15.15 -30.49
C THR J 132 58.71 -15.76 -29.44
N SER J 133 57.45 -15.34 -29.42
CA SER J 133 56.50 -15.83 -28.42
C SER J 133 55.62 -16.94 -28.98
N LYS J 134 55.15 -17.82 -28.10
CA LYS J 134 54.26 -18.90 -28.51
C LYS J 134 52.79 -18.52 -28.26
N PHE J 135 51.94 -18.77 -29.24
CA PHE J 135 50.52 -18.47 -29.17
C PHE J 135 49.87 -18.99 -27.87
N SER J 136 50.05 -20.27 -27.62
CA SER J 136 49.44 -20.93 -26.47
C SER J 136 49.94 -20.36 -25.15
N SER J 137 51.23 -20.02 -25.11
CA SER J 137 51.83 -19.54 -23.89
C SER J 137 51.34 -18.12 -23.56
N VAL J 138 51.21 -17.29 -24.58
CA VAL J 138 50.74 -15.91 -24.38
C VAL J 138 49.27 -15.95 -23.94
N ARG J 139 48.45 -16.67 -24.70
CA ARG J 139 47.05 -16.84 -24.36
C ARG J 139 46.88 -17.29 -22.91
N ASN J 140 47.67 -18.28 -22.48
CA ASN J 140 47.57 -18.81 -21.12
C ASN J 140 47.98 -17.79 -20.06
N GLN J 141 48.97 -16.97 -20.36
CA GLN J 141 49.39 -15.92 -19.44
C GLN J 141 48.33 -14.84 -19.33
N PHE J 142 47.74 -14.48 -20.46
CA PHE J 142 46.65 -13.51 -20.51
C PHE J 142 45.47 -14.00 -19.67
N TRP J 143 45.03 -15.23 -19.94
CA TRP J 143 43.84 -15.76 -19.28
C TRP J 143 44.04 -15.94 -17.77
N PHE J 144 45.19 -16.48 -17.38
CA PHE J 144 45.45 -16.67 -15.96
C PHE J 144 45.53 -15.35 -15.24
N SER J 145 46.39 -14.44 -15.73
CA SER J 145 46.56 -13.14 -15.09
C SER J 145 45.28 -12.32 -15.09
N GLY J 146 44.50 -12.45 -16.16
CA GLY J 146 43.23 -11.74 -16.26
C GLY J 146 42.24 -12.20 -15.21
N ALA J 147 42.08 -13.51 -15.08
CA ALA J 147 41.19 -14.06 -14.08
C ALA J 147 41.62 -13.65 -12.67
N MET J 148 42.91 -13.78 -12.37
CA MET J 148 43.42 -13.38 -11.06
C MET J 148 43.21 -11.89 -10.80
N MET J 149 43.43 -11.08 -11.82
CA MET J 149 43.23 -9.64 -11.71
C MET J 149 41.78 -9.33 -11.32
N ILE J 150 40.85 -9.95 -12.03
CA ILE J 150 39.43 -9.69 -11.86
C ILE J 150 38.92 -10.19 -10.51
N ILE J 151 39.24 -11.45 -10.21
CA ILE J 151 38.78 -12.05 -8.98
C ILE J 151 39.26 -11.29 -7.74
N THR J 152 40.52 -10.87 -7.75
CA THR J 152 41.06 -10.17 -6.58
C THR J 152 40.48 -8.75 -6.46
N GLY J 153 40.32 -8.06 -7.58
CA GLY J 153 39.61 -6.78 -7.58
C GLY J 153 38.16 -6.94 -7.13
N TYR J 154 37.51 -7.99 -7.60
CA TYR J 154 36.13 -8.27 -7.24
C TYR J 154 35.96 -8.35 -5.72
N ILE J 155 36.80 -9.16 -5.10
CA ILE J 155 36.80 -9.28 -3.65
C ILE J 155 37.02 -7.90 -3.04
N GLY J 156 38.01 -7.18 -3.57
CA GLY J 156 38.38 -5.89 -3.01
C GLY J 156 37.26 -4.88 -2.94
N GLN J 157 36.48 -4.74 -4.01
CA GLN J 157 35.49 -3.66 -4.08
C GLN J 157 34.32 -3.84 -3.11
N PHE J 158 34.09 -5.04 -2.60
CA PHE J 158 33.04 -5.22 -1.59
C PHE J 158 33.40 -4.48 -0.30
N TYR J 159 34.67 -4.17 -0.12
CA TYR J 159 35.14 -3.55 1.11
C TYR J 159 35.54 -2.09 0.94
N GLU J 160 35.19 -1.50 -0.20
CA GLU J 160 35.66 -0.16 -0.53
C GLU J 160 35.24 0.86 0.53
N VAL J 161 34.17 0.57 1.26
CA VAL J 161 33.77 1.43 2.38
C VAL J 161 34.02 0.75 3.73
N SER J 162 33.70 -0.54 3.83
CA SER J 162 33.67 -1.21 5.13
C SER J 162 35.05 -1.61 5.65
N ASN J 163 36.02 -1.74 4.75
CA ASN J 163 37.39 -2.05 5.19
C ASN J 163 38.43 -1.57 4.19
N LEU J 164 38.95 -0.37 4.44
CA LEU J 164 39.85 0.30 3.52
C LEU J 164 41.14 -0.47 3.30
N THR J 165 41.63 -1.13 4.34
CA THR J 165 42.87 -1.88 4.23
C THR J 165 42.69 -3.03 3.26
N ALA J 166 41.66 -3.84 3.50
CA ALA J 166 41.34 -4.96 2.62
C ALA J 166 41.13 -4.49 1.18
N PHE J 167 40.41 -3.38 1.04
CA PHE J 167 40.15 -2.77 -0.26
C PHE J 167 41.46 -2.48 -0.99
N LEU J 168 42.43 -1.90 -0.27
CA LEU J 168 43.72 -1.54 -0.87
C LEU J 168 44.63 -2.74 -1.13
N VAL J 169 44.64 -3.69 -0.20
CA VAL J 169 45.48 -4.87 -0.34
C VAL J 169 45.03 -5.71 -1.54
N TRP J 170 43.73 -5.98 -1.64
CA TRP J 170 43.22 -6.74 -2.76
C TRP J 170 43.46 -6.00 -4.06
N GLY J 171 43.35 -4.67 -4.02
CA GLY J 171 43.58 -3.86 -5.20
C GLY J 171 45.03 -3.87 -5.64
N ALA J 172 45.93 -4.02 -4.67
CA ALA J 172 47.37 -4.06 -4.96
C ALA J 172 47.74 -5.38 -5.60
N ILE J 173 47.21 -6.47 -5.06
CA ILE J 173 47.44 -7.78 -5.63
C ILE J 173 46.92 -7.81 -7.07
N SER J 174 45.71 -7.33 -7.27
CA SER J 174 45.10 -7.25 -8.59
C SER J 174 45.98 -6.44 -9.53
N SER J 175 46.54 -5.35 -9.02
CA SER J 175 47.40 -4.47 -9.81
C SER J 175 48.64 -5.20 -10.31
N ALA J 176 49.20 -6.08 -9.50
CA ALA J 176 50.38 -6.83 -9.91
C ALA J 176 50.06 -7.67 -11.14
N PHE J 177 48.92 -8.35 -11.12
CA PHE J 177 48.53 -9.19 -12.27
C PHE J 177 48.28 -8.32 -13.50
N PHE J 178 47.76 -7.13 -13.26
CA PHE J 178 47.49 -6.17 -14.32
C PHE J 178 48.79 -5.76 -15.02
N PHE J 179 49.80 -5.42 -14.24
CA PHE J 179 51.09 -5.00 -14.81
C PHE J 179 51.67 -6.09 -15.68
N HIS J 180 51.51 -7.35 -15.26
CA HIS J 180 51.97 -8.46 -16.05
C HIS J 180 51.24 -8.49 -17.40
N ILE J 181 49.94 -8.22 -17.38
CA ILE J 181 49.15 -8.20 -18.60
C ILE J 181 49.69 -7.11 -19.53
N LEU J 182 49.85 -5.91 -19.01
CA LEU J 182 50.41 -4.82 -19.81
C LEU J 182 51.75 -5.24 -20.43
N TRP J 183 52.61 -5.81 -19.60
CA TRP J 183 53.93 -6.24 -20.04
C TRP J 183 53.82 -7.16 -21.25
N VAL J 184 53.00 -8.19 -21.13
CA VAL J 184 52.86 -9.17 -22.19
C VAL J 184 52.26 -8.55 -23.44
N MET J 185 51.25 -7.70 -23.28
CA MET J 185 50.61 -7.11 -24.45
C MET J 185 51.57 -6.23 -25.22
N LYS J 186 52.44 -5.53 -24.50
CA LYS J 186 53.46 -4.71 -25.15
C LYS J 186 54.35 -5.61 -25.99
N LYS J 187 54.73 -6.74 -25.44
CA LYS J 187 55.53 -7.71 -26.18
C LYS J 187 54.80 -8.16 -27.44
N VAL J 188 53.51 -8.49 -27.29
CA VAL J 188 52.70 -8.96 -28.41
C VAL J 188 52.63 -7.92 -29.52
N ILE J 189 52.36 -6.67 -29.15
CA ILE J 189 52.23 -5.60 -30.12
C ILE J 189 53.53 -5.38 -30.90
N ASN J 190 54.66 -5.40 -30.19
CA ASN J 190 55.98 -5.24 -30.82
C ASN J 190 56.27 -6.34 -31.84
N GLU J 191 56.13 -7.59 -31.43
CA GLU J 191 56.28 -8.73 -32.35
C GLU J 191 55.32 -8.62 -33.52
N GLY J 192 54.12 -8.09 -33.27
CA GLY J 192 53.11 -7.94 -34.30
C GLY J 192 53.52 -6.94 -35.36
N LYS J 193 54.31 -5.93 -34.97
CA LYS J 193 54.78 -4.92 -35.91
C LYS J 193 55.80 -5.47 -36.89
N GLU J 194 56.57 -6.45 -36.45
CA GLU J 194 57.61 -7.04 -37.29
C GLU J 194 57.06 -7.64 -38.57
N GLY J 195 57.51 -7.10 -39.71
CA GLY J 195 57.26 -7.71 -41.00
C GLY J 195 56.06 -7.19 -41.76
N ILE J 196 55.37 -6.19 -41.19
CA ILE J 196 54.16 -5.68 -41.84
C ILE J 196 54.34 -4.24 -42.34
N SER J 197 53.38 -3.80 -43.15
CA SER J 197 53.45 -2.47 -43.75
C SER J 197 53.44 -1.36 -42.69
N PRO J 198 53.83 -0.14 -43.08
CA PRO J 198 53.83 0.97 -42.13
C PRO J 198 52.45 1.33 -41.62
N ALA J 199 51.44 1.22 -42.49
CA ALA J 199 50.06 1.51 -42.08
C ALA J 199 49.66 0.59 -40.93
N GLY J 200 50.02 -0.68 -41.03
CA GLY J 200 49.72 -1.64 -39.98
C GLY J 200 50.45 -1.35 -38.69
N GLN J 201 51.73 -1.01 -38.81
CA GLN J 201 52.54 -0.70 -37.63
C GLN J 201 51.95 0.49 -36.89
N LYS J 202 51.46 1.46 -37.65
CA LYS J 202 50.90 2.68 -37.08
C LYS J 202 49.62 2.34 -36.30
N ILE J 203 48.77 1.49 -36.88
CA ILE J 203 47.56 1.05 -36.21
C ILE J 203 47.89 0.30 -34.93
N LEU J 204 48.91 -0.57 -34.96
CA LEU J 204 49.34 -1.29 -33.78
C LEU J 204 49.84 -0.33 -32.70
N SER J 205 50.50 0.74 -33.11
CA SER J 205 50.96 1.76 -32.18
C SER J 205 49.76 2.39 -31.48
N ASN J 206 48.73 2.71 -32.25
CA ASN J 206 47.51 3.29 -31.70
C ASN J 206 46.79 2.33 -30.78
N ILE J 207 46.81 1.04 -31.12
CA ILE J 207 46.15 0.04 -30.30
C ILE J 207 46.83 -0.04 -28.94
N TRP J 208 48.15 0.11 -28.92
CA TRP J 208 48.89 0.02 -27.66
C TRP J 208 48.57 1.19 -26.71
N ILE J 209 48.52 2.40 -27.25
CA ILE J 209 48.20 3.56 -26.45
C ILE J 209 46.77 3.47 -25.94
N LEU J 210 45.86 3.07 -26.82
CA LEU J 210 44.46 2.89 -26.48
C LEU J 210 44.29 1.86 -25.36
N PHE J 211 44.94 0.72 -25.53
CA PHE J 211 44.90 -0.34 -24.53
C PHE J 211 45.46 0.17 -23.19
N LEU J 212 46.64 0.78 -23.24
CA LEU J 212 47.30 1.26 -22.04
C LEU J 212 46.40 2.22 -21.26
N ILE J 213 45.84 3.20 -21.97
CA ILE J 213 44.99 4.21 -21.34
C ILE J 213 43.62 3.65 -20.91
N SER J 214 42.93 2.97 -21.83
CA SER J 214 41.59 2.47 -21.56
C SER J 214 41.59 1.48 -20.39
N TRP J 215 42.55 0.56 -20.38
CA TRP J 215 42.62 -0.45 -19.33
C TRP J 215 42.97 0.14 -17.95
N THR J 216 43.79 1.19 -17.94
CA THR J 216 44.22 1.81 -16.67
C THR J 216 43.07 2.58 -16.01
N LEU J 217 42.04 2.92 -16.77
CA LEU J 217 40.91 3.68 -16.23
C LEU J 217 40.09 2.83 -15.25
N TYR J 218 40.12 1.52 -15.42
CA TYR J 218 39.36 0.63 -14.52
C TYR J 218 39.85 0.70 -13.08
N PRO J 219 41.17 0.51 -12.87
CA PRO J 219 41.69 0.78 -11.52
C PRO J 219 41.38 2.22 -11.08
N GLY J 220 41.25 3.12 -12.04
CA GLY J 220 40.87 4.50 -11.73
C GLY J 220 39.46 4.56 -11.15
N ALA J 221 38.53 3.91 -11.83
CA ALA J 221 37.16 3.82 -11.35
C ALA J 221 37.09 3.12 -9.99
N TYR J 222 37.95 2.11 -9.83
CA TYR J 222 38.07 1.39 -8.56
C TYR J 222 38.39 2.35 -7.41
N LEU J 223 39.39 3.21 -7.61
CA LEU J 223 39.85 4.13 -6.55
C LEU J 223 39.03 5.40 -6.43
N MET J 224 38.19 5.65 -7.44
CA MET J 224 37.53 6.95 -7.61
C MET J 224 37.07 7.69 -6.35
N PRO J 225 36.31 7.02 -5.48
CA PRO J 225 35.77 7.74 -4.33
C PRO J 225 36.84 8.35 -3.43
N TYR J 226 38.05 7.79 -3.48
CA TYR J 226 39.11 8.23 -2.59
C TYR J 226 40.25 8.98 -3.29
N LEU J 227 40.10 9.24 -4.58
CA LEU J 227 41.17 9.91 -5.33
C LEU J 227 41.37 11.35 -4.85
N THR J 228 40.46 11.86 -4.03
CA THR J 228 40.67 13.17 -3.41
C THR J 228 40.75 13.07 -1.89
N GLY J 229 41.27 11.95 -1.39
CA GLY J 229 41.47 11.77 0.05
C GLY J 229 40.22 11.36 0.80
N ASP J 231 37.52 12.31 2.96
CA ASP J 231 36.30 13.10 2.76
C ASP J 231 36.52 14.15 1.67
N GLY J 232 37.11 13.73 0.55
CA GLY J 232 37.43 14.67 -0.52
C GLY J 232 36.23 14.99 -1.39
N PHE J 233 36.48 15.78 -2.43
CA PHE J 233 35.44 16.22 -3.36
C PHE J 233 34.78 15.05 -4.11
N LEU J 234 35.50 13.94 -4.27
CA LEU J 234 34.97 12.79 -5.00
C LEU J 234 34.25 11.79 -4.10
N TYR J 235 34.32 11.96 -2.78
CA TYR J 235 33.52 11.12 -1.89
C TYR J 235 32.16 11.76 -1.78
N SER J 236 31.42 11.73 -2.89
CA SER J 236 30.17 12.43 -3.01
C SER J 236 29.46 11.94 -4.26
N GLU J 237 28.36 12.60 -4.62
CA GLU J 237 27.65 12.22 -5.82
C GLU J 237 28.49 12.54 -7.07
N ASP J 238 29.41 13.48 -6.95
CA ASP J 238 30.31 13.82 -8.06
C ASP J 238 31.19 12.65 -8.41
N GLY J 239 31.67 11.95 -7.37
CA GLY J 239 32.50 10.77 -7.56
C GLY J 239 31.69 9.58 -8.04
N VAL J 240 30.42 9.55 -7.68
CA VAL J 240 29.51 8.52 -8.18
C VAL J 240 29.36 8.68 -9.69
N MET J 241 29.14 9.92 -10.12
CA MET J 241 28.99 10.25 -11.54
C MET J 241 30.29 9.97 -12.27
N ALA J 242 31.39 10.44 -11.68
CA ALA J 242 32.70 10.27 -12.28
C ALA J 242 33.02 8.79 -12.48
N ARG J 243 32.72 7.97 -11.50
CA ARG J 243 33.02 6.55 -11.60
C ARG J 243 32.33 5.90 -12.79
N GLN J 244 31.02 6.10 -12.92
CA GLN J 244 30.28 5.45 -14.02
C GLN J 244 30.62 6.06 -15.38
N LEU J 245 30.99 7.34 -15.41
CA LEU J 245 31.43 7.97 -16.65
C LEU J 245 32.74 7.32 -17.10
N VAL J 246 33.69 7.20 -16.17
CA VAL J 246 34.97 6.55 -16.46
C VAL J 246 34.79 5.11 -16.95
N TYR J 247 33.91 4.35 -16.29
CA TYR J 247 33.60 3.00 -16.77
C TYR J 247 33.09 3.03 -18.20
N THR J 248 32.22 3.98 -18.51
CA THR J 248 31.62 3.98 -19.85
C THR J 248 32.65 4.35 -20.90
N ILE J 249 33.48 5.33 -20.62
CA ILE J 249 34.54 5.71 -21.54
C ILE J 249 35.46 4.50 -21.75
N ALA J 250 35.83 3.84 -20.65
CA ALA J 250 36.72 2.70 -20.71
C ALA J 250 36.12 1.51 -21.47
N ASP J 251 34.84 1.22 -21.25
CA ASP J 251 34.18 0.10 -21.91
C ASP J 251 34.15 0.31 -23.42
N VAL J 252 33.76 1.50 -23.84
CA VAL J 252 33.66 1.82 -25.25
C VAL J 252 35.04 1.81 -25.90
N SER J 253 36.05 2.27 -25.18
CA SER J 253 37.41 2.33 -25.72
C SER J 253 38.04 0.94 -25.79
N SER J 254 37.94 0.22 -24.68
CA SER J 254 38.64 -1.06 -24.50
C SER J 254 38.12 -2.20 -25.36
N VAL J 256 34.95 -1.55 -28.05
CA VAL J 256 34.56 -1.14 -29.40
C VAL J 256 35.71 -0.56 -30.20
N ILE J 257 36.32 0.51 -29.71
CA ILE J 257 37.36 1.17 -30.48
C ILE J 257 38.51 0.19 -30.71
N TYR J 258 38.88 -0.54 -29.67
CA TYR J 258 39.88 -1.59 -29.78
C TYR J 258 39.51 -2.55 -30.91
N GLY J 259 38.27 -3.02 -30.90
CA GLY J 259 37.77 -3.93 -31.93
C GLY J 259 37.85 -3.37 -33.34
N VAL J 260 37.45 -2.12 -33.50
CA VAL J 260 37.51 -1.45 -34.80
C VAL J 260 38.95 -1.36 -35.33
N LEU J 261 39.89 -1.03 -34.45
CA LEU J 261 41.28 -0.86 -34.86
C LEU J 261 41.86 -2.19 -35.29
N LEU J 262 41.52 -3.25 -34.56
CA LEU J 262 41.96 -4.59 -34.91
C LEU J 262 41.42 -5.01 -36.27
N GLY J 263 40.16 -4.69 -36.52
CA GLY J 263 39.54 -4.98 -37.80
C GLY J 263 40.22 -4.23 -38.93
N ASN J 264 40.57 -2.98 -38.66
CA ASN J 264 41.27 -2.16 -39.64
C ASN J 264 42.68 -2.68 -39.86
N LEU J 265 43.34 -3.10 -38.79
CA LEU J 265 44.66 -3.75 -38.91
C LEU J 265 44.55 -5.01 -39.75
N ALA J 266 43.54 -5.82 -39.46
CA ALA J 266 43.26 -7.02 -40.24
C ALA J 266 43.04 -6.71 -41.73
N ILE J 267 42.37 -5.61 -42.03
CA ILE J 267 42.18 -5.24 -43.42
C ILE J 267 43.51 -5.00 -44.13
N THR J 268 44.43 -4.30 -43.47
CA THR J 268 45.71 -3.97 -44.06
C THR J 268 46.56 -5.22 -44.26
N LEU J 269 46.36 -6.22 -43.42
CA LEU J 269 47.12 -7.46 -43.54
C LEU J 269 46.51 -8.40 -44.60
N SER J 270 45.27 -8.14 -44.98
CA SER J 270 44.55 -9.06 -45.85
C SER J 270 45.07 -9.00 -47.28
N ASN J 272 45.57 -8.04 -50.75
CA ASN J 272 44.25 -8.63 -50.93
C ASN J 272 43.13 -7.60 -50.78
N LYS J 273 43.07 -6.96 -49.61
CA LYS J 273 42.06 -5.93 -49.33
C LYS J 273 42.74 -4.66 -48.80
N GLU J 274 42.14 -3.51 -49.06
CA GLU J 274 42.72 -2.23 -48.66
C GLU J 274 41.72 -1.36 -47.91
N LEU J 275 42.24 -0.44 -47.11
CA LEU J 275 41.41 0.52 -46.38
C LEU J 275 41.11 1.75 -47.25
N VAL J 276 40.00 2.42 -46.95
CA VAL J 276 39.62 3.64 -47.66
C VAL J 276 40.00 4.88 -46.84
#